data_6ACK
#
_entry.id   6ACK
#
_cell.length_a   1
_cell.length_b   1
_cell.length_c   1
_cell.angle_alpha   90
_cell.angle_beta   90
_cell.angle_gamma   90
#
_symmetry.space_group_name_H-M   'P 1'
#
loop_
_entity.id
_entity.type
_entity.pdbx_description
1 polymer 'Spike glycoprotein'
2 polymer 'Angiotensin-converting enzyme 2'
#
loop_
_entity_poly.entity_id
_entity_poly.type
_entity_poly.pdbx_seq_one_letter_code
_entity_poly.pdbx_strand_id
1 'polypeptide(L)'
;MFIFLLFLTLTSGSDLDRCTTFDDVQAPNYTQHTSSMRGVYYPDEIFRSDTLYLTQDLFLPFYSNVTGFHTINHTFGNPV
IPFKDGIYFAATEKSNVVRGWVFGSTMNNKSQSVIIINNSTNVVIRACNFELCDNPFFAVSKPMGTQTHTMIFDNAFNCT
FEYISDAFSLDVSEKSGNFKHLREFVFKNKDGFLYVYKGYQPIDVVRDLPSGFNTLKPIFKLPLGINITNFRAILTAFSP
AQDIWGTSAAAYFVGYLKPTTFMLKYDENGTITDAVDCSQNPLAELKCSVKSFEIDKGIYQTSNFRVVPSGDVVRFPNIT
NLCPFGEVFNATKFPSVYAWERKKISNCVADYSVLYNSTFFSTFKCYGVSATKLNDLCFSNVYADSFVVKGDDVRQIAPG
QTGVIADYNYKLPDDFMGCVLAWNTRNIDATSTGNYNYKYRYLRHGKLRPFERDISNVPFSPDGKPCTPPALNCYWPLND
YGFYTTTGIGYQPYRVVVLSFELLNAPATVCGPKLSTDLIKNQCVNFNFNGLTGTGVLTPSSKRFQPFQQFGRDVSDFTD
SVRDPKTSEILDISPCSFGGVSVITPGTNASSEVAVLYQDVNCTDVSTAIHADQLTPAWRIYSTGNNVFQTQAGCLIGAE
HVDTSYECDIPIGAGICASYHTVSLLRSTSQKSIVAYTMSLGADSSIAYSNNTIAIPTNFSISITTEVMPVSMAKTSVDC
NMYICGDSTECANLLLQYGSFCTQLNRALSGIAAEQDRNTREVFAQVKQMYKTPTLKYFGGFNFSQILPDPLKPTKRSFI
EDLLFNKVTLADAGFMKQYGECLGDINARDLICAQKFNGLTVLPPLLTDDMIAAYTAALVSGTATAGWTFGAGAALQIPF
AMQMAYRFNGIGVTQNVLYENQKQIANQFNKAISQIQESLTTTSTALGKLQDVVNQNAQALNTLVKQLSSNFGAISSVLN
DILSRLDKVEAEVQIDRLITGRLQSLQTYVTQQLIRAAEIRASANLAATKMSECVLGQSKRVDFCGKGYHLMSFPQAAPH
GVVFLHVTYVPSQERNFTTAPAICHEGKAYFPREGVFVFNGTSWFITQRNFFSPQIITTDNTFVSGNCDVVIGIINNTVY
DPLQPELDSFKEELDKYFKNHTSPDVDLGDISGINASVVNIQKEIDRLNEVAKNLNESLIDLQELGKYEQYIKWPWSHPQ
FEK
;
A,B,C
2 'polypeptide(L)'
;STIEEQAKTFLDKFNHEAEDLFYQSSLASWNYNTNITEENVQNMNNAGDKWSAFLKEQSTLAQMYPLQEIQNLTVKLQLQ
ALQQNGSSVLSEDKSKRLNTILNTMSTIYSTGKVCNPDNPQECLLLEPGLNEIMANSLDYNERLWAWESWRSEVGKQLRP
LYEEYVVLKNEMARANHYEDYGDYWRGDYEVNGVDGYDYSRGQLIEDVEHTFEEIKPLYEHLHAYVRAKLMNAYPSYISP
IGCLPAHLLGDMWGRFWTNLYSLTVPFGQKPNIDVTDAMVDQAWDAQRIFKEAEKFFVSVGLPNMTQGFWENSMLTDPGN
VQKAVCHPTAWDLGKGDFRILMCTKVTMDDFLTAHHEMGHIQYDMAYAAQPFLLRNGANEGFHEAVGEIMSLSAATPKHL
KSIGLLSPDFQEDNETEINFLLKQALTIVGTLPFTYMLEKWRWMVFKGEIPKDQWMKKWWEMKREIVGVVEPVPHDETYC
DPASLFHVSNDYSFIRYYTRTLYQFQFQEALCQAAKHEGPLHKCDISNSTEAGQKLFNMLRLGKSEPWTLALENVVGAKN
MNVRPLLNYFEPLFTWLKDQNKNSFVGWSTDWSPYADHHHHHH
;
D
#
# COMPACT_ATOMS: atom_id res chain seq x y z
N ARG A 18 9.73 55.76 55.47
CA ARG A 18 9.24 56.90 56.22
C ARG A 18 7.92 57.36 55.62
N CYS A 19 6.82 56.77 56.11
CA CYS A 19 5.51 56.90 55.47
C CYS A 19 4.94 58.29 55.72
N THR A 20 5.48 59.26 54.97
CA THR A 20 5.18 60.68 55.21
C THR A 20 3.82 60.98 54.59
N THR A 21 2.77 60.45 55.20
CA THR A 21 1.48 60.26 54.57
C THR A 21 0.53 61.37 54.97
N PHE A 22 -0.10 61.99 53.98
CA PHE A 22 -1.08 63.03 54.24
C PHE A 22 -2.40 62.41 54.71
N ASP A 23 -3.22 63.24 55.37
CA ASP A 23 -4.46 62.78 56.00
C ASP A 23 -5.72 63.28 55.31
N ASP A 24 -5.71 64.48 54.73
CA ASP A 24 -6.88 64.98 54.01
C ASP A 24 -6.84 64.40 52.59
N VAL A 25 -7.11 63.09 52.50
CA VAL A 25 -7.20 62.37 51.25
C VAL A 25 -8.60 61.75 51.25
N GLN A 26 -9.55 62.41 50.61
CA GLN A 26 -10.97 62.08 50.74
C GLN A 26 -11.30 60.83 49.95
N ALA A 27 -12.35 60.15 50.38
CA ALA A 27 -12.87 59.03 49.62
C ALA A 27 -13.96 59.52 48.66
N PRO A 28 -13.78 59.40 47.36
CA PRO A 28 -14.86 59.72 46.43
C PRO A 28 -15.80 58.53 46.31
N ASN A 29 -16.90 58.75 45.59
CA ASN A 29 -17.89 57.70 45.33
C ASN A 29 -17.54 56.86 44.12
N TYR A 30 -16.30 56.95 43.63
CA TYR A 30 -15.77 56.20 42.49
C TYR A 30 -16.61 56.47 41.24
N THR A 31 -16.49 57.74 40.80
CA THR A 31 -17.33 58.35 39.77
C THR A 31 -17.27 57.53 38.49
N GLN A 32 -18.41 57.32 37.85
CA GLN A 32 -18.44 56.40 36.72
C GLN A 32 -18.72 57.11 35.41
N HIS A 33 -18.00 56.67 34.37
CA HIS A 33 -18.07 57.28 33.07
C HIS A 33 -18.05 56.19 32.01
N THR A 34 -17.96 56.61 30.76
CA THR A 34 -18.07 55.72 29.63
C THR A 34 -16.70 55.57 28.98
N SER A 35 -16.37 54.37 28.53
CA SER A 35 -15.10 54.11 27.86
C SER A 35 -15.28 54.02 26.35
N SER A 36 -16.03 54.97 25.79
CA SER A 36 -16.61 54.93 24.45
C SER A 36 -15.70 54.46 23.33
N MET A 37 -14.62 55.18 23.05
CA MET A 37 -13.85 54.89 21.85
C MET A 37 -12.35 55.01 22.10
N ARG A 38 -11.91 54.77 23.32
CA ARG A 38 -10.52 55.04 23.65
C ARG A 38 -9.79 53.75 23.97
N GLY A 39 -8.48 53.74 23.70
CA GLY A 39 -7.66 52.56 23.90
C GLY A 39 -7.13 51.90 22.64
N VAL A 40 -7.37 52.49 21.47
CA VAL A 40 -6.92 51.92 20.21
C VAL A 40 -5.45 52.25 20.03
N TYR A 41 -4.63 51.25 19.72
CA TYR A 41 -3.26 51.53 19.34
C TYR A 41 -2.88 50.71 18.12
N TYR A 42 -1.60 50.73 17.85
CA TYR A 42 -1.05 50.03 16.71
C TYR A 42 -0.63 48.63 17.14
N PRO A 43 -1.37 47.58 16.76
CA PRO A 43 -1.06 46.25 17.28
C PRO A 43 0.18 45.66 16.67
N ASP A 44 0.53 46.10 15.47
CA ASP A 44 1.69 45.62 14.75
C ASP A 44 2.72 46.73 14.76
N GLU A 45 3.80 46.51 14.02
CA GLU A 45 4.84 47.51 13.86
C GLU A 45 5.06 47.76 12.38
N ILE A 46 3.97 47.68 11.62
CA ILE A 46 4.02 47.42 10.19
C ILE A 46 3.00 48.33 9.52
N PHE A 47 3.38 48.95 8.41
CA PHE A 47 2.42 49.68 7.61
C PHE A 47 1.44 48.71 6.95
N ARG A 48 0.18 49.13 6.85
CA ARG A 48 -0.75 48.54 5.90
C ARG A 48 -1.59 49.68 5.35
N SER A 49 -2.49 49.33 4.44
CA SER A 49 -3.37 50.34 3.84
C SER A 49 -4.62 49.66 3.35
N ASP A 50 -5.77 50.31 3.59
CA ASP A 50 -7.06 49.99 2.97
C ASP A 50 -7.53 48.60 3.34
N THR A 51 -7.47 48.30 4.64
CA THR A 51 -7.85 46.98 5.11
C THR A 51 -8.88 47.09 6.21
N LEU A 52 -9.42 45.95 6.55
CA LEU A 52 -10.00 45.71 7.86
C LEU A 52 -9.14 44.60 8.44
N TYR A 53 -8.38 44.93 9.46
CA TYR A 53 -7.44 44.00 10.05
C TYR A 53 -8.04 43.47 11.35
N LEU A 54 -8.02 42.16 11.52
CA LEU A 54 -8.48 41.59 12.77
C LEU A 54 -7.32 41.24 13.67
N THR A 55 -7.56 41.36 14.97
CA THR A 55 -6.63 40.82 15.96
C THR A 55 -7.35 40.56 17.27
N GLN A 56 -6.72 39.73 18.09
CA GLN A 56 -7.28 39.24 19.34
C GLN A 56 -6.35 39.62 20.47
N ASP A 57 -6.82 40.47 21.38
CA ASP A 57 -5.91 41.06 22.36
C ASP A 57 -6.73 41.65 23.50
N LEU A 58 -6.03 41.86 24.62
CA LEU A 58 -6.56 42.56 25.77
C LEU A 58 -6.71 44.03 25.45
N PHE A 59 -7.92 44.43 25.11
CA PHE A 59 -8.21 45.82 24.78
C PHE A 59 -9.26 46.36 25.73
N LEU A 60 -9.32 47.67 25.83
CA LEU A 60 -10.47 48.27 26.48
C LEU A 60 -11.66 48.12 25.57
N PRO A 61 -12.77 47.56 26.04
CA PRO A 61 -13.96 47.49 25.20
C PRO A 61 -14.51 48.87 24.93
N PHE A 62 -15.29 48.95 23.87
CA PHE A 62 -16.08 50.14 23.64
C PHE A 62 -17.10 50.34 24.75
N TYR A 63 -17.39 51.61 25.02
CA TYR A 63 -18.56 52.08 25.75
C TYR A 63 -18.57 51.66 27.21
N SER A 64 -17.54 50.98 27.69
CA SER A 64 -17.60 50.34 28.98
C SER A 64 -17.37 51.34 30.11
N ASN A 65 -17.27 50.82 31.33
CA ASN A 65 -17.13 51.66 32.52
C ASN A 65 -15.78 52.36 32.54
N VAL A 66 -15.78 53.53 33.18
CA VAL A 66 -14.57 54.24 33.53
C VAL A 66 -14.72 54.61 34.99
N THR A 67 -13.83 54.09 35.83
CA THR A 67 -13.80 54.54 37.22
C THR A 67 -12.92 55.79 37.23
N GLY A 68 -13.57 56.93 37.03
CA GLY A 68 -12.87 58.18 37.02
C GLY A 68 -12.72 58.73 38.43
N PHE A 69 -11.59 59.37 38.67
CA PHE A 69 -11.18 59.89 39.96
C PHE A 69 -11.07 61.39 39.78
N HIS A 70 -12.00 62.11 40.40
CA HIS A 70 -12.03 63.57 40.35
C HIS A 70 -11.41 64.09 41.62
N THR A 71 -10.09 64.15 41.63
CA THR A 71 -9.40 64.82 42.71
C THR A 71 -9.54 66.33 42.55
N ILE A 72 -10.06 66.98 43.58
CA ILE A 72 -10.39 68.40 43.54
C ILE A 72 -9.72 69.08 44.73
N ASN A 73 -10.08 70.35 44.98
CA ASN A 73 -9.47 71.12 46.06
C ASN A 73 -9.74 70.54 47.45
N HIS A 74 -10.83 69.79 47.62
CA HIS A 74 -11.08 69.02 48.84
C HIS A 74 -10.80 67.54 48.69
N THR A 75 -11.24 66.89 47.61
CA THR A 75 -11.10 65.45 47.42
C THR A 75 -9.74 65.18 46.80
N PHE A 76 -8.96 64.32 47.43
CA PHE A 76 -7.67 63.90 46.87
C PHE A 76 -7.74 62.41 46.55
N GLY A 77 -7.25 62.02 45.37
CA GLY A 77 -7.38 60.66 44.88
C GLY A 77 -6.00 60.05 44.71
N ASN A 78 -5.51 59.38 45.75
CA ASN A 78 -4.27 58.60 45.67
C ASN A 78 -4.47 57.27 46.36
N PRO A 79 -5.21 56.34 45.72
CA PRO A 79 -5.40 55.02 46.33
C PRO A 79 -4.26 54.08 45.98
N VAL A 80 -4.38 52.85 46.38
CA VAL A 80 -3.60 51.77 45.78
C VAL A 80 -4.58 50.86 45.03
N ILE A 81 -4.19 50.46 43.82
CA ILE A 81 -5.02 49.62 42.96
C ILE A 81 -4.15 48.47 42.46
N PRO A 82 -4.63 47.24 42.43
CA PRO A 82 -3.85 46.17 41.81
C PRO A 82 -3.86 46.26 40.30
N PHE A 83 -3.08 45.38 39.67
CA PHE A 83 -2.75 45.54 38.25
C PHE A 83 -3.94 45.23 37.35
N LYS A 84 -4.40 43.97 37.36
CA LYS A 84 -5.66 43.52 36.76
C LYS A 84 -5.73 43.80 35.26
N ASP A 85 -4.87 43.07 34.54
CA ASP A 85 -4.79 43.08 33.07
C ASP A 85 -4.46 44.46 32.53
N GLY A 86 -3.63 45.18 33.28
CA GLY A 86 -3.22 46.51 32.87
C GLY A 86 -4.36 47.50 32.93
N ILE A 87 -4.12 48.72 32.46
CA ILE A 87 -5.16 49.72 32.45
C ILE A 87 -5.08 50.54 31.18
N TYR A 88 -6.24 50.93 30.70
CA TYR A 88 -6.35 52.16 29.95
C TYR A 88 -6.30 53.30 30.94
N PHE A 89 -5.37 54.22 30.70
CA PHE A 89 -5.10 55.32 31.60
C PHE A 89 -5.33 56.62 30.85
N ALA A 90 -5.77 57.63 31.58
CA ALA A 90 -5.98 58.94 31.02
C ALA A 90 -5.94 59.96 32.15
N ALA A 91 -5.37 61.12 31.86
CA ALA A 91 -5.26 62.15 32.88
C ALA A 91 -5.32 63.51 32.20
N THR A 92 -6.10 64.43 32.76
CA THR A 92 -6.21 65.77 32.19
C THR A 92 -5.37 66.71 33.01
N GLU A 93 -4.09 66.85 32.66
CA GLU A 93 -3.26 67.74 33.44
C GLU A 93 -2.76 68.89 32.60
N LYS A 94 -2.68 70.01 33.27
CA LYS A 94 -2.22 71.27 32.70
C LYS A 94 -0.83 71.44 33.28
N SER A 95 0.18 71.18 32.46
CA SER A 95 1.59 71.06 32.86
C SER A 95 1.77 70.02 33.97
N ASN A 96 1.23 68.82 33.73
CA ASN A 96 1.81 67.58 34.23
C ASN A 96 1.90 67.36 35.73
N VAL A 97 0.75 67.18 36.39
CA VAL A 97 0.77 66.78 37.79
C VAL A 97 1.16 65.31 37.93
N VAL A 98 0.65 64.46 37.03
CA VAL A 98 0.45 63.05 37.34
C VAL A 98 1.61 62.15 36.96
N ARG A 99 2.81 62.71 36.89
CA ARG A 99 4.01 61.90 36.72
C ARG A 99 4.13 60.87 37.84
N GLY A 100 4.61 59.69 37.49
CA GLY A 100 4.83 58.66 38.50
C GLY A 100 3.83 57.54 38.52
N TRP A 101 4.32 56.29 38.51
CA TRP A 101 3.47 55.12 38.74
C TRP A 101 4.24 54.16 39.65
N VAL A 102 3.57 53.70 40.70
CA VAL A 102 4.14 52.73 41.62
C VAL A 102 3.60 51.37 41.19
N PHE A 103 4.28 50.72 40.26
CA PHE A 103 3.88 49.40 39.78
C PHE A 103 4.65 48.41 40.64
N GLY A 104 4.07 48.08 41.80
CA GLY A 104 4.74 47.30 42.81
C GLY A 104 4.16 45.91 42.97
N SER A 105 4.78 45.17 43.89
CA SER A 105 4.29 43.85 44.27
C SER A 105 3.50 43.86 45.57
N THR A 106 4.13 44.25 46.68
CA THR A 106 3.51 44.09 47.99
C THR A 106 3.35 45.39 48.77
N MET A 107 3.82 46.52 48.23
CA MET A 107 3.61 47.86 48.79
C MET A 107 4.21 47.99 50.19
N ASN A 108 5.39 47.42 50.36
CA ASN A 108 6.12 47.52 51.62
C ASN A 108 7.59 47.69 51.28
N ASN A 109 8.46 47.42 52.24
CA ASN A 109 9.88 47.34 51.96
C ASN A 109 10.23 46.15 51.07
N LYS A 110 9.38 45.12 51.01
CA LYS A 110 9.71 43.83 50.43
C LYS A 110 9.31 43.71 48.96
N SER A 111 8.89 44.81 48.34
CA SER A 111 8.05 44.76 47.14
C SER A 111 8.88 44.77 45.87
N GLN A 112 8.55 43.87 44.94
CA GLN A 112 9.07 43.92 43.57
C GLN A 112 8.40 45.08 42.86
N SER A 113 9.00 46.25 42.99
CA SER A 113 8.38 47.48 42.57
C SER A 113 9.24 48.20 41.55
N VAL A 114 8.59 48.57 40.46
CA VAL A 114 9.14 49.52 39.52
C VAL A 114 8.37 50.82 39.69
N ILE A 115 9.07 51.93 39.56
CA ILE A 115 8.55 53.24 39.80
C ILE A 115 8.84 54.06 38.55
N ILE A 116 7.83 54.72 38.03
CA ILE A 116 7.93 55.46 36.78
C ILE A 116 7.81 56.94 37.13
N ILE A 117 8.95 57.63 37.29
CA ILE A 117 8.97 59.01 37.72
C ILE A 117 9.85 59.83 36.78
N ASN A 118 10.05 61.09 37.14
CA ASN A 118 10.81 62.03 36.33
C ASN A 118 11.74 62.83 37.22
N ASN A 119 12.87 63.27 36.66
CA ASN A 119 13.62 64.36 37.26
C ASN A 119 13.28 65.69 36.58
N SER A 120 12.03 65.84 36.15
CA SER A 120 11.35 67.00 35.57
C SER A 120 11.84 67.36 34.19
N THR A 121 12.88 66.73 33.71
CA THR A 121 13.44 66.90 32.38
C THR A 121 13.50 65.57 31.68
N ASN A 122 13.80 64.50 32.41
CA ASN A 122 14.13 63.22 31.84
C ASN A 122 13.41 62.15 32.63
N VAL A 123 13.13 61.03 31.96
CA VAL A 123 12.24 60.02 32.51
C VAL A 123 13.06 58.94 33.21
N VAL A 124 12.90 58.83 34.53
CA VAL A 124 13.66 57.90 35.35
C VAL A 124 12.73 56.79 35.83
N ILE A 125 12.99 55.57 35.39
CA ILE A 125 12.17 54.43 35.73
C ILE A 125 13.10 53.45 36.44
N ARG A 126 12.63 52.87 37.54
CA ARG A 126 13.54 52.05 38.31
C ARG A 126 12.81 50.95 39.04
N ALA A 127 13.29 49.73 38.88
CA ALA A 127 12.73 48.56 39.53
C ALA A 127 13.73 48.04 40.53
N CYS A 128 13.32 47.96 41.78
CA CYS A 128 14.07 47.21 42.78
C CYS A 128 13.13 46.91 43.92
N ASN A 129 13.60 46.09 44.85
CA ASN A 129 12.92 45.96 46.12
C ASN A 129 13.14 47.23 46.92
N PHE A 130 12.10 48.06 46.96
CA PHE A 130 12.14 49.41 47.48
C PHE A 130 11.36 49.43 48.77
N GLU A 131 11.65 50.39 49.64
CA GLU A 131 10.69 50.67 50.71
C GLU A 131 9.55 51.48 50.11
N LEU A 132 8.36 50.91 50.11
CA LEU A 132 7.20 51.67 49.71
C LEU A 132 6.54 52.26 50.95
N CYS A 133 6.71 53.57 51.10
CA CYS A 133 6.01 54.34 52.08
C CYS A 133 4.51 54.33 51.78
N ASP A 134 3.72 54.74 52.76
CA ASP A 134 2.29 54.67 52.56
C ASP A 134 1.78 55.85 51.74
N ASN A 135 2.46 56.98 51.77
CA ASN A 135 2.23 58.07 50.81
C ASN A 135 3.47 58.94 50.74
N PRO A 136 4.45 58.57 49.92
CA PRO A 136 5.51 59.53 49.57
C PRO A 136 4.93 60.56 48.61
N PHE A 137 5.34 61.82 48.77
CA PHE A 137 4.73 62.89 47.98
C PHE A 137 5.79 63.87 47.49
N PHE A 138 5.55 64.38 46.28
CA PHE A 138 6.25 65.55 45.77
C PHE A 138 5.70 66.78 46.45
N ALA A 139 6.52 67.45 47.25
CA ALA A 139 6.13 68.71 47.88
C ALA A 139 6.27 69.82 46.85
N VAL A 140 5.34 69.84 45.91
CA VAL A 140 5.36 70.77 44.78
C VAL A 140 4.62 72.04 45.15
N SER A 141 5.26 73.18 44.92
CA SER A 141 4.61 74.46 45.16
C SER A 141 3.86 74.91 43.91
N LYS A 142 2.87 75.81 44.11
CA LYS A 142 2.04 76.25 43.00
C LYS A 142 2.78 77.08 41.95
N PRO A 143 3.53 78.15 42.29
CA PRO A 143 4.12 78.94 41.19
C PRO A 143 5.40 78.37 40.60
N MET A 144 6.08 77.43 41.27
CA MET A 144 7.37 76.96 40.78
C MET A 144 7.32 75.50 40.32
N GLY A 145 6.95 74.58 41.20
CA GLY A 145 6.90 73.18 40.83
C GLY A 145 8.16 72.38 41.11
N THR A 146 8.63 72.35 42.34
CA THR A 146 9.87 71.65 42.69
C THR A 146 9.52 70.34 43.39
N GLN A 147 10.20 69.26 43.02
CA GLN A 147 10.19 68.03 43.81
C GLN A 147 11.20 68.20 44.92
N THR A 148 10.84 69.01 45.92
CA THR A 148 11.73 69.21 47.05
C THR A 148 11.81 67.96 47.91
N HIS A 149 10.72 67.19 47.96
CA HIS A 149 10.61 66.05 48.85
C HIS A 149 10.46 64.78 48.02
N THR A 150 11.29 64.63 46.99
CA THR A 150 11.23 63.44 46.15
C THR A 150 11.92 62.25 46.80
N MET A 151 11.44 61.88 48.00
CA MET A 151 12.13 60.97 48.91
C MET A 151 11.85 59.51 48.61
N ILE A 152 11.45 59.20 47.38
CA ILE A 152 10.87 57.90 47.09
C ILE A 152 11.94 56.82 47.08
N PHE A 153 13.16 57.19 46.71
CA PHE A 153 14.30 56.28 46.68
C PHE A 153 14.79 56.04 48.11
N ASP A 154 14.06 55.18 48.81
CA ASP A 154 14.34 54.89 50.21
C ASP A 154 15.39 53.80 50.37
N ASN A 155 15.05 52.58 49.99
CA ASN A 155 15.88 51.42 50.24
C ASN A 155 16.37 50.83 48.93
N ALA A 156 17.48 50.11 49.05
CA ALA A 156 18.05 49.40 47.92
C ALA A 156 18.65 48.11 48.45
N PHE A 157 17.89 47.03 48.37
CA PHE A 157 18.40 45.70 48.71
C PHE A 157 17.73 44.72 47.76
N ASN A 158 18.55 43.78 47.25
CA ASN A 158 18.17 42.88 46.16
C ASN A 158 17.58 43.66 44.97
N CYS A 159 18.41 44.53 44.39
CA CYS A 159 17.94 45.44 43.35
C CYS A 159 18.07 44.86 41.95
N THR A 160 17.24 45.36 41.04
CA THR A 160 17.14 44.78 39.72
C THR A 160 17.55 45.69 38.57
N PHE A 161 16.88 46.83 38.40
CA PHE A 161 16.85 47.45 37.09
C PHE A 161 16.69 48.96 37.21
N GLU A 162 17.25 49.66 36.22
CA GLU A 162 17.09 51.10 36.07
C GLU A 162 16.99 51.40 34.59
N TYR A 163 16.34 52.51 34.25
CA TYR A 163 16.23 52.96 32.87
C TYR A 163 16.04 54.46 32.85
N ILE A 164 16.67 55.11 31.89
CA ILE A 164 16.57 56.57 31.72
C ILE A 164 16.27 56.84 30.26
N SER A 165 15.11 57.41 30.00
CA SER A 165 14.58 57.60 28.66
C SER A 165 15.02 58.93 28.05
N ASP A 166 14.24 59.37 27.07
CA ASP A 166 14.37 60.70 26.49
C ASP A 166 14.24 61.77 27.56
N ALA A 167 15.21 62.69 27.57
CA ALA A 167 14.96 63.96 28.22
C ALA A 167 14.16 64.86 27.29
N PHE A 168 13.02 65.33 27.75
CA PHE A 168 12.21 66.17 26.87
C PHE A 168 11.48 67.21 27.70
N SER A 169 10.69 68.02 26.98
CA SER A 169 10.03 69.17 27.57
C SER A 169 8.97 68.71 28.56
N LEU A 170 9.07 69.19 29.79
CA LEU A 170 8.29 68.68 30.89
C LEU A 170 8.20 69.73 31.98
N ASP A 171 6.99 70.11 32.36
CA ASP A 171 6.73 71.12 33.38
C ASP A 171 6.07 70.46 34.59
N VAL A 172 5.90 71.23 35.66
CA VAL A 172 5.37 70.71 36.91
C VAL A 172 4.17 71.52 37.40
N SER A 173 4.28 72.85 37.40
CA SER A 173 3.47 73.74 38.24
C SER A 173 2.00 73.77 37.83
N GLU A 174 1.19 74.46 38.66
CA GLU A 174 -0.26 74.44 38.53
C GLU A 174 -0.75 75.43 37.49
N LYS A 175 -1.68 74.99 36.64
CA LYS A 175 -2.37 75.84 35.67
C LYS A 175 -3.86 75.52 35.70
N SER A 176 -4.58 76.07 34.73
CA SER A 176 -5.99 75.78 34.52
C SER A 176 -6.34 76.11 33.07
N GLY A 177 -7.64 76.25 32.82
CA GLY A 177 -8.10 76.61 31.48
C GLY A 177 -8.77 75.43 30.81
N ASN A 178 -8.41 75.17 29.55
CA ASN A 178 -8.81 73.91 28.96
C ASN A 178 -8.01 72.78 29.60
N PHE A 179 -8.48 71.55 29.44
CA PHE A 179 -7.69 70.40 29.85
C PHE A 179 -6.54 70.24 28.86
N LYS A 180 -5.48 71.00 29.15
CA LYS A 180 -4.48 71.37 28.16
C LYS A 180 -3.67 70.16 27.74
N HIS A 181 -3.10 69.46 28.70
CA HIS A 181 -2.46 68.19 28.44
C HIS A 181 -3.46 67.08 28.72
N LEU A 182 -3.67 66.20 27.75
CA LEU A 182 -4.43 64.97 27.94
C LEU A 182 -3.46 63.82 27.73
N ARG A 183 -3.12 63.16 28.83
CA ARG A 183 -2.35 61.94 28.76
C ARG A 183 -3.27 60.75 28.52
N GLU A 184 -3.27 60.24 27.30
CA GLU A 184 -3.92 58.97 26.98
C GLU A 184 -2.85 57.89 26.96
N PHE A 185 -2.85 57.05 27.98
CA PHE A 185 -1.83 56.03 28.14
C PHE A 185 -2.47 54.66 28.12
N VAL A 186 -1.68 53.66 27.74
CA VAL A 186 -2.04 52.26 27.89
C VAL A 186 -0.87 51.57 28.56
N PHE A 187 -1.14 50.90 29.68
CA PHE A 187 -0.15 50.19 30.47
C PHE A 187 -0.54 48.72 30.40
N LYS A 188 0.27 47.92 29.71
CA LYS A 188 -0.09 46.54 29.37
C LYS A 188 1.07 45.60 29.64
N ASN A 189 0.90 44.69 30.60
CA ASN A 189 1.88 43.65 30.87
C ASN A 189 1.78 42.64 29.73
N LYS A 190 2.92 42.12 29.28
CA LYS A 190 2.92 41.20 28.14
C LYS A 190 4.15 40.33 28.16
N ASP A 191 3.99 39.07 28.57
CA ASP A 191 5.04 38.04 28.56
C ASP A 191 6.24 38.42 29.42
N GLY A 192 5.99 39.17 30.48
CA GLY A 192 7.06 39.68 31.31
C GLY A 192 7.36 41.13 31.04
N PHE A 193 7.20 41.55 29.79
CA PHE A 193 7.49 42.93 29.42
C PHE A 193 6.38 43.86 29.88
N LEU A 194 6.65 45.16 29.82
CA LEU A 194 5.62 46.16 29.99
C LEU A 194 5.57 46.99 28.72
N TYR A 195 4.36 47.15 28.16
CA TYR A 195 4.15 47.87 26.93
C TYR A 195 3.34 49.11 27.26
N VAL A 196 3.92 50.27 26.97
CA VAL A 196 3.42 51.56 27.41
C VAL A 196 3.30 52.45 26.19
N TYR A 197 2.13 53.05 26.00
CA TYR A 197 1.88 53.82 24.80
C TYR A 197 1.67 55.29 25.15
N LYS A 198 1.80 56.16 24.16
CA LYS A 198 1.62 57.59 24.38
C LYS A 198 0.67 58.17 23.34
N GLY A 199 -0.21 59.05 23.80
CA GLY A 199 -1.01 59.89 22.94
C GLY A 199 -0.93 61.31 23.46
N TYR A 200 -1.62 62.21 22.76
CA TYR A 200 -1.75 63.60 23.17
C TYR A 200 -2.98 64.18 22.51
N GLN A 201 -3.71 64.99 23.26
CA GLN A 201 -4.90 65.60 22.66
C GLN A 201 -5.30 66.89 23.34
N PRO A 202 -5.60 67.94 22.59
CA PRO A 202 -6.22 69.12 23.18
C PRO A 202 -7.72 68.89 23.39
N ILE A 203 -8.12 68.90 24.66
CA ILE A 203 -9.51 68.70 25.04
C ILE A 203 -9.93 69.82 25.97
N ASP A 204 -11.24 70.09 25.99
CA ASP A 204 -11.80 71.08 26.91
C ASP A 204 -13.19 70.59 27.35
N VAL A 205 -13.21 69.88 28.47
CA VAL A 205 -14.43 69.51 29.19
C VAL A 205 -14.26 70.11 30.57
N VAL A 206 -15.38 70.32 31.29
CA VAL A 206 -15.35 70.92 32.62
C VAL A 206 -14.54 70.04 33.58
N ARG A 207 -14.94 68.78 33.74
CA ARG A 207 -14.15 67.84 34.54
C ARG A 207 -14.07 66.44 33.98
N ASP A 208 -14.75 66.14 32.87
CA ASP A 208 -15.09 64.77 32.49
C ASP A 208 -14.39 64.39 31.18
N LEU A 209 -14.78 63.22 30.63
CA LEU A 209 -14.19 62.69 29.41
C LEU A 209 -14.95 63.18 28.19
N PRO A 210 -14.28 63.69 27.16
CA PRO A 210 -14.97 63.99 25.91
C PRO A 210 -15.26 62.73 25.12
N SER A 211 -16.03 62.91 24.06
CA SER A 211 -16.33 61.82 23.14
C SER A 211 -15.41 61.94 21.91
N GLY A 212 -14.53 60.96 21.73
CA GLY A 212 -13.58 60.99 20.64
C GLY A 212 -12.54 59.89 20.73
N PHE A 213 -11.84 59.58 19.66
CA PHE A 213 -10.78 58.58 19.70
C PHE A 213 -9.46 59.20 19.29
N ASN A 214 -8.37 58.62 19.78
CA ASN A 214 -7.03 59.09 19.46
C ASN A 214 -6.09 57.90 19.46
N THR A 215 -5.45 57.67 18.33
CA THR A 215 -4.64 56.48 18.14
C THR A 215 -3.36 56.56 18.95
N LEU A 216 -3.11 55.53 19.75
CA LEU A 216 -1.99 55.53 20.67
C LEU A 216 -0.75 54.94 20.01
N LYS A 217 0.41 55.42 20.44
CA LYS A 217 1.57 55.07 19.66
C LYS A 217 2.44 54.04 20.36
N PRO A 218 3.03 53.13 19.62
CA PRO A 218 3.88 52.11 20.22
C PRO A 218 5.20 52.67 20.69
N ILE A 219 5.21 53.22 21.88
CA ILE A 219 6.38 53.97 22.32
C ILE A 219 7.32 53.12 23.15
N PHE A 220 6.86 52.63 24.29
CA PHE A 220 7.80 52.13 25.28
C PHE A 220 7.57 50.67 25.58
N LYS A 221 8.59 49.87 25.26
CA LYS A 221 8.58 48.43 25.48
C LYS A 221 9.77 48.08 26.35
N LEU A 222 9.52 47.28 27.37
CA LEU A 222 10.47 47.29 28.45
C LEU A 222 10.84 45.88 28.89
N PRO A 223 12.10 45.63 29.19
CA PRO A 223 12.59 44.26 29.36
C PRO A 223 12.43 43.69 30.76
N LEU A 224 11.53 44.26 31.54
CA LEU A 224 11.56 44.20 32.99
C LEU A 224 11.47 42.81 33.60
N GLY A 225 10.32 42.18 33.47
CA GLY A 225 10.14 40.82 33.93
C GLY A 225 10.02 40.57 35.42
N ILE A 226 9.12 41.30 36.12
CA ILE A 226 8.78 40.99 37.50
C ILE A 226 7.27 40.97 37.66
N ASN A 227 6.83 40.26 38.71
CA ASN A 227 5.42 40.01 39.01
C ASN A 227 4.80 41.29 39.56
N ILE A 228 4.15 42.05 38.67
CA ILE A 228 3.62 43.36 39.02
C ILE A 228 2.17 43.19 39.48
N THR A 229 1.94 43.34 40.79
CA THR A 229 0.63 43.08 41.38
C THR A 229 -0.14 44.37 41.62
N ASN A 230 0.40 45.27 42.44
CA ASN A 230 -0.28 46.46 42.93
C ASN A 230 0.18 47.67 42.15
N PHE A 231 -0.62 48.74 42.18
CA PHE A 231 -0.08 50.00 41.74
C PHE A 231 -0.69 51.16 42.51
N ARG A 232 0.07 52.23 42.57
CA ARG A 232 -0.42 53.54 42.97
C ARG A 232 -0.15 54.54 41.87
N ALA A 233 -0.95 55.60 41.86
CA ALA A 233 -0.67 56.77 41.05
C ALA A 233 0.07 57.80 41.89
N ILE A 234 0.78 58.68 41.22
CA ILE A 234 1.56 59.72 41.88
C ILE A 234 1.13 61.06 41.31
N LEU A 235 0.76 61.97 42.19
CA LEU A 235 0.42 63.34 41.86
C LEU A 235 1.46 64.25 42.49
N THR A 236 1.18 65.54 42.42
CA THR A 236 2.02 66.56 43.06
C THR A 236 1.22 67.20 44.17
N ALA A 237 1.68 67.01 45.41
CA ALA A 237 1.01 67.60 46.56
C ALA A 237 1.52 69.03 46.72
N PHE A 238 0.64 70.01 46.57
CA PHE A 238 1.10 71.39 46.57
C PHE A 238 1.35 71.85 48.01
N SER A 239 2.63 71.83 48.38
CA SER A 239 3.10 72.21 49.70
C SER A 239 3.18 73.72 49.88
N ILE A 244 0.89 69.59 53.67
CA ILE A 244 -0.42 69.93 53.12
C ILE A 244 -0.39 69.85 51.60
N TRP A 245 -1.37 69.15 51.03
CA TRP A 245 -1.45 68.90 49.60
C TRP A 245 -2.20 70.03 48.90
N GLY A 246 -2.30 69.92 47.58
CA GLY A 246 -3.07 70.82 46.76
C GLY A 246 -3.23 70.23 45.37
N THR A 247 -4.41 70.38 44.78
CA THR A 247 -4.66 69.93 43.43
C THR A 247 -5.37 71.02 42.63
N SER A 248 -5.36 70.87 41.31
CA SER A 248 -6.00 71.81 40.41
C SER A 248 -7.36 71.29 40.00
N ALA A 249 -8.00 71.99 39.07
CA ALA A 249 -9.22 71.51 38.44
C ALA A 249 -8.81 70.46 37.40
N ALA A 250 -8.76 69.21 37.84
CA ALA A 250 -8.27 68.12 37.00
C ALA A 250 -8.99 66.82 37.37
N ALA A 251 -8.73 65.79 36.57
CA ALA A 251 -9.28 64.47 36.81
C ALA A 251 -8.41 63.42 36.11
N TYR A 252 -8.52 62.17 36.56
CA TYR A 252 -7.85 61.08 35.89
C TYR A 252 -8.69 59.83 36.00
N PHE A 253 -8.52 58.93 35.04
CA PHE A 253 -9.48 57.86 34.82
C PHE A 253 -8.82 56.51 35.04
N VAL A 254 -9.64 55.49 35.26
CA VAL A 254 -9.18 54.10 35.30
C VAL A 254 -10.08 53.30 34.37
N GLY A 255 -9.47 52.52 33.47
CA GLY A 255 -10.21 51.54 32.71
C GLY A 255 -9.49 50.21 32.67
N TYR A 256 -10.29 49.14 32.69
CA TYR A 256 -9.76 47.78 32.65
C TYR A 256 -9.91 47.15 31.27
N LEU A 257 -8.96 46.30 30.94
CA LEU A 257 -8.87 45.68 29.64
C LEU A 257 -9.54 44.31 29.68
N LYS A 258 -9.83 43.78 28.50
CA LYS A 258 -10.65 42.61 28.32
C LYS A 258 -10.14 41.87 27.08
N PRO A 259 -9.95 40.56 27.14
CA PRO A 259 -9.38 39.85 25.97
C PRO A 259 -10.39 39.68 24.85
N THR A 260 -10.51 40.73 24.04
CA THR A 260 -11.55 40.81 23.03
C THR A 260 -10.91 40.86 21.65
N THR A 261 -11.73 41.08 20.64
CA THR A 261 -11.29 40.99 19.27
C THR A 261 -11.71 42.23 18.50
N PHE A 262 -10.76 42.86 17.84
CA PHE A 262 -11.05 44.08 17.10
C PHE A 262 -10.76 43.93 15.62
N MET A 263 -11.59 44.63 14.85
CA MET A 263 -11.39 44.87 13.43
C MET A 263 -11.09 46.35 13.23
N LEU A 264 -9.88 46.65 12.80
CA LEU A 264 -9.39 48.00 12.60
C LEU A 264 -9.50 48.37 11.13
N LYS A 265 -9.62 49.66 10.85
CA LYS A 265 -9.68 50.14 9.48
C LYS A 265 -8.51 51.08 9.26
N TYR A 266 -7.44 50.58 8.65
CA TYR A 266 -6.34 51.45 8.29
C TYR A 266 -6.70 52.23 7.05
N ASP A 267 -6.08 53.39 6.89
CA ASP A 267 -6.25 54.21 5.70
C ASP A 267 -5.00 54.13 4.84
N GLU A 268 -4.97 54.92 3.77
CA GLU A 268 -3.75 55.00 2.98
C GLU A 268 -2.68 55.84 3.66
N ASN A 269 -3.06 56.71 4.58
CA ASN A 269 -2.05 57.44 5.34
C ASN A 269 -1.35 56.57 6.37
N GLY A 270 -1.93 55.42 6.71
CA GLY A 270 -1.41 54.61 7.78
C GLY A 270 -1.81 55.19 9.10
N THR A 271 -3.08 55.47 9.25
CA THR A 271 -3.62 56.09 10.45
C THR A 271 -4.91 55.38 10.78
N ILE A 272 -5.07 54.98 12.03
CA ILE A 272 -6.30 54.31 12.41
C ILE A 272 -7.44 55.31 12.41
N THR A 273 -8.44 55.05 11.58
CA THR A 273 -9.61 55.91 11.46
C THR A 273 -10.86 55.34 12.12
N ASP A 274 -10.91 54.03 12.33
CA ASP A 274 -12.09 53.40 12.89
C ASP A 274 -11.69 52.05 13.47
N ALA A 275 -12.32 51.71 14.60
CA ALA A 275 -12.14 50.44 15.26
C ALA A 275 -13.52 49.85 15.54
N VAL A 276 -13.62 48.51 15.49
CA VAL A 276 -14.87 47.82 15.80
C VAL A 276 -14.55 46.63 16.68
N ASP A 277 -15.17 46.56 17.85
CA ASP A 277 -15.04 45.40 18.71
C ASP A 277 -15.93 44.28 18.20
N CYS A 278 -15.64 43.07 18.63
CA CYS A 278 -16.51 41.95 18.34
C CYS A 278 -17.47 41.66 19.49
N SER A 279 -16.99 41.61 20.73
CA SER A 279 -17.82 41.11 21.82
C SER A 279 -18.74 42.16 22.43
N GLN A 280 -19.09 43.21 21.70
CA GLN A 280 -19.86 44.33 22.20
C GLN A 280 -21.32 44.30 21.78
N ASN A 281 -21.57 44.23 20.49
CA ASN A 281 -22.90 44.35 19.95
C ASN A 281 -22.99 43.27 18.88
N PRO A 282 -24.12 42.56 18.78
CA PRO A 282 -24.35 41.73 17.58
C PRO A 282 -24.11 42.44 16.29
N LEU A 283 -24.40 43.73 16.21
CA LEU A 283 -24.00 44.47 15.03
C LEU A 283 -22.50 44.64 15.00
N ALA A 284 -21.86 44.79 16.16
CA ALA A 284 -20.41 44.97 16.18
C ALA A 284 -19.70 43.69 15.80
N GLU A 285 -20.20 42.55 16.26
CA GLU A 285 -19.55 41.32 15.85
C GLU A 285 -19.89 40.99 14.41
N LEU A 286 -21.05 41.40 13.93
CA LEU A 286 -21.35 41.21 12.53
C LEU A 286 -20.43 42.05 11.65
N LYS A 287 -20.09 43.25 12.11
CA LYS A 287 -19.08 44.06 11.45
C LYS A 287 -17.73 43.37 11.42
N CYS A 288 -17.32 42.77 12.53
CA CYS A 288 -16.07 42.04 12.44
C CYS A 288 -16.25 40.62 11.90
N SER A 289 -17.44 40.26 11.46
CA SER A 289 -17.70 38.96 10.84
C SER A 289 -17.62 39.03 9.34
N VAL A 290 -18.52 39.80 8.71
CA VAL A 290 -18.46 39.97 7.26
C VAL A 290 -17.37 40.92 6.85
N LYS A 291 -16.74 41.60 7.82
CA LYS A 291 -15.62 42.51 7.64
C LYS A 291 -16.02 43.68 6.72
N SER A 292 -16.91 44.50 7.25
CA SER A 292 -17.30 45.75 6.62
C SER A 292 -17.71 46.75 7.67
N PHE A 293 -18.08 47.94 7.20
CA PHE A 293 -18.80 48.90 8.03
C PHE A 293 -20.24 49.01 7.56
N GLU A 294 -20.43 49.31 6.29
CA GLU A 294 -21.74 49.11 5.69
C GLU A 294 -22.00 47.63 5.57
N ILE A 295 -23.03 47.16 6.26
CA ILE A 295 -23.54 45.81 6.07
C ILE A 295 -24.98 45.96 5.64
N ASP A 296 -25.36 45.30 4.55
CA ASP A 296 -26.71 45.49 4.03
C ASP A 296 -27.71 44.66 4.84
N LYS A 297 -28.90 44.47 4.30
CA LYS A 297 -30.02 43.93 5.06
C LYS A 297 -30.25 42.47 4.73
N GLY A 298 -30.11 41.59 5.71
CA GLY A 298 -30.33 40.16 5.56
C GLY A 298 -29.88 39.38 6.79
N ILE A 299 -30.42 38.16 6.93
CA ILE A 299 -29.99 37.29 8.02
C ILE A 299 -28.58 36.83 7.76
N TYR A 300 -27.68 37.08 8.69
CA TYR A 300 -26.26 36.89 8.48
C TYR A 300 -25.71 35.98 9.55
N GLN A 301 -25.29 34.80 9.16
CA GLN A 301 -24.67 33.86 10.07
C GLN A 301 -23.38 34.41 10.64
N THR A 302 -23.09 34.02 11.87
CA THR A 302 -21.93 34.46 12.60
C THR A 302 -21.39 33.24 13.32
N SER A 303 -20.56 33.45 14.33
CA SER A 303 -20.21 32.37 15.24
C SER A 303 -21.45 31.85 15.96
N ASN A 304 -21.45 30.56 16.24
CA ASN A 304 -22.60 29.87 16.79
C ASN A 304 -22.63 30.05 18.30
N PHE A 305 -23.59 29.41 18.94
CA PHE A 305 -23.59 29.33 20.39
C PHE A 305 -23.69 27.88 20.80
N ARG A 306 -23.25 27.60 22.02
CA ARG A 306 -23.62 26.37 22.68
C ARG A 306 -23.69 26.67 24.15
N VAL A 307 -24.50 25.90 24.86
CA VAL A 307 -24.72 26.18 26.27
C VAL A 307 -23.51 25.74 27.06
N VAL A 308 -22.84 26.70 27.68
CA VAL A 308 -21.75 26.41 28.59
C VAL A 308 -22.31 25.66 29.80
N PRO A 309 -21.66 24.61 30.28
CA PRO A 309 -22.13 23.97 31.50
C PRO A 309 -21.87 24.81 32.73
N SER A 310 -22.50 24.40 33.83
CA SER A 310 -22.17 24.92 35.14
C SER A 310 -21.75 23.84 36.11
N GLY A 311 -22.56 22.80 36.28
CA GLY A 311 -22.26 21.76 37.23
C GLY A 311 -21.20 20.82 36.72
N ASP A 312 -20.80 19.91 37.59
CA ASP A 312 -19.68 19.02 37.30
C ASP A 312 -19.84 17.76 38.15
N VAL A 313 -20.33 16.70 37.51
CA VAL A 313 -20.72 15.47 38.17
C VAL A 313 -19.53 14.53 38.17
N VAL A 314 -19.14 14.05 39.35
CA VAL A 314 -18.12 13.02 39.50
C VAL A 314 -18.73 11.83 40.19
N ARG A 315 -18.68 10.67 39.53
CA ARG A 315 -19.31 9.46 40.05
C ARG A 315 -18.33 8.29 40.07
N PHE A 316 -17.83 7.97 41.25
CA PHE A 316 -17.01 6.78 41.45
C PHE A 316 -17.71 5.79 42.38
N PRO A 317 -17.46 4.50 42.23
CA PRO A 317 -17.87 3.54 43.25
C PRO A 317 -17.11 3.79 44.54
N ASN A 318 -17.75 3.45 45.65
CA ASN A 318 -17.23 3.77 46.97
C ASN A 318 -16.13 2.83 47.44
N ILE A 319 -15.66 1.94 46.57
CA ILE A 319 -14.59 1.03 46.94
C ILE A 319 -13.31 1.85 47.11
N THR A 320 -12.58 1.59 48.19
CA THR A 320 -11.29 2.22 48.41
C THR A 320 -10.32 1.15 48.89
N ASN A 321 -9.28 0.91 48.10
CA ASN A 321 -8.17 0.12 48.57
C ASN A 321 -6.91 0.75 48.01
N LEU A 322 -5.79 0.44 48.64
CA LEU A 322 -4.48 0.83 48.17
C LEU A 322 -3.89 -0.36 47.43
N CYS A 323 -3.43 -0.12 46.21
CA CYS A 323 -3.04 -1.18 45.28
C CYS A 323 -1.79 -1.91 45.76
N PRO A 324 -1.49 -3.09 45.18
CA PRO A 324 -0.24 -3.78 45.52
C PRO A 324 1.01 -3.22 44.89
N PHE A 325 0.98 -1.93 44.51
CA PHE A 325 2.15 -1.22 44.04
C PHE A 325 3.29 -1.30 45.05
N GLY A 326 2.97 -1.11 46.34
CA GLY A 326 3.94 -1.35 47.40
C GLY A 326 4.18 -2.81 47.69
N GLU A 327 3.53 -3.70 46.95
CA GLU A 327 3.80 -5.12 46.93
C GLU A 327 4.47 -5.56 45.63
N VAL A 328 3.98 -5.13 44.47
CA VAL A 328 4.58 -5.59 43.21
C VAL A 328 5.97 -5.01 43.04
N PHE A 329 6.22 -3.81 43.54
CA PHE A 329 7.55 -3.23 43.43
C PHE A 329 8.38 -3.47 44.67
N ASN A 330 7.78 -3.41 45.85
CA ASN A 330 8.48 -3.72 47.08
C ASN A 330 8.12 -5.18 47.31
N ALA A 331 8.83 -6.04 46.59
CA ALA A 331 8.81 -7.48 46.75
C ALA A 331 10.24 -7.97 46.83
N THR A 332 10.39 -9.29 46.87
CA THR A 332 11.66 -9.93 46.57
C THR A 332 11.51 -11.05 45.55
N LYS A 333 10.34 -11.67 45.48
CA LYS A 333 10.10 -12.77 44.55
C LYS A 333 9.95 -12.20 43.16
N PHE A 334 10.86 -12.58 42.28
CA PHE A 334 10.91 -12.08 40.93
C PHE A 334 11.42 -13.20 40.03
N PRO A 335 10.53 -13.93 39.38
CA PRO A 335 10.91 -15.16 38.69
C PRO A 335 11.57 -14.88 37.34
N SER A 336 11.74 -15.95 36.58
CA SER A 336 12.32 -15.90 35.27
C SER A 336 11.30 -15.48 34.22
N VAL A 337 11.71 -15.52 32.94
CA VAL A 337 10.94 -14.92 31.87
C VAL A 337 9.79 -15.81 31.41
N TYR A 338 10.10 -17.05 31.08
CA TYR A 338 9.09 -18.05 30.71
C TYR A 338 8.10 -18.30 31.83
N ALA A 339 8.50 -18.11 33.07
CA ALA A 339 7.72 -18.36 34.27
C ALA A 339 7.39 -17.04 34.93
N TRP A 340 6.98 -16.08 34.10
CA TRP A 340 6.73 -14.71 34.51
C TRP A 340 5.61 -14.61 35.53
N GLU A 341 5.78 -13.69 36.45
CA GLU A 341 4.86 -13.48 37.56
C GLU A 341 3.64 -12.68 37.10
N ARG A 342 2.47 -13.12 37.55
CA ARG A 342 1.19 -12.54 37.18
C ARG A 342 0.44 -12.09 38.44
N LYS A 343 0.36 -10.78 38.65
CA LYS A 343 -0.44 -10.24 39.73
C LYS A 343 -1.70 -9.59 39.17
N LYS A 344 -2.79 -9.73 39.89
CA LYS A 344 -4.03 -9.09 39.51
C LYS A 344 -4.44 -8.07 40.56
N ILE A 345 -4.71 -6.84 40.12
CA ILE A 345 -5.12 -5.77 41.02
C ILE A 345 -6.59 -5.53 40.77
N SER A 346 -7.41 -5.56 41.82
CA SER A 346 -8.82 -5.31 41.67
C SER A 346 -9.34 -4.55 42.88
N ASN A 347 -10.38 -3.75 42.62
CA ASN A 347 -11.17 -3.04 43.64
C ASN A 347 -10.29 -2.11 44.49
N CYS A 348 -9.49 -1.34 43.77
CA CYS A 348 -8.45 -0.55 44.40
C CYS A 348 -8.72 0.90 44.06
N VAL A 349 -7.82 1.76 44.50
CA VAL A 349 -7.70 3.12 44.01
C VAL A 349 -6.22 3.31 43.74
N ALA A 350 -5.87 3.44 42.47
CA ALA A 350 -4.47 3.56 42.10
C ALA A 350 -4.07 5.03 42.10
N ASP A 351 -3.03 5.35 42.87
CA ASP A 351 -2.70 6.75 43.09
C ASP A 351 -2.06 7.39 41.86
N TYR A 352 -1.22 6.62 41.15
CA TYR A 352 -0.41 7.08 40.02
C TYR A 352 0.46 8.26 40.43
N SER A 353 0.98 8.19 41.66
CA SER A 353 1.68 9.30 42.32
C SER A 353 3.02 8.93 42.88
N VAL A 354 3.18 7.73 43.46
CA VAL A 354 4.47 7.33 43.99
C VAL A 354 5.44 7.07 42.85
N LEU A 355 4.95 6.86 41.65
CA LEU A 355 5.81 6.64 40.50
C LEU A 355 6.35 7.96 39.94
N TYR A 356 5.89 9.07 40.49
CA TYR A 356 6.50 10.37 40.22
C TYR A 356 7.46 10.77 41.31
N ASN A 357 7.21 10.32 42.53
CA ASN A 357 8.16 10.47 43.64
C ASN A 357 9.06 9.22 43.71
N SER A 358 9.64 8.88 42.56
CA SER A 358 10.53 7.74 42.43
C SER A 358 11.38 7.87 41.17
N THR A 359 12.68 8.03 41.36
CA THR A 359 13.66 7.79 40.32
C THR A 359 14.27 6.40 40.44
N PHE A 360 13.63 5.54 41.23
CA PHE A 360 14.18 4.25 41.60
C PHE A 360 14.16 3.27 40.44
N PHE A 361 13.44 3.60 39.37
CA PHE A 361 13.19 2.66 38.29
C PHE A 361 13.97 3.06 37.04
N SER A 362 14.26 2.06 36.20
CA SER A 362 15.16 2.28 35.06
C SER A 362 14.44 2.96 33.90
N THR A 363 13.41 2.33 33.36
CA THR A 363 12.82 2.75 32.09
C THR A 363 11.31 2.82 32.20
N PHE A 364 10.78 4.03 32.37
CA PHE A 364 9.35 4.27 32.38
C PHE A 364 8.92 4.54 30.95
N LYS A 365 8.01 3.73 30.44
CA LYS A 365 7.85 3.59 29.00
C LYS A 365 6.41 3.23 28.69
N CYS A 366 5.64 4.17 28.15
CA CYS A 366 4.22 3.95 27.96
C CYS A 366 3.87 3.87 26.49
N TYR A 367 2.84 3.06 26.19
CA TYR A 367 2.55 2.65 24.82
C TYR A 367 1.19 3.09 24.31
N GLY A 368 0.12 2.66 24.95
CA GLY A 368 -1.20 2.98 24.44
C GLY A 368 -1.72 4.17 25.21
N VAL A 369 -0.99 4.52 26.27
CA VAL A 369 -1.36 5.59 27.18
C VAL A 369 -0.16 6.48 27.39
N SER A 370 -0.40 7.60 28.07
CA SER A 370 0.67 8.44 28.57
C SER A 370 0.65 8.41 30.09
N ALA A 371 1.50 9.24 30.70
CA ALA A 371 1.75 9.11 32.12
C ALA A 371 0.75 9.90 32.96
N THR A 372 0.69 11.22 32.76
CA THR A 372 0.15 12.09 33.78
C THR A 372 -1.36 12.03 33.87
N LYS A 373 -2.03 11.59 32.81
CA LYS A 373 -3.48 11.58 32.77
C LYS A 373 -4.04 10.22 33.17
N LEU A 374 -3.18 9.36 33.74
CA LEU A 374 -3.61 8.02 34.11
C LEU A 374 -4.53 8.03 35.32
N ASN A 375 -4.46 9.08 36.13
CA ASN A 375 -5.24 9.21 37.35
C ASN A 375 -6.54 9.96 37.14
N ASP A 376 -7.15 9.79 35.97
CA ASP A 376 -8.48 10.31 35.70
C ASP A 376 -9.57 9.29 36.02
N LEU A 377 -9.37 8.03 35.68
CA LEU A 377 -10.51 7.16 35.44
C LEU A 377 -10.45 5.91 36.32
N CYS A 378 -11.45 5.05 36.14
CA CYS A 378 -11.50 3.77 36.83
C CYS A 378 -11.18 2.65 35.85
N PHE A 379 -10.31 1.74 36.25
CA PHE A 379 -9.93 0.57 35.48
C PHE A 379 -10.65 -0.68 35.95
N SER A 380 -10.63 -1.68 35.09
CA SER A 380 -11.12 -3.02 35.38
C SER A 380 -9.93 -3.97 35.37
N ASN A 381 -9.42 -4.29 36.55
CA ASN A 381 -8.60 -5.49 36.77
C ASN A 381 -7.29 -5.46 35.99
N VAL A 382 -6.40 -4.56 36.40
CA VAL A 382 -5.11 -4.44 35.73
C VAL A 382 -4.18 -5.58 36.16
N TYR A 383 -3.19 -5.87 35.31
CA TYR A 383 -2.40 -7.08 35.41
C TYR A 383 -0.92 -6.72 35.40
N ALA A 384 -0.22 -7.07 36.47
CA ALA A 384 1.21 -6.85 36.58
C ALA A 384 1.95 -8.10 36.15
N ASP A 385 2.71 -7.99 35.07
CA ASP A 385 3.47 -9.10 34.53
C ASP A 385 4.93 -8.80 34.82
N SER A 386 5.42 -9.34 35.93
CA SER A 386 6.76 -9.02 36.40
C SER A 386 7.70 -10.19 36.21
N PHE A 387 8.85 -9.89 35.65
CA PHE A 387 9.86 -10.90 35.37
C PHE A 387 11.21 -10.23 35.47
N VAL A 388 12.27 -11.01 35.27
CA VAL A 388 13.63 -10.50 35.40
C VAL A 388 14.38 -10.78 34.11
N VAL A 389 14.87 -9.72 33.49
CA VAL A 389 15.70 -9.83 32.31
C VAL A 389 17.08 -9.26 32.65
N LYS A 390 17.97 -9.35 31.68
CA LYS A 390 19.31 -8.78 31.82
C LYS A 390 19.24 -7.30 31.43
N GLY A 391 20.40 -6.68 31.24
CA GLY A 391 20.40 -5.29 30.88
C GLY A 391 20.33 -5.04 29.39
N ASP A 392 19.68 -5.95 28.67
CA ASP A 392 19.57 -5.87 27.22
C ASP A 392 18.14 -5.98 26.73
N ASP A 393 17.37 -6.85 27.38
CA ASP A 393 16.13 -7.35 26.81
C ASP A 393 15.00 -6.35 26.85
N VAL A 394 15.11 -5.27 27.63
CA VAL A 394 14.10 -4.23 27.63
C VAL A 394 13.98 -3.59 26.25
N ARG A 395 15.12 -3.37 25.60
CA ARG A 395 15.12 -2.92 24.22
C ARG A 395 14.54 -3.96 23.28
N GLN A 396 14.75 -5.23 23.59
CA GLN A 396 14.21 -6.33 22.83
C GLN A 396 12.77 -6.65 23.19
N ILE A 397 12.08 -5.77 23.90
CA ILE A 397 10.65 -5.85 24.13
C ILE A 397 10.04 -4.62 23.46
N ALA A 398 8.97 -4.84 22.72
CA ALA A 398 8.05 -3.81 22.26
C ALA A 398 6.76 -4.54 22.02
N PRO A 399 5.70 -3.90 21.60
CA PRO A 399 4.67 -4.65 20.89
C PRO A 399 5.18 -5.09 19.52
N GLY A 400 6.06 -6.09 19.51
CA GLY A 400 7.04 -6.25 18.47
C GLY A 400 8.44 -6.20 19.05
N GLN A 401 9.41 -5.89 18.17
CA GLN A 401 10.85 -6.00 18.46
C GLN A 401 11.19 -7.40 18.98
N THR A 402 11.03 -8.38 18.08
CA THR A 402 10.78 -9.76 18.51
C THR A 402 11.97 -10.36 19.26
N GLY A 403 13.09 -10.57 18.58
CA GLY A 403 14.19 -11.24 19.22
C GLY A 403 13.82 -12.68 19.52
N VAL A 404 14.23 -13.14 20.70
CA VAL A 404 13.99 -14.52 21.11
C VAL A 404 13.29 -14.60 22.45
N ILE A 405 13.94 -14.02 23.48
CA ILE A 405 13.47 -14.17 24.86
C ILE A 405 12.11 -13.50 25.03
N ALA A 406 11.95 -12.33 24.44
CA ALA A 406 10.63 -11.71 24.45
C ALA A 406 9.69 -12.31 23.42
N ASP A 407 10.20 -13.13 22.52
CA ASP A 407 9.42 -13.62 21.40
C ASP A 407 9.10 -15.11 21.48
N TYR A 408 10.05 -15.93 21.90
CA TYR A 408 9.77 -17.34 22.10
C TYR A 408 9.23 -17.63 23.49
N ASN A 409 9.40 -16.73 24.43
CA ASN A 409 9.11 -17.18 25.79
C ASN A 409 7.88 -16.51 26.39
N TYR A 410 7.67 -15.23 26.13
CA TYR A 410 6.41 -14.58 26.51
C TYR A 410 6.17 -13.39 25.60
N LYS A 411 5.25 -13.55 24.66
CA LYS A 411 5.06 -12.64 23.55
C LYS A 411 3.86 -11.74 23.79
N LEU A 412 4.07 -10.47 23.62
CA LEU A 412 2.95 -9.61 23.93
C LEU A 412 2.12 -9.35 22.69
N PRO A 413 0.81 -9.12 22.85
CA PRO A 413 0.02 -8.57 21.76
C PRO A 413 0.34 -7.09 21.57
N ASP A 414 -0.22 -6.49 20.53
CA ASP A 414 0.24 -5.18 20.12
C ASP A 414 -0.78 -4.08 20.27
N ASP A 415 -2.07 -4.39 20.35
CA ASP A 415 -3.11 -3.41 20.09
C ASP A 415 -3.52 -2.64 21.35
N PHE A 416 -3.56 -3.32 22.50
CA PHE A 416 -3.98 -2.71 23.76
C PHE A 416 -2.81 -2.84 24.73
N MET A 417 -2.39 -1.72 25.30
CA MET A 417 -1.27 -1.73 26.23
C MET A 417 -1.53 -0.80 27.40
N GLY A 418 -0.67 -0.94 28.40
CA GLY A 418 -0.49 0.08 29.40
C GLY A 418 0.92 0.61 29.28
N CYS A 419 1.79 0.26 30.22
CA CYS A 419 3.15 0.74 30.21
C CYS A 419 4.09 -0.38 30.60
N VAL A 420 5.39 -0.07 30.53
CA VAL A 420 6.48 -0.98 30.84
C VAL A 420 7.45 -0.21 31.72
N LEU A 421 7.87 -0.84 32.83
CA LEU A 421 8.69 -0.18 33.82
C LEU A 421 9.77 -1.13 34.32
N ALA A 422 11.03 -0.70 34.24
CA ALA A 422 12.15 -1.56 34.58
C ALA A 422 12.92 -0.95 35.74
N TRP A 423 13.68 -1.79 36.44
CA TRP A 423 14.65 -1.29 37.42
C TRP A 423 15.73 -2.34 37.67
N ASN A 424 16.89 -1.86 38.10
CA ASN A 424 18.04 -2.72 38.22
C ASN A 424 18.25 -3.09 39.68
N THR A 425 18.56 -4.38 39.92
CA THR A 425 18.67 -4.96 41.26
C THR A 425 19.87 -5.89 41.37
N ARG A 426 21.04 -5.42 40.98
CA ARG A 426 22.20 -6.32 40.93
C ARG A 426 22.85 -6.57 42.28
N ASN A 427 22.43 -5.92 43.36
CA ASN A 427 22.92 -6.23 44.70
C ASN A 427 21.95 -7.07 45.53
N ILE A 428 21.00 -7.76 44.89
CA ILE A 428 20.12 -8.68 45.60
C ILE A 428 20.28 -10.05 44.97
N ASP A 429 20.00 -10.14 43.67
CA ASP A 429 20.01 -11.40 42.94
C ASP A 429 21.39 -11.74 42.38
N ALA A 430 22.11 -10.74 41.88
CA ALA A 430 23.36 -10.97 41.16
C ALA A 430 24.52 -11.11 42.13
N THR A 431 24.97 -12.34 42.36
CA THR A 431 26.23 -12.61 43.05
C THR A 431 27.33 -12.62 42.00
N SER A 432 28.51 -12.11 42.38
CA SER A 432 29.64 -11.96 41.46
C SER A 432 30.09 -13.29 40.87
N THR A 433 29.91 -14.38 41.59
CA THR A 433 30.14 -15.73 41.09
C THR A 433 29.06 -16.19 40.11
N GLY A 434 27.99 -15.42 39.93
CA GLY A 434 26.91 -15.86 39.09
C GLY A 434 25.62 -16.03 39.86
N ASN A 435 24.51 -15.70 39.22
CA ASN A 435 23.22 -16.13 39.70
C ASN A 435 22.70 -17.07 38.61
N TYR A 436 23.10 -18.33 38.71
CA TYR A 436 22.60 -19.37 37.83
C TYR A 436 21.28 -19.96 38.30
N ASN A 437 20.59 -19.29 39.21
CA ASN A 437 19.34 -19.82 39.73
C ASN A 437 18.20 -19.64 38.73
N TYR A 438 18.39 -18.82 37.72
CA TYR A 438 17.32 -18.41 36.83
C TYR A 438 17.53 -19.05 35.47
N LYS A 439 16.45 -19.19 34.71
CA LYS A 439 16.50 -19.83 33.40
C LYS A 439 15.71 -19.02 32.39
N TYR A 440 15.84 -19.42 31.12
CA TYR A 440 15.03 -18.86 30.05
C TYR A 440 14.93 -19.92 28.97
N ARG A 441 13.94 -19.76 28.09
CA ARG A 441 13.82 -20.60 26.91
C ARG A 441 14.32 -19.82 25.70
N TYR A 442 14.79 -20.55 24.69
CA TYR A 442 15.15 -19.93 23.42
C TYR A 442 14.82 -20.81 22.22
N LEU A 443 14.10 -21.89 22.40
CA LEU A 443 13.73 -22.83 21.33
C LEU A 443 12.28 -23.21 21.56
N ARG A 444 11.51 -23.23 20.47
CA ARG A 444 10.14 -23.72 20.53
C ARG A 444 9.74 -24.07 19.11
N HIS A 445 8.80 -25.01 18.95
CA HIS A 445 8.22 -25.28 17.64
C HIS A 445 7.36 -24.11 17.21
N GLY A 446 7.88 -23.27 16.32
CA GLY A 446 7.22 -22.05 15.90
C GLY A 446 7.57 -20.89 16.82
N LYS A 447 6.84 -19.80 16.62
CA LYS A 447 6.85 -18.70 17.56
C LYS A 447 5.67 -18.84 18.51
N LEU A 448 5.39 -17.80 19.27
CA LEU A 448 4.31 -17.84 20.25
C LEU A 448 3.03 -17.28 19.69
N ARG A 449 1.94 -17.54 20.40
CA ARG A 449 0.76 -16.70 20.34
C ARG A 449 0.86 -15.65 21.44
N PRO A 450 0.19 -14.50 21.29
CA PRO A 450 0.21 -13.49 22.34
C PRO A 450 -0.50 -13.98 23.58
N PHE A 451 0.12 -13.71 24.74
CA PHE A 451 -0.30 -14.17 26.05
C PHE A 451 -0.37 -15.70 26.11
N GLU A 452 0.82 -16.29 26.03
CA GLU A 452 1.02 -17.71 26.20
C GLU A 452 2.03 -17.91 27.31
N ARG A 453 1.87 -18.99 28.08
CA ARG A 453 2.91 -19.44 29.00
C ARG A 453 2.93 -20.96 29.07
N ASP A 454 4.13 -21.54 28.94
CA ASP A 454 4.37 -22.97 29.09
C ASP A 454 5.51 -23.20 30.06
N ILE A 455 5.27 -24.02 31.08
CA ILE A 455 6.26 -24.28 32.13
C ILE A 455 6.92 -25.61 31.80
N SER A 456 6.20 -26.46 31.06
CA SER A 456 6.58 -27.86 30.87
C SER A 456 7.85 -27.96 30.02
N ASN A 457 8.98 -28.29 30.68
CA ASN A 457 10.30 -28.37 30.04
C ASN A 457 10.33 -29.55 29.08
N VAL A 458 10.26 -29.27 27.79
CA VAL A 458 10.31 -30.31 26.79
C VAL A 458 11.77 -30.62 26.46
N PRO A 459 12.16 -31.88 26.43
CA PRO A 459 13.44 -32.21 25.77
C PRO A 459 13.30 -32.07 24.26
N PHE A 460 13.54 -30.84 23.81
CA PHE A 460 13.21 -30.38 22.46
C PHE A 460 13.97 -31.13 21.37
N SER A 461 13.31 -31.30 20.22
CA SER A 461 13.79 -32.00 19.05
C SER A 461 13.17 -31.28 17.85
N PRO A 462 13.81 -31.29 16.67
CA PRO A 462 13.34 -30.42 15.57
C PRO A 462 11.97 -30.74 14.99
N ASP A 463 11.46 -31.97 15.13
CA ASP A 463 10.22 -32.32 14.47
C ASP A 463 9.34 -33.18 15.38
N GLY A 464 9.23 -32.80 16.66
CA GLY A 464 8.49 -33.57 17.63
C GLY A 464 9.42 -34.39 18.50
N LYS A 465 9.32 -35.73 18.40
CA LYS A 465 10.30 -36.72 18.85
C LYS A 465 10.71 -36.59 20.32
N PRO A 466 9.90 -37.04 21.28
CA PRO A 466 10.34 -37.05 22.68
C PRO A 466 11.57 -37.92 22.87
N CYS A 467 12.69 -37.28 23.18
CA CYS A 467 14.01 -37.90 23.09
C CYS A 467 14.52 -38.34 24.45
N THR A 468 15.78 -38.78 24.44
CA THR A 468 16.62 -38.94 25.63
C THR A 468 17.80 -38.00 25.47
N PRO A 469 17.90 -36.95 26.30
CA PRO A 469 19.05 -36.06 26.21
C PRO A 469 20.32 -36.79 26.68
N PRO A 470 21.50 -36.31 26.26
CA PRO A 470 21.81 -35.20 25.36
C PRO A 470 22.01 -35.60 23.92
N ALA A 471 21.12 -36.44 23.37
CA ALA A 471 21.29 -36.98 22.03
C ALA A 471 21.24 -35.86 20.99
N LEU A 472 21.82 -36.14 19.83
CA LEU A 472 21.83 -35.16 18.75
C LEU A 472 20.42 -34.96 18.23
N ASN A 473 20.09 -33.71 17.91
CA ASN A 473 18.72 -33.24 17.62
C ASN A 473 17.77 -33.53 18.76
N CYS A 474 18.27 -33.53 20.01
CA CYS A 474 17.46 -33.81 21.20
C CYS A 474 18.06 -32.99 22.33
N TYR A 475 17.58 -31.75 22.51
CA TYR A 475 18.22 -30.78 23.41
C TYR A 475 17.23 -30.32 24.48
N TRP A 476 17.71 -29.46 25.36
CA TRP A 476 16.77 -28.64 26.11
C TRP A 476 16.71 -27.23 25.51
N PRO A 477 15.61 -26.50 25.73
CA PRO A 477 15.59 -25.08 25.35
C PRO A 477 15.94 -24.13 26.47
N LEU A 478 16.15 -24.61 27.69
CA LEU A 478 16.41 -23.72 28.82
C LEU A 478 17.90 -23.39 28.94
N ASN A 479 18.17 -22.25 29.57
CA ASN A 479 19.54 -21.78 29.72
C ASN A 479 19.56 -20.78 30.88
N ASP A 480 20.72 -20.63 31.50
CA ASP A 480 20.84 -19.79 32.69
C ASP A 480 21.24 -18.37 32.31
N TYR A 481 21.37 -17.51 33.32
CA TYR A 481 21.61 -16.10 33.07
C TYR A 481 23.05 -15.70 33.37
N GLY A 482 23.56 -16.06 34.53
CA GLY A 482 24.86 -15.58 34.93
C GLY A 482 24.80 -14.12 35.33
N PHE A 483 23.91 -13.78 36.24
CA PHE A 483 23.89 -12.46 36.84
C PHE A 483 25.13 -12.32 37.72
N TYR A 484 26.12 -11.59 37.26
CA TYR A 484 27.23 -11.24 38.13
C TYR A 484 26.93 -9.93 38.85
N THR A 485 27.53 -9.77 40.03
CA THR A 485 27.51 -8.48 40.71
C THR A 485 28.36 -7.46 39.95
N THR A 486 29.57 -7.85 39.59
CA THR A 486 30.51 -6.97 38.91
C THR A 486 30.45 -7.11 37.40
N THR A 487 29.27 -7.41 36.84
CA THR A 487 29.10 -7.44 35.41
C THR A 487 28.86 -6.03 34.87
N GLY A 488 28.98 -5.88 33.57
CA GLY A 488 28.62 -4.63 32.93
C GLY A 488 27.12 -4.43 32.88
N ILE A 489 26.72 -3.35 32.21
CA ILE A 489 25.34 -2.90 32.25
C ILE A 489 24.43 -3.89 31.55
N GLY A 490 24.96 -4.61 30.56
CA GLY A 490 24.14 -5.43 29.70
C GLY A 490 23.59 -6.70 30.33
N TYR A 491 24.10 -7.11 31.48
CA TYR A 491 23.65 -8.38 32.05
C TYR A 491 22.83 -8.20 33.31
N GLN A 492 22.86 -7.02 33.91
CA GLN A 492 22.31 -6.62 35.19
C GLN A 492 20.82 -6.86 35.25
N PRO A 493 20.29 -7.32 36.38
CA PRO A 493 18.87 -7.70 36.43
C PRO A 493 17.91 -6.53 36.41
N TYR A 494 17.35 -6.28 35.23
CA TYR A 494 16.19 -5.43 35.09
C TYR A 494 14.97 -6.26 35.46
N ARG A 495 14.46 -6.02 36.66
CA ARG A 495 13.14 -6.53 37.00
C ARG A 495 12.15 -5.62 36.29
N VAL A 496 11.24 -6.24 35.55
CA VAL A 496 10.41 -5.58 34.54
C VAL A 496 8.95 -5.84 34.86
N VAL A 497 8.16 -4.78 34.82
CA VAL A 497 6.71 -4.84 34.99
C VAL A 497 6.05 -4.43 33.69
N VAL A 498 5.21 -5.32 33.16
CA VAL A 498 4.22 -5.00 32.14
C VAL A 498 2.93 -4.67 32.87
N LEU A 499 2.42 -3.46 32.72
CA LEU A 499 1.17 -3.05 33.36
C LEU A 499 0.07 -3.15 32.32
N SER A 500 -0.36 -4.37 32.02
CA SER A 500 -1.38 -4.53 31.00
C SER A 500 -2.73 -4.14 31.57
N PHE A 501 -3.49 -3.39 30.79
CA PHE A 501 -4.69 -2.72 31.28
C PHE A 501 -5.90 -3.24 30.53
N GLU A 502 -6.71 -4.02 31.23
CA GLU A 502 -8.01 -4.42 30.73
C GLU A 502 -8.96 -3.21 30.81
N LEU A 503 -9.13 -2.54 29.69
CA LEU A 503 -9.66 -1.17 29.65
C LEU A 503 -11.19 -1.21 29.56
N LEU A 504 -11.83 -0.96 30.72
CA LEU A 504 -13.28 -0.74 30.84
C LEU A 504 -14.07 -1.94 30.30
N ASN A 505 -13.52 -3.11 30.57
CA ASN A 505 -14.16 -4.37 30.22
C ASN A 505 -14.96 -4.93 31.38
N ALA A 506 -15.44 -4.07 32.26
CA ALA A 506 -16.35 -4.37 33.35
C ALA A 506 -16.92 -3.05 33.84
N PRO A 507 -17.98 -3.08 34.64
CA PRO A 507 -18.15 -2.02 35.63
C PRO A 507 -16.88 -1.94 36.48
N ALA A 508 -16.16 -0.83 36.31
CA ALA A 508 -14.74 -0.80 36.63
C ALA A 508 -14.50 -0.76 38.13
N THR A 509 -13.25 -1.04 38.50
CA THR A 509 -12.89 -1.27 39.90
C THR A 509 -11.86 -0.28 40.42
N VAL A 510 -10.75 -0.10 39.71
CA VAL A 510 -9.60 0.60 40.26
C VAL A 510 -9.52 2.00 39.67
N CYS A 511 -9.71 3.02 40.51
CA CYS A 511 -10.09 4.36 40.09
C CYS A 511 -8.95 5.36 40.23
N GLY A 512 -9.24 6.59 39.81
CA GLY A 512 -8.37 7.71 40.07
C GLY A 512 -8.71 8.34 41.40
N PRO A 513 -7.70 8.71 42.18
CA PRO A 513 -7.95 9.16 43.55
C PRO A 513 -8.61 10.52 43.67
N LYS A 514 -9.90 10.59 43.35
CA LYS A 514 -10.66 11.84 43.36
C LYS A 514 -11.81 11.74 44.34
N LEU A 515 -12.70 12.74 44.30
CA LEU A 515 -13.86 12.80 45.19
C LEU A 515 -15.12 12.94 44.37
N SER A 516 -16.16 12.21 44.77
CA SER A 516 -17.38 12.13 44.00
C SER A 516 -18.33 13.28 44.31
N THR A 517 -19.34 13.43 43.47
CA THR A 517 -20.39 14.42 43.59
C THR A 517 -21.76 13.78 43.30
N ASP A 518 -22.75 14.63 43.15
CA ASP A 518 -24.16 14.27 43.10
C ASP A 518 -24.61 13.97 41.67
N LEU A 519 -25.92 13.92 41.49
CA LEU A 519 -26.53 13.78 40.18
C LEU A 519 -27.46 14.95 39.92
N ILE A 520 -27.09 15.78 38.96
CA ILE A 520 -27.70 17.09 38.74
C ILE A 520 -28.45 17.03 37.43
N LYS A 521 -29.73 16.77 37.49
CA LYS A 521 -30.46 16.53 36.26
C LYS A 521 -30.91 17.84 35.64
N ASN A 522 -31.21 17.76 34.33
CA ASN A 522 -31.80 18.83 33.54
C ASN A 522 -30.90 20.06 33.47
N GLN A 523 -29.60 19.82 33.47
CA GLN A 523 -28.61 20.89 33.38
C GLN A 523 -27.36 20.37 32.67
N CYS A 524 -26.85 21.17 31.75
CA CYS A 524 -25.56 20.90 31.13
C CYS A 524 -24.47 20.93 32.19
N VAL A 525 -23.84 19.79 32.42
CA VAL A 525 -22.85 19.60 33.48
C VAL A 525 -21.70 18.80 32.91
N ASN A 526 -20.68 18.60 33.73
CA ASN A 526 -19.51 17.84 33.32
C ASN A 526 -19.46 16.51 34.06
N PHE A 527 -18.79 15.51 33.47
CA PHE A 527 -18.96 14.11 33.85
C PHE A 527 -17.66 13.53 34.36
N ASN A 528 -17.76 12.58 35.28
CA ASN A 528 -16.65 11.69 35.63
C ASN A 528 -17.26 10.36 36.04
N PHE A 529 -17.37 9.46 35.09
CA PHE A 529 -17.76 8.11 35.39
C PHE A 529 -16.52 7.24 35.53
N ASN A 530 -16.71 5.93 35.43
CA ASN A 530 -15.60 4.99 35.58
C ASN A 530 -14.53 5.21 34.51
N GLY A 531 -14.89 5.14 33.23
CA GLY A 531 -13.92 5.37 32.18
C GLY A 531 -14.43 6.35 31.15
N LEU A 532 -15.62 6.91 31.40
CA LEU A 532 -16.22 7.86 30.49
C LEU A 532 -16.31 9.19 31.20
N THR A 533 -16.05 10.26 30.46
CA THR A 533 -16.39 11.59 30.93
C THR A 533 -17.22 12.28 29.85
N GLY A 534 -17.45 13.58 29.99
CA GLY A 534 -18.21 14.32 29.01
C GLY A 534 -18.93 15.50 29.61
N THR A 535 -20.00 15.97 28.95
CA THR A 535 -20.69 17.18 29.37
C THR A 535 -22.06 17.21 28.72
N GLY A 536 -23.10 17.34 29.54
CA GLY A 536 -24.40 17.65 28.99
C GLY A 536 -25.52 17.57 30.01
N VAL A 537 -26.72 17.39 29.49
CA VAL A 537 -27.98 17.44 30.21
C VAL A 537 -28.42 16.02 30.54
N LEU A 538 -28.77 15.78 31.81
CA LEU A 538 -29.05 14.44 32.32
C LEU A 538 -30.53 14.29 32.73
N THR A 539 -31.08 13.11 32.46
CA THR A 539 -32.50 12.83 32.68
C THR A 539 -32.66 11.37 33.07
N PRO A 540 -33.74 11.00 33.77
CA PRO A 540 -33.93 9.58 34.10
C PRO A 540 -34.31 8.74 32.90
N SER A 541 -33.78 7.52 32.88
CA SER A 541 -33.86 6.62 31.74
C SER A 541 -35.27 6.06 31.54
N SER A 542 -35.38 5.18 30.55
CA SER A 542 -36.59 4.44 30.21
C SER A 542 -36.21 3.02 29.83
N LYS A 543 -35.40 2.37 30.65
CA LYS A 543 -34.61 1.24 30.22
C LYS A 543 -35.22 -0.12 30.51
N ARG A 544 -34.70 -1.10 29.78
CA ARG A 544 -34.68 -2.50 30.15
C ARG A 544 -33.22 -2.84 30.36
N PHE A 545 -32.55 -1.96 31.10
CA PHE A 545 -31.11 -1.98 31.25
C PHE A 545 -30.65 -3.29 31.85
N GLN A 546 -29.95 -4.07 31.05
CA GLN A 546 -29.47 -5.35 31.53
C GLN A 546 -28.37 -5.11 32.55
N PRO A 547 -28.30 -5.93 33.61
CA PRO A 547 -27.47 -5.59 34.77
C PRO A 547 -25.99 -5.66 34.51
N PHE A 548 -25.55 -6.37 33.49
CA PHE A 548 -24.15 -6.50 33.16
C PHE A 548 -23.65 -5.39 32.25
N GLN A 549 -24.35 -4.27 32.20
CA GLN A 549 -24.09 -3.22 31.24
C GLN A 549 -23.76 -1.93 31.95
N GLN A 550 -23.21 -0.99 31.20
CA GLN A 550 -23.06 0.39 31.63
C GLN A 550 -23.48 1.37 30.54
N PHE A 551 -23.36 0.97 29.28
CA PHE A 551 -23.43 1.89 28.15
C PHE A 551 -24.48 1.41 27.16
N GLY A 552 -25.15 2.36 26.50
CA GLY A 552 -26.19 1.97 25.57
C GLY A 552 -26.12 2.47 24.14
N ARG A 553 -25.55 3.67 23.93
CA ARG A 553 -25.08 4.19 22.64
C ARG A 553 -26.09 4.43 21.52
N ASP A 554 -27.31 3.87 21.63
CA ASP A 554 -28.61 4.03 20.95
C ASP A 554 -28.61 4.01 19.42
N VAL A 555 -27.47 4.33 18.80
CA VAL A 555 -27.18 4.23 17.37
C VAL A 555 -25.72 3.89 17.33
N SER A 556 -25.09 4.06 16.17
CA SER A 556 -23.64 4.09 16.08
C SER A 556 -23.01 4.98 17.14
N ASP A 557 -22.34 4.33 18.09
CA ASP A 557 -21.43 4.78 19.15
C ASP A 557 -21.72 6.13 19.81
N PHE A 558 -22.99 6.43 20.11
CA PHE A 558 -23.35 7.72 20.67
C PHE A 558 -24.03 7.55 22.00
N THR A 559 -23.29 7.81 23.09
CA THR A 559 -23.51 7.28 24.44
C THR A 559 -24.96 7.23 24.92
N ASP A 560 -25.60 8.40 25.06
CA ASP A 560 -27.04 8.61 25.24
C ASP A 560 -27.64 8.03 26.51
N SER A 561 -26.92 7.17 27.21
CA SER A 561 -27.53 6.39 28.27
C SER A 561 -26.47 5.73 29.12
N VAL A 562 -26.50 6.02 30.41
CA VAL A 562 -25.54 5.46 31.34
C VAL A 562 -26.26 5.08 32.61
N ARG A 563 -25.57 4.33 33.46
CA ARG A 563 -26.06 4.02 34.78
C ARG A 563 -24.96 4.33 35.78
N ASP A 564 -25.31 5.14 36.75
CA ASP A 564 -24.44 5.58 37.84
C ASP A 564 -23.79 4.40 38.55
N PRO A 565 -22.56 4.56 39.07
CA PRO A 565 -21.95 3.53 39.90
C PRO A 565 -22.73 3.16 41.16
N LYS A 566 -23.71 3.93 41.59
CA LYS A 566 -24.52 3.65 42.76
C LYS A 566 -25.99 3.71 42.40
N THR A 567 -26.36 2.92 41.38
CA THR A 567 -27.73 2.48 41.10
C THR A 567 -28.64 3.64 40.69
N SER A 568 -28.38 4.15 39.49
CA SER A 568 -29.28 5.12 38.88
C SER A 568 -29.15 5.08 37.36
N GLU A 569 -30.27 4.95 36.66
CA GLU A 569 -30.26 4.84 35.20
C GLU A 569 -30.65 6.18 34.60
N ILE A 570 -29.73 6.81 33.89
CA ILE A 570 -29.93 8.16 33.38
C ILE A 570 -29.56 8.24 31.90
N LEU A 571 -30.49 8.76 31.11
CA LEU A 571 -30.16 9.17 29.76
C LEU A 571 -29.34 10.45 29.79
N ASP A 572 -28.41 10.52 28.83
CA ASP A 572 -27.37 11.54 28.72
C ASP A 572 -27.55 12.21 27.37
N ILE A 573 -28.23 13.35 27.35
CA ILE A 573 -28.20 14.20 26.18
C ILE A 573 -27.02 15.14 26.44
N SER A 574 -25.81 14.64 26.14
CA SER A 574 -24.63 15.50 26.15
C SER A 574 -24.75 16.77 25.31
N PRO A 575 -25.49 16.83 24.15
CA PRO A 575 -25.72 18.16 23.59
C PRO A 575 -26.64 18.94 24.49
N CYS A 576 -26.06 19.95 25.16
CA CYS A 576 -26.80 20.76 26.11
C CYS A 576 -27.89 21.52 25.39
N SER A 577 -27.48 22.50 24.59
CA SER A 577 -28.23 23.16 23.55
C SER A 577 -27.24 24.04 22.83
N PHE A 578 -27.51 24.26 21.55
CA PHE A 578 -26.60 25.00 20.70
C PHE A 578 -27.43 25.50 19.53
N GLY A 579 -26.77 25.90 18.47
CA GLY A 579 -27.44 26.39 17.30
C GLY A 579 -26.65 27.52 16.70
N GLY A 580 -27.11 27.99 15.55
CA GLY A 580 -26.38 29.04 14.90
C GLY A 580 -27.14 30.35 14.96
N VAL A 581 -26.71 31.25 15.83
CA VAL A 581 -27.27 32.58 15.79
C VAL A 581 -26.88 33.25 14.49
N SER A 582 -27.81 34.03 13.96
CA SER A 582 -27.61 34.61 12.64
C SER A 582 -28.41 35.90 12.55
N VAL A 583 -27.75 37.03 12.74
CA VAL A 583 -28.37 38.29 13.11
C VAL A 583 -29.24 38.81 11.96
N ILE A 584 -30.45 39.23 12.29
CA ILE A 584 -31.26 40.04 11.39
C ILE A 584 -30.78 41.47 11.57
N THR A 585 -30.49 42.14 10.47
CA THR A 585 -30.09 43.53 10.68
C THR A 585 -30.86 44.45 9.75
N PRO A 586 -31.09 45.68 10.17
CA PRO A 586 -31.76 46.63 9.27
C PRO A 586 -30.87 47.08 8.12
N GLY A 587 -29.58 47.29 8.39
CA GLY A 587 -28.67 47.62 7.32
C GLY A 587 -27.71 48.77 7.56
N THR A 588 -27.68 49.30 8.79
CA THR A 588 -26.80 50.37 9.28
C THR A 588 -26.96 51.70 8.54
N ASN A 589 -27.89 51.80 7.60
CA ASN A 589 -28.27 53.07 7.00
C ASN A 589 -29.59 53.57 7.55
N ALA A 590 -30.26 52.76 8.35
CA ALA A 590 -31.53 53.13 8.93
C ALA A 590 -31.62 52.85 10.42
N SER A 591 -30.73 52.05 10.98
CA SER A 591 -30.81 51.68 12.39
C SER A 591 -29.49 51.05 12.83
N SER A 592 -29.46 50.65 14.09
CA SER A 592 -28.49 49.69 14.59
C SER A 592 -29.17 48.77 15.60
N GLU A 593 -30.46 48.49 15.40
CA GLU A 593 -31.22 47.61 16.28
C GLU A 593 -31.11 46.18 15.78
N VAL A 594 -30.37 45.36 16.50
CA VAL A 594 -30.09 44.01 16.10
C VAL A 594 -31.31 43.13 16.33
N ALA A 595 -31.23 41.89 15.85
CA ALA A 595 -32.21 40.86 16.10
C ALA A 595 -31.54 39.51 15.93
N VAL A 596 -31.65 38.67 16.95
CA VAL A 596 -30.82 37.49 17.09
C VAL A 596 -31.73 36.28 17.05
N LEU A 597 -31.28 35.22 16.38
CA LEU A 597 -32.05 34.01 16.14
C LEU A 597 -31.26 32.82 16.67
N TYR A 598 -31.39 32.54 17.97
CA TYR A 598 -30.89 31.29 18.54
C TYR A 598 -31.65 30.14 17.93
N GLN A 599 -30.93 29.14 17.39
CA GLN A 599 -31.58 28.14 16.54
C GLN A 599 -32.09 26.91 17.29
N ASP A 600 -31.20 26.02 17.72
CA ASP A 600 -31.65 24.71 18.19
C ASP A 600 -32.03 24.90 19.66
N VAL A 601 -33.17 25.56 19.87
CA VAL A 601 -33.55 26.04 21.20
C VAL A 601 -35.03 25.84 21.49
N ASN A 602 -35.43 26.27 22.68
CA ASN A 602 -36.81 26.25 23.13
C ASN A 602 -37.30 27.62 23.56
N CYS A 603 -36.40 28.60 23.59
CA CYS A 603 -36.59 29.92 24.23
C CYS A 603 -36.91 29.82 25.71
N THR A 604 -36.54 28.71 26.34
CA THR A 604 -36.81 28.53 27.75
C THR A 604 -35.53 28.27 28.51
N ASP A 605 -34.71 27.33 28.02
CA ASP A 605 -33.34 27.21 28.46
C ASP A 605 -32.52 28.42 28.05
N VAL A 606 -33.00 29.15 27.04
CA VAL A 606 -32.31 30.32 26.51
C VAL A 606 -32.22 31.39 27.56
N SER A 607 -33.36 31.84 28.09
CA SER A 607 -33.38 32.88 29.10
C SER A 607 -32.69 32.44 30.37
N THR A 608 -32.70 31.13 30.63
CA THR A 608 -31.94 30.57 31.73
C THR A 608 -30.46 30.82 31.55
N ALA A 609 -29.93 30.48 30.38
CA ALA A 609 -28.51 30.74 30.13
C ALA A 609 -28.23 32.23 29.96
N ILE A 610 -29.24 33.01 29.61
CA ILE A 610 -29.05 34.46 29.49
C ILE A 610 -28.82 35.06 30.86
N HIS A 611 -29.77 34.90 31.77
CA HIS A 611 -29.64 35.59 33.04
C HIS A 611 -28.59 34.95 33.92
N ALA A 612 -28.30 33.68 33.73
CA ALA A 612 -27.16 33.07 34.39
C ALA A 612 -25.88 33.27 33.60
N ASP A 613 -25.97 33.94 32.45
CA ASP A 613 -24.82 34.38 31.64
C ASP A 613 -24.02 33.19 31.15
N GLN A 614 -24.75 32.15 30.74
CA GLN A 614 -24.15 30.87 30.40
C GLN A 614 -24.08 30.62 28.91
N LEU A 615 -24.25 31.65 28.08
CA LEU A 615 -24.09 31.55 26.63
C LEU A 615 -22.66 31.89 26.23
N THR A 616 -22.24 31.38 25.08
CA THR A 616 -20.93 31.73 24.56
C THR A 616 -20.83 33.14 23.96
N PRO A 617 -21.78 33.66 23.10
CA PRO A 617 -21.48 35.01 22.57
C PRO A 617 -21.80 36.11 23.58
N ALA A 618 -20.99 36.14 24.64
CA ALA A 618 -21.32 36.86 25.86
C ALA A 618 -21.26 38.36 25.61
N TRP A 619 -22.40 39.00 25.66
CA TRP A 619 -22.45 40.40 25.31
C TRP A 619 -22.30 41.29 26.52
N ARG A 620 -21.69 42.44 26.29
CA ARG A 620 -21.78 43.52 27.25
C ARG A 620 -23.13 44.19 27.22
N ILE A 621 -23.62 44.53 26.03
CA ILE A 621 -24.83 45.30 25.89
C ILE A 621 -25.90 44.45 25.22
N TYR A 622 -26.72 43.78 26.03
CA TYR A 622 -27.80 42.96 25.50
C TYR A 622 -28.74 42.60 26.64
N SER A 623 -30.03 42.61 26.38
CA SER A 623 -31.04 42.45 27.41
C SER A 623 -32.20 41.59 26.92
N THR A 624 -32.76 40.81 27.84
CA THR A 624 -33.97 40.02 27.59
C THR A 624 -35.11 41.02 27.52
N GLY A 625 -35.32 41.62 26.36
CA GLY A 625 -36.40 42.57 26.21
C GLY A 625 -37.71 41.85 25.95
N ASN A 626 -37.64 40.92 25.02
CA ASN A 626 -38.82 40.27 24.49
C ASN A 626 -38.41 38.93 23.92
N ASN A 627 -39.35 38.02 23.79
CA ASN A 627 -39.03 36.68 23.30
C ASN A 627 -40.24 36.13 22.58
N VAL A 628 -40.32 36.39 21.29
CA VAL A 628 -41.25 35.69 20.42
C VAL A 628 -40.76 34.28 20.26
N PHE A 629 -41.61 33.31 20.55
CA PHE A 629 -41.18 31.93 20.32
C PHE A 629 -42.30 31.14 19.67
N GLN A 630 -41.99 30.62 18.48
CA GLN A 630 -42.52 29.37 17.97
C GLN A 630 -41.45 28.90 17.00
N THR A 631 -41.71 27.78 16.31
CA THR A 631 -40.88 27.25 15.23
C THR A 631 -39.48 26.98 15.74
N GLN A 632 -39.28 25.82 16.39
CA GLN A 632 -38.27 25.53 17.40
C GLN A 632 -36.82 25.77 16.98
N ALA A 633 -36.61 26.17 15.72
CA ALA A 633 -35.53 27.09 15.36
C ALA A 633 -35.60 28.39 16.14
N GLY A 634 -36.77 28.75 16.70
CA GLY A 634 -36.81 29.19 18.08
C GLY A 634 -36.88 30.65 18.44
N CYS A 635 -35.83 31.12 19.13
CA CYS A 635 -35.83 32.42 19.76
C CYS A 635 -35.66 33.54 18.76
N LEU A 636 -36.35 34.64 19.01
CA LEU A 636 -36.21 35.83 18.19
C LEU A 636 -36.22 37.02 19.13
N ILE A 637 -35.06 37.38 19.62
CA ILE A 637 -34.94 38.44 20.61
C ILE A 637 -34.86 39.74 19.83
N GLY A 638 -35.52 40.78 20.32
CA GLY A 638 -35.54 42.03 19.62
C GLY A 638 -36.58 42.08 18.55
N ALA A 639 -37.67 41.35 18.71
CA ALA A 639 -38.81 41.47 17.82
C ALA A 639 -40.07 41.27 18.65
N GLU A 640 -41.20 41.54 18.03
CA GLU A 640 -42.47 41.44 18.70
C GLU A 640 -43.39 40.62 17.80
N HIS A 641 -44.38 39.98 18.41
CA HIS A 641 -45.41 39.35 17.60
C HIS A 641 -46.18 40.40 16.86
N VAL A 642 -46.40 40.15 15.58
CA VAL A 642 -47.28 40.96 14.76
C VAL A 642 -48.20 39.99 14.05
N ASP A 643 -49.50 40.21 14.17
CA ASP A 643 -50.42 39.38 13.42
C ASP A 643 -50.55 39.83 11.97
N THR A 644 -50.40 41.12 11.72
CA THR A 644 -50.68 41.67 10.41
C THR A 644 -49.54 41.31 9.47
N SER A 645 -49.78 40.30 8.65
CA SER A 645 -48.74 39.68 7.85
C SER A 645 -48.38 40.59 6.69
N TYR A 646 -47.14 41.05 6.69
CA TYR A 646 -46.64 41.90 5.62
C TYR A 646 -45.83 41.03 4.67
N GLU A 647 -45.14 41.67 3.76
CA GLU A 647 -44.62 41.06 2.55
C GLU A 647 -43.31 40.26 2.75
N CYS A 648 -42.93 39.90 3.97
CA CYS A 648 -41.86 38.95 4.30
C CYS A 648 -40.52 39.39 3.71
N ASP A 649 -40.00 40.46 4.30
CA ASP A 649 -38.78 41.05 3.78
C ASP A 649 -37.57 40.18 4.11
N ILE A 650 -37.53 39.62 5.31
CA ILE A 650 -36.40 38.82 5.77
C ILE A 650 -36.93 37.51 6.34
N PRO A 651 -36.42 36.37 5.90
CA PRO A 651 -36.98 35.07 6.32
C PRO A 651 -36.49 34.48 7.63
N ILE A 652 -37.12 34.78 8.78
CA ILE A 652 -36.65 34.31 10.08
C ILE A 652 -37.18 32.94 10.51
N GLY A 653 -36.31 31.95 10.54
CA GLY A 653 -36.60 30.70 11.21
C GLY A 653 -37.41 29.67 10.44
N ALA A 654 -38.75 29.77 10.44
CA ALA A 654 -39.55 28.79 9.68
C ALA A 654 -40.85 29.46 9.27
N GLY A 655 -40.85 30.08 8.10
CA GLY A 655 -42.04 30.85 7.70
C GLY A 655 -42.19 32.23 8.28
N ILE A 656 -41.72 32.42 9.51
CA ILE A 656 -41.82 33.69 10.20
C ILE A 656 -40.88 34.71 9.54
N CYS A 657 -41.32 35.96 9.47
CA CYS A 657 -40.59 36.98 8.72
C CYS A 657 -40.60 38.31 9.46
N ALA A 658 -39.86 39.28 8.90
CA ALA A 658 -39.59 40.57 9.53
C ALA A 658 -39.81 41.75 8.57
N SER A 659 -39.55 42.94 9.11
CA SER A 659 -39.55 44.23 8.41
C SER A 659 -38.95 45.28 9.34
N TYR A 660 -38.86 46.52 8.84
CA TYR A 660 -38.58 47.75 9.61
C TYR A 660 -37.24 47.80 10.31
N ILE A 674 -38.02 46.08 15.08
CA ILE A 674 -38.32 45.28 13.90
C ILE A 674 -39.40 44.27 14.23
N VAL A 675 -40.25 44.03 13.28
CA VAL A 675 -41.41 43.19 13.51
C VAL A 675 -41.04 41.74 13.31
N ALA A 676 -41.92 40.84 13.75
CA ALA A 676 -41.82 39.43 13.37
C ALA A 676 -43.24 38.91 13.18
N TYR A 677 -43.75 39.04 11.97
CA TYR A 677 -45.03 38.42 11.66
C TYR A 677 -44.75 37.05 11.10
N THR A 678 -45.78 36.34 10.66
CA THR A 678 -45.42 35.09 10.05
C THR A 678 -45.03 35.31 8.61
N MET A 679 -46.02 35.48 7.74
CA MET A 679 -45.80 35.75 6.33
C MET A 679 -47.13 36.07 5.66
N SER A 680 -47.21 37.16 4.92
CA SER A 680 -48.27 37.27 3.94
C SER A 680 -47.89 36.34 2.82
N LEU A 681 -48.57 35.21 2.75
CA LEU A 681 -48.37 34.26 1.68
C LEU A 681 -48.95 34.76 0.36
N GLY A 682 -49.64 35.87 0.40
CA GLY A 682 -50.44 36.36 -0.69
C GLY A 682 -51.67 36.97 -0.07
N ALA A 683 -52.24 37.93 -0.79
CA ALA A 683 -53.53 38.48 -0.40
C ALA A 683 -54.56 37.42 -0.72
N ASP A 684 -55.40 37.09 0.25
CA ASP A 684 -56.44 36.11 -0.01
C ASP A 684 -57.47 36.74 -0.94
N SER A 685 -58.05 35.95 -1.83
CA SER A 685 -58.97 36.51 -2.78
C SER A 685 -60.33 35.88 -2.65
N SER A 686 -61.32 36.74 -2.45
CA SER A 686 -62.70 36.36 -2.70
C SER A 686 -62.87 36.28 -4.20
N ILE A 687 -63.25 35.12 -4.69
CA ILE A 687 -63.36 34.89 -6.12
C ILE A 687 -64.52 33.94 -6.38
N ALA A 688 -65.45 34.41 -7.20
CA ALA A 688 -66.75 33.77 -7.35
C ALA A 688 -66.86 33.21 -8.76
N TYR A 689 -66.46 31.96 -8.93
CA TYR A 689 -66.45 31.43 -10.29
C TYR A 689 -67.80 30.82 -10.58
N SER A 690 -68.72 31.70 -10.89
CA SER A 690 -69.88 31.39 -11.67
C SER A 690 -69.44 31.17 -13.10
N ASN A 691 -70.38 30.70 -13.91
CA ASN A 691 -70.00 30.13 -15.18
C ASN A 691 -70.03 31.16 -16.28
N ASN A 692 -71.15 31.85 -16.42
CA ASN A 692 -71.48 32.52 -17.68
C ASN A 692 -70.70 33.81 -17.88
N THR A 693 -70.66 34.67 -16.87
CA THR A 693 -70.04 35.96 -17.07
C THR A 693 -68.54 35.78 -17.13
N ILE A 694 -67.92 36.50 -18.05
CA ILE A 694 -66.55 36.22 -18.47
C ILE A 694 -65.83 37.53 -18.69
N ALA A 695 -64.63 37.63 -18.11
CA ALA A 695 -63.83 38.85 -18.18
C ALA A 695 -62.85 38.82 -19.35
N ILE A 696 -62.60 39.99 -19.91
CA ILE A 696 -61.52 40.21 -20.87
C ILE A 696 -60.78 41.47 -20.44
N PRO A 697 -59.47 41.42 -20.24
CA PRO A 697 -58.72 42.67 -20.03
C PRO A 697 -58.71 43.52 -21.29
N THR A 698 -59.03 44.80 -21.13
CA THR A 698 -59.28 45.70 -22.25
C THR A 698 -58.34 46.88 -22.30
N ASN A 699 -57.36 46.96 -21.42
CA ASN A 699 -56.27 47.89 -21.60
C ASN A 699 -55.07 47.27 -20.90
N PHE A 700 -53.89 47.51 -21.43
CA PHE A 700 -52.74 46.79 -20.94
C PHE A 700 -51.67 47.77 -20.52
N SER A 701 -50.49 47.22 -20.28
CA SER A 701 -49.27 48.00 -20.17
C SER A 701 -48.20 47.24 -20.91
N ILE A 702 -47.03 47.87 -21.04
CA ILE A 702 -45.85 47.22 -21.59
C ILE A 702 -44.76 47.34 -20.54
N SER A 703 -44.66 46.34 -19.70
CA SER A 703 -43.69 46.35 -18.60
C SER A 703 -42.36 46.00 -19.23
N ILE A 704 -41.38 46.88 -19.05
CA ILE A 704 -40.02 46.47 -19.34
C ILE A 704 -39.44 45.93 -18.06
N THR A 705 -38.74 44.81 -18.14
CA THR A 705 -38.23 44.15 -16.95
C THR A 705 -36.77 43.78 -17.10
N THR A 706 -36.01 43.96 -16.03
CA THR A 706 -34.63 43.53 -15.98
C THR A 706 -34.54 42.02 -15.95
N GLU A 707 -33.37 41.51 -16.32
CA GLU A 707 -33.01 40.12 -16.03
C GLU A 707 -31.50 39.98 -15.98
N VAL A 708 -31.01 39.46 -14.86
CA VAL A 708 -29.60 39.49 -14.53
C VAL A 708 -29.06 38.08 -14.68
N MET A 709 -28.32 37.82 -15.76
CA MET A 709 -27.85 36.48 -16.07
C MET A 709 -26.34 36.53 -16.18
N PRO A 710 -25.60 35.68 -15.49
CA PRO A 710 -24.16 35.67 -15.68
C PRO A 710 -23.82 34.97 -16.98
N VAL A 711 -22.62 35.21 -17.51
CA VAL A 711 -22.10 34.36 -18.57
C VAL A 711 -20.74 33.81 -18.27
N SER A 712 -19.95 34.49 -17.44
CA SER A 712 -18.60 34.04 -17.21
C SER A 712 -18.08 34.71 -15.98
N MET A 713 -17.58 33.91 -15.06
CA MET A 713 -16.87 34.44 -13.93
C MET A 713 -15.55 35.02 -14.39
N ALA A 714 -14.84 35.62 -13.46
CA ALA A 714 -13.55 36.21 -13.76
C ALA A 714 -12.56 35.11 -14.13
N LYS A 715 -11.80 35.38 -15.19
CA LYS A 715 -10.86 34.39 -15.72
C LYS A 715 -9.65 34.31 -14.81
N THR A 716 -9.74 33.55 -13.75
CA THR A 716 -8.62 33.50 -12.84
C THR A 716 -7.66 32.43 -13.28
N SER A 717 -6.43 32.54 -12.81
CA SER A 717 -5.40 31.56 -13.11
C SER A 717 -4.29 31.65 -12.08
N VAL A 718 -3.56 30.55 -11.95
CA VAL A 718 -2.64 30.34 -10.83
C VAL A 718 -1.33 29.79 -11.37
N ASP A 719 -0.22 30.33 -10.89
CA ASP A 719 1.02 29.56 -10.92
C ASP A 719 1.04 28.72 -9.66
N CYS A 720 0.75 27.44 -9.84
CA CYS A 720 0.90 26.46 -8.79
C CYS A 720 2.34 26.31 -8.32
N ASN A 721 3.31 26.57 -9.18
CA ASN A 721 4.66 26.76 -8.68
C ASN A 721 4.95 28.18 -8.27
N MET A 722 3.93 29.01 -8.03
CA MET A 722 4.11 30.20 -7.21
C MET A 722 3.04 30.39 -6.15
N TYR A 723 1.82 29.85 -6.30
CA TYR A 723 0.87 29.89 -5.19
C TYR A 723 1.38 29.05 -4.04
N ILE A 724 1.35 27.74 -4.23
CA ILE A 724 2.31 26.91 -3.57
C ILE A 724 3.66 27.36 -4.07
N CYS A 725 4.61 27.52 -3.15
CA CYS A 725 6.02 27.59 -3.47
C CYS A 725 6.33 28.83 -4.30
N GLY A 726 6.25 29.98 -3.64
CA GLY A 726 6.53 31.29 -4.20
C GLY A 726 7.78 31.28 -5.05
N ASP A 727 8.94 31.10 -4.41
CA ASP A 727 10.01 30.20 -4.85
C ASP A 727 11.09 30.24 -3.79
N SER A 728 11.67 29.09 -3.40
CA SER A 728 13.02 29.27 -2.91
C SER A 728 14.05 28.46 -3.70
N THR A 729 14.26 27.19 -3.35
CA THR A 729 14.91 26.21 -4.21
C THR A 729 14.30 24.83 -4.06
N GLU A 730 14.16 24.42 -2.80
CA GLU A 730 13.82 23.06 -2.40
C GLU A 730 12.46 22.67 -2.90
N CYS A 731 11.60 23.66 -2.94
CA CYS A 731 10.18 23.43 -2.90
C CYS A 731 9.62 23.03 -4.26
N ALA A 732 10.29 23.41 -5.34
CA ALA A 732 9.91 22.89 -6.64
C ALA A 732 10.14 21.39 -6.71
N ASN A 733 11.27 20.93 -6.19
CA ASN A 733 11.54 19.50 -6.10
C ASN A 733 10.55 18.83 -5.16
N LEU A 734 10.13 19.55 -4.14
CA LEU A 734 9.16 18.99 -3.22
C LEU A 734 7.77 18.92 -3.82
N LEU A 735 7.43 19.83 -4.73
CA LEU A 735 6.23 19.63 -5.53
C LEU A 735 6.38 18.42 -6.43
N LEU A 736 7.53 18.28 -7.07
CA LEU A 736 7.71 17.20 -8.03
C LEU A 736 7.83 15.86 -7.36
N GLN A 737 8.02 15.85 -6.05
CA GLN A 737 7.71 14.67 -5.26
C GLN A 737 6.27 14.25 -5.39
N TYR A 738 5.34 15.17 -5.60
CA TYR A 738 3.95 14.80 -5.85
C TYR A 738 3.63 14.81 -7.34
N GLY A 739 4.64 14.80 -8.19
CA GLY A 739 4.36 14.62 -9.59
C GLY A 739 3.78 15.82 -10.31
N SER A 740 2.70 15.59 -11.04
CA SER A 740 2.24 16.50 -12.09
C SER A 740 1.12 17.40 -11.60
N PHE A 741 1.16 17.77 -10.33
CA PHE A 741 -0.04 18.32 -9.73
C PHE A 741 -0.27 19.74 -10.18
N CYS A 742 0.82 20.49 -10.29
CA CYS A 742 0.78 21.81 -10.92
C CYS A 742 0.23 21.72 -12.33
N THR A 743 0.60 20.65 -13.05
CA THR A 743 0.11 20.48 -14.40
C THR A 743 -1.38 20.20 -14.42
N GLN A 744 -1.86 19.43 -13.45
CA GLN A 744 -3.29 19.13 -13.38
C GLN A 744 -4.09 20.38 -13.07
N LEU A 745 -3.60 21.19 -12.14
CA LEU A 745 -4.29 22.40 -11.74
C LEU A 745 -4.38 23.36 -12.89
N ASN A 746 -3.28 23.51 -13.61
CA ASN A 746 -3.30 24.46 -14.70
C ASN A 746 -4.09 23.93 -15.87
N ARG A 747 -4.08 22.60 -16.08
CA ARG A 747 -4.98 21.97 -17.03
C ARG A 747 -6.42 22.32 -16.73
N ALA A 748 -6.80 22.16 -15.46
CA ALA A 748 -8.17 22.43 -15.05
C ALA A 748 -8.53 23.89 -15.28
N LEU A 749 -7.74 24.80 -14.74
CA LEU A 749 -8.07 26.23 -14.79
C LEU A 749 -7.97 26.76 -16.20
N SER A 750 -7.09 26.20 -17.00
CA SER A 750 -7.00 26.56 -18.39
C SER A 750 -8.25 26.16 -19.13
N GLY A 751 -8.67 24.90 -18.94
CA GLY A 751 -9.90 24.45 -19.57
C GLY A 751 -11.09 25.25 -19.11
N ILE A 752 -11.10 25.64 -17.84
CA ILE A 752 -12.09 26.55 -17.28
C ILE A 752 -12.10 27.86 -18.03
N ALA A 753 -10.92 28.43 -18.20
CA ALA A 753 -10.79 29.69 -18.90
C ALA A 753 -11.29 29.56 -20.33
N ALA A 754 -10.96 28.45 -20.96
CA ALA A 754 -11.42 28.17 -22.30
C ALA A 754 -12.92 28.03 -22.34
N GLU A 755 -13.48 27.49 -21.27
CA GLU A 755 -14.94 27.40 -21.21
C GLU A 755 -15.54 28.77 -21.07
N GLN A 756 -14.85 29.68 -20.39
CA GLN A 756 -15.39 31.02 -20.29
C GLN A 756 -15.32 31.74 -21.62
N ASP A 757 -14.26 31.45 -22.37
CA ASP A 757 -14.16 31.97 -23.73
C ASP A 757 -15.32 31.47 -24.55
N ARG A 758 -15.57 30.16 -24.47
CA ARG A 758 -16.72 29.54 -25.11
C ARG A 758 -18.01 30.16 -24.70
N ASN A 759 -18.12 30.48 -23.42
CA ASN A 759 -19.31 31.13 -22.94
C ASN A 759 -19.49 32.45 -23.64
N THR A 760 -18.41 33.19 -23.76
CA THR A 760 -18.48 34.48 -24.37
C THR A 760 -18.76 34.36 -25.87
N ARG A 761 -18.27 33.28 -26.48
CA ARG A 761 -18.55 33.05 -27.91
C ARG A 761 -19.98 32.64 -28.12
N GLU A 762 -20.35 31.46 -27.60
CA GLU A 762 -21.64 30.86 -27.89
C GLU A 762 -22.78 31.66 -27.30
N VAL A 763 -22.54 32.31 -26.18
CA VAL A 763 -23.43 33.37 -25.76
C VAL A 763 -23.38 34.51 -26.76
N PHE A 764 -22.20 34.93 -27.16
CA PHE A 764 -22.16 36.24 -27.77
C PHE A 764 -21.94 36.22 -29.27
N ALA A 765 -21.04 35.39 -29.78
CA ALA A 765 -20.64 35.48 -31.19
C ALA A 765 -21.67 34.80 -32.11
N GLN A 766 -22.92 35.16 -31.92
CA GLN A 766 -24.02 34.43 -32.51
C GLN A 766 -24.40 34.92 -33.89
N VAL A 767 -23.88 36.06 -34.33
CA VAL A 767 -24.18 36.58 -35.65
C VAL A 767 -22.88 36.99 -36.31
N LYS A 768 -22.60 36.38 -37.47
CA LYS A 768 -21.54 36.86 -38.34
C LYS A 768 -21.87 38.24 -38.87
N GLN A 769 -23.04 38.36 -39.48
CA GLN A 769 -23.44 39.49 -40.31
C GLN A 769 -23.70 40.68 -39.39
N MET A 770 -22.62 41.35 -39.01
CA MET A 770 -22.73 42.53 -38.17
C MET A 770 -23.13 43.74 -39.00
N TYR A 771 -23.90 44.62 -38.40
CA TYR A 771 -24.40 45.73 -39.19
C TYR A 771 -23.76 47.03 -38.73
N LYS A 772 -24.05 48.10 -39.46
CA LYS A 772 -23.78 49.44 -39.00
C LYS A 772 -24.83 49.84 -37.96
N THR A 773 -24.40 50.53 -36.92
CA THR A 773 -25.33 51.21 -36.03
C THR A 773 -26.08 52.27 -36.83
N PRO A 774 -27.38 52.08 -37.11
CA PRO A 774 -28.02 52.90 -38.16
C PRO A 774 -28.38 54.30 -37.72
N THR A 775 -28.57 54.54 -36.42
CA THR A 775 -28.71 55.87 -35.79
C THR A 775 -29.82 56.73 -36.35
N LEU A 776 -30.80 56.12 -37.03
CA LEU A 776 -32.04 56.84 -37.32
C LEU A 776 -32.75 57.18 -36.02
N LYS A 777 -32.78 56.20 -35.11
CA LYS A 777 -33.11 56.37 -33.70
C LYS A 777 -34.54 56.83 -33.46
N TYR A 778 -35.38 56.65 -34.47
CA TYR A 778 -36.79 56.99 -34.37
C TYR A 778 -37.48 56.24 -35.49
N PHE A 779 -38.43 55.39 -35.14
CA PHE A 779 -38.99 54.42 -36.08
C PHE A 779 -40.49 54.41 -35.88
N GLY A 780 -41.21 55.14 -36.72
CA GLY A 780 -42.61 55.37 -36.50
C GLY A 780 -42.77 56.38 -35.39
N GLY A 781 -42.57 55.94 -34.15
CA GLY A 781 -42.53 56.84 -33.03
C GLY A 781 -41.54 56.40 -31.97
N PHE A 782 -40.75 55.37 -32.29
CA PHE A 782 -40.27 54.45 -31.27
C PHE A 782 -38.77 54.65 -31.14
N ASN A 783 -38.37 55.44 -30.16
CA ASN A 783 -36.98 55.84 -30.09
C ASN A 783 -36.20 54.97 -29.10
N PHE A 784 -35.01 54.59 -29.52
CA PHE A 784 -34.10 53.74 -28.76
C PHE A 784 -33.08 54.55 -28.01
N SER A 785 -33.51 55.67 -27.46
CA SER A 785 -32.64 56.61 -26.78
C SER A 785 -31.89 55.90 -25.67
N GLN A 786 -30.57 55.90 -25.81
CA GLN A 786 -29.57 55.33 -24.91
C GLN A 786 -29.61 53.81 -24.86
N ILE A 787 -30.61 53.18 -25.46
CA ILE A 787 -30.57 51.77 -25.78
C ILE A 787 -29.44 51.48 -26.71
N LEU A 788 -29.44 52.12 -27.84
CA LEU A 788 -28.28 52.09 -28.70
C LEU A 788 -27.15 52.90 -28.09
N PRO A 789 -25.93 52.66 -28.55
CA PRO A 789 -24.89 53.68 -28.46
C PRO A 789 -25.21 54.82 -29.41
N ASP A 790 -24.55 55.94 -29.15
CA ASP A 790 -24.76 57.15 -29.89
C ASP A 790 -23.40 57.65 -30.37
N PRO A 791 -23.12 57.61 -31.68
CA PRO A 791 -21.73 57.64 -32.14
C PRO A 791 -21.04 58.97 -31.98
N LEU A 792 -21.75 60.02 -31.62
CA LEU A 792 -21.09 61.29 -31.39
C LEU A 792 -20.49 61.36 -29.99
N LYS A 793 -20.72 60.34 -29.18
CA LYS A 793 -19.98 60.20 -27.94
C LYS A 793 -18.56 59.73 -28.22
N PRO A 794 -17.63 59.91 -27.27
CA PRO A 794 -16.30 59.31 -27.45
C PRO A 794 -16.31 57.81 -27.57
N THR A 795 -16.81 57.09 -26.58
CA THR A 795 -16.95 55.66 -26.76
C THR A 795 -18.21 55.37 -27.56
N LYS A 796 -18.23 54.21 -28.19
CA LYS A 796 -19.44 53.72 -28.82
C LYS A 796 -20.22 52.78 -27.91
N ARG A 797 -20.26 53.08 -26.62
CA ARG A 797 -21.06 52.33 -25.66
C ARG A 797 -22.45 52.93 -25.60
N SER A 798 -23.42 52.09 -25.24
CA SER A 798 -24.70 52.68 -24.95
C SER A 798 -24.65 53.23 -23.55
N PHE A 799 -25.55 54.16 -23.28
CA PHE A 799 -25.50 54.89 -22.03
C PHE A 799 -25.89 53.99 -20.87
N ILE A 800 -26.76 53.03 -21.13
CA ILE A 800 -27.25 52.16 -20.08
C ILE A 800 -26.15 51.24 -19.60
N GLU A 801 -25.30 50.77 -20.53
CA GLU A 801 -24.11 49.98 -20.18
C GLU A 801 -23.24 50.71 -19.19
N ASP A 802 -23.08 52.00 -19.42
CA ASP A 802 -22.21 52.82 -18.61
C ASP A 802 -22.81 53.05 -17.24
N LEU A 803 -24.14 53.22 -17.19
CA LEU A 803 -24.86 53.19 -15.93
C LEU A 803 -24.58 51.91 -15.17
N LEU A 804 -24.60 50.79 -15.88
CA LEU A 804 -24.36 49.51 -15.26
C LEU A 804 -22.94 49.40 -14.75
N PHE A 805 -22.00 49.97 -15.50
CA PHE A 805 -20.60 49.92 -15.12
C PHE A 805 -20.37 50.67 -13.83
N ASN A 806 -20.94 51.85 -13.75
CA ASN A 806 -20.76 52.68 -12.57
C ASN A 806 -21.56 52.14 -11.41
N LYS A 807 -22.64 51.41 -11.72
CA LYS A 807 -23.48 50.85 -10.68
C LYS A 807 -22.77 49.67 -10.00
N VAL A 808 -22.14 48.81 -10.79
CA VAL A 808 -21.48 47.64 -10.24
C VAL A 808 -20.17 48.06 -9.62
N THR A 809 -20.02 47.79 -8.33
CA THR A 809 -18.74 48.04 -7.69
C THR A 809 -17.76 46.94 -8.06
N LEU A 810 -16.50 47.21 -7.81
CA LEU A 810 -15.47 46.21 -7.96
C LEU A 810 -14.64 46.21 -6.70
N ALA A 811 -15.00 45.33 -5.77
CA ALA A 811 -14.58 45.39 -4.38
C ALA A 811 -13.08 45.24 -4.17
N ILE A 832 0.61 49.61 -18.61
CA ILE A 832 0.80 49.10 -17.26
C ILE A 832 0.23 47.70 -17.17
N CYS A 833 0.53 46.99 -16.08
CA CYS A 833 0.17 45.60 -15.98
C CYS A 833 -0.35 45.25 -14.59
N ALA A 834 -1.41 44.43 -14.56
CA ALA A 834 -1.88 43.84 -13.32
C ALA A 834 -0.89 42.78 -12.83
N GLN A 835 -0.17 43.10 -11.77
CA GLN A 835 0.97 42.28 -11.38
C GLN A 835 0.96 42.11 -9.87
N LYS A 836 0.43 40.97 -9.43
CA LYS A 836 0.48 40.55 -8.03
C LYS A 836 1.74 39.69 -7.88
N PHE A 837 2.03 39.23 -6.66
CA PHE A 837 2.73 37.97 -6.56
C PHE A 837 2.05 37.00 -5.61
N ASN A 838 0.73 37.07 -5.56
CA ASN A 838 -0.01 35.99 -4.94
C ASN A 838 -0.08 34.77 -5.85
N GLY A 839 0.53 34.85 -7.03
CA GLY A 839 0.50 33.79 -7.99
C GLY A 839 -0.75 33.82 -8.82
N LEU A 840 -1.57 34.82 -8.64
CA LEU A 840 -2.91 34.79 -9.16
C LEU A 840 -3.03 35.80 -10.25
N THR A 841 -3.96 35.54 -11.14
CA THR A 841 -4.23 36.55 -12.14
C THR A 841 -5.67 36.48 -12.55
N VAL A 842 -6.28 37.65 -12.55
CA VAL A 842 -7.51 37.87 -13.26
C VAL A 842 -7.05 38.15 -14.68
N LEU A 843 -6.94 37.10 -15.49
CA LEU A 843 -6.53 37.32 -16.86
C LEU A 843 -7.62 38.06 -17.62
N PRO A 844 -7.25 38.93 -18.55
CA PRO A 844 -8.24 39.61 -19.36
C PRO A 844 -8.93 38.61 -20.28
N PRO A 845 -10.09 38.96 -20.85
CA PRO A 845 -10.80 38.00 -21.68
C PRO A 845 -10.13 37.86 -23.02
N LEU A 846 -10.69 37.01 -23.85
CA LEU A 846 -10.56 37.29 -25.26
C LEU A 846 -11.39 38.50 -25.60
N LEU A 847 -12.69 38.40 -25.38
CA LEU A 847 -13.60 39.28 -26.08
C LEU A 847 -13.60 40.63 -25.38
N THR A 848 -12.97 41.59 -26.05
CA THR A 848 -12.69 42.89 -25.47
C THR A 848 -14.00 43.63 -25.25
N ASP A 849 -14.00 44.47 -24.22
CA ASP A 849 -15.24 45.01 -23.68
C ASP A 849 -15.94 45.93 -24.66
N ASP A 850 -15.17 46.68 -25.44
CA ASP A 850 -15.74 47.38 -26.58
C ASP A 850 -16.33 46.41 -27.57
N MET A 851 -15.65 45.30 -27.83
CA MET A 851 -16.18 44.36 -28.80
C MET A 851 -17.36 43.61 -28.23
N ILE A 852 -17.35 43.40 -26.92
CA ILE A 852 -18.52 42.91 -26.22
C ILE A 852 -19.69 43.81 -26.52
N ALA A 853 -19.49 45.10 -26.28
CA ALA A 853 -20.51 46.09 -26.50
C ALA A 853 -20.89 46.18 -27.95
N ALA A 854 -19.93 45.95 -28.84
CA ALA A 854 -20.18 46.06 -30.27
C ALA A 854 -21.06 44.92 -30.73
N TYR A 855 -20.80 43.72 -30.22
CA TYR A 855 -21.65 42.57 -30.54
C TYR A 855 -23.05 42.78 -30.01
N THR A 856 -23.15 43.18 -28.75
CA THR A 856 -24.45 43.39 -28.14
C THR A 856 -25.24 44.46 -28.85
N ALA A 857 -24.59 45.59 -29.10
CA ALA A 857 -25.24 46.71 -29.75
C ALA A 857 -25.56 46.39 -31.19
N ALA A 858 -24.74 45.57 -31.84
CA ALA A 858 -25.04 45.14 -33.19
C ALA A 858 -26.29 44.29 -33.21
N LEU A 859 -26.44 43.45 -32.19
CA LEU A 859 -27.65 42.66 -32.08
C LEU A 859 -28.85 43.54 -31.77
N VAL A 860 -28.63 44.57 -30.97
CA VAL A 860 -29.67 45.55 -30.70
C VAL A 860 -30.15 46.18 -31.99
N SER A 861 -29.20 46.56 -32.84
CA SER A 861 -29.52 47.21 -34.10
C SER A 861 -30.26 46.25 -35.02
N GLY A 862 -29.62 45.14 -35.35
CA GLY A 862 -30.19 44.15 -36.25
C GLY A 862 -31.38 43.42 -35.70
N THR A 863 -31.70 43.61 -34.44
CA THR A 863 -32.94 43.09 -33.91
C THR A 863 -34.02 44.15 -33.99
N ALA A 864 -33.65 45.39 -33.68
CA ALA A 864 -34.54 46.52 -33.86
C ALA A 864 -34.76 46.79 -35.33
N THR A 865 -33.77 46.54 -36.14
CA THR A 865 -33.92 46.61 -37.57
C THR A 865 -33.99 45.19 -38.12
N ALA A 866 -33.87 45.06 -39.43
CA ALA A 866 -33.22 43.92 -40.06
C ALA A 866 -34.00 42.63 -39.91
N GLY A 867 -35.30 42.71 -39.72
CA GLY A 867 -36.12 41.55 -39.88
C GLY A 867 -36.29 40.73 -38.62
N TRP A 868 -37.55 40.40 -38.36
CA TRP A 868 -37.90 39.30 -37.46
C TRP A 868 -37.22 38.03 -37.91
N THR A 869 -37.24 37.75 -39.21
CA THR A 869 -36.34 36.78 -39.79
C THR A 869 -34.91 37.26 -39.56
N PHE A 870 -34.20 36.51 -38.74
CA PHE A 870 -33.00 36.99 -38.13
C PHE A 870 -32.26 35.78 -37.60
N GLY A 871 -31.12 35.43 -38.21
CA GLY A 871 -30.61 34.09 -38.01
C GLY A 871 -30.28 33.40 -39.30
N ALA A 872 -31.08 32.39 -39.69
CA ALA A 872 -30.96 31.76 -41.00
C ALA A 872 -31.35 32.79 -42.06
N GLY A 873 -30.32 33.27 -42.76
CA GLY A 873 -30.38 34.45 -43.58
C GLY A 873 -29.48 35.50 -42.97
N ALA A 874 -29.74 36.76 -43.29
CA ALA A 874 -29.15 37.86 -42.53
C ALA A 874 -30.21 38.80 -42.00
N ALA A 875 -31.08 39.27 -42.88
CA ALA A 875 -31.98 40.39 -42.65
C ALA A 875 -32.78 40.52 -43.93
N LEU A 876 -33.95 41.13 -43.83
CA LEU A 876 -34.77 41.26 -45.03
C LEU A 876 -35.46 42.62 -45.13
N GLN A 877 -34.87 43.66 -44.54
CA GLN A 877 -35.32 45.06 -44.63
C GLN A 877 -36.74 45.25 -44.10
N ILE A 878 -36.92 45.05 -42.80
CA ILE A 878 -38.25 45.06 -42.18
C ILE A 878 -38.32 46.19 -41.17
N PRO A 879 -39.35 47.09 -41.26
CA PRO A 879 -39.24 48.43 -40.66
C PRO A 879 -39.67 48.62 -39.21
N PHE A 880 -39.71 47.57 -38.38
CA PHE A 880 -39.84 47.55 -36.92
C PHE A 880 -41.29 47.81 -36.45
N ALA A 881 -42.16 48.32 -37.31
CA ALA A 881 -43.58 48.35 -36.97
C ALA A 881 -44.24 47.12 -37.53
N MET A 882 -43.75 46.66 -38.66
CA MET A 882 -44.10 45.33 -39.13
C MET A 882 -43.53 44.26 -38.21
N GLN A 883 -42.40 44.53 -37.55
CA GLN A 883 -41.75 43.53 -36.70
C GLN A 883 -42.53 43.27 -35.41
N MET A 884 -42.75 44.31 -34.63
CA MET A 884 -43.53 44.06 -33.44
C MET A 884 -45.02 43.97 -33.72
N ALA A 885 -45.46 44.36 -34.93
CA ALA A 885 -46.77 43.92 -35.37
C ALA A 885 -46.82 42.41 -35.55
N TYR A 886 -45.71 41.83 -36.02
CA TYR A 886 -45.60 40.38 -36.14
C TYR A 886 -45.55 39.72 -34.78
N ARG A 887 -44.99 40.42 -33.78
CA ARG A 887 -45.05 39.91 -32.41
C ARG A 887 -46.47 39.90 -31.85
N PHE A 888 -47.31 40.89 -32.20
CA PHE A 888 -48.75 40.82 -31.93
C PHE A 888 -49.40 39.63 -32.59
N ASN A 889 -48.95 39.27 -33.77
CA ASN A 889 -49.47 38.09 -34.42
C ASN A 889 -48.99 36.85 -33.70
N GLY A 890 -47.87 36.95 -33.02
CA GLY A 890 -47.34 35.84 -32.26
C GLY A 890 -47.68 35.92 -30.79
N ILE A 891 -48.56 36.85 -30.43
CA ILE A 891 -49.00 36.93 -29.04
C ILE A 891 -50.47 36.54 -29.04
N GLY A 892 -51.00 36.34 -30.24
CA GLY A 892 -52.35 35.88 -30.42
C GLY A 892 -53.35 36.93 -30.83
N VAL A 893 -52.91 38.13 -31.19
CA VAL A 893 -53.86 39.16 -31.57
C VAL A 893 -53.57 39.69 -32.96
N THR A 894 -54.37 40.66 -33.35
CA THR A 894 -54.30 41.30 -34.65
C THR A 894 -53.21 42.36 -34.71
N GLN A 895 -53.24 43.12 -35.79
CA GLN A 895 -52.40 44.27 -36.00
C GLN A 895 -53.14 45.57 -35.75
N ASN A 896 -54.47 45.52 -35.60
CA ASN A 896 -55.25 46.66 -35.14
C ASN A 896 -54.71 47.20 -33.83
N VAL A 897 -54.27 46.31 -32.96
CA VAL A 897 -53.76 46.70 -31.67
C VAL A 897 -52.47 47.51 -31.83
N LEU A 898 -51.75 47.28 -32.92
CA LEU A 898 -50.57 48.10 -33.13
C LEU A 898 -50.95 49.49 -33.64
N TYR A 899 -51.47 49.54 -34.85
CA TYR A 899 -51.55 50.78 -35.62
C TYR A 899 -52.56 51.74 -35.03
N GLU A 900 -53.60 51.22 -34.39
CA GLU A 900 -54.59 52.09 -33.79
C GLU A 900 -54.18 52.53 -32.40
N ASN A 901 -53.02 52.10 -31.94
CA ASN A 901 -52.53 52.50 -30.63
C ASN A 901 -51.13 53.04 -30.74
N GLN A 902 -50.73 53.28 -32.00
CA GLN A 902 -49.35 53.43 -32.46
C GLN A 902 -48.52 54.35 -31.58
N LYS A 903 -48.87 55.64 -31.59
CA LYS A 903 -48.14 56.64 -30.83
C LYS A 903 -48.38 56.46 -29.34
N GLN A 904 -49.61 56.07 -29.00
CA GLN A 904 -49.95 55.61 -27.65
C GLN A 904 -48.96 54.56 -27.19
N ILE A 905 -48.80 53.51 -28.02
CA ILE A 905 -47.83 52.44 -27.80
C ILE A 905 -46.45 52.99 -27.59
N ALA A 906 -46.08 53.99 -28.41
CA ALA A 906 -44.81 54.70 -28.31
C ALA A 906 -44.58 55.18 -26.90
N ASN A 907 -45.53 55.98 -26.41
CA ASN A 907 -45.46 56.52 -25.07
C ASN A 907 -45.47 55.39 -24.07
N GLN A 908 -46.33 54.40 -24.32
CA GLN A 908 -46.46 53.24 -23.47
C GLN A 908 -45.16 52.46 -23.40
N PHE A 909 -44.41 52.49 -24.47
CA PHE A 909 -43.08 51.93 -24.43
C PHE A 909 -42.06 52.94 -23.91
N ASN A 910 -42.10 54.16 -24.44
CA ASN A 910 -40.90 55.00 -24.37
C ASN A 910 -40.70 55.57 -23.00
N LYS A 911 -41.78 56.07 -22.40
CA LYS A 911 -41.79 56.44 -20.99
C LYS A 911 -41.31 55.28 -20.15
N ALA A 912 -41.78 54.08 -20.49
CA ALA A 912 -41.35 52.84 -19.88
C ALA A 912 -39.84 52.70 -19.93
N ILE A 913 -39.25 53.00 -21.09
CA ILE A 913 -37.79 53.00 -21.22
C ILE A 913 -37.19 53.99 -20.26
N SER A 914 -37.76 55.18 -20.24
CA SER A 914 -37.32 56.20 -19.31
C SER A 914 -37.63 55.80 -17.89
N GLN A 915 -38.70 55.04 -17.70
CA GLN A 915 -38.94 54.50 -16.38
C GLN A 915 -37.94 53.41 -16.07
N ILE A 916 -37.51 52.70 -17.10
CA ILE A 916 -36.27 51.95 -17.02
C ILE A 916 -35.14 52.85 -16.59
N GLN A 917 -35.00 54.00 -17.22
CA GLN A 917 -34.00 54.94 -16.78
C GLN A 917 -34.35 55.53 -15.43
N GLU A 918 -35.62 55.47 -15.04
CA GLU A 918 -35.87 55.61 -13.62
C GLU A 918 -35.31 54.42 -12.88
N SER A 919 -35.84 53.23 -13.16
CA SER A 919 -35.64 52.04 -12.36
C SER A 919 -34.21 51.52 -12.37
N LEU A 920 -33.31 52.15 -13.10
CA LEU A 920 -31.94 51.76 -13.11
C LEU A 920 -30.97 52.80 -12.59
N THR A 921 -31.38 54.06 -12.46
CA THR A 921 -30.36 55.08 -12.25
C THR A 921 -29.84 55.15 -10.82
N THR A 922 -30.68 55.56 -9.88
CA THR A 922 -30.19 55.69 -8.51
C THR A 922 -30.42 54.42 -7.72
N THR A 923 -30.90 53.40 -8.37
CA THR A 923 -31.77 52.41 -7.79
C THR A 923 -30.94 51.31 -7.14
N SER A 924 -31.54 50.14 -7.00
CA SER A 924 -31.22 49.21 -5.94
C SER A 924 -30.87 47.85 -6.53
N THR A 925 -30.88 46.84 -5.67
CA THR A 925 -30.19 45.59 -5.95
C THR A 925 -30.98 44.64 -6.87
N ALA A 926 -31.77 45.18 -7.81
CA ALA A 926 -32.27 44.36 -8.92
C ALA A 926 -31.22 44.15 -10.01
N LEU A 927 -30.03 43.74 -9.58
CA LEU A 927 -28.81 43.56 -10.35
C LEU A 927 -28.03 42.43 -9.69
N GLY A 928 -28.70 41.71 -8.79
CA GLY A 928 -28.05 41.03 -7.70
C GLY A 928 -27.17 39.87 -8.10
N LYS A 929 -27.48 39.22 -9.21
CA LYS A 929 -26.82 37.95 -9.48
C LYS A 929 -25.38 38.16 -9.96
N LEU A 930 -25.15 39.21 -10.74
CA LEU A 930 -23.79 39.50 -11.15
C LEU A 930 -22.95 39.99 -9.99
N GLN A 931 -23.59 40.73 -9.08
CA GLN A 931 -22.98 41.09 -7.83
C GLN A 931 -22.56 39.86 -7.07
N ASP A 932 -23.43 38.86 -7.05
CA ASP A 932 -23.12 37.62 -6.36
C ASP A 932 -21.94 36.92 -6.99
N VAL A 933 -21.86 36.97 -8.32
CA VAL A 933 -20.77 36.30 -9.01
C VAL A 933 -19.45 36.94 -8.64
N VAL A 934 -19.37 38.26 -8.76
CA VAL A 934 -18.13 38.96 -8.46
C VAL A 934 -17.80 38.86 -6.98
N ASN A 935 -18.83 38.88 -6.14
CA ASN A 935 -18.63 38.75 -4.71
C ASN A 935 -18.06 37.39 -4.34
N GLN A 936 -18.63 36.33 -4.90
CA GLN A 936 -18.14 35.00 -4.61
C GLN A 936 -16.74 34.81 -5.17
N ASN A 937 -16.45 35.49 -6.28
CA ASN A 937 -15.09 35.45 -6.82
C ASN A 937 -14.13 36.07 -5.85
N ALA A 938 -14.49 37.23 -5.34
CA ALA A 938 -13.67 37.89 -4.34
C ALA A 938 -13.61 37.07 -3.07
N GLN A 939 -14.69 36.41 -2.71
CA GLN A 939 -14.68 35.64 -1.47
C GLN A 939 -13.78 34.44 -1.58
N ALA A 940 -13.95 33.66 -2.64
CA ALA A 940 -13.12 32.49 -2.87
C ALA A 940 -11.68 32.90 -3.04
N LEU A 941 -11.47 34.02 -3.71
CA LEU A 941 -10.14 34.39 -4.11
C LEU A 941 -9.39 34.96 -2.91
N ASN A 942 -10.04 35.86 -2.18
CA ASN A 942 -9.46 36.41 -0.97
C ASN A 942 -9.34 35.35 0.09
N THR A 943 -10.25 34.38 0.07
CA THR A 943 -10.13 33.24 0.93
C THR A 943 -8.88 32.47 0.60
N LEU A 944 -8.60 32.34 -0.68
CA LEU A 944 -7.43 31.61 -1.13
C LEU A 944 -6.16 32.34 -0.74
N VAL A 945 -6.22 33.67 -0.77
CA VAL A 945 -5.09 34.49 -0.34
C VAL A 945 -4.85 34.32 1.14
N LYS A 946 -5.92 34.40 1.92
CA LYS A 946 -5.81 34.19 3.35
C LYS A 946 -5.41 32.76 3.67
N GLN A 947 -5.71 31.83 2.78
CA GLN A 947 -5.18 30.50 2.94
C GLN A 947 -3.68 30.48 2.78
N LEU A 948 -3.14 31.34 1.92
CA LEU A 948 -1.69 31.48 1.95
C LEU A 948 -1.23 32.09 3.26
N SER A 949 -2.02 33.00 3.81
CA SER A 949 -1.71 33.42 5.15
C SER A 949 -2.03 32.35 6.16
N SER A 950 -2.87 31.38 5.81
CA SER A 950 -3.17 30.34 6.76
C SER A 950 -1.98 29.43 6.94
N ASN A 951 -1.56 29.27 8.17
CA ASN A 951 -0.69 28.18 8.53
C ASN A 951 -1.45 26.87 8.39
N PHE A 952 -0.69 25.80 8.29
CA PHE A 952 -1.24 24.47 8.42
C PHE A 952 -0.52 23.73 9.52
N GLY A 953 -0.43 24.39 10.68
CA GLY A 953 0.17 23.80 11.84
C GLY A 953 1.67 24.03 11.94
N ALA A 954 2.27 24.64 10.94
CA ALA A 954 3.70 24.80 10.92
C ALA A 954 4.12 25.93 11.85
N ILE A 955 5.43 26.15 11.96
CA ILE A 955 5.95 27.15 12.88
C ILE A 955 5.64 28.54 12.37
N SER A 956 5.73 28.72 11.06
CA SER A 956 5.30 29.95 10.43
C SER A 956 4.11 29.66 9.54
N SER A 957 3.55 30.72 8.97
CA SER A 957 2.54 30.60 7.93
C SER A 957 3.00 31.19 6.62
N VAL A 958 4.31 31.36 6.44
CA VAL A 958 4.84 31.98 5.25
C VAL A 958 6.15 31.30 4.90
N LEU A 959 6.42 31.25 3.60
CA LEU A 959 7.71 30.75 3.12
C LEU A 959 8.85 31.65 3.56
N ASN A 960 10.03 31.04 3.62
CA ASN A 960 11.36 31.65 3.63
C ASN A 960 11.67 32.35 4.95
N ASP A 961 10.66 32.58 5.77
CA ASP A 961 10.80 32.84 7.19
C ASP A 961 10.98 31.55 7.94
N ILE A 962 10.30 30.50 7.49
CA ILE A 962 10.74 29.16 7.81
C ILE A 962 12.18 28.98 7.39
N LEU A 963 12.55 29.40 6.19
CA LEU A 963 13.94 29.31 5.76
C LEU A 963 14.79 30.44 6.28
N SER A 964 14.34 31.08 7.35
CA SER A 964 15.26 31.80 8.19
C SER A 964 15.82 30.91 9.29
N ARG A 965 15.06 29.95 9.81
CA ARG A 965 15.45 29.34 11.07
C ARG A 965 15.47 27.82 11.02
N LEU A 966 15.27 27.20 9.88
CA LEU A 966 15.36 25.76 9.75
C LEU A 966 16.81 25.34 9.50
N ASP A 967 17.06 24.03 9.61
CA ASP A 967 18.32 23.47 9.10
C ASP A 967 18.10 22.36 8.08
N LYS A 968 17.34 21.35 8.45
CA LYS A 968 17.34 20.07 7.74
C LYS A 968 15.90 19.59 7.82
N VAL A 969 15.70 18.27 7.66
CA VAL A 969 14.49 17.54 7.25
C VAL A 969 13.19 18.11 7.83
N GLU A 970 13.27 18.57 9.09
CA GLU A 970 12.37 19.57 9.69
C GLU A 970 11.86 20.61 8.71
N ALA A 971 12.79 21.15 7.90
CA ALA A 971 12.45 21.96 6.74
C ALA A 971 11.38 21.28 5.92
N GLU A 972 11.72 20.14 5.31
CA GLU A 972 10.78 19.50 4.41
C GLU A 972 9.61 18.88 5.14
N VAL A 973 9.75 18.65 6.45
CA VAL A 973 8.60 18.27 7.27
C VAL A 973 7.53 19.36 7.21
N GLN A 974 7.90 20.56 7.63
CA GLN A 974 6.89 21.61 7.70
C GLN A 974 6.56 22.13 6.33
N ILE A 975 7.51 22.02 5.41
CA ILE A 975 7.27 22.41 4.03
C ILE A 975 6.28 21.47 3.38
N ASP A 976 6.38 20.17 3.67
CA ASP A 976 5.40 19.24 3.13
C ASP A 976 4.05 19.41 3.78
N ARG A 977 4.02 19.71 5.08
CA ARG A 977 2.76 20.07 5.72
C ARG A 977 2.11 21.24 5.02
N LEU A 978 2.91 22.30 4.79
CA LEU A 978 2.48 23.48 4.05
C LEU A 978 1.96 23.12 2.68
N ILE A 979 2.69 22.27 1.97
CA ILE A 979 2.37 22.06 0.58
C ILE A 979 1.13 21.21 0.46
N THR A 980 0.95 20.26 1.36
CA THR A 980 -0.26 19.47 1.30
C THR A 980 -1.46 20.29 1.73
N GLY A 981 -1.28 21.14 2.73
CA GLY A 981 -2.40 21.98 3.15
C GLY A 981 -2.75 23.02 2.09
N ARG A 982 -1.73 23.65 1.53
CA ARG A 982 -1.95 24.60 0.47
C ARG A 982 -2.51 23.92 -0.76
N LEU A 983 -2.14 22.67 -0.98
CA LEU A 983 -2.64 21.95 -2.12
C LEU A 983 -4.09 21.55 -1.91
N GLN A 984 -4.44 21.16 -0.70
CA GLN A 984 -5.83 20.85 -0.41
C GLN A 984 -6.70 22.07 -0.56
N SER A 985 -6.21 23.20 -0.06
CA SER A 985 -6.92 24.46 -0.20
C SER A 985 -7.09 24.82 -1.65
N LEU A 986 -5.99 24.78 -2.38
CA LEU A 986 -5.99 25.13 -3.78
C LEU A 986 -6.82 24.15 -4.58
N GLN A 987 -6.89 22.93 -4.11
CA GLN A 987 -7.58 21.93 -4.88
C GLN A 987 -9.06 22.01 -4.62
N THR A 988 -9.42 22.37 -3.40
CA THR A 988 -10.79 22.66 -3.08
C THR A 988 -11.26 23.87 -3.86
N TYR A 989 -10.35 24.83 -4.00
CA TYR A 989 -10.61 26.00 -4.83
C TYR A 989 -10.90 25.60 -6.25
N VAL A 990 -10.05 24.77 -6.83
CA VAL A 990 -10.21 24.36 -8.22
C VAL A 990 -11.50 23.60 -8.40
N THR A 991 -11.82 22.78 -7.42
CA THR A 991 -13.06 22.03 -7.41
C THR A 991 -14.25 22.96 -7.45
N GLN A 992 -14.24 23.95 -6.58
CA GLN A 992 -15.37 24.84 -6.50
C GLN A 992 -15.48 25.75 -7.70
N GLN A 993 -14.34 26.19 -8.25
CA GLN A 993 -14.34 26.96 -9.49
C GLN A 993 -14.98 26.16 -10.58
N LEU A 994 -14.68 24.88 -10.61
CA LEU A 994 -15.27 24.02 -11.60
C LEU A 994 -16.76 23.89 -11.41
N ILE A 995 -17.20 23.86 -10.16
CA ILE A 995 -18.63 23.83 -9.88
C ILE A 995 -19.27 25.14 -10.30
N ARG A 996 -18.57 26.24 -10.05
CA ARG A 996 -19.04 27.54 -10.48
C ARG A 996 -19.17 27.60 -11.98
N ALA A 997 -18.23 26.95 -12.66
CA ALA A 997 -18.29 26.87 -14.10
C ALA A 997 -19.51 26.12 -14.54
N ALA A 998 -19.85 25.06 -13.80
CA ALA A 998 -21.02 24.27 -14.16
C ALA A 998 -22.30 25.07 -14.00
N GLU A 999 -22.44 25.74 -12.86
CA GLU A 999 -23.59 26.60 -12.61
C GLU A 999 -23.65 27.72 -13.62
N ILE A 1000 -22.49 28.32 -13.87
CA ILE A 1000 -22.39 29.51 -14.65
C ILE A 1000 -22.64 29.15 -16.09
N ARG A 1001 -22.39 27.90 -16.45
CA ARG A 1001 -22.58 27.56 -17.83
C ARG A 1001 -23.97 27.05 -18.06
N ALA A 1002 -24.63 26.54 -17.02
CA ALA A 1002 -26.05 26.27 -17.15
C ALA A 1002 -26.79 27.57 -17.38
N SER A 1003 -26.43 28.58 -16.61
CA SER A 1003 -26.97 29.91 -16.83
C SER A 1003 -26.50 30.48 -18.15
N ALA A 1004 -25.34 30.07 -18.62
CA ALA A 1004 -24.89 30.59 -19.90
C ALA A 1004 -25.61 29.92 -21.05
N ASN A 1005 -25.93 28.65 -20.89
CA ASN A 1005 -26.81 27.98 -21.84
C ASN A 1005 -28.12 28.71 -21.91
N LEU A 1006 -28.66 29.06 -20.75
CA LEU A 1006 -29.81 29.95 -20.70
C LEU A 1006 -29.52 31.29 -21.36
N ALA A 1007 -28.29 31.78 -21.25
CA ALA A 1007 -28.01 33.13 -21.71
C ALA A 1007 -28.02 33.18 -23.22
N ALA A 1008 -27.34 32.23 -23.84
CA ALA A 1008 -27.44 32.09 -25.28
C ALA A 1008 -28.83 31.67 -25.69
N THR A 1009 -29.54 30.99 -24.80
CA THR A 1009 -30.89 30.54 -25.13
C THR A 1009 -31.82 31.73 -25.22
N LYS A 1010 -31.66 32.68 -24.31
CA LYS A 1010 -32.53 33.84 -24.36
C LYS A 1010 -31.99 34.89 -25.30
N MET A 1011 -30.71 34.80 -25.68
CA MET A 1011 -30.27 35.63 -26.78
C MET A 1011 -30.73 35.03 -28.10
N SER A 1012 -31.14 33.77 -28.07
CA SER A 1012 -31.70 33.18 -29.26
C SER A 1012 -33.22 33.29 -29.30
N GLU A 1013 -33.90 32.64 -28.38
CA GLU A 1013 -35.34 32.46 -28.46
C GLU A 1013 -36.08 33.74 -28.13
N CYS A 1014 -35.65 34.43 -27.08
CA CYS A 1014 -36.29 35.71 -26.78
C CYS A 1014 -35.91 36.75 -27.81
N VAL A 1015 -34.65 36.81 -28.22
CA VAL A 1015 -34.23 37.95 -29.03
C VAL A 1015 -34.62 37.77 -30.48
N LEU A 1016 -34.13 36.70 -31.08
CA LEU A 1016 -34.11 36.61 -32.53
C LEU A 1016 -35.49 36.40 -33.11
N GLY A 1017 -36.41 35.84 -32.33
CA GLY A 1017 -37.80 35.73 -32.70
C GLY A 1017 -38.63 35.83 -31.45
N GLN A 1018 -39.87 35.37 -31.50
CA GLN A 1018 -40.73 35.38 -30.32
C GLN A 1018 -40.66 34.01 -29.67
N SER A 1019 -40.20 33.98 -28.43
CA SER A 1019 -40.10 32.74 -27.66
C SER A 1019 -41.45 32.40 -27.08
N LYS A 1020 -42.26 31.67 -27.86
CA LYS A 1020 -43.70 31.56 -27.63
C LYS A 1020 -44.07 30.84 -26.35
N ARG A 1021 -43.12 30.18 -25.72
CA ARG A 1021 -43.27 29.63 -24.39
C ARG A 1021 -43.56 30.71 -23.37
N VAL A 1022 -44.14 30.30 -22.24
CA VAL A 1022 -44.93 31.19 -21.39
C VAL A 1022 -44.29 31.28 -20.02
N ASP A 1023 -44.23 32.50 -19.47
CA ASP A 1023 -43.42 32.85 -18.30
C ASP A 1023 -42.00 32.31 -18.46
N PHE A 1024 -41.40 32.73 -19.56
CA PHE A 1024 -40.02 32.42 -19.86
C PHE A 1024 -39.13 33.65 -19.94
N CYS A 1025 -39.44 34.61 -20.83
CA CYS A 1025 -38.54 35.74 -21.05
C CYS A 1025 -38.65 36.75 -19.93
N GLY A 1026 -39.81 37.38 -19.80
CA GLY A 1026 -40.02 38.27 -18.68
C GLY A 1026 -40.94 37.59 -17.70
N LYS A 1027 -41.97 38.30 -17.23
CA LYS A 1027 -43.10 37.64 -16.63
C LYS A 1027 -44.41 38.07 -17.23
N GLY A 1028 -44.47 38.29 -18.53
CA GLY A 1028 -45.71 38.58 -19.22
C GLY A 1028 -46.03 37.57 -20.31
N TYR A 1029 -45.98 38.04 -21.55
CA TYR A 1029 -46.17 37.19 -22.73
C TYR A 1029 -45.02 37.27 -23.73
N HIS A 1030 -43.94 37.99 -23.40
CA HIS A 1030 -42.78 38.20 -24.26
C HIS A 1030 -43.13 38.81 -25.62
N LEU A 1031 -43.37 40.12 -25.64
CA LEU A 1031 -43.47 40.77 -26.93
C LEU A 1031 -42.09 40.91 -27.55
N MET A 1032 -41.11 41.34 -26.77
CA MET A 1032 -39.72 41.49 -27.22
C MET A 1032 -38.80 41.24 -26.05
N SER A 1033 -37.50 41.28 -26.32
CA SER A 1033 -36.48 41.46 -25.30
C SER A 1033 -35.18 41.83 -26.01
N PHE A 1034 -34.31 42.56 -25.31
CA PHE A 1034 -33.09 43.14 -25.85
C PHE A 1034 -31.89 42.69 -25.03
N PRO A 1035 -30.68 42.71 -25.57
CA PRO A 1035 -29.51 42.43 -24.75
C PRO A 1035 -29.00 43.68 -24.05
N GLN A 1036 -28.12 43.44 -23.09
CA GLN A 1036 -27.24 44.46 -22.52
C GLN A 1036 -25.97 43.83 -22.01
N ALA A 1037 -24.86 44.35 -22.46
CA ALA A 1037 -23.57 43.94 -21.94
C ALA A 1037 -23.42 44.36 -20.50
N ALA A 1038 -22.53 43.67 -19.80
CA ALA A 1038 -22.40 43.83 -18.37
C ALA A 1038 -21.06 43.25 -17.98
N PRO A 1039 -20.49 43.68 -16.86
CA PRO A 1039 -19.28 43.01 -16.36
C PRO A 1039 -19.60 41.59 -15.96
N HIS A 1040 -18.82 40.65 -16.49
CA HIS A 1040 -18.89 39.23 -16.21
C HIS A 1040 -20.22 38.59 -16.55
N GLY A 1041 -21.09 39.29 -17.25
CA GLY A 1041 -22.42 38.76 -17.43
C GLY A 1041 -23.19 39.62 -18.40
N VAL A 1042 -24.50 39.53 -18.31
CA VAL A 1042 -25.38 40.12 -19.29
C VAL A 1042 -26.69 40.43 -18.59
N VAL A 1043 -27.39 41.45 -19.09
CA VAL A 1043 -28.69 41.80 -18.56
C VAL A 1043 -29.65 41.93 -19.72
N PHE A 1044 -30.69 41.13 -19.69
CA PHE A 1044 -31.68 41.16 -20.74
C PHE A 1044 -32.84 42.06 -20.36
N LEU A 1045 -33.53 42.53 -21.38
CA LEU A 1045 -34.44 43.66 -21.29
C LEU A 1045 -35.77 43.19 -21.85
N HIS A 1046 -36.67 42.77 -21.00
CA HIS A 1046 -37.80 41.98 -21.48
C HIS A 1046 -39.01 42.87 -21.63
N VAL A 1047 -39.43 43.05 -22.88
CA VAL A 1047 -40.71 43.63 -23.23
C VAL A 1047 -41.75 42.53 -23.08
N THR A 1048 -42.48 42.59 -21.98
CA THR A 1048 -43.63 41.76 -21.70
C THR A 1048 -44.86 42.42 -22.32
N TYR A 1049 -46.03 41.95 -21.93
CA TYR A 1049 -47.29 42.51 -22.41
C TYR A 1049 -48.34 42.12 -21.38
N VAL A 1050 -48.77 43.06 -20.55
CA VAL A 1050 -49.54 42.69 -19.37
C VAL A 1050 -50.95 43.25 -19.51
N PRO A 1051 -51.94 42.44 -19.89
CA PRO A 1051 -53.29 42.97 -20.09
C PRO A 1051 -54.06 43.06 -18.77
N SER A 1052 -54.46 44.27 -18.40
CA SER A 1052 -55.13 44.35 -17.10
C SER A 1052 -56.24 45.40 -17.15
N GLN A 1053 -57.43 44.94 -17.52
CA GLN A 1053 -58.70 45.54 -17.16
C GLN A 1053 -59.70 44.41 -16.98
N GLU A 1054 -60.98 44.76 -16.88
CA GLU A 1054 -62.03 43.76 -16.78
C GLU A 1054 -63.24 44.20 -17.57
N ARG A 1055 -63.70 43.34 -18.45
CA ARG A 1055 -65.10 43.33 -18.78
C ARG A 1055 -65.76 42.27 -17.94
N ASN A 1056 -67.06 42.14 -18.13
CA ASN A 1056 -67.79 40.97 -17.70
C ASN A 1056 -68.86 40.80 -18.76
N PHE A 1057 -68.80 39.71 -19.50
CA PHE A 1057 -69.84 39.49 -20.49
C PHE A 1057 -70.30 38.04 -20.46
N THR A 1058 -71.59 37.89 -20.71
CA THR A 1058 -72.26 36.61 -20.72
C THR A 1058 -71.82 35.82 -21.94
N THR A 1059 -71.99 34.51 -21.83
CA THR A 1059 -71.40 33.60 -22.79
C THR A 1059 -72.46 32.66 -23.35
N ALA A 1060 -72.11 32.03 -24.47
CA ALA A 1060 -72.93 31.05 -25.14
C ALA A 1060 -72.01 30.08 -25.87
N PRO A 1061 -71.78 28.88 -25.32
CA PRO A 1061 -70.76 27.99 -25.89
C PRO A 1061 -71.04 27.51 -27.29
N ALA A 1062 -72.27 27.56 -27.77
CA ALA A 1062 -72.52 27.34 -29.18
C ALA A 1062 -73.31 28.50 -29.73
N ILE A 1063 -73.62 28.42 -31.01
CA ILE A 1063 -74.38 29.44 -31.73
C ILE A 1063 -75.34 28.67 -32.62
N CYS A 1064 -76.62 28.95 -32.49
CA CYS A 1064 -77.61 28.14 -33.18
C CYS A 1064 -78.50 29.07 -33.99
N HIS A 1065 -78.16 29.24 -35.27
CA HIS A 1065 -78.93 30.16 -36.11
C HIS A 1065 -80.25 29.57 -36.54
N GLU A 1066 -80.21 28.49 -37.31
CA GLU A 1066 -81.40 27.93 -37.92
C GLU A 1066 -81.66 26.49 -37.45
N GLY A 1067 -81.32 26.20 -36.21
CA GLY A 1067 -81.48 24.88 -35.65
C GLY A 1067 -80.21 24.05 -35.58
N LYS A 1068 -79.04 24.67 -35.44
CA LYS A 1068 -77.79 23.94 -35.58
C LYS A 1068 -76.62 24.71 -34.97
N ALA A 1069 -75.82 24.00 -34.17
CA ALA A 1069 -74.79 24.59 -33.35
C ALA A 1069 -73.57 24.96 -34.17
N TYR A 1070 -72.95 26.09 -33.79
CA TYR A 1070 -71.81 26.64 -34.51
C TYR A 1070 -70.72 26.94 -33.50
N PHE A 1071 -69.51 26.61 -33.82
CA PHE A 1071 -68.39 27.13 -33.04
C PHE A 1071 -67.54 28.01 -33.94
N PRO A 1072 -67.12 29.19 -33.49
CA PRO A 1072 -66.53 30.16 -34.43
C PRO A 1072 -65.16 29.82 -35.00
N ARG A 1073 -64.11 29.89 -34.17
CA ARG A 1073 -62.75 29.59 -34.59
C ARG A 1073 -61.88 28.98 -33.50
N GLU A 1074 -62.44 28.59 -32.34
CA GLU A 1074 -61.75 27.72 -31.37
C GLU A 1074 -60.50 28.33 -30.75
N GLY A 1075 -60.64 29.00 -29.61
CA GLY A 1075 -60.08 30.31 -29.34
C GLY A 1075 -61.10 31.05 -28.50
N VAL A 1076 -61.62 30.32 -27.51
CA VAL A 1076 -62.94 30.38 -26.87
C VAL A 1076 -63.33 31.73 -26.24
N PHE A 1077 -64.59 31.78 -25.75
CA PHE A 1077 -65.48 32.91 -25.45
C PHE A 1077 -66.02 33.67 -26.66
N VAL A 1078 -67.02 33.07 -27.31
CA VAL A 1078 -67.95 33.80 -28.16
C VAL A 1078 -68.61 34.94 -27.36
N PHE A 1079 -68.87 36.08 -28.02
CA PHE A 1079 -69.55 37.21 -27.38
C PHE A 1079 -71.06 37.03 -27.36
N ASN A 1080 -71.55 36.43 -26.29
CA ASN A 1080 -72.97 36.57 -25.99
C ASN A 1080 -73.19 37.77 -25.08
N GLY A 1081 -72.79 38.94 -25.53
CA GLY A 1081 -73.31 40.14 -24.92
C GLY A 1081 -74.66 40.41 -25.54
N THR A 1082 -75.68 39.68 -25.07
CA THR A 1082 -77.02 39.63 -25.65
C THR A 1082 -76.97 39.20 -27.12
N SER A 1083 -76.39 38.02 -27.37
CA SER A 1083 -76.49 37.28 -28.63
C SER A 1083 -75.89 38.04 -29.80
N TRP A 1084 -74.83 38.79 -29.51
CA TRP A 1084 -74.38 39.75 -30.50
C TRP A 1084 -73.30 39.24 -31.44
N PHE A 1085 -72.09 38.95 -30.94
CA PHE A 1085 -70.93 38.88 -31.82
C PHE A 1085 -69.99 37.78 -31.34
N ILE A 1086 -68.71 37.85 -31.76
CA ILE A 1086 -67.72 36.83 -31.41
C ILE A 1086 -66.42 37.54 -31.03
N THR A 1087 -65.91 37.30 -29.82
CA THR A 1087 -64.73 38.01 -29.32
C THR A 1087 -63.43 37.34 -29.76
N GLN A 1088 -62.34 38.04 -29.43
CA GLN A 1088 -60.99 37.49 -29.32
C GLN A 1088 -60.84 36.80 -27.98
N ARG A 1089 -59.63 36.42 -27.62
CA ARG A 1089 -59.45 36.04 -26.23
C ARG A 1089 -58.97 37.24 -25.44
N ASN A 1090 -57.79 37.74 -25.76
CA ASN A 1090 -57.13 38.64 -24.84
C ASN A 1090 -57.70 40.05 -24.88
N PHE A 1091 -58.11 40.54 -26.04
CA PHE A 1091 -58.70 41.86 -26.08
C PHE A 1091 -60.15 41.80 -26.52
N PHE A 1092 -60.95 42.73 -25.99
CA PHE A 1092 -62.36 42.82 -26.27
C PHE A 1092 -62.53 43.24 -27.72
N SER A 1093 -62.76 42.26 -28.59
CA SER A 1093 -62.95 42.53 -30.01
C SER A 1093 -64.06 41.65 -30.54
N PRO A 1094 -65.31 42.08 -30.40
CA PRO A 1094 -66.44 41.25 -30.88
C PRO A 1094 -66.60 41.32 -32.39
N GLN A 1095 -66.99 40.21 -33.01
CA GLN A 1095 -66.98 40.15 -34.48
C GLN A 1095 -68.32 39.84 -35.09
N ILE A 1096 -68.54 40.42 -36.27
CA ILE A 1096 -69.83 40.38 -36.96
C ILE A 1096 -70.17 38.95 -37.35
N ILE A 1097 -71.28 38.47 -36.81
CA ILE A 1097 -71.65 37.07 -36.98
C ILE A 1097 -72.26 36.86 -38.36
N THR A 1098 -71.53 36.13 -39.20
CA THR A 1098 -72.00 35.67 -40.50
C THR A 1098 -71.59 34.22 -40.64
N THR A 1099 -71.81 33.68 -41.84
CA THR A 1099 -71.38 32.32 -42.14
C THR A 1099 -69.92 32.26 -42.51
N ASP A 1100 -69.30 33.39 -42.88
CA ASP A 1100 -67.87 33.40 -43.19
C ASP A 1100 -67.03 33.11 -41.96
N ASN A 1101 -67.55 33.43 -40.79
CA ASN A 1101 -66.77 33.39 -39.57
C ASN A 1101 -66.51 31.99 -39.08
N THR A 1102 -67.44 31.09 -39.33
CA THR A 1102 -67.51 29.87 -38.57
C THR A 1102 -67.80 28.72 -39.52
N PHE A 1103 -68.09 27.58 -38.91
CA PHE A 1103 -68.44 26.36 -39.62
C PHE A 1103 -69.78 25.87 -39.14
N VAL A 1104 -70.40 25.06 -39.98
CA VAL A 1104 -71.43 24.14 -39.53
C VAL A 1104 -70.78 23.20 -38.52
N SER A 1105 -71.38 23.06 -37.34
CA SER A 1105 -71.06 21.96 -36.45
C SER A 1105 -72.37 21.22 -36.21
N GLY A 1106 -72.74 20.38 -37.19
CA GLY A 1106 -73.87 19.48 -37.06
C GLY A 1106 -75.19 20.20 -36.87
N ASN A 1107 -75.91 19.77 -35.84
CA ASN A 1107 -77.18 20.31 -35.41
C ASN A 1107 -77.05 20.90 -34.01
N CYS A 1108 -78.18 21.28 -33.44
CA CYS A 1108 -78.23 22.12 -32.25
C CYS A 1108 -78.38 21.20 -31.03
N ASP A 1109 -77.32 20.44 -30.73
CA ASP A 1109 -77.49 19.40 -29.72
C ASP A 1109 -76.71 19.59 -28.42
N VAL A 1110 -75.38 19.65 -28.49
CA VAL A 1110 -74.58 19.52 -27.28
C VAL A 1110 -74.23 20.89 -26.75
N VAL A 1111 -75.05 21.88 -27.10
CA VAL A 1111 -74.82 23.29 -26.82
C VAL A 1111 -74.93 23.56 -25.33
N ILE A 1112 -74.48 24.74 -24.91
CA ILE A 1112 -75.05 25.41 -23.75
C ILE A 1112 -75.38 26.79 -24.30
N GLY A 1113 -75.02 27.02 -25.55
CA GLY A 1113 -75.17 28.32 -26.17
C GLY A 1113 -76.02 28.30 -27.43
N ILE A 1114 -76.85 29.33 -27.57
CA ILE A 1114 -77.63 29.59 -28.78
C ILE A 1114 -77.56 31.07 -29.05
N ILE A 1115 -77.12 31.43 -30.25
CA ILE A 1115 -77.30 32.77 -30.78
C ILE A 1115 -77.97 32.64 -32.14
N ASN A 1116 -79.03 33.41 -32.35
CA ASN A 1116 -79.76 33.37 -33.62
C ASN A 1116 -79.04 34.20 -34.68
N ASN A 1117 -79.78 34.46 -35.77
CA ASN A 1117 -79.52 35.31 -36.94
C ASN A 1117 -78.07 35.35 -37.43
N THR A 1118 -77.38 34.21 -37.38
CA THR A 1118 -76.09 34.10 -38.04
C THR A 1118 -76.37 33.95 -39.53
N VAL A 1119 -76.34 35.08 -40.23
CA VAL A 1119 -76.87 35.16 -41.58
C VAL A 1119 -75.77 35.56 -42.54
N ARG B 18 58.15 7.73 -20.21
CA ARG B 18 58.97 8.68 -20.96
C ARG B 18 58.13 9.58 -21.84
N CYS B 19 58.03 10.86 -21.48
CA CYS B 19 57.14 11.81 -22.14
C CYS B 19 57.73 12.24 -23.49
N THR B 20 57.60 11.36 -24.49
CA THR B 20 58.12 11.64 -25.82
C THR B 20 56.96 12.03 -26.73
N THR B 21 57.04 13.22 -27.31
CA THR B 21 55.91 13.88 -27.96
C THR B 21 56.26 14.15 -29.43
N PHE B 22 55.24 14.13 -30.30
CA PHE B 22 55.44 14.29 -31.74
C PHE B 22 55.70 15.76 -32.10
N ASP B 23 56.05 15.97 -33.38
CA ASP B 23 56.45 17.28 -33.89
C ASP B 23 55.36 17.97 -34.69
N ASP B 24 54.89 17.36 -35.78
CA ASP B 24 54.00 18.02 -36.73
C ASP B 24 52.58 18.00 -36.16
N VAL B 25 52.35 18.87 -35.19
CA VAL B 25 51.05 19.10 -34.59
C VAL B 25 50.82 20.60 -34.69
N GLN B 26 50.09 21.02 -35.72
CA GLN B 26 49.78 22.43 -35.92
C GLN B 26 48.43 22.72 -35.25
N ALA B 27 48.35 23.85 -34.56
CA ALA B 27 47.13 24.19 -33.82
C ALA B 27 46.00 24.51 -34.79
N PRO B 28 44.83 23.91 -34.63
CA PRO B 28 43.79 23.98 -35.66
C PRO B 28 43.05 25.32 -35.63
N ASN B 29 42.01 25.39 -36.45
CA ASN B 29 41.07 26.51 -36.44
C ASN B 29 39.95 26.32 -35.43
N TYR B 30 40.10 25.35 -34.51
CA TYR B 30 39.10 24.93 -33.55
C TYR B 30 37.80 24.56 -34.26
N THR B 31 37.92 23.47 -35.04
CA THR B 31 36.90 23.07 -36.00
C THR B 31 35.64 22.59 -35.29
N GLN B 32 34.51 23.17 -35.63
CA GLN B 32 33.25 22.83 -34.98
C GLN B 32 32.21 22.43 -36.02
N HIS B 33 31.28 21.57 -35.61
CA HIS B 33 30.27 21.07 -36.53
C HIS B 33 28.94 20.90 -35.81
N THR B 34 27.98 20.34 -36.55
CA THR B 34 26.59 20.18 -36.16
C THR B 34 26.37 18.81 -35.56
N SER B 35 25.72 18.76 -34.39
CA SER B 35 25.48 17.51 -33.66
C SER B 35 24.04 17.03 -33.82
N SER B 36 23.51 17.08 -35.04
CA SER B 36 22.07 17.05 -35.35
C SER B 36 21.26 15.92 -34.69
N MET B 37 21.69 14.67 -34.81
CA MET B 37 20.86 13.55 -34.36
C MET B 37 21.68 12.47 -33.67
N ARG B 38 22.56 12.85 -32.75
CA ARG B 38 23.41 11.85 -32.13
C ARG B 38 23.23 11.85 -30.63
N GLY B 39 23.85 10.86 -29.98
CA GLY B 39 23.68 10.62 -28.57
C GLY B 39 22.53 9.71 -28.22
N VAL B 40 21.81 9.21 -29.24
CA VAL B 40 20.56 8.48 -29.03
C VAL B 40 20.89 7.04 -28.71
N TYR B 41 20.60 6.61 -27.47
CA TYR B 41 20.81 5.22 -27.11
C TYR B 41 19.70 4.73 -26.20
N TYR B 42 19.87 3.52 -25.73
CA TYR B 42 18.89 2.91 -24.84
C TYR B 42 19.29 3.16 -23.40
N PRO B 43 18.42 3.75 -22.57
CA PRO B 43 18.85 4.20 -21.24
C PRO B 43 19.08 3.06 -20.25
N ASP B 44 18.62 1.87 -20.56
CA ASP B 44 18.60 0.74 -19.63
C ASP B 44 18.65 -0.55 -20.44
N GLU B 45 18.25 -1.64 -19.82
CA GLU B 45 18.16 -2.94 -20.48
C GLU B 45 16.70 -3.41 -20.56
N ILE B 46 15.78 -2.45 -20.65
CA ILE B 46 14.41 -2.63 -20.23
C ILE B 46 13.48 -2.27 -21.38
N PHE B 47 12.44 -3.06 -21.56
CA PHE B 47 11.66 -2.99 -22.79
C PHE B 47 10.32 -2.34 -22.60
N ARG B 48 9.93 -1.55 -23.60
CA ARG B 48 8.53 -1.21 -23.84
C ARG B 48 8.38 -0.94 -25.32
N SER B 49 7.15 -0.68 -25.75
CA SER B 49 6.85 -0.52 -27.17
C SER B 49 5.53 0.20 -27.33
N ASP B 50 5.42 1.01 -28.39
CA ASP B 50 4.28 1.89 -28.67
C ASP B 50 4.02 2.88 -27.53
N THR B 51 4.96 3.80 -27.37
CA THR B 51 4.89 4.84 -26.35
C THR B 51 5.24 6.18 -26.97
N LEU B 52 5.46 7.16 -26.10
CA LEU B 52 6.44 8.22 -26.29
C LEU B 52 7.10 8.44 -24.94
N TYR B 53 8.23 7.79 -24.74
CA TYR B 53 8.88 7.78 -23.43
C TYR B 53 9.61 9.11 -23.25
N LEU B 54 9.75 9.54 -22.00
CA LEU B 54 10.52 10.72 -21.69
C LEU B 54 11.63 10.40 -20.73
N THR B 55 12.77 11.07 -20.91
CA THR B 55 13.79 10.95 -19.89
C THR B 55 14.66 12.19 -19.83
N GLN B 56 15.40 12.28 -18.75
CA GLN B 56 16.42 13.29 -18.59
C GLN B 56 17.70 12.61 -18.16
N ASP B 57 18.76 12.84 -18.91
CA ASP B 57 20.03 12.14 -18.74
C ASP B 57 21.13 12.93 -19.42
N LEU B 58 22.38 12.56 -19.11
CA LEU B 58 23.59 13.16 -19.66
C LEU B 58 23.69 12.79 -21.12
N PHE B 59 22.95 13.47 -21.97
CA PHE B 59 22.85 13.16 -23.37
C PHE B 59 23.56 14.23 -24.18
N LEU B 60 23.89 13.88 -25.40
CA LEU B 60 24.38 14.87 -26.31
C LEU B 60 23.24 15.80 -26.68
N PRO B 61 23.41 17.10 -26.58
CA PRO B 61 22.40 18.02 -27.11
C PRO B 61 22.30 17.88 -28.61
N PHE B 62 21.09 18.04 -29.10
CA PHE B 62 20.92 18.03 -30.54
C PHE B 62 21.54 19.27 -31.14
N TYR B 63 22.10 19.10 -32.35
CA TYR B 63 22.36 20.14 -33.31
C TYR B 63 23.48 21.08 -32.86
N SER B 64 24.13 20.80 -31.74
CA SER B 64 25.06 21.69 -31.08
C SER B 64 26.48 21.48 -31.60
N ASN B 65 27.44 22.05 -30.86
CA ASN B 65 28.86 22.00 -31.21
C ASN B 65 29.36 20.57 -31.31
N VAL B 66 30.22 20.36 -32.30
CA VAL B 66 31.00 19.15 -32.45
C VAL B 66 32.45 19.60 -32.51
N THR B 67 33.24 19.28 -31.48
CA THR B 67 34.66 19.58 -31.51
C THR B 67 35.28 18.56 -32.47
N GLY B 68 35.28 18.90 -33.76
CA GLY B 68 35.84 18.01 -34.73
C GLY B 68 37.34 18.25 -34.87
N PHE B 69 38.09 17.17 -34.95
CA PHE B 69 39.52 17.22 -35.19
C PHE B 69 39.75 16.60 -36.55
N HIS B 70 39.80 17.48 -37.56
CA HIS B 70 40.31 17.14 -38.87
C HIS B 70 41.81 16.99 -38.74
N THR B 71 42.25 15.76 -38.52
CA THR B 71 43.66 15.45 -38.50
C THR B 71 44.14 15.12 -39.91
N ILE B 72 45.23 15.77 -40.32
CA ILE B 72 45.74 15.64 -41.68
C ILE B 72 47.23 15.35 -41.64
N ASN B 73 47.88 15.27 -42.81
CA ASN B 73 49.31 14.95 -42.90
C ASN B 73 50.21 16.05 -42.39
N HIS B 74 49.71 17.27 -42.23
CA HIS B 74 50.45 18.33 -41.57
C HIS B 74 49.83 18.75 -40.25
N THR B 75 48.94 17.95 -39.67
CA THR B 75 48.35 18.23 -38.37
C THR B 75 47.97 16.91 -37.71
N PHE B 76 48.78 16.48 -36.75
CA PHE B 76 48.47 15.31 -35.93
C PHE B 76 47.62 15.76 -34.76
N GLY B 77 46.33 15.44 -34.79
CA GLY B 77 45.41 15.87 -33.73
C GLY B 77 45.45 14.87 -32.59
N ASN B 78 46.17 15.22 -31.53
CA ASN B 78 46.02 14.58 -30.22
C ASN B 78 46.48 15.56 -29.15
N PRO B 79 45.61 16.48 -28.74
CA PRO B 79 45.98 17.37 -27.65
C PRO B 79 45.56 16.78 -26.31
N VAL B 80 45.88 17.46 -25.22
CA VAL B 80 45.23 17.14 -23.96
C VAL B 80 43.77 17.53 -24.08
N ILE B 81 42.89 16.57 -23.81
CA ILE B 81 41.46 16.78 -23.99
C ILE B 81 40.79 16.49 -22.65
N PRO B 82 39.85 17.31 -22.20
CA PRO B 82 39.14 16.98 -20.96
C PRO B 82 38.06 15.95 -21.17
N PHE B 83 37.67 15.31 -20.08
CA PHE B 83 36.54 14.40 -20.11
C PHE B 83 35.24 15.21 -19.99
N LYS B 84 35.07 15.91 -18.88
CA LYS B 84 33.91 16.75 -18.60
C LYS B 84 32.61 15.94 -18.71
N ASP B 85 32.47 15.03 -17.76
CA ASP B 85 31.18 14.51 -17.33
C ASP B 85 30.54 13.65 -18.42
N GLY B 86 31.27 12.64 -18.87
CA GLY B 86 30.76 11.73 -19.85
C GLY B 86 31.06 12.23 -21.23
N ILE B 87 31.64 11.39 -22.08
CA ILE B 87 32.04 11.86 -23.39
C ILE B 87 31.30 11.09 -24.49
N TYR B 88 30.88 11.83 -25.49
CA TYR B 88 30.54 11.27 -26.77
C TYR B 88 31.75 11.30 -27.67
N PHE B 89 32.26 10.11 -27.98
CA PHE B 89 33.47 9.95 -28.75
C PHE B 89 33.13 9.35 -30.11
N ALA B 90 33.79 9.86 -31.14
CA ALA B 90 33.55 9.39 -32.49
C ALA B 90 34.85 9.51 -33.26
N ALA B 91 34.99 8.65 -34.26
CA ALA B 91 36.20 8.58 -35.07
C ALA B 91 35.84 7.90 -36.37
N THR B 92 36.40 8.38 -37.47
CA THR B 92 36.06 7.83 -38.78
C THR B 92 37.16 6.87 -39.20
N GLU B 93 37.19 5.69 -38.58
CA GLU B 93 38.40 4.87 -38.67
C GLU B 93 38.12 3.51 -39.26
N LYS B 94 39.16 2.99 -39.89
CA LYS B 94 39.05 1.77 -40.68
C LYS B 94 40.03 0.79 -40.05
N SER B 95 39.50 -0.34 -39.58
CA SER B 95 40.21 -1.33 -38.76
C SER B 95 40.82 -0.70 -37.51
N ASN B 96 40.03 0.14 -36.84
CA ASN B 96 40.23 0.56 -35.46
C ASN B 96 41.56 1.25 -35.16
N VAL B 97 41.72 2.46 -35.68
CA VAL B 97 43.00 3.16 -35.59
C VAL B 97 43.25 3.71 -34.20
N VAL B 98 42.26 4.34 -33.58
CA VAL B 98 42.55 5.26 -32.48
C VAL B 98 42.24 4.72 -31.09
N ARG B 99 42.33 3.41 -30.89
CA ARG B 99 42.03 2.81 -29.59
C ARG B 99 42.96 3.31 -28.48
N GLY B 100 42.48 3.20 -27.24
CA GLY B 100 43.23 3.74 -26.14
C GLY B 100 42.63 5.03 -25.62
N TRP B 101 42.12 4.98 -24.39
CA TRP B 101 41.33 6.07 -23.84
C TRP B 101 41.80 6.28 -22.40
N VAL B 102 42.49 7.39 -22.18
CA VAL B 102 43.19 7.69 -20.94
C VAL B 102 42.29 8.60 -20.11
N PHE B 103 42.08 8.29 -18.84
CA PHE B 103 41.08 8.95 -18.01
C PHE B 103 41.81 9.45 -16.79
N GLY B 104 42.26 10.70 -16.84
CA GLY B 104 43.19 11.23 -15.88
C GLY B 104 42.60 12.33 -15.03
N SER B 105 43.36 12.68 -13.99
CA SER B 105 43.00 13.77 -13.09
C SER B 105 43.97 14.94 -13.24
N THR B 106 45.27 14.71 -13.08
CA THR B 106 46.28 15.70 -13.45
C THR B 106 47.14 15.22 -14.61
N MET B 107 46.92 13.99 -15.10
CA MET B 107 47.56 13.45 -16.31
C MET B 107 49.09 13.46 -16.22
N ASN B 108 49.60 13.09 -15.05
CA ASN B 108 51.03 12.99 -14.84
C ASN B 108 51.27 11.79 -13.93
N ASN B 109 52.47 11.69 -13.35
CA ASN B 109 52.81 10.48 -12.62
C ASN B 109 52.16 10.44 -11.24
N LYS B 110 51.77 11.58 -10.68
CA LYS B 110 51.03 11.62 -9.43
C LYS B 110 49.53 11.73 -9.63
N SER B 111 48.99 11.11 -10.69
CA SER B 111 47.57 11.19 -11.00
C SER B 111 46.96 9.81 -10.90
N GLN B 112 45.93 9.67 -10.07
CA GLN B 112 45.10 8.47 -10.10
C GLN B 112 44.27 8.51 -11.36
N SER B 113 44.67 7.71 -12.34
CA SER B 113 44.04 7.64 -13.65
C SER B 113 43.65 6.21 -13.95
N VAL B 114 42.91 6.04 -15.04
CA VAL B 114 42.52 4.73 -15.53
C VAL B 114 42.46 4.77 -17.05
N ILE B 115 43.01 3.74 -17.69
CA ILE B 115 43.11 3.73 -19.15
C ILE B 115 42.45 2.47 -19.66
N ILE B 116 41.69 2.61 -20.75
CA ILE B 116 41.06 1.51 -21.48
C ILE B 116 41.73 1.42 -22.84
N ILE B 117 42.52 0.39 -23.04
CA ILE B 117 43.19 0.14 -24.30
C ILE B 117 42.77 -1.22 -24.81
N ASN B 118 43.27 -1.57 -25.99
CA ASN B 118 43.07 -2.89 -26.56
C ASN B 118 44.41 -3.44 -27.00
N ASN B 119 44.62 -4.74 -26.80
CA ASN B 119 45.88 -5.39 -27.15
C ASN B 119 45.83 -6.09 -28.51
N SER B 120 45.07 -5.52 -29.46
CA SER B 120 44.67 -6.04 -30.77
C SER B 120 43.77 -7.26 -30.67
N THR B 121 43.45 -7.72 -29.49
CA THR B 121 42.59 -8.86 -29.23
C THR B 121 41.53 -8.54 -28.19
N ASN B 122 41.86 -7.74 -27.17
CA ASN B 122 40.99 -7.62 -26.02
C ASN B 122 41.26 -6.33 -25.26
N VAL B 123 40.25 -5.89 -24.51
CA VAL B 123 40.27 -4.67 -23.73
C VAL B 123 41.08 -4.88 -22.45
N VAL B 124 42.03 -3.99 -22.19
CA VAL B 124 42.81 -3.98 -20.96
C VAL B 124 42.66 -2.60 -20.32
N ILE B 125 42.29 -2.58 -19.05
CA ILE B 125 41.93 -1.38 -18.31
C ILE B 125 42.79 -1.36 -17.07
N ARG B 126 43.41 -0.23 -16.76
CA ARG B 126 44.12 -0.17 -15.49
C ARG B 126 43.95 1.19 -14.84
N ALA B 127 43.61 1.18 -13.55
CA ALA B 127 43.59 2.36 -12.69
C ALA B 127 44.78 2.27 -11.74
N CYS B 128 45.68 3.24 -11.88
CA CYS B 128 46.93 3.33 -11.11
C CYS B 128 47.58 4.67 -11.46
N ASN B 129 48.70 4.97 -10.78
CA ASN B 129 49.46 6.18 -11.12
C ASN B 129 50.50 5.84 -12.18
N PHE B 130 50.30 6.37 -13.37
CA PHE B 130 51.17 6.09 -14.51
C PHE B 130 52.00 7.33 -14.76
N GLU B 131 53.24 7.14 -15.21
CA GLU B 131 53.97 8.26 -15.80
C GLU B 131 53.31 8.58 -17.13
N LEU B 132 52.19 9.30 -17.05
CA LEU B 132 51.31 9.55 -18.18
C LEU B 132 51.97 10.59 -19.06
N CYS B 133 52.26 10.21 -20.29
CA CYS B 133 53.09 11.07 -21.09
C CYS B 133 52.25 12.16 -21.72
N ASP B 134 52.93 13.22 -22.18
CA ASP B 134 52.29 14.14 -23.11
C ASP B 134 51.94 13.44 -24.41
N ASN B 135 52.67 12.39 -24.77
CA ASN B 135 52.29 11.50 -25.86
C ASN B 135 52.76 10.09 -25.53
N PRO B 136 51.90 9.29 -24.88
CA PRO B 136 52.13 7.84 -24.91
C PRO B 136 51.69 7.31 -26.27
N PHE B 137 52.67 6.99 -27.10
CA PHE B 137 52.40 6.90 -28.53
C PHE B 137 52.70 5.51 -29.05
N PHE B 138 51.94 5.13 -30.07
CA PHE B 138 52.03 3.81 -30.67
C PHE B 138 52.70 3.89 -32.02
N ALA B 139 54.00 3.57 -32.06
CA ALA B 139 54.79 3.59 -33.30
C ALA B 139 54.37 2.40 -34.16
N VAL B 140 53.27 2.61 -34.87
CA VAL B 140 52.54 1.54 -35.53
C VAL B 140 52.79 1.62 -37.03
N SER B 141 53.26 0.53 -37.63
CA SER B 141 53.71 0.57 -39.01
C SER B 141 52.55 0.77 -39.99
N LYS B 142 52.90 1.15 -41.22
CA LYS B 142 51.87 1.46 -42.21
C LYS B 142 51.24 0.23 -42.88
N PRO B 143 51.99 -0.81 -43.30
CA PRO B 143 51.29 -1.98 -43.85
C PRO B 143 50.91 -3.06 -42.83
N MET B 144 51.45 -3.04 -41.60
CA MET B 144 51.27 -4.16 -40.68
C MET B 144 50.40 -3.84 -39.47
N GLY B 145 50.77 -2.83 -38.68
CA GLY B 145 49.92 -2.43 -37.58
C GLY B 145 50.26 -2.95 -36.21
N THR B 146 51.52 -2.84 -35.79
CA THR B 146 51.94 -3.37 -34.49
C THR B 146 52.20 -2.21 -33.53
N GLN B 147 51.59 -2.28 -32.35
CA GLN B 147 51.88 -1.34 -31.27
C GLN B 147 53.18 -1.78 -30.61
N THR B 148 54.29 -1.45 -31.29
CA THR B 148 55.63 -1.80 -30.85
C THR B 148 55.99 -1.08 -29.56
N HIS B 149 55.36 0.07 -29.33
CA HIS B 149 55.76 0.94 -28.24
C HIS B 149 54.66 0.93 -27.20
N THR B 150 54.25 -0.27 -26.77
CA THR B 150 53.24 -0.43 -25.73
C THR B 150 53.78 0.05 -24.37
N MET B 151 53.92 1.39 -24.28
CA MET B 151 54.57 2.12 -23.21
C MET B 151 53.60 2.51 -22.11
N ILE B 152 52.48 1.79 -22.02
CA ILE B 152 51.39 2.14 -21.12
C ILE B 152 51.84 2.01 -19.67
N PHE B 153 52.68 1.02 -19.39
CA PHE B 153 53.08 0.69 -18.03
C PHE B 153 54.45 1.31 -17.77
N ASP B 154 54.48 2.65 -17.78
CA ASP B 154 55.71 3.36 -17.44
C ASP B 154 56.02 3.25 -15.95
N ASN B 155 55.16 3.82 -15.12
CA ASN B 155 55.20 3.63 -13.68
C ASN B 155 53.83 3.12 -13.25
N ALA B 156 53.84 2.31 -12.20
CA ALA B 156 52.62 1.67 -11.73
C ALA B 156 52.71 1.55 -10.22
N PHE B 157 52.22 2.57 -9.51
CA PHE B 157 52.30 2.62 -8.06
C PHE B 157 51.03 3.26 -7.55
N ASN B 158 50.66 2.90 -6.31
CA ASN B 158 49.31 3.11 -5.76
C ASN B 158 48.25 2.50 -6.69
N CYS B 159 48.60 1.35 -7.26
CA CYS B 159 47.67 0.63 -8.12
C CYS B 159 46.58 0.04 -7.27
N THR B 160 45.34 0.37 -7.61
CA THR B 160 44.23 -0.36 -7.03
C THR B 160 43.57 -1.28 -8.04
N PHE B 161 43.70 -1.01 -9.33
CA PHE B 161 42.79 -1.70 -10.23
C PHE B 161 43.43 -2.02 -11.57
N GLU B 162 43.06 -3.20 -12.09
CA GLU B 162 43.30 -3.57 -13.47
C GLU B 162 42.29 -4.64 -13.84
N TYR B 163 41.70 -4.52 -15.02
CA TYR B 163 40.69 -5.43 -15.53
C TYR B 163 41.04 -5.78 -16.97
N ILE B 164 40.74 -7.00 -17.37
CA ILE B 164 40.89 -7.41 -18.76
C ILE B 164 39.56 -8.00 -19.19
N SER B 165 38.92 -7.33 -20.14
CA SER B 165 37.56 -7.66 -20.57
C SER B 165 37.58 -8.84 -21.53
N ASP B 166 36.52 -8.98 -22.31
CA ASP B 166 36.33 -10.13 -23.16
C ASP B 166 36.83 -9.85 -24.58
N ALA B 167 37.52 -10.82 -25.16
CA ALA B 167 38.15 -10.61 -26.46
C ALA B 167 37.12 -10.70 -27.58
N PHE B 168 37.49 -10.13 -28.73
CA PHE B 168 36.58 -10.06 -29.87
C PHE B 168 37.39 -9.85 -31.14
N SER B 169 36.68 -9.77 -32.25
CA SER B 169 37.32 -9.57 -33.54
C SER B 169 37.88 -8.15 -33.62
N LEU B 170 39.20 -8.04 -33.71
CA LEU B 170 39.85 -6.77 -33.42
C LEU B 170 41.16 -6.67 -34.20
N ASP B 171 41.35 -5.55 -34.89
CA ASP B 171 42.54 -5.24 -35.69
C ASP B 171 42.94 -3.79 -35.50
N VAL B 172 44.13 -3.42 -35.99
CA VAL B 172 44.80 -2.19 -35.59
C VAL B 172 44.99 -1.23 -36.76
N SER B 173 45.43 -1.75 -37.90
CA SER B 173 46.24 -0.99 -38.84
C SER B 173 45.42 -0.04 -39.69
N GLU B 174 46.11 0.56 -40.67
CA GLU B 174 45.56 1.56 -41.56
C GLU B 174 44.84 0.90 -42.72
N LYS B 175 43.59 1.31 -42.95
CA LYS B 175 42.89 1.00 -44.20
C LYS B 175 42.45 2.32 -44.83
N SER B 176 41.99 2.23 -46.08
CA SER B 176 41.76 3.43 -46.88
C SER B 176 40.41 3.32 -47.57
N GLY B 177 40.03 4.40 -48.24
CA GLY B 177 38.77 4.45 -48.93
C GLY B 177 37.71 5.18 -48.14
N ASN B 178 36.49 4.67 -48.16
CA ASN B 178 35.41 5.29 -47.41
C ASN B 178 35.54 4.96 -45.92
N PHE B 179 34.80 5.71 -45.11
CA PHE B 179 34.81 5.57 -43.66
C PHE B 179 34.07 4.29 -43.28
N LYS B 180 34.81 3.19 -43.25
CA LYS B 180 34.20 1.89 -42.99
C LYS B 180 33.74 1.79 -41.54
N HIS B 181 34.65 1.95 -40.59
CA HIS B 181 34.27 1.94 -39.19
C HIS B 181 33.98 3.37 -38.76
N LEU B 182 32.93 3.54 -37.95
CA LEU B 182 32.61 4.83 -37.37
C LEU B 182 32.49 4.57 -35.87
N ARG B 183 33.62 4.73 -35.17
CA ARG B 183 33.63 4.62 -33.71
C ARG B 183 32.72 5.66 -33.10
N GLU B 184 31.62 5.21 -32.54
CA GLU B 184 30.75 6.09 -31.77
C GLU B 184 30.50 5.42 -30.43
N PHE B 185 30.95 6.09 -29.38
CA PHE B 185 31.00 5.60 -28.01
C PHE B 185 30.42 6.66 -27.11
N VAL B 186 29.81 6.24 -26.02
CA VAL B 186 29.57 7.12 -24.90
C VAL B 186 30.26 6.51 -23.70
N PHE B 187 31.20 7.24 -23.14
CA PHE B 187 31.80 6.88 -21.88
C PHE B 187 30.97 7.65 -20.87
N LYS B 188 29.92 7.01 -20.40
CA LYS B 188 28.97 7.60 -19.49
C LYS B 188 29.54 7.52 -18.09
N ASN B 189 30.02 8.64 -17.58
CA ASN B 189 30.52 8.73 -16.22
C ASN B 189 29.30 8.77 -15.30
N LYS B 190 28.74 7.60 -15.02
CA LYS B 190 27.42 7.47 -14.42
C LYS B 190 27.54 6.87 -13.03
N ASP B 191 27.05 7.60 -12.02
CA ASP B 191 27.11 7.24 -10.59
C ASP B 191 28.55 7.04 -10.11
N GLY B 192 29.50 7.73 -10.74
CA GLY B 192 30.91 7.51 -10.46
C GLY B 192 31.48 6.34 -11.24
N PHE B 193 30.61 5.37 -11.55
CA PHE B 193 30.97 4.25 -12.38
C PHE B 193 31.23 4.74 -13.79
N LEU B 194 31.97 3.99 -14.57
CA LEU B 194 32.21 4.41 -15.94
C LEU B 194 31.52 3.40 -16.83
N TYR B 195 30.22 3.62 -17.07
CA TYR B 195 29.44 2.78 -17.96
C TYR B 195 29.94 3.08 -19.36
N VAL B 196 30.15 2.06 -20.16
CA VAL B 196 30.73 2.25 -21.47
C VAL B 196 29.76 1.66 -22.48
N TYR B 197 29.15 2.52 -23.28
CA TYR B 197 28.09 2.08 -24.16
C TYR B 197 28.63 2.09 -25.58
N LYS B 198 28.18 1.11 -26.34
CA LYS B 198 28.89 0.73 -27.54
C LYS B 198 27.91 0.58 -28.69
N GLY B 199 28.31 1.07 -29.85
CA GLY B 199 27.45 0.91 -31.02
C GLY B 199 28.21 1.24 -32.28
N TYR B 200 27.60 0.88 -33.40
CA TYR B 200 28.27 0.90 -34.68
C TYR B 200 27.25 1.23 -35.76
N GLN B 201 27.68 2.00 -36.77
CA GLN B 201 26.76 2.36 -37.83
C GLN B 201 27.48 2.58 -39.15
N PRO B 202 27.03 1.99 -40.24
CA PRO B 202 27.70 2.14 -41.52
C PRO B 202 27.36 3.47 -42.16
N ILE B 203 28.35 4.03 -42.87
CA ILE B 203 28.22 5.31 -43.56
C ILE B 203 28.97 5.24 -44.89
N ASP B 204 28.85 6.31 -45.66
CA ASP B 204 29.78 6.65 -46.75
C ASP B 204 29.76 8.17 -46.83
N VAL B 205 30.72 8.80 -46.17
CA VAL B 205 30.82 10.25 -46.10
C VAL B 205 32.22 10.63 -46.55
N VAL B 206 32.36 11.86 -47.07
CA VAL B 206 33.68 12.33 -47.48
C VAL B 206 34.53 12.69 -46.26
N ARG B 207 34.14 13.74 -45.53
CA ARG B 207 34.98 14.23 -44.45
C ARG B 207 34.25 14.73 -43.21
N ASP B 208 32.93 14.80 -43.21
CA ASP B 208 32.22 15.52 -42.16
C ASP B 208 31.11 14.65 -41.58
N LEU B 209 30.22 15.27 -40.82
CA LEU B 209 29.29 14.50 -40.02
C LEU B 209 27.87 14.71 -40.52
N PRO B 210 27.26 13.73 -41.17
CA PRO B 210 25.83 13.84 -41.49
C PRO B 210 24.97 13.45 -40.31
N SER B 211 23.67 13.40 -40.55
CA SER B 211 22.68 13.19 -39.50
C SER B 211 22.44 11.70 -39.29
N GLY B 212 22.62 11.22 -38.06
CA GLY B 212 22.39 9.81 -37.79
C GLY B 212 22.56 9.37 -36.35
N PHE B 213 21.66 8.52 -35.88
CA PHE B 213 21.66 8.06 -34.49
C PHE B 213 22.09 6.61 -34.40
N ASN B 214 22.87 6.32 -33.37
CA ASN B 214 23.51 5.02 -33.22
C ASN B 214 23.27 4.59 -31.78
N THR B 215 22.53 3.49 -31.62
CA THR B 215 22.20 3.02 -30.29
C THR B 215 23.44 2.48 -29.61
N LEU B 216 23.91 3.21 -28.61
CA LEU B 216 25.12 2.81 -27.93
C LEU B 216 24.75 1.90 -26.78
N LYS B 217 25.15 0.66 -26.89
CA LYS B 217 24.51 -0.38 -26.12
C LYS B 217 25.37 -0.83 -24.96
N PRO B 218 24.75 -1.10 -23.80
CA PRO B 218 25.52 -1.31 -22.57
C PRO B 218 26.26 -2.63 -22.52
N ILE B 219 27.41 -2.66 -23.19
CA ILE B 219 28.35 -3.75 -23.01
C ILE B 219 28.94 -3.74 -21.61
N PHE B 220 29.08 -2.56 -21.04
CA PHE B 220 29.92 -2.36 -19.88
C PHE B 220 29.21 -1.56 -18.81
N LYS B 221 29.30 -2.07 -17.59
CA LYS B 221 29.06 -1.28 -16.40
C LYS B 221 30.23 -1.52 -15.46
N LEU B 222 31.01 -0.48 -15.22
CA LEU B 222 32.29 -0.71 -14.60
C LEU B 222 32.48 0.18 -13.39
N PRO B 223 32.93 -0.40 -12.27
CA PRO B 223 32.73 0.24 -10.96
C PRO B 223 33.79 1.22 -10.49
N LEU B 224 34.56 1.82 -11.42
CA LEU B 224 35.83 2.50 -11.15
C LEU B 224 35.81 3.57 -10.06
N GLY B 225 35.13 4.68 -10.31
CA GLY B 225 35.01 5.74 -9.32
C GLY B 225 36.28 6.49 -8.97
N ILE B 226 36.83 7.23 -9.94
CA ILE B 226 37.89 8.19 -9.65
C ILE B 226 37.55 9.51 -10.35
N ASN B 227 38.38 10.53 -10.06
CA ASN B 227 38.17 11.88 -10.59
C ASN B 227 38.61 11.89 -12.06
N ILE B 228 37.70 11.43 -12.91
CA ILE B 228 37.98 11.35 -14.35
C ILE B 228 37.75 12.74 -14.93
N THR B 229 38.84 13.49 -15.10
CA THR B 229 38.77 14.87 -15.57
C THR B 229 39.15 14.98 -17.05
N ASN B 230 40.19 14.26 -17.44
CA ASN B 230 40.68 14.24 -18.80
C ASN B 230 40.43 12.88 -19.43
N PHE B 231 40.32 12.88 -20.75
CA PHE B 231 40.52 11.65 -21.48
C PHE B 231 41.42 11.96 -22.66
N ARG B 232 42.20 10.98 -23.05
CA ARG B 232 43.00 11.08 -24.26
C ARG B 232 42.79 9.87 -25.15
N ALA B 233 42.60 10.16 -26.43
CA ALA B 233 42.58 9.15 -27.48
C ALA B 233 43.96 9.08 -28.12
N ILE B 234 44.54 7.88 -28.08
CA ILE B 234 45.86 7.63 -28.63
C ILE B 234 45.67 7.01 -30.01
N LEU B 235 46.29 7.60 -31.00
CA LEU B 235 46.18 7.09 -32.36
C LEU B 235 47.13 5.91 -32.52
N THR B 236 47.25 5.47 -33.76
CA THR B 236 48.36 4.63 -34.17
C THR B 236 49.18 5.43 -35.17
N ALA B 237 50.37 5.85 -34.75
CA ALA B 237 51.22 6.73 -35.54
C ALA B 237 51.92 5.91 -36.61
N PHE B 238 51.54 6.14 -37.87
CA PHE B 238 51.93 5.24 -38.97
C PHE B 238 53.40 5.43 -39.31
N SER B 239 54.11 4.31 -39.35
CA SER B 239 55.55 4.28 -39.46
C SER B 239 55.94 3.17 -40.43
N ILE B 244 58.31 10.04 -36.58
CA ILE B 244 57.40 10.38 -37.67
C ILE B 244 56.08 9.63 -37.54
N TRP B 245 55.04 10.35 -37.18
CA TRP B 245 53.69 9.81 -37.15
C TRP B 245 53.14 9.72 -38.57
N GLY B 246 51.96 9.13 -38.69
CA GLY B 246 51.27 9.09 -39.96
C GLY B 246 49.78 9.03 -39.76
N THR B 247 49.02 9.68 -40.66
CA THR B 247 47.57 9.59 -40.71
C THR B 247 47.11 9.49 -42.16
N SER B 248 45.96 8.85 -42.35
CA SER B 248 45.25 8.82 -43.61
C SER B 248 44.25 9.97 -43.65
N ALA B 249 43.32 9.92 -44.60
CA ALA B 249 42.26 10.92 -44.74
C ALA B 249 41.07 10.53 -43.87
N ALA B 250 41.01 11.15 -42.68
CA ALA B 250 39.97 10.85 -41.70
C ALA B 250 39.85 12.01 -40.73
N ALA B 251 39.03 11.81 -39.70
CA ALA B 251 38.87 12.79 -38.63
C ALA B 251 38.36 12.08 -37.39
N TYR B 252 38.42 12.76 -36.26
CA TYR B 252 37.75 12.23 -35.07
C TYR B 252 37.12 13.37 -34.28
N PHE B 253 35.97 13.08 -33.72
CA PHE B 253 35.07 14.09 -33.18
C PHE B 253 34.98 13.92 -31.66
N VAL B 254 34.69 15.02 -30.97
CA VAL B 254 34.52 15.05 -29.52
C VAL B 254 33.24 15.83 -29.21
N GLY B 255 32.41 15.30 -28.32
CA GLY B 255 31.31 16.06 -27.77
C GLY B 255 31.11 15.74 -26.31
N TYR B 256 30.60 16.72 -25.56
CA TYR B 256 30.39 16.55 -24.14
C TYR B 256 28.89 16.52 -23.84
N LEU B 257 28.53 15.67 -22.89
CA LEU B 257 27.13 15.39 -22.61
C LEU B 257 26.54 16.50 -21.75
N LYS B 258 25.23 16.44 -21.58
CA LYS B 258 24.48 17.49 -20.96
C LYS B 258 23.23 16.85 -20.38
N PRO B 259 22.94 17.09 -19.10
CA PRO B 259 21.75 16.46 -18.48
C PRO B 259 20.42 17.07 -18.91
N THR B 260 19.90 16.61 -20.03
CA THR B 260 18.70 17.23 -20.57
C THR B 260 17.72 16.14 -20.96
N THR B 261 16.65 16.55 -21.61
CA THR B 261 15.39 15.82 -21.55
C THR B 261 14.84 15.56 -22.95
N PHE B 262 14.45 14.32 -23.19
CA PHE B 262 14.17 13.82 -24.53
C PHE B 262 12.89 13.02 -24.55
N MET B 263 12.28 12.98 -25.73
CA MET B 263 11.16 12.12 -26.04
C MET B 263 11.57 11.11 -27.09
N LEU B 264 11.48 9.83 -26.74
CA LEU B 264 11.88 8.74 -27.60
C LEU B 264 10.62 8.06 -28.11
N LYS B 265 10.62 7.69 -29.39
CA LYS B 265 9.48 6.97 -29.95
C LYS B 265 9.89 5.52 -30.20
N TYR B 266 9.37 4.60 -29.40
CA TYR B 266 9.63 3.19 -29.66
C TYR B 266 8.69 2.67 -30.74
N ASP B 267 9.21 1.79 -31.58
CA ASP B 267 8.53 1.31 -32.77
C ASP B 267 7.64 0.12 -32.44
N GLU B 268 7.29 -0.64 -33.48
CA GLU B 268 6.52 -1.85 -33.29
C GLU B 268 7.33 -2.97 -32.62
N ASN B 269 8.66 -2.84 -32.54
CA ASN B 269 9.46 -3.96 -32.04
C ASN B 269 10.36 -3.59 -30.88
N GLY B 270 10.50 -2.32 -30.54
CA GLY B 270 11.41 -1.96 -29.49
C GLY B 270 12.70 -1.33 -29.97
N THR B 271 12.60 -0.45 -30.94
CA THR B 271 13.76 0.24 -31.47
C THR B 271 13.41 1.70 -31.70
N ILE B 272 14.29 2.58 -31.23
CA ILE B 272 14.15 4.01 -31.44
C ILE B 272 14.16 4.31 -32.93
N THR B 273 13.08 4.88 -33.45
CA THR B 273 13.12 5.41 -34.80
C THR B 273 13.22 6.92 -34.83
N ASP B 274 13.06 7.57 -33.67
CA ASP B 274 12.98 9.02 -33.58
C ASP B 274 13.10 9.44 -32.12
N ALA B 275 13.63 10.63 -31.94
CA ALA B 275 13.70 11.27 -30.63
C ALA B 275 13.67 12.76 -30.85
N VAL B 276 13.16 13.50 -29.87
CA VAL B 276 13.13 14.95 -29.90
C VAL B 276 13.57 15.49 -28.56
N ASP B 277 14.52 16.43 -28.58
CA ASP B 277 14.97 17.10 -27.38
C ASP B 277 13.91 18.10 -26.89
N CYS B 278 14.01 18.49 -25.63
CA CYS B 278 13.15 19.51 -25.09
C CYS B 278 13.66 20.92 -25.37
N SER B 279 14.90 21.21 -24.96
CA SER B 279 15.37 22.58 -24.76
C SER B 279 15.94 23.21 -26.01
N GLN B 280 15.40 22.87 -27.18
CA GLN B 280 15.95 23.30 -28.45
C GLN B 280 15.01 24.21 -29.23
N ASN B 281 13.78 23.78 -29.46
CA ASN B 281 12.74 24.52 -30.14
C ASN B 281 11.55 24.56 -29.21
N PRO B 282 10.90 25.70 -29.06
CA PRO B 282 9.56 25.71 -28.47
C PRO B 282 8.60 24.75 -29.13
N LEU B 283 8.74 24.48 -30.43
CA LEU B 283 8.03 23.34 -30.95
C LEU B 283 8.56 22.05 -30.35
N ALA B 284 9.88 21.96 -30.16
CA ALA B 284 10.43 20.71 -29.62
C ALA B 284 10.08 20.51 -28.15
N GLU B 285 9.94 21.58 -27.38
CA GLU B 285 9.53 21.33 -26.00
C GLU B 285 8.03 21.14 -25.88
N LEU B 286 7.26 21.74 -26.80
CA LEU B 286 5.87 21.34 -26.92
C LEU B 286 5.74 19.86 -27.21
N LYS B 287 6.57 19.35 -28.11
CA LYS B 287 6.58 17.94 -28.45
C LYS B 287 6.98 17.07 -27.26
N CYS B 288 7.97 17.49 -26.49
CA CYS B 288 8.38 16.64 -25.39
C CYS B 288 7.57 16.88 -24.13
N SER B 289 6.60 17.79 -24.14
CA SER B 289 5.69 17.90 -23.01
C SER B 289 4.34 17.25 -23.27
N VAL B 290 3.67 17.58 -24.40
CA VAL B 290 2.37 16.97 -24.61
C VAL B 290 2.49 15.66 -25.35
N LYS B 291 3.71 15.21 -25.64
CA LYS B 291 4.04 13.87 -26.11
C LYS B 291 3.38 13.54 -27.45
N SER B 292 3.79 14.27 -28.49
CA SER B 292 3.45 13.90 -29.85
C SER B 292 4.41 14.56 -30.83
N PHE B 293 4.67 13.86 -31.92
CA PHE B 293 5.39 14.49 -33.02
C PHE B 293 4.43 15.38 -33.81
N GLU B 294 3.42 14.78 -34.40
CA GLU B 294 2.30 15.55 -34.93
C GLU B 294 1.54 16.19 -33.79
N ILE B 295 1.60 17.51 -33.68
CA ILE B 295 0.78 18.26 -32.74
C ILE B 295 0.03 19.29 -33.56
N ASP B 296 -1.24 19.51 -33.24
CA ASP B 296 -2.09 20.37 -34.04
C ASP B 296 -1.81 21.84 -33.73
N LYS B 297 -2.72 22.70 -34.14
CA LYS B 297 -2.52 24.14 -34.16
C LYS B 297 -3.11 24.77 -32.91
N GLY B 298 -2.42 25.76 -32.37
CA GLY B 298 -3.03 26.60 -31.36
C GLY B 298 -2.08 26.92 -30.23
N ILE B 299 -2.46 27.92 -29.43
CA ILE B 299 -1.81 28.14 -28.16
C ILE B 299 -2.00 26.91 -27.31
N TYR B 300 -0.92 26.21 -27.04
CA TYR B 300 -0.96 25.08 -26.16
C TYR B 300 -0.19 25.48 -24.94
N GLN B 301 -0.68 25.09 -23.78
CA GLN B 301 0.03 25.44 -22.59
C GLN B 301 1.33 24.65 -22.52
N THR B 302 2.30 25.24 -21.87
CA THR B 302 3.50 24.57 -21.42
C THR B 302 3.88 25.21 -20.09
N SER B 303 5.15 25.08 -19.71
CA SER B 303 5.57 25.32 -18.36
C SER B 303 5.58 26.81 -18.01
N ASN B 304 6.17 27.12 -16.88
CA ASN B 304 6.34 28.48 -16.42
C ASN B 304 7.38 29.21 -17.25
N PHE B 305 7.47 30.51 -17.03
CA PHE B 305 8.72 31.22 -17.24
C PHE B 305 8.88 32.19 -16.10
N ARG B 306 10.11 32.40 -15.69
CA ARG B 306 10.37 33.42 -14.71
C ARG B 306 11.77 33.93 -14.92
N VAL B 307 12.09 35.03 -14.26
CA VAL B 307 13.35 35.70 -14.50
C VAL B 307 14.28 35.47 -13.32
N VAL B 308 15.45 34.92 -13.61
CA VAL B 308 16.50 34.71 -12.61
C VAL B 308 16.98 36.06 -12.10
N PRO B 309 17.18 36.25 -10.80
CA PRO B 309 17.77 37.49 -10.31
C PRO B 309 19.24 37.55 -10.67
N SER B 310 19.78 38.77 -10.59
CA SER B 310 21.19 38.97 -10.87
C SER B 310 21.97 39.45 -9.67
N GLY B 311 21.57 40.56 -9.07
CA GLY B 311 22.35 41.16 -8.02
C GLY B 311 22.21 40.42 -6.71
N ASP B 312 23.05 40.82 -5.76
CA ASP B 312 23.00 40.27 -4.42
C ASP B 312 23.02 41.46 -3.46
N VAL B 313 21.84 42.02 -3.21
CA VAL B 313 21.71 43.18 -2.36
C VAL B 313 21.67 42.72 -0.91
N VAL B 314 22.67 43.12 -0.14
CA VAL B 314 22.69 42.89 1.29
C VAL B 314 22.79 44.26 1.94
N ARG B 315 21.85 44.58 2.82
CA ARG B 315 21.77 45.90 3.40
C ARG B 315 21.74 45.80 4.91
N PHE B 316 22.91 45.87 5.50
CA PHE B 316 23.00 45.81 6.95
C PHE B 316 23.53 47.16 7.40
N PRO B 317 23.25 47.60 8.62
CA PRO B 317 23.90 48.80 9.12
C PRO B 317 25.39 48.57 9.34
N ASN B 318 26.10 49.67 9.52
CA ASN B 318 27.54 49.63 9.73
C ASN B 318 27.92 49.38 11.18
N ILE B 319 27.02 48.73 11.90
CA ILE B 319 27.26 48.29 13.27
C ILE B 319 28.38 47.28 13.27
N THR B 320 29.42 47.56 14.06
CA THR B 320 30.62 46.74 14.10
C THR B 320 31.08 46.68 15.54
N ASN B 321 31.05 45.49 16.14
CA ASN B 321 31.25 45.34 17.57
C ASN B 321 31.46 43.87 17.88
N LEU B 322 31.94 43.60 19.09
CA LEU B 322 32.01 42.25 19.64
C LEU B 322 30.92 42.09 20.70
N CYS B 323 30.20 40.97 20.65
CA CYS B 323 29.15 40.69 21.63
C CYS B 323 29.74 40.43 23.00
N PRO B 324 28.93 40.52 24.05
CA PRO B 324 29.36 40.04 25.36
C PRO B 324 29.24 38.53 25.55
N PHE B 325 29.16 37.78 24.44
CA PHE B 325 29.13 36.32 24.43
C PHE B 325 30.21 35.70 25.30
N GLY B 326 31.48 35.97 25.00
CA GLY B 326 32.57 35.48 25.85
C GLY B 326 32.60 36.09 27.23
N GLU B 327 31.85 37.16 27.44
CA GLU B 327 31.55 37.72 28.75
C GLU B 327 30.46 36.94 29.48
N VAL B 328 29.36 36.62 28.82
CA VAL B 328 28.28 35.95 29.54
C VAL B 328 28.60 34.47 29.76
N PHE B 329 28.99 33.76 28.70
CA PHE B 329 29.23 32.33 28.81
C PHE B 329 30.52 32.04 29.55
N ASN B 330 31.40 33.02 29.69
CA ASN B 330 32.55 32.94 30.58
C ASN B 330 32.47 34.20 31.44
N ALA B 331 31.64 34.14 32.46
CA ALA B 331 31.54 35.17 33.48
C ALA B 331 32.23 34.67 34.74
N THR B 332 32.46 35.57 35.68
CA THR B 332 32.83 35.13 37.02
C THR B 332 31.60 34.94 37.89
N LYS B 333 30.45 35.32 37.38
CA LYS B 333 29.21 35.30 38.15
C LYS B 333 28.13 34.60 37.36
N PHE B 334 27.53 33.61 38.00
CA PHE B 334 26.46 32.79 37.47
C PHE B 334 25.53 32.51 38.64
N PRO B 335 24.34 33.11 38.68
CA PRO B 335 23.51 33.06 39.89
C PRO B 335 22.65 31.82 39.93
N SER B 336 21.74 31.80 40.90
CA SER B 336 20.75 30.74 41.01
C SER B 336 19.61 30.98 40.02
N VAL B 337 18.52 30.23 40.18
CA VAL B 337 17.50 30.15 39.15
C VAL B 337 16.31 31.02 39.49
N TYR B 338 15.96 31.10 40.76
CA TYR B 338 14.97 32.07 41.22
C TYR B 338 15.54 33.46 41.29
N ALA B 339 16.85 33.60 41.19
CA ALA B 339 17.58 34.85 41.08
C ALA B 339 18.32 34.88 39.75
N TRP B 340 17.63 34.50 38.69
CA TRP B 340 18.24 34.33 37.38
C TRP B 340 18.71 35.65 36.78
N GLU B 341 19.93 35.64 36.28
CA GLU B 341 20.52 36.78 35.61
C GLU B 341 19.84 37.01 34.27
N ARG B 342 19.73 38.26 33.88
CA ARG B 342 19.20 38.62 32.55
C ARG B 342 20.19 39.57 31.88
N LYS B 343 20.42 39.34 30.59
CA LYS B 343 21.30 40.20 29.80
C LYS B 343 20.66 40.52 28.46
N LYS B 344 20.65 41.81 28.12
CA LYS B 344 20.31 42.27 26.79
C LYS B 344 21.58 42.33 25.96
N ILE B 345 21.51 41.89 24.69
CA ILE B 345 22.66 41.96 23.81
C ILE B 345 22.33 42.92 22.66
N SER B 346 23.07 44.02 22.59
CA SER B 346 22.66 45.15 21.75
C SER B 346 23.84 45.66 20.93
N ASN B 347 23.57 45.88 19.64
CA ASN B 347 24.49 46.51 18.67
C ASN B 347 25.83 45.77 18.61
N CYS B 348 25.74 44.56 18.10
CA CYS B 348 26.89 43.69 18.04
C CYS B 348 26.98 43.09 16.65
N VAL B 349 28.03 42.31 16.44
CA VAL B 349 28.19 41.48 15.25
C VAL B 349 28.34 40.06 15.78
N ALA B 350 27.25 39.30 15.74
CA ALA B 350 27.19 38.02 16.43
C ALA B 350 27.83 36.91 15.59
N ASP B 351 29.01 36.48 16.00
CA ASP B 351 29.84 35.60 15.16
C ASP B 351 29.30 34.18 15.10
N TYR B 352 28.78 33.69 16.24
CA TYR B 352 28.34 32.31 16.45
C TYR B 352 29.47 31.32 16.24
N SER B 353 30.70 31.78 16.52
CA SER B 353 31.92 31.05 16.29
C SER B 353 32.57 30.53 17.56
N VAL B 354 32.12 30.97 18.74
CA VAL B 354 32.38 30.23 19.95
C VAL B 354 31.41 29.06 20.04
N LEU B 355 30.37 29.06 19.20
CA LEU B 355 29.31 28.08 19.35
C LEU B 355 29.65 26.76 18.68
N TYR B 356 30.14 26.80 17.46
CA TYR B 356 30.20 25.59 16.64
C TYR B 356 31.43 24.76 16.94
N ASN B 357 32.53 25.41 17.35
CA ASN B 357 33.78 24.72 17.66
C ASN B 357 33.99 24.63 19.18
N SER B 358 33.13 23.87 19.85
CA SER B 358 33.34 23.56 21.27
C SER B 358 32.63 22.27 21.63
N THR B 359 33.35 21.37 22.30
CA THR B 359 32.80 20.15 22.84
C THR B 359 32.53 20.24 24.32
N PHE B 360 32.62 21.45 24.87
CA PHE B 360 32.44 21.72 26.29
C PHE B 360 30.97 21.74 26.70
N PHE B 361 30.08 21.90 25.74
CA PHE B 361 28.71 22.30 26.02
C PHE B 361 27.91 21.08 26.49
N SER B 362 27.12 21.26 27.54
CA SER B 362 26.32 20.14 28.06
C SER B 362 25.10 19.90 27.19
N THR B 363 24.48 20.98 26.71
CA THR B 363 23.33 20.89 25.80
C THR B 363 23.34 22.11 24.90
N PHE B 364 23.86 21.92 23.70
CA PHE B 364 24.05 22.97 22.70
C PHE B 364 22.89 22.84 21.74
N LYS B 365 21.70 23.31 22.14
CA LYS B 365 20.50 22.85 21.47
C LYS B 365 19.57 24.00 21.16
N CYS B 366 19.14 24.07 19.91
CA CYS B 366 18.26 25.12 19.45
C CYS B 366 16.91 24.51 19.15
N TYR B 367 15.86 25.08 19.75
CA TYR B 367 14.59 24.37 19.81
C TYR B 367 13.65 24.79 18.69
N GLY B 368 13.26 26.06 18.65
CA GLY B 368 12.36 26.50 17.62
C GLY B 368 13.16 27.02 16.46
N VAL B 369 14.48 27.04 16.65
CA VAL B 369 15.42 27.52 15.65
C VAL B 369 16.47 26.45 15.42
N SER B 370 17.37 26.74 14.50
CA SER B 370 18.46 25.84 14.14
C SER B 370 19.80 26.53 14.36
N ALA B 371 20.84 25.72 14.57
CA ALA B 371 22.13 26.27 14.91
C ALA B 371 22.85 26.80 13.68
N THR B 372 22.57 26.24 12.51
CA THR B 372 23.40 26.53 11.35
C THR B 372 22.93 27.75 10.58
N LYS B 373 21.64 28.07 10.64
CA LYS B 373 21.12 29.22 9.91
C LYS B 373 20.98 30.42 10.85
N LEU B 374 21.95 30.56 11.76
CA LEU B 374 21.80 31.38 12.96
C LEU B 374 22.22 32.82 12.71
N ASN B 375 23.33 33.02 12.01
CA ASN B 375 23.77 34.34 11.57
C ASN B 375 23.20 34.72 10.23
N ASP B 376 22.07 34.13 9.84
CA ASP B 376 21.45 34.45 8.58
C ASP B 376 20.62 35.72 8.66
N LEU B 377 20.23 36.13 9.86
CA LEU B 377 19.45 37.35 10.03
C LEU B 377 20.10 38.22 11.10
N CYS B 378 19.90 39.54 10.96
CA CYS B 378 20.40 40.53 11.89
C CYS B 378 19.36 40.80 12.98
N PHE B 379 19.79 40.74 14.23
CA PHE B 379 18.85 40.62 15.35
C PHE B 379 18.74 41.92 16.13
N SER B 380 17.66 42.02 16.90
CA SER B 380 17.44 43.10 17.85
C SER B 380 17.25 42.47 19.22
N ASN B 381 18.31 42.52 20.04
CA ASN B 381 18.25 42.27 21.47
C ASN B 381 17.82 40.85 21.81
N VAL B 382 18.67 39.90 21.47
CA VAL B 382 18.55 38.59 22.07
C VAL B 382 18.92 38.66 23.55
N TYR B 383 18.38 37.72 24.31
CA TYR B 383 18.30 37.84 25.75
C TYR B 383 18.85 36.59 26.40
N ALA B 384 19.93 36.76 27.14
CA ALA B 384 20.53 35.67 27.88
C ALA B 384 19.94 35.62 29.28
N ASP B 385 19.68 34.42 29.75
CA ASP B 385 19.05 34.19 31.04
C ASP B 385 19.92 33.18 31.74
N SER B 386 20.73 33.64 32.69
CA SER B 386 21.86 32.88 33.23
C SER B 386 21.57 32.40 34.64
N PHE B 387 21.83 31.11 34.87
CA PHE B 387 21.47 30.53 36.16
C PHE B 387 22.26 29.24 36.39
N VAL B 388 22.36 28.86 37.66
CA VAL B 388 23.05 27.63 38.06
C VAL B 388 22.02 26.63 38.53
N VAL B 389 21.93 25.50 37.84
CA VAL B 389 21.03 24.43 38.21
C VAL B 389 21.85 23.24 38.69
N LYS B 390 21.12 22.27 39.22
CA LYS B 390 21.62 20.93 39.46
C LYS B 390 21.67 20.17 38.13
N GLY B 391 22.06 18.90 38.15
CA GLY B 391 22.37 18.24 36.91
C GLY B 391 21.22 17.66 36.10
N ASP B 392 19.98 18.00 36.45
CA ASP B 392 18.85 17.35 35.82
C ASP B 392 17.78 18.32 35.33
N ASP B 393 18.05 19.62 35.44
CA ASP B 393 17.05 20.58 35.01
C ASP B 393 17.09 20.87 33.52
N VAL B 394 18.06 20.30 32.79
CA VAL B 394 18.18 20.56 31.36
C VAL B 394 16.99 19.97 30.62
N ARG B 395 16.64 18.73 30.95
CA ARG B 395 15.39 18.14 30.54
C ARG B 395 14.19 18.95 31.00
N GLN B 396 14.31 19.61 32.14
CA GLN B 396 13.26 20.41 32.71
C GLN B 396 13.26 21.84 32.19
N ILE B 397 13.82 22.08 31.00
CA ILE B 397 13.82 23.38 30.34
C ILE B 397 13.46 23.16 28.88
N ALA B 398 12.30 23.69 28.48
CA ALA B 398 11.70 23.58 27.15
C ALA B 398 10.48 24.48 27.07
N PRO B 399 9.81 24.62 25.92
CA PRO B 399 8.42 25.08 25.98
C PRO B 399 7.57 23.97 26.58
N GLY B 400 7.20 24.15 27.85
CA GLY B 400 6.76 23.05 28.68
C GLY B 400 7.85 22.60 29.62
N GLN B 401 7.69 21.37 30.12
CA GLN B 401 8.68 20.65 30.94
C GLN B 401 9.04 21.42 32.21
N THR B 402 8.00 21.82 32.95
CA THR B 402 8.25 22.68 34.11
C THR B 402 8.85 21.88 35.25
N GLY B 403 8.10 20.92 35.77
CA GLY B 403 8.49 20.32 37.03
C GLY B 403 8.29 21.33 38.13
N VAL B 404 9.17 21.28 39.14
CA VAL B 404 9.04 22.15 40.29
C VAL B 404 10.03 23.30 40.16
N ILE B 405 11.26 22.96 39.72
CA ILE B 405 12.33 23.95 39.71
C ILE B 405 12.06 25.02 38.67
N ALA B 406 11.78 24.62 37.44
CA ALA B 406 11.49 25.59 36.39
C ALA B 406 10.11 26.21 36.49
N ASP B 407 9.31 25.83 37.48
CA ASP B 407 8.04 26.49 37.71
C ASP B 407 8.03 27.26 39.03
N TYR B 408 8.96 26.94 39.94
CA TYR B 408 9.11 27.76 41.15
C TYR B 408 10.36 28.62 41.14
N ASN B 409 11.16 28.58 40.10
CA ASN B 409 12.30 29.49 40.11
C ASN B 409 12.38 30.38 38.88
N TYR B 410 12.17 29.86 37.68
CA TYR B 410 12.34 30.64 36.46
C TYR B 410 11.41 30.12 35.37
N LYS B 411 10.41 30.91 35.01
CA LYS B 411 9.34 30.47 34.12
C LYS B 411 9.66 30.81 32.68
N LEU B 412 9.37 29.84 31.77
CA LEU B 412 9.64 29.73 30.34
C LEU B 412 8.43 30.10 29.50
N PRO B 413 8.67 30.56 28.27
CA PRO B 413 7.56 30.88 27.38
C PRO B 413 7.09 29.69 26.57
N ASP B 414 6.13 29.94 25.69
CA ASP B 414 5.63 28.92 24.80
C ASP B 414 5.56 29.35 23.35
N ASP B 415 6.05 30.53 22.98
CA ASP B 415 6.06 30.91 21.56
C ASP B 415 7.46 31.14 21.00
N PHE B 416 8.23 32.08 21.55
CA PHE B 416 9.51 32.46 20.94
C PHE B 416 10.63 31.67 21.62
N MET B 417 11.42 31.00 20.80
CA MET B 417 12.54 30.24 21.31
C MET B 417 13.82 30.63 20.57
N GLY B 418 14.93 30.49 21.27
CA GLY B 418 16.23 30.48 20.64
C GLY B 418 16.95 29.19 20.96
N CYS B 419 18.08 29.31 21.65
CA CYS B 419 18.90 28.16 21.95
C CYS B 419 19.22 28.13 23.44
N VAL B 420 19.30 26.92 23.96
CA VAL B 420 19.75 26.70 25.32
C VAL B 420 21.20 26.24 25.23
N LEU B 421 22.02 26.74 26.13
CA LEU B 421 23.38 26.29 26.26
C LEU B 421 23.65 25.94 27.71
N ALA B 422 24.43 24.89 27.94
CA ALA B 422 24.65 24.40 29.28
C ALA B 422 26.07 23.89 29.40
N TRP B 423 26.58 23.94 30.62
CA TRP B 423 27.81 23.20 30.91
C TRP B 423 27.87 22.86 32.38
N ASN B 424 28.86 22.04 32.71
CA ASN B 424 29.17 21.76 34.10
C ASN B 424 30.35 22.62 34.54
N THR B 425 30.32 23.00 35.82
CA THR B 425 31.46 23.63 36.50
C THR B 425 31.68 22.99 37.86
N ARG B 426 31.78 21.66 37.86
CA ARG B 426 32.03 20.94 39.10
C ARG B 426 33.47 21.12 39.59
N ASN B 427 34.37 21.61 38.76
CA ASN B 427 35.77 21.72 39.12
C ASN B 427 36.10 23.02 39.85
N ILE B 428 35.18 23.98 39.88
CA ILE B 428 35.41 25.21 40.60
C ILE B 428 34.28 25.45 41.59
N ASP B 429 33.05 25.35 41.12
CA ASP B 429 31.91 25.63 41.98
C ASP B 429 31.60 24.50 42.93
N ALA B 430 31.41 23.29 42.42
CA ALA B 430 31.06 22.16 43.26
C ALA B 430 32.29 21.69 44.04
N THR B 431 32.45 22.21 45.25
CA THR B 431 33.54 21.81 46.13
C THR B 431 33.08 20.61 46.94
N SER B 432 33.92 19.58 47.01
CA SER B 432 33.52 18.32 47.63
C SER B 432 33.31 18.43 49.13
N THR B 433 33.80 19.50 49.75
CA THR B 433 33.42 19.83 51.12
C THR B 433 32.00 20.39 51.21
N GLY B 434 31.37 20.64 50.08
CA GLY B 434 30.09 21.30 50.08
C GLY B 434 30.19 22.60 49.34
N ASN B 435 29.23 22.86 48.47
CA ASN B 435 29.01 24.20 47.99
C ASN B 435 27.54 24.47 48.27
N TYR B 436 27.26 24.91 49.49
CA TYR B 436 25.89 25.24 49.89
C TYR B 436 25.61 26.71 49.70
N ASN B 437 26.37 27.39 48.83
CA ASN B 437 26.26 28.83 48.70
C ASN B 437 25.03 29.22 47.89
N TYR B 438 24.67 28.44 46.88
CA TYR B 438 23.60 28.81 45.96
C TYR B 438 22.42 27.88 46.13
N LYS B 439 21.23 28.42 45.88
CA LYS B 439 19.98 27.87 46.38
C LYS B 439 18.94 27.81 45.28
N TYR B 440 17.76 27.37 45.68
CA TYR B 440 16.56 27.39 44.85
C TYR B 440 15.36 27.48 45.78
N ARG B 441 14.20 27.71 45.19
CA ARG B 441 12.95 27.82 45.93
C ARG B 441 11.97 26.76 45.48
N TYR B 442 11.21 26.24 46.44
CA TYR B 442 10.36 25.07 46.20
C TYR B 442 9.02 25.15 46.91
N LEU B 443 8.55 26.33 47.28
CA LEU B 443 7.26 26.50 47.95
C LEU B 443 6.60 27.79 47.47
N ARG B 444 5.42 27.66 46.85
CA ARG B 444 4.72 28.79 46.27
C ARG B 444 3.26 28.42 46.05
N HIS B 445 2.37 29.42 46.02
CA HIS B 445 1.02 29.25 45.50
C HIS B 445 1.02 29.16 43.97
N GLY B 446 1.51 28.08 43.39
CA GLY B 446 1.16 27.72 42.03
C GLY B 446 2.16 28.13 40.96
N LYS B 447 1.63 28.15 39.73
CA LYS B 447 2.39 28.35 38.50
C LYS B 447 2.69 29.82 38.25
N LEU B 448 3.21 30.11 37.06
CA LEU B 448 3.72 31.42 36.69
C LEU B 448 3.42 31.72 35.22
N ARG B 449 3.47 33.00 34.89
CA ARG B 449 3.54 33.49 33.51
C ARG B 449 5.01 33.60 33.10
N PRO B 450 5.30 33.58 31.79
CA PRO B 450 6.72 33.58 31.35
C PRO B 450 7.48 34.84 31.72
N PHE B 451 8.78 34.65 32.03
CA PHE B 451 9.79 35.70 32.22
C PHE B 451 9.42 36.64 33.35
N GLU B 452 9.45 36.08 34.56
CA GLU B 452 8.86 36.75 35.70
C GLU B 452 9.50 36.21 36.96
N ARG B 453 9.82 37.10 37.88
CA ARG B 453 10.74 36.76 38.96
C ARG B 453 10.39 37.52 40.22
N ASP B 454 10.46 36.82 41.35
CA ASP B 454 10.27 37.41 42.66
C ASP B 454 11.44 36.99 43.56
N ILE B 455 12.16 37.99 44.10
CA ILE B 455 13.30 37.74 44.96
C ILE B 455 12.79 37.40 46.36
N SER B 456 11.50 37.70 46.60
CA SER B 456 10.93 37.74 47.93
C SER B 456 10.96 36.37 48.62
N ASN B 457 11.79 36.28 49.65
CA ASN B 457 11.81 35.12 50.55
C ASN B 457 10.53 35.15 51.37
N VAL B 458 9.51 34.44 50.91
CA VAL B 458 8.22 34.44 51.60
C VAL B 458 8.19 33.27 52.58
N PRO B 459 8.06 33.53 53.86
CA PRO B 459 7.94 32.42 54.81
C PRO B 459 6.58 31.76 54.69
N PHE B 460 6.49 30.80 53.77
CA PHE B 460 5.22 30.37 53.18
C PHE B 460 4.31 29.70 54.19
N SER B 461 3.01 29.97 54.06
CA SER B 461 1.89 29.25 54.68
C SER B 461 0.81 29.14 53.62
N PRO B 462 0.07 28.01 53.57
CA PRO B 462 -0.77 27.72 52.39
C PRO B 462 -2.02 28.58 52.22
N ASP B 463 -2.28 29.57 53.07
CA ASP B 463 -3.34 30.55 52.82
C ASP B 463 -2.87 31.95 53.18
N GLY B 464 -1.73 32.35 52.63
CA GLY B 464 -1.15 33.61 53.02
C GLY B 464 -0.41 33.44 54.34
N LYS B 465 -0.88 34.12 55.40
CA LYS B 465 -0.44 33.94 56.78
C LYS B 465 1.07 34.08 56.94
N PRO B 466 1.62 35.31 56.94
CA PRO B 466 3.07 35.47 57.05
C PRO B 466 3.61 34.95 58.36
N CYS B 467 4.35 33.85 58.28
CA CYS B 467 4.80 33.12 59.44
C CYS B 467 6.21 33.50 59.80
N THR B 468 6.61 33.12 61.01
CA THR B 468 8.02 32.96 61.35
C THR B 468 8.19 31.46 61.51
N PRO B 469 8.94 30.81 60.63
CA PRO B 469 9.40 29.46 60.92
C PRO B 469 10.23 29.45 62.19
N PRO B 470 10.15 28.39 63.00
CA PRO B 470 9.60 27.04 62.76
C PRO B 470 8.10 26.80 63.07
N ALA B 471 7.19 27.66 62.60
CA ALA B 471 5.78 27.42 62.85
C ALA B 471 5.22 26.37 61.89
N LEU B 472 4.00 25.91 62.18
CA LEU B 472 3.41 24.78 61.49
C LEU B 472 2.89 25.18 60.12
N ASN B 473 3.28 24.42 59.09
CA ASN B 473 3.17 24.78 57.66
C ASN B 473 3.80 26.13 57.37
N CYS B 474 4.88 26.46 58.09
CA CYS B 474 5.55 27.75 57.93
C CYS B 474 7.04 27.45 57.82
N TYR B 475 7.54 27.46 56.59
CA TYR B 475 8.92 27.15 56.26
C TYR B 475 9.51 28.33 55.48
N TRP B 476 10.79 28.22 55.17
CA TRP B 476 11.27 29.11 54.12
C TRP B 476 11.63 28.32 52.87
N PRO B 477 11.47 28.92 51.68
CA PRO B 477 11.75 28.19 50.45
C PRO B 477 13.22 27.99 50.10
N LEU B 478 14.19 28.45 50.90
CA LEU B 478 15.59 28.35 50.52
C LEU B 478 16.08 26.91 50.57
N ASN B 479 16.82 26.53 49.53
CA ASN B 479 17.27 25.15 49.44
C ASN B 479 18.61 25.11 48.73
N ASP B 480 19.64 24.58 49.39
CA ASP B 480 20.99 24.61 48.85
C ASP B 480 21.14 23.64 47.68
N TYR B 481 22.32 23.60 47.09
CA TYR B 481 22.55 22.84 45.87
C TYR B 481 23.28 21.52 46.08
N GLY B 482 23.96 21.34 47.20
CA GLY B 482 24.63 20.09 47.51
C GLY B 482 25.78 19.76 46.59
N PHE B 483 26.42 20.80 46.06
CA PHE B 483 27.35 20.64 44.95
C PHE B 483 28.71 20.18 45.48
N TYR B 484 28.99 18.90 45.32
CA TYR B 484 30.29 18.32 45.64
C TYR B 484 31.07 18.08 44.36
N THR B 485 32.39 17.96 44.49
CA THR B 485 33.19 17.55 43.35
C THR B 485 32.91 16.09 43.00
N THR B 486 32.71 15.25 44.01
CA THR B 486 32.32 13.86 43.82
C THR B 486 30.81 13.69 43.82
N THR B 487 30.06 14.70 43.38
CA THR B 487 28.61 14.60 43.39
C THR B 487 28.13 13.84 42.15
N GLY B 488 26.87 13.43 42.16
CA GLY B 488 26.32 12.65 41.08
C GLY B 488 26.22 13.43 39.78
N ILE B 489 25.96 12.68 38.71
CA ILE B 489 25.84 13.25 37.38
C ILE B 489 24.59 14.08 37.26
N GLY B 490 23.50 13.63 37.88
CA GLY B 490 22.31 14.44 38.00
C GLY B 490 22.38 15.48 39.10
N TYR B 491 23.55 15.67 39.72
CA TYR B 491 23.77 16.61 40.81
C TYR B 491 24.79 17.68 40.44
N GLN B 492 25.25 17.68 39.20
CA GLN B 492 26.33 18.52 38.71
C GLN B 492 25.89 19.98 38.61
N PRO B 493 26.75 20.93 38.94
CA PRO B 493 26.40 22.34 38.72
C PRO B 493 26.42 22.69 37.25
N TYR B 494 25.24 22.77 36.66
CA TYR B 494 25.14 23.16 35.27
C TYR B 494 24.87 24.66 35.24
N ARG B 495 25.87 25.40 34.82
CA ARG B 495 25.68 26.81 34.47
C ARG B 495 24.98 26.80 33.12
N VAL B 496 23.75 27.30 33.09
CA VAL B 496 22.85 27.16 31.95
C VAL B 496 22.34 28.54 31.56
N VAL B 497 22.39 28.81 30.25
CA VAL B 497 21.89 30.04 29.65
C VAL B 497 20.70 29.69 28.76
N VAL B 498 19.61 30.40 28.97
CA VAL B 498 18.48 30.43 28.07
C VAL B 498 18.73 31.59 27.09
N LEU B 499 18.46 31.36 25.81
CA LEU B 499 18.49 32.44 24.84
C LEU B 499 17.09 32.64 24.27
N SER B 500 16.47 33.74 24.65
CA SER B 500 15.32 34.20 23.91
C SER B 500 15.75 35.05 22.74
N PHE B 501 15.08 34.90 21.61
CA PHE B 501 15.44 35.66 20.42
C PHE B 501 14.32 36.65 20.12
N GLU B 502 14.49 37.88 20.59
CA GLU B 502 13.54 38.94 20.27
C GLU B 502 13.67 39.25 18.80
N LEU B 503 12.71 38.78 18.01
CA LEU B 503 12.90 38.64 16.58
C LEU B 503 12.32 39.88 15.89
N LEU B 504 13.18 40.87 15.69
CA LEU B 504 12.96 41.99 14.77
C LEU B 504 11.74 42.83 15.12
N ASN B 505 11.84 43.54 16.25
CA ASN B 505 10.82 44.52 16.60
C ASN B 505 11.25 45.96 16.37
N ALA B 506 12.10 46.20 15.37
CA ALA B 506 12.62 47.50 14.97
C ALA B 506 13.31 47.30 13.63
N PRO B 507 13.88 48.33 13.02
CA PRO B 507 15.13 48.10 12.30
C PRO B 507 16.18 47.72 13.33
N ALA B 508 16.76 46.54 13.15
CA ALA B 508 17.38 45.86 14.28
C ALA B 508 18.80 46.36 14.55
N THR B 509 19.49 45.63 15.44
CA THR B 509 20.85 45.98 15.81
C THR B 509 21.88 44.93 15.44
N VAL B 510 21.80 43.73 15.99
CA VAL B 510 22.94 42.83 16.01
C VAL B 510 22.95 41.98 14.76
N CYS B 511 23.92 42.21 13.89
CA CYS B 511 24.13 41.38 12.72
C CYS B 511 25.06 40.24 13.06
N GLY B 512 25.39 39.45 12.04
CA GLY B 512 26.42 38.45 12.13
C GLY B 512 27.63 38.91 11.33
N PRO B 513 28.65 38.06 11.22
CA PRO B 513 29.84 38.46 10.45
C PRO B 513 29.59 38.48 8.96
N LYS B 514 28.82 39.46 8.49
CA LYS B 514 28.31 39.45 7.13
C LYS B 514 28.72 40.71 6.39
N LEU B 515 28.38 40.77 5.11
CA LEU B 515 28.91 41.76 4.18
C LEU B 515 27.78 42.50 3.49
N SER B 516 27.48 43.70 3.97
CA SER B 516 26.45 44.52 3.36
C SER B 516 26.93 45.04 2.01
N THR B 517 26.04 44.98 1.04
CA THR B 517 26.36 45.33 -0.35
C THR B 517 25.51 46.52 -0.77
N ASP B 518 25.50 46.76 -2.07
CA ASP B 518 24.98 47.99 -2.65
C ASP B 518 23.60 47.78 -3.28
N LEU B 519 22.88 48.88 -3.52
CA LEU B 519 21.51 48.83 -4.00
C LEU B 519 21.46 48.86 -5.51
N ILE B 520 20.40 48.28 -6.05
CA ILE B 520 20.07 48.32 -7.47
C ILE B 520 18.60 48.66 -7.52
N LYS B 521 18.20 49.47 -8.47
CA LYS B 521 16.77 49.61 -8.67
C LYS B 521 16.39 49.06 -10.04
N ASN B 522 15.10 48.73 -10.17
CA ASN B 522 14.48 48.26 -11.42
C ASN B 522 15.13 47.00 -11.97
N GLN B 523 15.59 46.13 -11.09
CA GLN B 523 16.18 44.89 -11.54
C GLN B 523 15.97 43.81 -10.49
N CYS B 524 15.52 42.63 -10.94
CA CYS B 524 15.30 41.52 -10.04
C CYS B 524 16.61 41.05 -9.44
N VAL B 525 16.72 41.16 -8.12
CA VAL B 525 17.93 40.85 -7.39
C VAL B 525 17.56 39.94 -6.23
N ASN B 526 18.57 39.51 -5.49
CA ASN B 526 18.38 38.78 -4.25
C ASN B 526 18.39 39.73 -3.07
N PHE B 527 17.89 39.23 -1.94
CA PHE B 527 17.77 39.96 -0.70
C PHE B 527 18.44 39.18 0.41
N ASN B 528 18.90 39.89 1.42
CA ASN B 528 18.90 39.41 2.80
C ASN B 528 18.96 40.68 3.63
N PHE B 529 17.80 41.10 4.11
CA PHE B 529 17.78 42.26 4.97
C PHE B 529 17.97 41.77 6.39
N ASN B 530 17.67 42.63 7.35
CA ASN B 530 17.98 42.34 8.75
C ASN B 530 17.22 41.13 9.27
N GLY B 531 15.96 41.01 8.92
CA GLY B 531 15.22 39.83 9.30
C GLY B 531 14.39 39.32 8.14
N LEU B 532 14.87 39.58 6.93
CA LEU B 532 14.11 39.31 5.72
C LEU B 532 15.05 38.69 4.71
N THR B 533 14.50 37.89 3.82
CA THR B 533 15.24 37.39 2.67
C THR B 533 14.34 37.53 1.44
N GLY B 534 14.66 36.89 0.32
CA GLY B 534 13.74 36.91 -0.81
C GLY B 534 14.34 37.36 -2.12
N THR B 535 13.48 37.61 -3.11
CA THR B 535 13.93 37.90 -4.47
C THR B 535 12.98 38.89 -5.11
N GLY B 536 13.49 40.03 -5.53
CA GLY B 536 12.52 40.98 -6.04
C GLY B 536 13.09 42.15 -6.81
N VAL B 537 12.18 43.06 -7.14
CA VAL B 537 12.44 44.24 -7.95
C VAL B 537 12.23 45.45 -7.05
N LEU B 538 13.25 46.29 -6.93
CA LEU B 538 13.26 47.36 -5.95
C LEU B 538 12.98 48.70 -6.61
N THR B 539 12.26 49.57 -5.89
CA THR B 539 12.01 50.94 -6.32
C THR B 539 11.78 51.71 -5.02
N PRO B 540 11.86 53.05 -5.01
CA PRO B 540 11.61 53.75 -3.75
C PRO B 540 10.14 53.85 -3.36
N SER B 541 9.90 54.06 -2.06
CA SER B 541 8.55 54.03 -1.52
C SER B 541 7.80 55.34 -1.76
N SER B 542 6.56 55.36 -1.29
CA SER B 542 5.66 56.50 -1.37
C SER B 542 4.84 56.61 -0.09
N LYS B 543 5.47 56.36 1.05
CA LYS B 543 4.74 56.14 2.28
C LYS B 543 4.41 57.43 3.03
N ARG B 544 3.79 57.24 4.19
CA ARG B 544 3.79 58.17 5.30
C ARG B 544 4.47 57.45 6.45
N PHE B 545 5.67 56.94 6.15
CA PHE B 545 6.31 55.87 6.89
C PHE B 545 6.60 56.26 8.33
N GLN B 546 6.63 55.27 9.21
CA GLN B 546 6.67 55.59 10.62
C GLN B 546 8.08 55.38 11.18
N PRO B 547 8.41 56.00 12.32
CA PRO B 547 9.78 55.87 12.86
C PRO B 547 10.11 54.51 13.44
N PHE B 548 9.12 53.79 13.94
CA PHE B 548 9.30 52.47 14.52
C PHE B 548 9.19 51.36 13.51
N GLN B 549 9.15 51.70 12.23
CA GLN B 549 8.44 50.89 11.27
C GLN B 549 9.41 50.31 10.27
N GLN B 550 9.04 49.17 9.72
CA GLN B 550 9.83 48.66 8.61
C GLN B 550 9.02 48.08 7.45
N PHE B 551 7.83 47.54 7.68
CA PHE B 551 7.26 46.60 6.72
C PHE B 551 5.90 47.09 6.22
N GLY B 552 5.43 46.49 5.11
CA GLY B 552 4.20 46.96 4.49
C GLY B 552 3.06 45.99 4.15
N ARG B 553 3.37 44.71 3.95
CA ARG B 553 2.45 43.57 3.82
C ARG B 553 1.17 43.78 3.02
N ASP B 554 1.25 44.54 1.92
CA ASP B 554 0.16 45.38 1.42
C ASP B 554 -1.22 44.76 1.27
N VAL B 555 -1.39 43.74 0.42
CA VAL B 555 -2.67 43.05 0.39
C VAL B 555 -2.82 42.14 1.61
N SER B 556 -1.84 41.29 1.86
CA SER B 556 -1.75 40.51 3.09
C SER B 556 -0.33 39.98 3.16
N ASP B 557 0.31 40.09 4.32
CA ASP B 557 1.53 39.40 4.77
C ASP B 557 2.68 39.20 3.79
N PHE B 558 2.93 40.12 2.85
CA PHE B 558 3.94 39.89 1.82
C PHE B 558 4.91 41.05 1.65
N THR B 559 4.99 41.88 2.68
CA THR B 559 6.02 42.85 3.04
C THR B 559 6.14 44.05 2.11
N ASP B 560 6.02 43.85 0.79
CA ASP B 560 5.71 44.77 -0.32
C ASP B 560 6.24 46.22 -0.27
N SER B 561 7.02 46.58 0.76
CA SER B 561 7.68 47.86 0.95
C SER B 561 8.56 47.75 2.17
N VAL B 562 9.81 48.14 2.06
CA VAL B 562 10.75 48.06 3.17
C VAL B 562 11.45 49.39 3.37
N ARG B 563 11.81 49.66 4.62
CA ARG B 563 12.73 50.71 4.94
C ARG B 563 14.13 50.11 5.00
N ASP B 564 15.01 50.64 4.18
CA ASP B 564 16.41 50.26 4.22
C ASP B 564 17.01 50.63 5.56
N PRO B 565 17.95 49.82 6.08
CA PRO B 565 18.61 50.16 7.35
C PRO B 565 19.54 51.35 7.30
N LYS B 566 19.74 51.97 6.14
CA LYS B 566 20.50 53.21 6.04
C LYS B 566 19.67 54.27 5.35
N THR B 567 18.43 54.40 5.84
CA THR B 567 17.51 55.51 5.59
C THR B 567 17.18 55.64 4.11
N SER B 568 16.47 54.62 3.64
CA SER B 568 15.80 54.74 2.37
C SER B 568 14.44 54.09 2.50
N GLU B 569 13.52 54.55 1.68
CA GLU B 569 12.14 54.10 1.72
C GLU B 569 11.91 53.44 0.37
N ILE B 570 11.87 52.11 0.31
CA ILE B 570 11.89 51.39 -0.96
C ILE B 570 10.81 50.33 -1.00
N LEU B 571 9.88 50.48 -1.93
CA LEU B 571 8.97 49.41 -2.30
C LEU B 571 9.73 48.21 -2.86
N ASP B 572 9.23 47.02 -2.53
CA ASP B 572 9.79 45.73 -2.94
C ASP B 572 8.72 45.00 -3.73
N ILE B 573 8.63 45.28 -5.02
CA ILE B 573 7.73 44.54 -5.89
C ILE B 573 8.49 43.27 -6.24
N SER B 574 8.31 42.25 -5.40
CA SER B 574 8.95 40.97 -5.66
C SER B 574 8.55 40.22 -6.94
N PRO B 575 7.37 40.45 -7.60
CA PRO B 575 7.15 39.71 -8.85
C PRO B 575 8.05 40.16 -9.96
N CYS B 576 9.23 39.51 -10.03
CA CYS B 576 10.27 39.85 -10.99
C CYS B 576 9.74 39.84 -12.41
N SER B 577 9.31 38.68 -12.89
CA SER B 577 8.30 38.53 -13.92
C SER B 577 7.97 37.06 -13.97
N PHE B 578 6.74 36.76 -14.36
CA PHE B 578 6.29 35.38 -14.34
C PHE B 578 5.12 35.27 -15.28
N GLY B 579 4.45 34.16 -15.19
CA GLY B 579 3.50 33.73 -16.17
C GLY B 579 3.99 32.42 -16.70
N GLY B 580 3.23 31.86 -17.63
CA GLY B 580 3.67 30.62 -18.20
C GLY B 580 3.83 30.77 -19.69
N VAL B 581 4.88 30.15 -20.23
CA VAL B 581 4.99 30.10 -21.67
C VAL B 581 3.86 29.27 -22.24
N SER B 582 3.49 29.60 -23.46
CA SER B 582 2.47 28.84 -24.17
C SER B 582 2.75 29.01 -25.65
N VAL B 583 3.07 27.92 -26.30
CA VAL B 583 3.66 27.95 -27.64
C VAL B 583 2.57 28.11 -28.69
N ILE B 584 2.73 29.10 -29.55
CA ILE B 584 1.96 29.16 -30.78
C ILE B 584 2.62 28.22 -31.77
N THR B 585 1.86 27.27 -32.29
CA THR B 585 2.38 26.51 -33.40
C THR B 585 1.27 26.23 -34.41
N PRO B 586 1.59 26.22 -35.69
CA PRO B 586 0.54 26.10 -36.70
C PRO B 586 0.12 24.68 -37.03
N GLY B 587 0.88 23.68 -36.59
CA GLY B 587 0.38 22.32 -36.70
C GLY B 587 1.25 21.20 -37.27
N THR B 588 2.47 21.53 -37.73
CA THR B 588 3.50 20.63 -38.26
C THR B 588 3.09 19.88 -39.53
N ASN B 589 1.88 20.08 -40.05
CA ASN B 589 1.61 19.85 -41.47
C ASN B 589 1.85 21.11 -42.27
N ALA B 590 2.31 22.16 -41.61
CA ALA B 590 2.66 23.38 -42.32
C ALA B 590 3.97 23.99 -41.87
N SER B 591 4.46 23.69 -40.68
CA SER B 591 5.49 24.56 -40.13
C SER B 591 6.27 23.88 -39.01
N SER B 592 7.33 24.58 -38.56
CA SER B 592 7.92 24.43 -37.24
C SER B 592 8.27 25.80 -36.70
N GLU B 593 7.68 26.83 -37.27
CA GLU B 593 7.91 28.22 -36.89
C GLU B 593 7.04 28.55 -35.69
N VAL B 594 7.64 28.96 -34.59
CA VAL B 594 6.95 29.09 -33.34
C VAL B 594 6.81 30.57 -32.99
N ALA B 595 6.13 30.83 -31.89
CA ALA B 595 6.13 32.12 -31.22
C ALA B 595 5.81 31.86 -29.77
N VAL B 596 6.56 32.47 -28.87
CA VAL B 596 6.42 32.15 -27.47
C VAL B 596 5.63 33.25 -26.78
N LEU B 597 4.41 32.94 -26.40
CA LEU B 597 3.52 33.89 -25.76
C LEU B 597 3.80 33.90 -24.27
N TYR B 598 4.24 35.04 -23.78
CA TYR B 598 4.45 35.27 -22.36
C TYR B 598 3.20 35.94 -21.80
N GLN B 599 3.03 35.92 -20.48
CA GLN B 599 1.79 36.46 -19.90
C GLN B 599 1.94 37.71 -19.02
N ASP B 600 2.59 37.60 -17.87
CA ASP B 600 2.62 38.73 -16.94
C ASP B 600 3.91 39.48 -17.25
N VAL B 601 3.89 40.20 -18.36
CA VAL B 601 5.09 40.77 -18.93
C VAL B 601 4.84 42.14 -19.54
N ASN B 602 5.87 42.97 -19.53
CA ASN B 602 5.84 44.29 -20.13
C ASN B 602 6.68 44.38 -21.39
N CYS B 603 7.27 43.26 -21.81
CA CYS B 603 8.10 43.14 -23.01
C CYS B 603 9.32 44.05 -23.01
N THR B 604 9.75 44.46 -21.82
CA THR B 604 10.83 45.42 -21.67
C THR B 604 11.98 44.84 -20.86
N ASP B 605 11.67 44.19 -19.75
CA ASP B 605 12.63 43.32 -19.11
C ASP B 605 12.69 41.97 -19.80
N VAL B 606 11.85 41.78 -20.80
CA VAL B 606 11.74 40.50 -21.49
C VAL B 606 12.75 40.41 -22.62
N SER B 607 12.88 41.47 -23.40
CA SER B 607 13.97 41.56 -24.35
C SER B 607 15.31 41.57 -23.62
N THR B 608 15.34 42.14 -22.42
CA THR B 608 16.49 41.97 -21.53
C THR B 608 16.72 40.51 -21.20
N ALA B 609 15.65 39.81 -20.81
CA ALA B 609 15.77 38.42 -20.38
C ALA B 609 16.18 37.52 -21.53
N ILE B 610 15.87 37.93 -22.75
CA ILE B 610 16.55 37.37 -23.91
C ILE B 610 18.03 37.70 -23.84
N HIS B 611 18.36 38.98 -23.87
CA HIS B 611 19.71 39.38 -24.18
C HIS B 611 20.56 39.65 -22.95
N ALA B 612 20.08 39.26 -21.78
CA ALA B 612 20.95 39.00 -20.65
C ALA B 612 20.83 37.55 -20.20
N ASP B 613 20.03 36.77 -20.94
CA ASP B 613 19.77 35.35 -20.70
C ASP B 613 19.19 35.12 -19.30
N GLN B 614 17.97 35.63 -19.12
CA GLN B 614 17.36 35.57 -17.80
C GLN B 614 16.10 34.72 -17.77
N LEU B 615 15.64 34.21 -18.91
CA LEU B 615 14.48 33.33 -18.93
C LEU B 615 14.86 31.93 -18.46
N THR B 616 14.13 31.43 -17.47
CA THR B 616 14.30 30.07 -16.99
C THR B 616 13.97 28.98 -18.00
N PRO B 617 13.05 29.20 -18.98
CA PRO B 617 13.22 28.32 -20.15
C PRO B 617 14.32 28.84 -21.05
N ALA B 618 15.57 28.52 -20.69
CA ALA B 618 16.73 29.03 -21.41
C ALA B 618 16.79 28.37 -22.77
N TRP B 619 16.52 29.13 -23.82
CA TRP B 619 16.45 28.56 -25.14
C TRP B 619 17.76 28.69 -25.90
N ARG B 620 18.05 27.66 -26.68
CA ARG B 620 19.27 27.64 -27.46
C ARG B 620 19.16 28.40 -28.75
N ILE B 621 18.29 27.96 -29.65
CA ILE B 621 18.22 28.55 -30.98
C ILE B 621 17.08 29.54 -30.97
N TYR B 622 17.39 30.77 -30.63
CA TYR B 622 16.32 31.68 -30.27
C TYR B 622 16.85 33.10 -30.32
N SER B 623 16.16 33.95 -31.09
CA SER B 623 16.61 35.27 -31.43
C SER B 623 15.59 36.29 -30.93
N THR B 624 15.72 37.51 -31.41
CA THR B 624 14.71 38.54 -31.20
C THR B 624 14.30 39.06 -32.58
N GLY B 625 13.30 38.41 -33.16
CA GLY B 625 12.83 38.84 -34.46
C GLY B 625 11.98 40.07 -34.35
N ASN B 626 11.12 40.07 -33.33
CA ASN B 626 10.12 41.11 -33.16
C ASN B 626 9.69 41.13 -31.70
N ASN B 627 8.87 42.12 -31.35
CA ASN B 627 8.26 42.16 -30.03
C ASN B 627 6.93 42.90 -30.16
N VAL B 628 5.86 42.19 -30.50
CA VAL B 628 4.54 42.79 -30.50
C VAL B 628 4.08 42.86 -29.06
N PHE B 629 3.67 44.05 -28.62
CA PHE B 629 3.25 44.18 -27.24
C PHE B 629 2.20 45.28 -27.12
N GLN B 630 0.94 44.87 -27.08
CA GLN B 630 -0.09 45.58 -26.34
C GLN B 630 -0.99 44.47 -25.84
N THR B 631 -2.20 44.85 -25.41
CA THR B 631 -3.26 43.95 -24.94
C THR B 631 -2.72 43.14 -23.77
N GLN B 632 -2.67 43.75 -22.58
CA GLN B 632 -1.57 43.72 -21.62
C GLN B 632 -1.06 42.33 -21.20
N ALA B 633 -1.62 41.26 -21.77
CA ALA B 633 -1.10 39.91 -21.71
C ALA B 633 0.29 39.76 -22.31
N GLY B 634 0.79 40.71 -23.08
CA GLY B 634 2.23 40.81 -23.10
C GLY B 634 3.06 40.45 -24.33
N CYS B 635 4.07 39.60 -24.10
CA CYS B 635 5.15 39.41 -25.06
C CYS B 635 4.88 38.28 -26.02
N LEU B 636 4.98 38.61 -27.30
CA LEU B 636 4.65 37.71 -28.40
C LEU B 636 5.85 37.77 -29.31
N ILE B 637 6.87 36.98 -29.01
CA ILE B 637 8.07 36.94 -29.81
C ILE B 637 7.80 36.03 -31.00
N GLY B 638 7.54 36.60 -32.16
CA GLY B 638 7.34 35.78 -33.34
C GLY B 638 6.09 36.01 -34.14
N ALA B 639 5.51 37.20 -34.11
CA ALA B 639 4.47 37.58 -35.05
C ALA B 639 4.47 39.10 -35.20
N GLU B 640 3.54 39.63 -35.99
CA GLU B 640 3.62 41.02 -36.42
C GLU B 640 2.30 41.75 -36.32
N HIS B 641 2.37 43.06 -36.08
CA HIS B 641 1.19 43.91 -36.10
C HIS B 641 0.61 43.98 -37.50
N VAL B 642 -0.67 43.66 -37.63
CA VAL B 642 -1.36 43.53 -38.90
C VAL B 642 -2.75 44.14 -38.69
N ASP B 643 -3.29 44.81 -39.70
CA ASP B 643 -4.68 45.23 -39.62
C ASP B 643 -5.62 44.30 -40.38
N THR B 644 -5.08 43.53 -41.32
CA THR B 644 -5.87 42.58 -42.09
C THR B 644 -6.43 41.55 -41.15
N SER B 645 -7.73 41.59 -40.95
CA SER B 645 -8.37 40.83 -39.89
C SER B 645 -9.11 39.65 -40.49
N TYR B 646 -8.51 38.47 -40.35
CA TYR B 646 -9.20 37.25 -40.71
C TYR B 646 -10.14 36.88 -39.56
N GLU B 647 -10.59 35.64 -39.57
CA GLU B 647 -11.60 35.12 -38.65
C GLU B 647 -11.10 34.84 -37.23
N CYS B 648 -9.89 35.28 -36.85
CA CYS B 648 -9.27 35.05 -35.55
C CYS B 648 -9.13 33.54 -35.27
N ASP B 649 -8.11 32.98 -35.94
CA ASP B 649 -7.77 31.57 -35.71
C ASP B 649 -7.49 31.29 -34.24
N ILE B 650 -6.37 31.77 -33.73
CA ILE B 650 -5.89 31.38 -32.41
C ILE B 650 -6.03 32.62 -31.55
N PRO B 651 -6.94 32.65 -30.63
CA PRO B 651 -7.14 33.84 -29.81
C PRO B 651 -6.05 34.06 -28.77
N ILE B 652 -5.39 35.23 -28.84
CA ILE B 652 -4.19 35.55 -28.09
C ILE B 652 -4.45 36.61 -27.03
N GLY B 653 -4.51 36.21 -25.77
CA GLY B 653 -4.31 37.13 -24.68
C GLY B 653 -5.43 38.10 -24.38
N ALA B 654 -5.60 39.12 -25.22
CA ALA B 654 -6.73 40.05 -25.09
C ALA B 654 -7.07 40.61 -26.46
N GLY B 655 -7.97 39.95 -27.16
CA GLY B 655 -8.33 40.51 -28.47
C GLY B 655 -7.43 40.22 -29.67
N ILE B 656 -6.11 40.15 -29.46
CA ILE B 656 -5.18 39.79 -30.52
C ILE B 656 -5.40 38.34 -30.94
N CYS B 657 -5.27 38.07 -32.24
CA CYS B 657 -5.35 36.72 -32.79
C CYS B 657 -4.28 36.55 -33.86
N ALA B 658 -4.07 35.31 -34.30
CA ALA B 658 -3.00 34.98 -35.23
C ALA B 658 -3.55 34.38 -36.54
N SER B 659 -2.68 34.34 -37.56
CA SER B 659 -2.94 33.64 -38.82
C SER B 659 -1.63 33.35 -39.52
N TYR B 660 -1.73 33.02 -40.82
CA TYR B 660 -0.73 32.23 -41.54
C TYR B 660 -0.34 31.00 -40.76
N ILE B 674 4.28 34.08 -39.59
CA ILE B 674 2.89 34.10 -39.13
C ILE B 674 2.53 35.43 -38.46
N VAL B 675 1.35 35.91 -38.76
CA VAL B 675 0.91 37.21 -38.31
C VAL B 675 0.24 37.08 -36.95
N ALA B 676 -0.02 38.21 -36.29
CA ALA B 676 -0.97 38.28 -35.17
C ALA B 676 -1.62 39.67 -35.15
N TYR B 677 -2.74 39.77 -35.83
CA TYR B 677 -3.51 40.98 -35.90
C TYR B 677 -4.39 41.06 -34.66
N THR B 678 -5.35 41.97 -34.65
CA THR B 678 -6.26 41.88 -33.52
C THR B 678 -7.36 40.90 -33.83
N MET B 679 -8.30 41.31 -34.67
CA MET B 679 -9.59 40.63 -34.72
C MET B 679 -10.45 41.17 -35.85
N SER B 680 -11.13 40.31 -36.57
CA SER B 680 -12.29 40.77 -37.32
C SER B 680 -13.48 40.64 -36.40
N LEU B 681 -14.29 41.67 -36.37
CA LEU B 681 -15.48 41.57 -35.56
C LEU B 681 -16.51 40.67 -36.22
N GLY B 682 -16.47 40.53 -37.51
CA GLY B 682 -17.39 39.65 -38.20
C GLY B 682 -17.63 40.17 -39.59
N ALA B 683 -18.80 39.81 -40.13
CA ALA B 683 -19.24 40.26 -41.45
C ALA B 683 -19.91 41.62 -41.30
N ASP B 684 -19.13 42.68 -41.52
CA ASP B 684 -19.62 44.04 -41.36
C ASP B 684 -20.65 44.35 -42.44
N SER B 685 -21.59 45.21 -42.12
CA SER B 685 -22.58 45.61 -43.10
C SER B 685 -22.95 47.06 -42.88
N SER B 686 -22.96 47.80 -43.97
CA SER B 686 -23.56 49.12 -44.00
C SER B 686 -24.99 48.94 -44.45
N ILE B 687 -25.92 49.50 -43.68
CA ILE B 687 -27.33 49.28 -43.90
C ILE B 687 -28.10 50.57 -43.68
N ALA B 688 -29.24 50.68 -44.33
CA ALA B 688 -30.13 51.82 -44.17
C ALA B 688 -31.54 51.26 -44.24
N TYR B 689 -32.10 50.94 -43.08
CA TYR B 689 -33.39 50.27 -43.08
C TYR B 689 -34.48 51.30 -43.25
N SER B 690 -34.83 51.52 -44.50
CA SER B 690 -35.99 52.29 -44.82
C SER B 690 -37.21 51.38 -44.76
N ASN B 691 -38.36 51.96 -45.08
CA ASN B 691 -39.59 51.41 -44.54
C ASN B 691 -40.18 50.37 -45.48
N ASN B 692 -40.57 50.80 -46.67
CA ASN B 692 -41.40 49.95 -47.52
C ASN B 692 -40.56 48.90 -48.21
N THR B 693 -39.31 49.24 -48.50
CA THR B 693 -38.36 48.32 -49.14
C THR B 693 -38.18 47.08 -48.29
N ILE B 694 -38.51 45.93 -48.87
CA ILE B 694 -38.63 44.67 -48.15
C ILE B 694 -38.18 43.54 -49.08
N ALA B 695 -37.29 42.68 -48.59
CA ALA B 695 -36.91 41.48 -49.31
C ALA B 695 -37.62 40.25 -48.75
N ILE B 696 -37.87 39.27 -49.62
CA ILE B 696 -38.36 37.96 -49.23
C ILE B 696 -37.56 36.93 -50.03
N PRO B 697 -37.00 35.89 -49.39
CA PRO B 697 -36.17 34.94 -50.14
C PRO B 697 -36.97 34.07 -51.07
N THR B 698 -36.34 33.67 -52.18
CA THR B 698 -36.91 32.74 -53.11
C THR B 698 -36.00 31.55 -53.42
N ASN B 699 -35.00 31.29 -52.60
CA ASN B 699 -34.21 30.08 -52.68
C ASN B 699 -33.66 29.84 -51.29
N PHE B 700 -33.00 28.71 -51.10
CA PHE B 700 -32.58 28.28 -49.77
C PHE B 700 -31.53 27.20 -49.90
N SER B 701 -31.26 26.58 -48.76
CA SER B 701 -30.43 25.40 -48.67
C SER B 701 -31.00 24.54 -47.55
N ILE B 702 -30.47 23.33 -47.42
CA ILE B 702 -30.66 22.50 -46.23
C ILE B 702 -29.28 22.20 -45.67
N SER B 703 -28.79 23.05 -44.80
CA SER B 703 -27.51 22.87 -44.15
C SER B 703 -27.69 21.86 -43.02
N ILE B 704 -27.68 20.57 -43.36
CA ILE B 704 -27.59 19.56 -42.32
C ILE B 704 -26.24 19.72 -41.65
N THR B 705 -26.29 20.02 -40.37
CA THR B 705 -25.03 20.14 -39.64
C THR B 705 -24.85 18.93 -38.76
N THR B 706 -23.62 18.78 -38.29
CA THR B 706 -23.40 17.97 -37.13
C THR B 706 -23.99 18.64 -35.90
N GLU B 707 -24.15 17.83 -34.87
CA GLU B 707 -24.18 18.29 -33.50
C GLU B 707 -23.72 17.11 -32.69
N VAL B 708 -22.99 17.36 -31.62
CA VAL B 708 -22.31 16.29 -30.92
C VAL B 708 -22.63 16.40 -29.46
N MET B 709 -23.32 15.40 -28.92
CA MET B 709 -23.76 15.43 -27.54
C MET B 709 -23.28 14.16 -26.86
N PRO B 710 -22.37 14.26 -25.90
CA PRO B 710 -21.86 13.06 -25.26
C PRO B 710 -22.83 12.53 -24.22
N VAL B 711 -23.53 11.42 -24.53
CA VAL B 711 -24.57 10.93 -23.64
C VAL B 711 -24.07 9.97 -22.59
N SER B 712 -22.80 9.65 -22.59
CA SER B 712 -22.27 8.93 -21.45
C SER B 712 -20.82 9.30 -21.32
N MET B 713 -20.25 9.01 -20.18
CA MET B 713 -18.82 8.99 -20.18
C MET B 713 -18.45 7.52 -20.30
N ALA B 714 -17.17 7.21 -20.22
CA ALA B 714 -16.78 5.82 -20.10
C ALA B 714 -17.32 5.28 -18.79
N LYS B 715 -18.05 4.18 -18.85
CA LYS B 715 -18.50 3.55 -17.64
C LYS B 715 -17.30 2.99 -16.92
N THR B 716 -16.81 3.66 -15.90
CA THR B 716 -15.60 3.17 -15.30
C THR B 716 -15.91 2.55 -13.97
N SER B 717 -14.88 1.92 -13.42
CA SER B 717 -14.93 1.45 -12.05
C SER B 717 -13.52 1.28 -11.55
N VAL B 718 -13.41 1.28 -10.24
CA VAL B 718 -12.14 1.23 -9.55
C VAL B 718 -12.15 0.04 -8.61
N ASP B 719 -11.18 -0.83 -8.75
CA ASP B 719 -10.89 -1.73 -7.65
C ASP B 719 -10.13 -0.91 -6.63
N CYS B 720 -10.86 -0.27 -5.74
CA CYS B 720 -10.23 0.39 -4.62
C CYS B 720 -9.50 -0.56 -3.69
N ASN B 721 -9.81 -1.85 -3.70
CA ASN B 721 -8.94 -2.80 -3.01
C ASN B 721 -7.66 -3.11 -3.76
N MET B 722 -7.54 -2.71 -5.02
CA MET B 722 -6.30 -2.92 -5.74
C MET B 722 -5.78 -1.69 -6.45
N TYR B 723 -6.57 -0.63 -6.61
CA TYR B 723 -5.99 0.63 -7.04
C TYR B 723 -5.04 1.12 -5.95
N ILE B 724 -5.62 1.56 -4.85
CA ILE B 724 -4.84 1.60 -3.63
C ILE B 724 -4.55 0.17 -3.25
N CYS B 725 -3.29 -0.09 -2.92
CA CYS B 725 -2.85 -1.35 -2.36
C CYS B 725 -3.10 -2.50 -3.32
N GLY B 726 -2.29 -2.50 -4.39
CA GLY B 726 -2.27 -3.48 -5.46
C GLY B 726 -2.54 -4.91 -5.02
N ASP B 727 -1.72 -5.42 -4.09
CA ASP B 727 -2.14 -6.02 -2.82
C ASP B 727 -0.87 -6.42 -2.10
N SER B 728 -0.74 -6.16 -0.80
CA SER B 728 0.38 -6.85 -0.20
C SER B 728 0.05 -7.84 0.90
N THR B 729 -0.08 -7.36 2.14
CA THR B 729 -0.52 -8.21 3.24
C THR B 729 -1.43 -7.44 4.18
N GLU B 730 -0.96 -6.24 4.50
CA GLU B 730 -1.41 -5.45 5.64
C GLU B 730 -1.74 -4.04 5.23
N CYS B 731 -1.11 -3.62 4.15
CA CYS B 731 -1.55 -2.48 3.37
C CYS B 731 -3.05 -2.50 3.12
N ALA B 732 -3.57 -3.65 2.67
CA ALA B 732 -5.01 -3.76 2.46
C ALA B 732 -5.77 -3.63 3.77
N ASN B 733 -5.15 -4.01 4.88
CA ASN B 733 -5.84 -3.87 6.16
C ASN B 733 -5.80 -2.44 6.64
N LEU B 734 -4.79 -1.68 6.25
CA LEU B 734 -4.80 -0.27 6.55
C LEU B 734 -5.79 0.46 5.67
N LEU B 735 -6.02 -0.07 4.47
CA LEU B 735 -7.14 0.38 3.65
C LEU B 735 -8.46 0.14 4.36
N LEU B 736 -8.56 -0.96 5.10
CA LEU B 736 -9.75 -1.16 5.94
C LEU B 736 -9.80 -0.12 7.06
N GLN B 737 -8.64 0.23 7.61
CA GLN B 737 -8.50 1.09 8.79
C GLN B 737 -9.05 2.51 8.64
N TYR B 738 -9.31 3.01 7.44
CA TYR B 738 -9.77 4.38 7.28
C TYR B 738 -11.27 4.44 7.03
N GLY B 739 -12.01 3.64 7.77
CA GLY B 739 -13.42 3.57 7.54
C GLY B 739 -13.65 2.84 6.24
N SER B 740 -14.79 3.09 5.64
CA SER B 740 -15.21 2.36 4.46
C SER B 740 -15.21 3.28 3.27
N PHE B 741 -14.12 4.02 3.09
CA PHE B 741 -13.91 4.83 1.90
C PHE B 741 -14.22 4.07 0.63
N CYS B 742 -13.62 2.89 0.50
CA CYS B 742 -13.72 2.05 -0.69
C CYS B 742 -15.18 1.71 -1.01
N THR B 743 -15.98 1.49 0.04
CA THR B 743 -17.42 1.33 -0.11
C THR B 743 -18.05 2.52 -0.82
N GLN B 744 -17.83 3.71 -0.28
CA GLN B 744 -18.41 4.94 -0.78
C GLN B 744 -17.97 5.21 -2.20
N LEU B 745 -16.73 4.83 -2.52
CA LEU B 745 -16.22 5.11 -3.85
C LEU B 745 -16.86 4.22 -4.88
N ASN B 746 -17.00 2.94 -4.56
CA ASN B 746 -17.75 2.07 -5.46
C ASN B 746 -19.21 2.47 -5.50
N ARG B 747 -19.75 2.97 -4.37
CA ARG B 747 -21.09 3.53 -4.35
C ARG B 747 -21.21 4.65 -5.37
N ALA B 748 -20.28 5.59 -5.29
CA ALA B 748 -20.35 6.80 -6.09
C ALA B 748 -20.23 6.47 -7.55
N LEU B 749 -19.18 5.74 -7.91
CA LEU B 749 -18.93 5.42 -9.31
C LEU B 749 -19.97 4.47 -9.85
N SER B 750 -20.48 3.59 -9.01
CA SER B 750 -21.51 2.69 -9.45
C SER B 750 -22.80 3.43 -9.75
N GLY B 751 -23.17 4.35 -8.87
CA GLY B 751 -24.36 5.14 -9.12
C GLY B 751 -24.16 6.08 -10.29
N ILE B 752 -22.93 6.54 -10.47
CA ILE B 752 -22.56 7.29 -11.67
C ILE B 752 -22.81 6.46 -12.90
N ALA B 753 -22.37 5.21 -12.86
CA ALA B 753 -22.55 4.32 -13.98
C ALA B 753 -24.02 4.03 -14.23
N ALA B 754 -24.75 3.75 -13.18
CA ALA B 754 -26.15 3.38 -13.31
C ALA B 754 -26.96 4.56 -13.78
N GLU B 755 -26.55 5.76 -13.38
CA GLU B 755 -27.15 6.93 -13.97
C GLU B 755 -26.78 7.08 -15.43
N GLN B 756 -25.61 6.59 -15.84
CA GLN B 756 -25.31 6.70 -17.25
C GLN B 756 -26.12 5.69 -18.04
N ASP B 757 -26.48 4.59 -17.41
CA ASP B 757 -27.41 3.66 -18.01
C ASP B 757 -28.77 4.30 -18.14
N ARG B 758 -29.17 5.03 -17.10
CA ARG B 758 -30.40 5.79 -17.14
C ARG B 758 -30.36 6.82 -18.24
N ASN B 759 -29.20 7.45 -18.43
CA ASN B 759 -29.03 8.40 -19.50
C ASN B 759 -29.28 7.72 -20.82
N THR B 760 -28.75 6.52 -20.94
CA THR B 760 -28.82 5.78 -22.18
C THR B 760 -30.27 5.39 -22.46
N ARG B 761 -30.97 4.93 -21.45
CA ARG B 761 -32.39 4.60 -21.58
C ARG B 761 -33.22 5.84 -21.87
N GLU B 762 -32.94 6.93 -21.15
CA GLU B 762 -33.74 8.14 -21.29
C GLU B 762 -33.57 8.77 -22.66
N VAL B 763 -32.33 8.84 -23.13
CA VAL B 763 -32.08 9.34 -24.46
C VAL B 763 -32.61 8.36 -25.50
N PHE B 764 -32.57 7.08 -25.17
CA PHE B 764 -32.60 6.09 -26.23
C PHE B 764 -33.88 5.26 -26.24
N ALA B 765 -34.48 4.98 -25.09
CA ALA B 765 -35.75 4.26 -25.10
C ALA B 765 -36.92 5.24 -25.09
N GLN B 766 -36.84 6.21 -25.98
CA GLN B 766 -37.98 7.09 -26.19
C GLN B 766 -39.12 6.34 -26.87
N VAL B 767 -38.80 5.37 -27.72
CA VAL B 767 -39.80 4.49 -28.27
C VAL B 767 -39.45 3.08 -27.81
N LYS B 768 -40.47 2.37 -27.30
CA LYS B 768 -40.31 0.97 -26.94
C LYS B 768 -40.78 0.10 -28.08
N GLN B 769 -41.67 0.65 -28.90
CA GLN B 769 -42.27 0.01 -30.06
C GLN B 769 -41.19 -0.07 -31.13
N MET B 770 -40.28 -1.02 -30.98
CA MET B 770 -39.11 -1.11 -31.84
C MET B 770 -39.49 -1.65 -33.20
N TYR B 771 -38.91 -1.09 -34.24
CA TYR B 771 -39.43 -1.35 -35.58
C TYR B 771 -38.42 -2.07 -36.44
N LYS B 772 -38.73 -2.12 -37.73
CA LYS B 772 -37.99 -2.86 -38.72
C LYS B 772 -37.52 -1.92 -39.82
N THR B 773 -36.39 -2.25 -40.41
CA THR B 773 -35.98 -1.56 -41.62
C THR B 773 -36.84 -2.07 -42.77
N PRO B 774 -37.70 -1.22 -43.35
CA PRO B 774 -38.69 -1.72 -44.32
C PRO B 774 -38.11 -2.11 -45.67
N THR B 775 -36.92 -1.61 -46.00
CA THR B 775 -36.15 -1.90 -47.21
C THR B 775 -36.90 -1.63 -48.51
N LEU B 776 -37.83 -0.68 -48.52
CA LEU B 776 -38.05 0.04 -49.77
C LEU B 776 -37.14 1.24 -49.83
N LYS B 777 -37.02 1.96 -48.72
CA LYS B 777 -35.96 2.93 -48.46
C LYS B 777 -35.96 4.10 -49.44
N TYR B 778 -37.06 4.27 -50.18
CA TYR B 778 -37.03 5.10 -51.38
C TYR B 778 -38.46 5.33 -51.82
N PHE B 779 -38.86 6.59 -51.92
CA PHE B 779 -40.15 6.94 -52.52
C PHE B 779 -39.97 8.22 -53.33
N GLY B 780 -39.66 8.05 -54.61
CA GLY B 780 -39.34 9.17 -55.48
C GLY B 780 -37.86 9.49 -55.57
N GLY B 781 -37.30 10.10 -54.55
CA GLY B 781 -35.88 10.43 -54.58
C GLY B 781 -35.23 10.31 -53.21
N PHE B 782 -35.91 9.62 -52.31
CA PHE B 782 -35.58 9.68 -50.89
C PHE B 782 -34.81 8.42 -50.51
N ASN B 783 -33.58 8.32 -51.00
CA ASN B 783 -32.80 7.11 -50.76
C ASN B 783 -32.02 7.24 -49.47
N PHE B 784 -32.02 6.15 -48.71
CA PHE B 784 -31.29 6.06 -47.45
C PHE B 784 -30.00 5.31 -47.60
N SER B 785 -29.35 5.51 -48.75
CA SER B 785 -28.01 5.01 -48.99
C SER B 785 -27.08 5.49 -47.89
N GLN B 786 -26.51 4.54 -47.17
CA GLN B 786 -25.61 4.66 -46.03
C GLN B 786 -26.29 5.22 -44.80
N ILE B 787 -27.54 5.66 -44.91
CA ILE B 787 -28.24 6.29 -43.81
C ILE B 787 -28.64 5.26 -42.79
N LEU B 788 -28.97 4.09 -43.25
CA LEU B 788 -29.55 3.08 -42.39
C LEU B 788 -28.64 1.88 -42.29
N PRO B 789 -28.78 1.09 -41.23
CA PRO B 789 -28.23 -0.27 -41.24
C PRO B 789 -28.96 -1.15 -42.23
N ASP B 790 -28.19 -1.97 -42.92
CA ASP B 790 -28.71 -2.79 -44.00
C ASP B 790 -28.29 -4.23 -43.83
N PRO B 791 -29.21 -5.19 -43.99
CA PRO B 791 -28.82 -6.61 -43.94
C PRO B 791 -28.10 -7.09 -45.18
N LEU B 792 -27.94 -6.25 -46.21
CA LEU B 792 -27.12 -6.66 -47.35
C LEU B 792 -25.65 -6.67 -46.98
N LYS B 793 -25.20 -5.69 -46.22
CA LYS B 793 -23.97 -5.84 -45.48
C LYS B 793 -24.17 -6.92 -44.41
N PRO B 794 -23.10 -7.59 -43.98
CA PRO B 794 -23.26 -8.55 -42.88
C PRO B 794 -23.64 -7.87 -41.58
N THR B 795 -23.23 -6.62 -41.40
CA THR B 795 -23.38 -5.98 -40.12
C THR B 795 -24.77 -5.37 -39.95
N LYS B 796 -24.93 -4.69 -38.82
CA LYS B 796 -26.19 -4.18 -38.34
C LYS B 796 -26.12 -2.68 -38.05
N ARG B 797 -25.27 -1.97 -38.76
CA ARG B 797 -24.95 -0.58 -38.51
C ARG B 797 -25.10 0.23 -39.79
N SER B 798 -25.44 1.51 -39.67
CA SER B 798 -25.40 2.31 -40.87
C SER B 798 -23.95 2.59 -41.17
N PHE B 799 -23.68 2.96 -42.42
CA PHE B 799 -22.31 3.16 -42.83
C PHE B 799 -21.71 4.36 -42.12
N ILE B 800 -22.55 5.34 -41.84
CA ILE B 800 -22.20 6.51 -41.08
C ILE B 800 -21.76 6.13 -39.68
N GLU B 801 -22.38 5.10 -39.09
CA GLU B 801 -22.00 4.66 -37.76
C GLU B 801 -20.59 4.14 -37.75
N ASP B 802 -20.22 3.42 -38.79
CA ASP B 802 -18.90 2.86 -38.87
C ASP B 802 -17.87 3.93 -39.17
N LEU B 803 -18.25 4.94 -39.97
CA LEU B 803 -17.38 6.08 -40.18
C LEU B 803 -17.12 6.81 -38.88
N LEU B 804 -18.15 7.00 -38.08
CA LEU B 804 -17.98 7.79 -36.88
C LEU B 804 -17.38 6.95 -35.76
N PHE B 805 -17.39 5.64 -35.91
CA PHE B 805 -16.44 4.84 -35.16
C PHE B 805 -15.03 5.19 -35.58
N ASN B 806 -14.80 5.13 -36.89
CA ASN B 806 -13.43 5.08 -37.41
C ASN B 806 -12.76 6.44 -37.35
N LYS B 807 -13.52 7.50 -37.18
CA LYS B 807 -12.92 8.80 -36.99
C LYS B 807 -12.27 8.89 -35.62
N VAL B 808 -12.81 8.18 -34.65
CA VAL B 808 -12.39 8.37 -33.27
C VAL B 808 -11.41 7.26 -32.89
N THR B 809 -10.32 7.66 -32.26
CA THR B 809 -9.36 6.72 -31.71
C THR B 809 -9.62 6.51 -30.23
N LEU B 810 -8.85 5.59 -29.66
CA LEU B 810 -8.64 5.50 -28.23
C LEU B 810 -7.20 5.88 -27.95
N ALA B 811 -6.78 5.68 -26.72
CA ALA B 811 -5.35 5.71 -26.40
C ALA B 811 -5.04 4.62 -25.40
N ILE B 832 -13.71 -12.15 -25.41
CA ILE B 832 -12.42 -12.24 -24.75
C ILE B 832 -12.20 -11.03 -23.84
N CYS B 833 -11.32 -11.18 -22.85
CA CYS B 833 -11.19 -10.19 -21.78
C CYS B 833 -9.78 -9.63 -21.72
N ALA B 834 -9.69 -8.32 -21.91
CA ALA B 834 -8.48 -7.59 -21.57
C ALA B 834 -8.31 -7.51 -20.06
N GLN B 835 -7.07 -7.33 -19.61
CA GLN B 835 -6.81 -7.37 -18.17
C GLN B 835 -5.67 -6.42 -17.84
N LYS B 836 -6.02 -5.28 -17.22
CA LYS B 836 -5.08 -4.34 -16.63
C LYS B 836 -4.96 -4.73 -15.17
N PHE B 837 -3.78 -4.61 -14.58
CA PHE B 837 -3.79 -4.63 -13.13
C PHE B 837 -3.75 -3.24 -12.55
N ASN B 838 -4.36 -2.28 -13.24
CA ASN B 838 -4.60 -0.99 -12.62
C ASN B 838 -5.68 -1.08 -11.57
N GLY B 839 -6.46 -2.16 -11.60
CA GLY B 839 -7.69 -2.24 -10.84
C GLY B 839 -8.81 -1.52 -11.51
N LEU B 840 -8.58 -0.98 -12.69
CA LEU B 840 -9.46 0.00 -13.26
C LEU B 840 -10.09 -0.58 -14.50
N THR B 841 -11.40 -0.47 -14.58
CA THR B 841 -12.06 -1.17 -15.64
C THR B 841 -13.09 -0.30 -16.31
N VAL B 842 -13.27 -0.59 -17.57
CA VAL B 842 -14.45 -0.18 -18.29
C VAL B 842 -15.39 -1.37 -18.17
N LEU B 843 -16.28 -1.30 -17.21
CA LEU B 843 -17.41 -2.19 -17.22
C LEU B 843 -18.24 -1.88 -18.45
N PRO B 844 -18.84 -2.87 -19.07
CA PRO B 844 -19.16 -2.75 -20.49
C PRO B 844 -20.36 -1.86 -20.69
N PRO B 845 -20.61 -1.39 -21.91
CA PRO B 845 -21.82 -0.62 -22.16
C PRO B 845 -23.03 -1.49 -21.94
N LEU B 846 -23.76 -1.13 -20.88
CA LEU B 846 -24.83 -1.95 -20.35
C LEU B 846 -25.88 -2.19 -21.40
N LEU B 847 -26.47 -1.14 -21.90
CA LEU B 847 -27.22 -1.29 -23.12
C LEU B 847 -26.20 -1.54 -24.22
N THR B 848 -26.38 -2.63 -24.95
CA THR B 848 -25.33 -3.07 -25.86
C THR B 848 -25.32 -2.24 -27.12
N ASP B 849 -24.09 -1.87 -27.54
CA ASP B 849 -23.81 -0.94 -28.62
C ASP B 849 -24.57 -1.28 -29.89
N ASP B 850 -24.67 -2.56 -30.20
CA ASP B 850 -25.39 -2.96 -31.39
C ASP B 850 -26.89 -2.77 -31.18
N MET B 851 -27.36 -3.04 -29.98
CA MET B 851 -28.77 -2.80 -29.71
C MET B 851 -29.06 -1.32 -29.60
N ILE B 852 -28.09 -0.54 -29.14
CA ILE B 852 -28.19 0.91 -29.20
C ILE B 852 -28.37 1.35 -30.63
N ALA B 853 -27.56 0.77 -31.52
CA ALA B 853 -27.68 1.04 -32.93
C ALA B 853 -29.04 0.61 -33.46
N ALA B 854 -29.56 -0.49 -32.93
CA ALA B 854 -30.86 -0.96 -33.38
C ALA B 854 -31.96 -0.01 -32.93
N TYR B 855 -31.81 0.53 -31.72
CA TYR B 855 -32.68 1.58 -31.25
C TYR B 855 -32.65 2.78 -32.17
N THR B 856 -31.45 3.25 -32.50
CA THR B 856 -31.32 4.42 -33.37
C THR B 856 -31.86 4.16 -34.75
N ALA B 857 -31.69 2.93 -35.23
CA ALA B 857 -32.26 2.55 -36.51
C ALA B 857 -33.77 2.64 -36.48
N ALA B 858 -34.38 2.08 -35.44
CA ALA B 858 -35.82 2.15 -35.30
C ALA B 858 -36.28 3.59 -35.15
N LEU B 859 -35.47 4.39 -34.47
CA LEU B 859 -35.74 5.80 -34.28
C LEU B 859 -35.80 6.53 -35.60
N VAL B 860 -34.77 6.39 -36.41
CA VAL B 860 -34.71 7.14 -37.66
C VAL B 860 -35.73 6.59 -38.65
N SER B 861 -36.06 5.31 -38.52
CA SER B 861 -37.04 4.70 -39.38
C SER B 861 -38.41 5.29 -39.13
N GLY B 862 -38.86 5.20 -37.87
CA GLY B 862 -40.10 5.83 -37.51
C GLY B 862 -40.07 7.34 -37.59
N THR B 863 -38.87 7.93 -37.63
CA THR B 863 -38.73 9.36 -37.86
C THR B 863 -39.14 9.71 -39.27
N ALA B 864 -38.51 9.08 -40.27
CA ALA B 864 -38.92 9.35 -41.65
C ALA B 864 -40.30 8.77 -41.92
N THR B 865 -40.49 7.51 -41.67
CA THR B 865 -41.75 6.88 -41.97
C THR B 865 -42.73 7.09 -40.82
N ALA B 866 -43.79 6.27 -40.79
CA ALA B 866 -44.51 5.91 -39.59
C ALA B 866 -45.33 7.02 -38.98
N GLY B 867 -46.16 7.71 -39.77
CA GLY B 867 -47.13 8.61 -39.19
C GLY B 867 -46.51 9.88 -38.62
N TRP B 868 -47.38 10.79 -38.15
CA TRP B 868 -46.83 11.95 -37.47
C TRP B 868 -46.64 11.68 -35.98
N THR B 869 -47.59 11.02 -35.35
CA THR B 869 -47.45 10.63 -33.96
C THR B 869 -46.46 9.49 -33.91
N PHE B 870 -45.21 9.88 -33.83
CA PHE B 870 -44.09 9.02 -33.54
C PHE B 870 -43.43 9.69 -32.35
N GLY B 871 -43.60 9.12 -31.16
CA GLY B 871 -43.67 9.94 -29.97
C GLY B 871 -44.77 9.46 -29.04
N ALA B 872 -45.86 10.23 -28.92
CA ALA B 872 -46.96 9.90 -28.00
C ALA B 872 -47.86 8.81 -28.57
N GLY B 873 -47.28 7.62 -28.79
CA GLY B 873 -47.93 6.49 -29.40
C GLY B 873 -46.94 5.68 -30.22
N ALA B 874 -47.39 5.22 -31.38
CA ALA B 874 -46.49 4.55 -32.31
C ALA B 874 -46.39 5.27 -33.65
N ALA B 875 -47.47 5.36 -34.41
CA ALA B 875 -47.42 5.64 -35.84
C ALA B 875 -48.83 5.69 -36.38
N LEU B 876 -48.96 6.32 -37.56
CA LEU B 876 -50.22 6.29 -38.30
C LEU B 876 -50.03 6.21 -39.81
N GLN B 877 -48.92 5.62 -40.28
CA GLN B 877 -48.74 5.13 -41.65
C GLN B 877 -48.77 6.25 -42.69
N ILE B 878 -47.74 7.08 -42.67
CA ILE B 878 -47.56 8.14 -43.66
C ILE B 878 -46.36 7.81 -44.53
N PRO B 879 -46.48 7.89 -45.88
CA PRO B 879 -45.37 7.54 -46.78
C PRO B 879 -44.34 8.64 -46.98
N PHE B 880 -44.26 9.63 -46.09
CA PHE B 880 -43.14 10.52 -45.84
C PHE B 880 -42.99 11.61 -46.92
N ALA B 881 -43.67 11.50 -48.06
CA ALA B 881 -43.93 12.70 -48.83
C ALA B 881 -44.91 13.57 -48.08
N MET B 882 -45.91 12.96 -47.46
CA MET B 882 -46.87 13.74 -46.73
C MET B 882 -46.31 14.17 -45.37
N GLN B 883 -45.34 13.43 -44.80
CA GLN B 883 -44.71 13.90 -43.56
C GLN B 883 -43.90 15.16 -43.77
N MET B 884 -43.21 15.27 -44.90
CA MET B 884 -42.51 16.52 -45.06
C MET B 884 -43.26 17.49 -45.94
N ALA B 885 -44.47 17.13 -46.37
CA ALA B 885 -45.49 18.15 -46.54
C ALA B 885 -45.83 18.78 -45.20
N TYR B 886 -45.94 17.94 -44.18
CA TYR B 886 -46.30 18.40 -42.84
C TYR B 886 -45.14 19.10 -42.15
N ARG B 887 -43.91 18.96 -42.65
CA ARG B 887 -42.84 19.78 -42.08
C ARG B 887 -42.80 21.18 -42.68
N PHE B 888 -43.33 21.35 -43.89
CA PHE B 888 -43.49 22.69 -44.45
C PHE B 888 -44.44 23.57 -43.65
N ASN B 889 -45.53 22.99 -43.15
CA ASN B 889 -46.54 23.80 -42.51
C ASN B 889 -46.09 24.26 -41.13
N GLY B 890 -45.25 23.47 -40.47
CA GLY B 890 -44.72 23.83 -39.17
C GLY B 890 -43.39 24.52 -39.26
N ILE B 891 -43.16 25.20 -40.38
CA ILE B 891 -42.03 26.11 -40.47
C ILE B 891 -42.52 27.37 -41.16
N GLY B 892 -43.74 27.30 -41.68
CA GLY B 892 -44.42 28.46 -42.20
C GLY B 892 -44.72 28.46 -43.67
N VAL B 893 -44.53 27.34 -44.37
CA VAL B 893 -44.73 27.34 -45.81
C VAL B 893 -45.69 26.25 -46.23
N THR B 894 -45.88 26.10 -47.53
CA THR B 894 -47.05 25.43 -48.07
C THR B 894 -46.71 24.14 -48.81
N GLN B 895 -47.78 23.48 -49.25
CA GLN B 895 -47.75 22.26 -50.02
C GLN B 895 -47.31 22.49 -51.46
N ASN B 896 -47.56 23.69 -51.99
CA ASN B 896 -47.03 24.06 -53.29
C ASN B 896 -45.51 24.05 -53.33
N VAL B 897 -44.87 24.26 -52.18
CA VAL B 897 -43.42 24.15 -52.12
C VAL B 897 -42.99 22.71 -52.43
N LEU B 898 -43.80 21.73 -52.09
CA LEU B 898 -43.31 20.36 -52.13
C LEU B 898 -43.38 19.73 -53.51
N TYR B 899 -44.60 19.46 -53.99
CA TYR B 899 -44.76 18.49 -55.06
C TYR B 899 -44.42 19.09 -56.42
N GLU B 900 -44.54 20.40 -56.51
CA GLU B 900 -44.05 21.12 -57.66
C GLU B 900 -42.55 21.01 -57.81
N ASN B 901 -41.82 20.80 -56.72
CA ASN B 901 -40.39 21.03 -56.67
C ASN B 901 -39.66 19.76 -56.27
N GLN B 902 -40.40 18.64 -56.37
CA GLN B 902 -40.24 17.45 -55.56
C GLN B 902 -38.81 16.93 -55.59
N LYS B 903 -38.39 16.49 -56.77
CA LYS B 903 -37.10 15.84 -56.98
C LYS B 903 -35.96 16.73 -56.56
N GLN B 904 -36.06 18.03 -56.85
CA GLN B 904 -34.93 18.90 -56.56
C GLN B 904 -34.80 19.09 -55.07
N ILE B 905 -35.95 19.16 -54.38
CA ILE B 905 -35.97 19.08 -52.93
C ILE B 905 -35.24 17.84 -52.49
N ALA B 906 -35.65 16.69 -53.06
CA ALA B 906 -34.98 15.42 -52.89
C ALA B 906 -33.50 15.52 -53.21
N ASN B 907 -33.19 16.15 -54.34
CA ASN B 907 -31.80 16.32 -54.74
C ASN B 907 -31.05 17.13 -53.72
N GLN B 908 -31.61 18.27 -53.32
CA GLN B 908 -30.96 19.12 -52.33
C GLN B 908 -30.93 18.41 -50.99
N PHE B 909 -31.90 17.53 -50.78
CA PHE B 909 -31.81 16.59 -49.69
C PHE B 909 -30.60 15.70 -49.87
N ASN B 910 -30.63 14.86 -50.91
CA ASN B 910 -29.76 13.70 -51.00
C ASN B 910 -28.30 14.11 -51.11
N LYS B 911 -28.04 15.04 -52.04
CA LYS B 911 -26.73 15.61 -52.30
C LYS B 911 -26.08 16.10 -51.02
N ALA B 912 -26.87 16.77 -50.18
CA ALA B 912 -26.37 17.32 -48.94
C ALA B 912 -25.79 16.23 -48.08
N ILE B 913 -26.58 15.18 -47.85
CA ILE B 913 -26.15 14.04 -47.05
C ILE B 913 -24.97 13.36 -47.73
N SER B 914 -25.01 13.37 -49.06
CA SER B 914 -23.94 12.82 -49.86
C SER B 914 -22.64 13.57 -49.61
N GLN B 915 -22.71 14.89 -49.61
CA GLN B 915 -21.54 15.67 -49.25
C GLN B 915 -21.22 15.53 -47.78
N ILE B 916 -22.25 15.27 -46.97
CA ILE B 916 -22.00 14.92 -45.59
C ILE B 916 -21.19 13.63 -45.50
N GLN B 917 -21.49 12.67 -46.40
CA GLN B 917 -20.67 11.48 -46.61
C GLN B 917 -19.21 11.84 -46.76
N GLU B 918 -18.96 12.87 -47.54
CA GLU B 918 -17.62 13.38 -47.70
C GLU B 918 -17.16 14.05 -46.42
N SER B 919 -17.94 15.00 -45.97
CA SER B 919 -17.52 15.85 -44.87
C SER B 919 -17.75 15.22 -43.51
N LEU B 920 -17.93 13.91 -43.45
CA LEU B 920 -17.70 13.19 -42.23
C LEU B 920 -16.49 12.26 -42.32
N THR B 921 -16.21 11.73 -43.50
CA THR B 921 -15.01 10.94 -43.71
C THR B 921 -13.78 11.82 -43.76
N THR B 922 -13.79 12.72 -44.73
CA THR B 922 -12.70 13.60 -45.08
C THR B 922 -12.41 14.62 -44.01
N THR B 923 -13.35 14.89 -43.13
CA THR B 923 -13.16 15.96 -42.18
C THR B 923 -12.26 15.52 -41.04
N SER B 924 -12.25 16.34 -40.01
CA SER B 924 -11.12 16.53 -39.13
C SER B 924 -11.70 16.92 -37.80
N THR B 925 -10.97 17.74 -37.05
CA THR B 925 -11.29 18.15 -35.70
C THR B 925 -12.62 18.89 -35.51
N ALA B 926 -13.43 19.03 -36.56
CA ALA B 926 -14.84 19.35 -36.38
C ALA B 926 -15.68 18.11 -36.04
N LEU B 927 -15.21 17.32 -35.08
CA LEU B 927 -16.01 16.35 -34.37
C LEU B 927 -15.53 16.26 -32.93
N GLY B 928 -15.07 17.39 -32.38
CA GLY B 928 -14.08 17.35 -31.33
C GLY B 928 -14.57 16.96 -29.96
N LYS B 929 -15.89 16.98 -29.73
CA LYS B 929 -16.38 16.92 -28.36
C LYS B 929 -16.28 15.52 -27.78
N LEU B 930 -16.65 14.50 -28.55
CA LEU B 930 -16.50 13.14 -28.07
C LEU B 930 -15.04 12.79 -27.89
N GLN B 931 -14.22 13.37 -28.75
CA GLN B 931 -12.78 13.23 -28.63
C GLN B 931 -12.33 13.80 -27.31
N ASP B 932 -12.87 14.96 -26.96
CA ASP B 932 -12.56 15.56 -25.67
C ASP B 932 -13.04 14.67 -24.54
N VAL B 933 -14.18 14.02 -24.72
CA VAL B 933 -14.71 13.16 -23.67
C VAL B 933 -13.79 11.99 -23.42
N VAL B 934 -13.51 11.23 -24.47
CA VAL B 934 -12.75 10.01 -24.29
C VAL B 934 -11.30 10.34 -24.01
N ASN B 935 -10.80 11.42 -24.61
CA ASN B 935 -9.45 11.87 -24.34
C ASN B 935 -9.33 12.37 -22.92
N GLN B 936 -10.34 13.06 -22.41
CA GLN B 936 -10.34 13.46 -21.01
C GLN B 936 -10.44 12.27 -20.10
N ASN B 937 -11.13 11.23 -20.55
CA ASN B 937 -11.18 10.01 -19.77
C ASN B 937 -9.82 9.37 -19.72
N ALA B 938 -9.15 9.39 -20.86
CA ALA B 938 -7.81 8.85 -20.93
C ALA B 938 -6.85 9.68 -20.10
N GLN B 939 -7.03 10.99 -20.12
CA GLN B 939 -6.19 11.87 -19.33
C GLN B 939 -6.41 11.61 -17.86
N ALA B 940 -7.67 11.47 -17.49
CA ALA B 940 -8.04 11.10 -16.13
C ALA B 940 -7.46 9.75 -15.78
N LEU B 941 -7.52 8.81 -16.69
CA LEU B 941 -7.26 7.45 -16.33
C LEU B 941 -5.76 7.21 -16.27
N ASN B 942 -5.05 7.65 -17.30
CA ASN B 942 -3.60 7.60 -17.33
C ASN B 942 -3.01 8.41 -16.21
N THR B 943 -3.64 9.54 -15.88
CA THR B 943 -3.12 10.37 -14.80
C THR B 943 -3.31 9.67 -13.47
N LEU B 944 -4.39 8.93 -13.37
CA LEU B 944 -4.65 8.16 -12.17
C LEU B 944 -3.61 7.05 -12.02
N VAL B 945 -3.30 6.42 -13.14
CA VAL B 945 -2.24 5.43 -13.17
C VAL B 945 -0.91 6.08 -12.81
N LYS B 946 -0.72 7.29 -13.29
CA LYS B 946 0.52 7.98 -13.05
C LYS B 946 0.58 8.46 -11.61
N GLN B 947 -0.57 8.58 -10.98
CA GLN B 947 -0.59 8.76 -9.55
C GLN B 947 -0.06 7.54 -8.85
N LEU B 948 -0.39 6.35 -9.37
CA LEU B 948 0.27 5.17 -8.83
C LEU B 948 1.76 5.20 -9.09
N SER B 949 2.16 5.77 -10.22
CA SER B 949 3.57 5.97 -10.45
C SER B 949 4.12 7.10 -9.63
N SER B 950 3.27 7.96 -9.12
CA SER B 950 3.77 9.11 -8.39
C SER B 950 4.19 8.72 -7.01
N ASN B 951 5.34 9.24 -6.60
CA ASN B 951 5.69 9.28 -5.20
C ASN B 951 4.77 10.25 -4.49
N PHE B 952 4.69 10.14 -3.17
CA PHE B 952 3.88 11.05 -2.39
C PHE B 952 4.58 11.45 -1.13
N GLY B 953 5.84 11.83 -1.25
CA GLY B 953 6.66 12.08 -0.10
C GLY B 953 7.24 10.83 0.48
N ALA B 954 6.87 9.67 -0.05
CA ALA B 954 7.36 8.41 0.43
C ALA B 954 8.64 8.07 -0.30
N ILE B 955 9.11 6.84 -0.13
CA ILE B 955 10.40 6.46 -0.71
C ILE B 955 10.22 5.91 -2.11
N SER B 956 9.30 4.97 -2.28
CA SER B 956 9.01 4.41 -3.59
C SER B 956 7.72 5.01 -4.13
N SER B 957 7.23 4.44 -5.20
CA SER B 957 5.83 4.63 -5.52
C SER B 957 5.14 3.30 -5.75
N VAL B 958 5.81 2.20 -5.46
CA VAL B 958 5.14 0.91 -5.49
C VAL B 958 5.48 0.24 -4.16
N LEU B 959 4.60 -0.64 -3.72
CA LEU B 959 4.55 -1.11 -2.35
C LEU B 959 5.73 -1.97 -1.94
N ASN B 960 6.14 -2.86 -2.83
CA ASN B 960 7.07 -3.93 -2.49
C ASN B 960 8.44 -3.41 -2.10
N ASP B 961 8.79 -2.24 -2.64
CA ASP B 961 10.06 -1.62 -2.31
C ASP B 961 10.09 -1.10 -0.89
N ILE B 962 9.11 -0.29 -0.47
CA ILE B 962 9.12 0.16 0.91
C ILE B 962 8.78 -1.00 1.85
N LEU B 963 8.11 -2.00 1.34
CA LEU B 963 7.93 -3.27 1.98
C LEU B 963 9.21 -4.06 2.09
N SER B 964 10.18 -3.81 1.20
CA SER B 964 11.40 -4.59 1.24
C SER B 964 12.25 -4.30 2.46
N ARG B 965 12.08 -3.15 3.07
CA ARG B 965 12.81 -2.80 4.28
C ARG B 965 11.86 -2.52 5.43
N LEU B 966 10.62 -3.03 5.34
CA LEU B 966 9.52 -2.66 6.21
C LEU B 966 9.80 -3.02 7.65
N ASP B 967 9.51 -2.08 8.53
CA ASP B 967 9.34 -2.41 9.94
C ASP B 967 7.83 -2.49 10.13
N LYS B 968 7.36 -2.60 11.36
CA LYS B 968 5.92 -2.50 11.59
C LYS B 968 5.46 -1.07 11.38
N VAL B 969 5.96 -0.15 12.19
CA VAL B 969 5.28 1.11 12.43
C VAL B 969 5.60 2.14 11.36
N GLU B 970 6.87 2.53 11.29
CA GLU B 970 7.24 3.69 10.48
C GLU B 970 7.11 3.39 8.99
N ALA B 971 7.29 2.13 8.64
CA ALA B 971 7.03 1.67 7.29
C ALA B 971 5.57 1.88 6.94
N GLU B 972 4.65 1.50 7.84
CA GLU B 972 3.24 1.77 7.62
C GLU B 972 2.92 3.24 7.59
N VAL B 973 3.69 4.06 8.30
CA VAL B 973 3.46 5.50 8.23
C VAL B 973 3.77 6.00 6.83
N GLN B 974 4.85 5.50 6.24
CA GLN B 974 5.15 5.80 4.85
C GLN B 974 4.07 5.25 3.94
N ILE B 975 3.58 4.06 4.26
CA ILE B 975 2.53 3.43 3.48
C ILE B 975 1.26 4.27 3.55
N ASP B 976 0.96 4.79 4.72
CA ASP B 976 -0.20 5.63 4.91
C ASP B 976 -0.05 6.96 4.22
N ARG B 977 1.19 7.45 4.11
CA ARG B 977 1.43 8.61 3.25
C ARG B 977 1.04 8.29 1.83
N LEU B 978 1.41 7.09 1.36
CA LEU B 978 1.01 6.69 0.01
C LEU B 978 -0.49 6.51 -0.09
N ILE B 979 -1.09 5.94 0.94
CA ILE B 979 -2.53 5.71 0.97
C ILE B 979 -3.26 7.03 0.94
N THR B 980 -2.73 8.00 1.67
CA THR B 980 -3.31 9.31 1.75
C THR B 980 -3.23 10.02 0.42
N GLY B 981 -2.06 9.97 -0.20
CA GLY B 981 -1.90 10.59 -1.50
C GLY B 981 -2.75 9.92 -2.56
N ARG B 982 -2.72 8.59 -2.61
CA ARG B 982 -3.49 7.85 -3.58
C ARG B 982 -4.97 8.01 -3.33
N LEU B 983 -5.33 8.22 -2.10
CA LEU B 983 -6.72 8.29 -1.74
C LEU B 983 -7.30 9.66 -2.06
N GLN B 984 -6.55 10.71 -1.76
CA GLN B 984 -6.96 12.04 -2.18
C GLN B 984 -6.99 12.12 -3.69
N SER B 985 -6.04 11.46 -4.35
CA SER B 985 -5.98 11.51 -5.80
C SER B 985 -7.16 10.77 -6.41
N LEU B 986 -7.45 9.59 -5.88
CA LEU B 986 -8.57 8.82 -6.36
C LEU B 986 -9.88 9.52 -6.05
N GLN B 987 -9.97 10.09 -4.87
CA GLN B 987 -11.17 10.78 -4.45
C GLN B 987 -11.37 12.02 -5.28
N THR B 988 -10.26 12.63 -5.68
CA THR B 988 -10.29 13.69 -6.65
C THR B 988 -10.81 13.20 -7.97
N TYR B 989 -10.36 12.01 -8.38
CA TYR B 989 -10.80 11.44 -9.64
C TYR B 989 -12.28 11.16 -9.60
N VAL B 990 -12.75 10.62 -8.49
CA VAL B 990 -14.16 10.40 -8.22
C VAL B 990 -14.93 11.68 -8.36
N THR B 991 -14.43 12.72 -7.71
CA THR B 991 -15.17 13.96 -7.63
C THR B 991 -15.24 14.62 -8.99
N GLN B 992 -14.13 14.58 -9.71
CA GLN B 992 -14.10 15.16 -11.03
C GLN B 992 -14.92 14.35 -12.00
N GLN B 993 -14.93 13.02 -11.83
CA GLN B 993 -15.83 12.17 -12.59
C GLN B 993 -17.27 12.57 -12.35
N LEU B 994 -17.57 12.86 -11.10
CA LEU B 994 -18.93 13.20 -10.78
C LEU B 994 -19.29 14.55 -11.35
N ILE B 995 -18.30 15.44 -11.44
CA ILE B 995 -18.51 16.72 -12.09
C ILE B 995 -18.80 16.52 -13.56
N ARG B 996 -18.01 15.65 -14.18
CA ARG B 996 -18.25 15.27 -15.56
C ARG B 996 -19.59 14.64 -15.71
N ALA B 997 -20.03 13.91 -14.69
CA ALA B 997 -21.31 13.25 -14.74
C ALA B 997 -22.42 14.26 -14.71
N ALA B 998 -22.26 15.30 -13.91
CA ALA B 998 -23.30 16.32 -13.83
C ALA B 998 -23.38 17.11 -15.12
N GLU B 999 -22.22 17.51 -15.65
CA GLU B 999 -22.17 18.22 -16.91
C GLU B 999 -22.71 17.35 -18.02
N ILE B 1000 -22.34 16.08 -17.97
CA ILE B 1000 -22.63 15.18 -19.04
C ILE B 1000 -24.08 14.82 -18.97
N ARG B 1001 -24.69 14.95 -17.80
CA ARG B 1001 -26.06 14.54 -17.72
C ARG B 1001 -26.98 15.68 -18.00
N ALA B 1002 -26.54 16.90 -17.73
CA ALA B 1002 -27.29 18.04 -18.20
C ALA B 1002 -27.35 18.01 -19.71
N SER B 1003 -26.21 17.75 -20.33
CA SER B 1003 -26.18 17.58 -21.77
C SER B 1003 -26.95 16.35 -22.20
N ALA B 1004 -26.98 15.32 -21.37
CA ALA B 1004 -27.69 14.13 -21.76
C ALA B 1004 -29.17 14.36 -21.74
N ASN B 1005 -29.62 15.12 -20.75
CA ASN B 1005 -31.00 15.52 -20.69
C ASN B 1005 -31.33 16.40 -21.89
N LEU B 1006 -30.38 17.25 -22.28
CA LEU B 1006 -30.52 18.01 -23.51
C LEU B 1006 -30.64 17.09 -24.71
N ALA B 1007 -29.90 16.00 -24.69
CA ALA B 1007 -29.90 15.11 -25.83
C ALA B 1007 -31.22 14.39 -25.92
N ALA B 1008 -31.71 13.91 -24.78
CA ALA B 1008 -33.02 13.31 -24.74
C ALA B 1008 -34.08 14.32 -25.12
N THR B 1009 -33.87 15.57 -24.72
CA THR B 1009 -34.82 16.61 -24.99
C THR B 1009 -34.86 16.91 -26.47
N LYS B 1010 -33.70 16.96 -27.09
CA LYS B 1010 -33.67 17.21 -28.50
C LYS B 1010 -34.18 16.01 -29.26
N MET B 1011 -33.95 14.81 -28.75
CA MET B 1011 -34.43 13.64 -29.47
C MET B 1011 -35.92 13.49 -29.28
N SER B 1012 -36.46 14.08 -28.24
CA SER B 1012 -37.89 14.22 -28.16
C SER B 1012 -38.39 15.28 -29.12
N GLU B 1013 -37.72 16.41 -29.20
CA GLU B 1013 -38.27 17.48 -30.03
C GLU B 1013 -37.84 17.32 -31.47
N CYS B 1014 -36.53 17.29 -31.70
CA CYS B 1014 -36.00 17.38 -33.05
C CYS B 1014 -36.25 16.10 -33.82
N VAL B 1015 -36.30 14.98 -33.09
CA VAL B 1015 -36.33 13.70 -33.75
C VAL B 1015 -37.74 13.15 -33.80
N LEU B 1016 -38.50 13.34 -32.73
CA LEU B 1016 -39.88 12.90 -32.79
C LEU B 1016 -40.77 13.90 -33.49
N GLY B 1017 -40.24 15.04 -33.88
CA GLY B 1017 -41.05 16.00 -34.61
C GLY B 1017 -40.25 17.18 -35.07
N GLN B 1018 -40.95 18.27 -35.31
CA GLN B 1018 -40.33 19.52 -35.73
C GLN B 1018 -40.44 20.49 -34.56
N SER B 1019 -39.31 20.78 -33.92
CA SER B 1019 -39.29 21.75 -32.83
C SER B 1019 -39.35 23.15 -33.41
N LYS B 1020 -40.53 23.75 -33.39
CA LYS B 1020 -40.79 25.02 -34.03
C LYS B 1020 -40.11 26.18 -33.35
N ARG B 1021 -39.67 26.02 -32.10
CA ARG B 1021 -38.85 27.05 -31.51
C ARG B 1021 -37.52 27.12 -32.25
N VAL B 1022 -37.10 28.35 -32.51
CA VAL B 1022 -36.27 28.67 -33.64
C VAL B 1022 -34.81 28.72 -33.20
N ASP B 1023 -33.91 28.18 -34.04
CA ASP B 1023 -32.50 27.99 -33.74
C ASP B 1023 -32.33 27.25 -32.42
N PHE B 1024 -33.09 26.17 -32.30
CA PHE B 1024 -33.04 25.31 -31.14
C PHE B 1024 -32.46 23.95 -31.47
N CYS B 1025 -33.04 23.25 -32.44
CA CYS B 1025 -32.39 22.07 -32.98
C CYS B 1025 -31.35 22.47 -34.00
N GLY B 1026 -31.81 23.06 -35.09
CA GLY B 1026 -30.89 23.38 -36.16
C GLY B 1026 -30.65 24.86 -36.27
N LYS B 1027 -29.53 25.22 -36.90
CA LYS B 1027 -29.13 26.60 -36.99
C LYS B 1027 -29.70 27.27 -38.21
N GLY B 1028 -30.46 26.56 -39.01
CA GLY B 1028 -31.49 27.18 -39.79
C GLY B 1028 -32.77 27.05 -38.99
N TYR B 1029 -33.85 26.63 -39.63
CA TYR B 1029 -35.13 26.66 -38.96
C TYR B 1029 -35.67 25.26 -38.67
N HIS B 1030 -34.80 24.23 -38.73
CA HIS B 1030 -35.04 22.85 -38.28
C HIS B 1030 -36.20 22.13 -38.97
N LEU B 1031 -35.96 21.61 -40.16
CA LEU B 1031 -37.03 20.92 -40.85
C LEU B 1031 -37.21 19.50 -40.32
N MET B 1032 -36.11 18.77 -40.12
CA MET B 1032 -36.09 17.42 -39.52
C MET B 1032 -34.82 17.28 -38.68
N SER B 1033 -34.68 16.17 -37.98
CA SER B 1033 -33.35 15.84 -37.48
C SER B 1033 -33.18 14.34 -37.40
N PHE B 1034 -31.92 13.91 -37.38
CA PHE B 1034 -31.53 12.52 -37.51
C PHE B 1034 -30.43 12.14 -36.52
N PRO B 1035 -30.68 11.21 -35.62
CA PRO B 1035 -29.63 10.78 -34.69
C PRO B 1035 -28.84 9.63 -35.26
N GLN B 1036 -27.60 9.54 -34.79
CA GLN B 1036 -26.73 8.42 -35.08
C GLN B 1036 -25.89 8.18 -33.83
N ALA B 1037 -25.60 6.92 -33.57
CA ALA B 1037 -24.89 6.59 -32.36
C ALA B 1037 -23.41 6.92 -32.50
N ALA B 1038 -22.68 6.69 -31.42
CA ALA B 1038 -21.26 6.98 -31.34
C ALA B 1038 -20.74 6.32 -30.09
N PRO B 1039 -19.42 6.14 -29.96
CA PRO B 1039 -18.88 5.74 -28.66
C PRO B 1039 -19.13 6.84 -27.65
N HIS B 1040 -19.79 6.48 -26.56
CA HIS B 1040 -20.05 7.29 -25.38
C HIS B 1040 -20.98 8.45 -25.64
N GLY B 1041 -21.35 8.70 -26.88
CA GLY B 1041 -22.09 9.88 -27.19
C GLY B 1041 -22.95 9.65 -28.40
N VAL B 1042 -23.45 10.73 -28.95
CA VAL B 1042 -24.44 10.66 -30.00
C VAL B 1042 -24.22 11.87 -30.88
N VAL B 1043 -24.59 11.76 -32.14
CA VAL B 1043 -24.34 12.80 -33.10
C VAL B 1043 -25.60 13.04 -33.88
N PHE B 1044 -26.02 14.27 -33.94
CA PHE B 1044 -27.23 14.62 -34.63
C PHE B 1044 -26.90 15.24 -35.96
N LEU B 1045 -27.84 15.09 -36.86
CA LEU B 1045 -27.78 15.61 -38.21
C LEU B 1045 -29.00 16.52 -38.28
N HIS B 1046 -28.75 17.80 -38.33
CA HIS B 1046 -29.84 18.76 -38.29
C HIS B 1046 -30.19 19.13 -39.70
N VAL B 1047 -31.40 18.74 -40.11
CA VAL B 1047 -32.08 19.15 -41.33
C VAL B 1047 -32.70 20.51 -41.01
N THR B 1048 -31.95 21.56 -41.31
CA THR B 1048 -32.33 22.91 -40.94
C THR B 1048 -33.17 23.54 -42.04
N TYR B 1049 -33.31 24.85 -42.02
CA TYR B 1049 -33.83 25.58 -43.17
C TYR B 1049 -33.19 26.97 -43.18
N VAL B 1050 -32.28 27.18 -44.12
CA VAL B 1050 -31.58 28.45 -44.27
C VAL B 1050 -32.05 29.07 -45.59
N PRO B 1051 -32.85 30.13 -45.56
CA PRO B 1051 -33.36 30.74 -46.81
C PRO B 1051 -32.26 31.56 -47.47
N SER B 1052 -32.23 31.55 -48.80
CA SER B 1052 -31.18 32.34 -49.44
C SER B 1052 -31.62 32.81 -50.82
N GLN B 1053 -32.27 33.98 -50.85
CA GLN B 1053 -32.43 34.90 -51.98
C GLN B 1053 -33.10 36.16 -51.45
N GLU B 1054 -33.42 37.09 -52.36
CA GLU B 1054 -33.92 38.42 -51.99
C GLU B 1054 -34.87 38.94 -53.05
N ARG B 1055 -35.95 39.59 -52.63
CA ARG B 1055 -36.76 40.45 -53.46
C ARG B 1055 -36.53 41.90 -53.08
N ASN B 1056 -37.29 42.79 -53.69
CA ASN B 1056 -37.41 44.17 -53.26
C ASN B 1056 -38.77 44.66 -53.71
N PHE B 1057 -39.65 44.94 -52.76
CA PHE B 1057 -40.96 45.51 -53.06
C PHE B 1057 -41.32 46.45 -51.93
N THR B 1058 -42.45 47.14 -52.09
CA THR B 1058 -42.94 48.05 -51.07
C THR B 1058 -43.98 47.35 -50.22
N THR B 1059 -44.30 47.97 -49.09
CA THR B 1059 -45.30 47.44 -48.20
C THR B 1059 -46.45 48.43 -48.05
N ALA B 1060 -47.57 47.91 -47.54
CA ALA B 1060 -48.82 48.62 -47.24
C ALA B 1060 -49.61 47.83 -46.20
N PRO B 1061 -49.52 48.18 -44.90
CA PRO B 1061 -50.11 47.33 -43.84
C PRO B 1061 -51.62 47.13 -43.91
N ALA B 1062 -52.35 47.96 -44.64
CA ALA B 1062 -53.77 47.77 -44.79
C ALA B 1062 -54.06 47.44 -46.24
N ILE B 1063 -55.35 47.27 -46.53
CA ILE B 1063 -55.88 47.31 -47.89
C ILE B 1063 -57.02 48.33 -47.82
N CYS B 1064 -56.70 49.59 -48.05
CA CYS B 1064 -57.66 50.66 -47.85
C CYS B 1064 -58.44 50.79 -49.14
N HIS B 1065 -59.60 50.13 -49.19
CA HIS B 1065 -60.30 50.07 -50.46
C HIS B 1065 -61.46 51.06 -50.57
N GLU B 1066 -62.39 51.04 -49.62
CA GLU B 1066 -63.58 51.89 -49.71
C GLU B 1066 -63.60 52.98 -48.65
N GLY B 1067 -62.47 53.27 -48.04
CA GLY B 1067 -62.42 54.14 -46.89
C GLY B 1067 -62.28 53.39 -45.60
N LYS B 1068 -62.14 52.07 -45.65
CA LYS B 1068 -61.95 51.30 -44.44
C LYS B 1068 -60.63 50.56 -44.55
N ALA B 1069 -60.07 50.21 -43.40
CA ALA B 1069 -58.77 49.56 -43.33
C ALA B 1069 -58.93 48.05 -43.19
N TYR B 1070 -57.89 47.33 -43.62
CA TYR B 1070 -57.91 45.89 -43.78
C TYR B 1070 -56.58 45.32 -43.33
N PHE B 1071 -56.49 44.92 -42.11
CA PHE B 1071 -55.21 44.34 -41.72
C PHE B 1071 -55.21 42.86 -42.04
N PRO B 1072 -54.17 42.36 -42.69
CA PRO B 1072 -54.34 41.16 -43.51
C PRO B 1072 -54.61 39.81 -42.86
N ARG B 1073 -53.54 39.13 -42.51
CA ARG B 1073 -53.63 37.78 -42.00
C ARG B 1073 -52.52 37.50 -41.00
N GLU B 1074 -51.70 38.51 -40.69
CA GLU B 1074 -51.00 38.58 -39.42
C GLU B 1074 -49.98 37.48 -39.25
N GLY B 1075 -48.78 37.69 -39.81
CA GLY B 1075 -48.23 36.87 -40.87
C GLY B 1075 -47.70 37.82 -41.95
N VAL B 1076 -46.97 38.85 -41.50
CA VAL B 1076 -46.83 40.18 -42.08
C VAL B 1076 -46.30 40.27 -43.52
N PHE B 1077 -46.32 41.51 -44.03
CA PHE B 1077 -46.12 41.98 -45.40
C PHE B 1077 -47.21 41.62 -46.40
N VAL B 1078 -48.30 42.39 -46.38
CA VAL B 1078 -49.07 42.60 -47.61
C VAL B 1078 -48.10 42.92 -48.74
N PHE B 1079 -48.24 42.21 -49.84
CA PHE B 1079 -47.41 42.43 -51.02
C PHE B 1079 -47.86 43.69 -51.73
N ASN B 1080 -47.30 44.82 -51.30
CA ASN B 1080 -47.45 46.04 -52.08
C ASN B 1080 -46.31 46.16 -53.09
N GLY B 1081 -46.12 45.09 -53.83
CA GLY B 1081 -45.36 45.11 -55.05
C GLY B 1081 -46.29 45.55 -56.14
N THR B 1082 -46.47 46.87 -56.22
CA THR B 1082 -47.49 47.54 -57.02
C THR B 1082 -48.88 47.11 -56.55
N SER B 1083 -48.97 46.80 -55.24
CA SER B 1083 -50.20 46.45 -54.53
C SER B 1083 -50.92 45.27 -55.16
N TRP B 1084 -50.12 44.35 -55.72
CA TRP B 1084 -50.68 43.25 -56.49
C TRP B 1084 -51.42 42.25 -55.60
N PHE B 1085 -50.76 41.75 -54.56
CA PHE B 1085 -51.26 40.59 -53.82
C PHE B 1085 -50.87 40.73 -52.35
N ILE B 1086 -50.88 39.62 -51.63
CA ILE B 1086 -50.35 39.53 -50.27
C ILE B 1086 -49.49 38.27 -50.21
N THR B 1087 -48.29 38.36 -49.63
CA THR B 1087 -47.35 37.24 -49.61
C THR B 1087 -47.01 36.79 -48.19
N GLN B 1088 -46.34 35.65 -48.15
CA GLN B 1088 -46.06 34.91 -46.93
C GLN B 1088 -44.89 35.52 -46.18
N ARG B 1089 -44.33 34.77 -45.25
CA ARG B 1089 -43.19 35.27 -44.52
C ARG B 1089 -41.92 35.07 -45.34
N ASN B 1090 -41.78 33.93 -46.02
CA ASN B 1090 -40.44 33.53 -46.43
C ASN B 1090 -40.32 33.17 -47.92
N PHE B 1091 -41.40 33.22 -48.69
CA PHE B 1091 -41.31 33.07 -50.14
C PHE B 1091 -42.21 34.08 -50.83
N PHE B 1092 -41.86 34.43 -52.05
CA PHE B 1092 -42.70 35.28 -52.90
C PHE B 1092 -43.95 34.50 -53.24
N SER B 1093 -45.01 34.69 -52.44
CA SER B 1093 -46.12 33.74 -52.41
C SER B 1093 -47.43 34.51 -52.50
N PRO B 1094 -47.85 34.87 -53.69
CA PRO B 1094 -48.91 35.88 -53.83
C PRO B 1094 -50.30 35.34 -53.50
N GLN B 1095 -51.19 36.25 -53.08
CA GLN B 1095 -52.60 35.95 -52.77
C GLN B 1095 -53.53 37.00 -53.36
N ILE B 1096 -54.49 36.54 -54.18
CA ILE B 1096 -55.56 37.42 -54.68
C ILE B 1096 -56.34 37.99 -53.51
N ILE B 1097 -56.39 39.32 -53.43
CA ILE B 1097 -57.03 39.96 -52.27
C ILE B 1097 -58.54 39.75 -52.35
N THR B 1098 -59.08 39.08 -51.34
CA THR B 1098 -60.47 38.66 -51.28
C THR B 1098 -60.99 38.80 -49.87
N THR B 1099 -62.10 38.12 -49.60
CA THR B 1099 -62.80 38.23 -48.33
C THR B 1099 -62.02 37.59 -47.18
N ASP B 1100 -61.01 36.77 -47.47
CA ASP B 1100 -60.34 36.08 -46.38
C ASP B 1100 -58.85 36.39 -46.34
N ASN B 1101 -58.33 37.13 -47.32
CA ASN B 1101 -57.00 37.70 -47.16
C ASN B 1101 -56.93 38.76 -46.08
N THR B 1102 -58.08 39.28 -45.64
CA THR B 1102 -58.11 40.24 -44.57
C THR B 1102 -59.45 40.14 -43.87
N PHE B 1103 -59.71 41.10 -42.99
CA PHE B 1103 -60.96 41.20 -42.27
C PHE B 1103 -61.37 42.66 -42.20
N VAL B 1104 -62.60 42.88 -41.71
CA VAL B 1104 -63.09 44.23 -41.44
C VAL B 1104 -62.26 44.78 -40.29
N SER B 1105 -61.33 45.70 -40.60
CA SER B 1105 -60.34 46.19 -39.64
C SER B 1105 -60.51 47.69 -39.44
N GLY B 1106 -61.47 48.07 -38.60
CA GLY B 1106 -61.74 49.47 -38.33
C GLY B 1106 -62.14 50.25 -39.59
N ASN B 1107 -61.63 51.46 -39.69
CA ASN B 1107 -61.68 52.22 -40.93
C ASN B 1107 -60.29 52.74 -41.26
N CYS B 1108 -60.17 53.33 -42.45
CA CYS B 1108 -58.88 53.63 -43.04
C CYS B 1108 -58.37 54.96 -42.50
N ASP B 1109 -57.72 54.91 -41.33
CA ASP B 1109 -57.25 56.14 -40.73
C ASP B 1109 -55.79 56.14 -40.31
N VAL B 1110 -55.27 55.03 -39.79
CA VAL B 1110 -53.89 54.99 -39.33
C VAL B 1110 -53.08 54.10 -40.26
N VAL B 1111 -53.54 53.97 -41.50
CA VAL B 1111 -52.91 53.11 -42.49
C VAL B 1111 -51.61 53.76 -42.93
N ILE B 1112 -50.77 53.01 -43.62
CA ILE B 1112 -49.57 53.60 -44.18
C ILE B 1112 -49.71 53.46 -45.68
N GLY B 1113 -50.42 52.41 -46.09
CA GLY B 1113 -50.67 52.15 -47.49
C GLY B 1113 -52.15 52.09 -47.76
N ILE B 1114 -52.50 52.37 -49.00
CA ILE B 1114 -53.88 52.32 -49.48
C ILE B 1114 -53.89 51.35 -50.65
N ILE B 1115 -54.73 50.34 -50.58
CA ILE B 1115 -54.92 49.45 -51.71
C ILE B 1115 -56.39 49.44 -52.07
N ASN B 1116 -56.68 50.02 -53.22
CA ASN B 1116 -58.03 50.15 -53.77
C ASN B 1116 -58.36 48.90 -54.57
N ASN B 1117 -59.38 49.01 -55.42
CA ASN B 1117 -59.95 48.04 -56.36
C ASN B 1117 -60.07 46.63 -55.81
N THR B 1118 -60.46 46.52 -54.56
CA THR B 1118 -60.81 45.23 -53.98
C THR B 1118 -62.24 44.93 -54.40
N VAL B 1119 -62.39 43.92 -55.25
CA VAL B 1119 -63.66 43.58 -55.87
C VAL B 1119 -64.10 42.18 -55.44
N ARG C 18 -5.49 -42.43 38.69
CA ARG C 18 -5.60 -43.77 38.13
C ARG C 18 -6.36 -43.75 36.82
N CYS C 19 -5.80 -44.41 35.81
CA CYS C 19 -6.46 -44.57 34.52
C CYS C 19 -7.61 -45.56 34.70
N THR C 20 -8.72 -45.04 35.22
CA THR C 20 -9.79 -45.88 35.76
C THR C 20 -10.72 -46.26 34.61
N THR C 21 -10.20 -47.06 33.70
CA THR C 21 -10.83 -47.32 32.40
C THR C 21 -12.06 -48.19 32.59
N PHE C 22 -13.21 -47.70 32.14
CA PHE C 22 -14.42 -48.49 32.13
C PHE C 22 -14.44 -49.43 30.93
N ASP C 23 -15.33 -50.42 30.99
CA ASP C 23 -15.35 -51.48 30.00
C ASP C 23 -16.17 -51.11 28.78
N ASP C 24 -17.47 -50.82 28.96
CA ASP C 24 -18.37 -50.55 27.85
C ASP C 24 -18.16 -49.12 27.36
N VAL C 25 -17.03 -48.89 26.71
CA VAL C 25 -16.71 -47.60 26.12
C VAL C 25 -16.90 -47.74 24.63
N GLN C 26 -17.98 -47.15 24.10
CA GLN C 26 -18.30 -47.24 22.68
C GLN C 26 -18.24 -45.86 22.06
N ALA C 27 -17.54 -45.75 20.92
CA ALA C 27 -17.54 -44.51 20.15
C ALA C 27 -18.14 -44.77 18.77
N PRO C 28 -19.39 -44.38 18.52
CA PRO C 28 -20.00 -44.55 17.21
C PRO C 28 -19.50 -43.50 16.21
N ASN C 29 -20.25 -43.36 15.11
CA ASN C 29 -19.86 -42.61 13.91
C ASN C 29 -19.78 -41.10 14.11
N TYR C 30 -19.86 -40.60 15.36
CA TYR C 30 -19.88 -39.18 15.70
C TYR C 30 -21.07 -38.48 15.04
N THR C 31 -22.26 -38.80 15.58
CA THR C 31 -23.55 -38.66 14.88
C THR C 31 -23.82 -37.25 14.34
N GLN C 32 -24.24 -37.17 13.08
CA GLN C 32 -24.30 -35.91 12.37
C GLN C 32 -25.47 -35.05 12.82
N HIS C 33 -25.22 -33.75 12.97
CA HIS C 33 -26.28 -32.78 13.18
C HIS C 33 -25.93 -31.50 12.41
N THR C 34 -26.83 -30.52 12.48
CA THR C 34 -26.72 -29.33 11.65
C THR C 34 -26.98 -28.11 12.52
N SER C 35 -26.17 -27.07 12.31
CA SER C 35 -26.03 -25.93 13.23
C SER C 35 -26.81 -24.72 12.77
N SER C 36 -28.06 -24.91 12.35
CA SER C 36 -28.87 -23.93 11.61
C SER C 36 -28.93 -22.53 12.24
N MET C 37 -29.26 -22.44 13.51
CA MET C 37 -29.56 -21.12 14.07
C MET C 37 -28.77 -20.85 15.34
N ARG C 38 -27.68 -21.56 15.57
CA ARG C 38 -27.13 -21.58 16.90
C ARG C 38 -25.76 -20.94 16.99
N GLY C 39 -25.36 -20.63 18.23
CA GLY C 39 -24.08 -20.03 18.55
C GLY C 39 -24.13 -18.59 19.01
N VAL C 40 -25.31 -17.97 19.02
CA VAL C 40 -25.46 -16.53 19.22
C VAL C 40 -25.10 -16.16 20.64
N TYR C 41 -24.35 -15.07 20.80
CA TYR C 41 -24.09 -14.52 22.13
C TYR C 41 -23.95 -13.02 22.06
N TYR C 42 -23.56 -12.40 23.18
CA TYR C 42 -23.37 -10.96 23.21
C TYR C 42 -21.90 -10.61 23.05
N PRO C 43 -21.53 -9.77 22.08
CA PRO C 43 -20.11 -9.49 21.84
C PRO C 43 -19.55 -8.37 22.69
N ASP C 44 -20.35 -7.39 23.08
CA ASP C 44 -19.87 -6.32 23.93
C ASP C 44 -20.48 -6.50 25.31
N GLU C 45 -20.10 -5.63 26.23
CA GLU C 45 -20.73 -5.55 27.54
C GLU C 45 -21.70 -4.37 27.57
N ILE C 46 -22.12 -3.95 26.38
CA ILE C 46 -22.71 -2.65 26.17
C ILE C 46 -24.05 -2.84 25.47
N PHE C 47 -25.08 -2.24 26.08
CA PHE C 47 -26.43 -2.22 25.51
C PHE C 47 -26.40 -1.52 24.17
N ARG C 48 -27.27 -1.96 23.26
CA ARG C 48 -27.73 -1.14 22.16
C ARG C 48 -29.20 -1.42 22.01
N SER C 49 -29.84 -0.72 21.08
CA SER C 49 -31.27 -0.93 20.90
C SER C 49 -31.66 -0.59 19.48
N ASP C 50 -32.39 -1.52 18.86
CA ASP C 50 -33.13 -1.30 17.63
C ASP C 50 -32.21 -0.86 16.48
N THR C 51 -31.33 -1.76 16.09
CA THR C 51 -30.33 -1.49 15.08
C THR C 51 -29.98 -2.76 14.32
N LEU C 52 -29.02 -2.63 13.42
CA LEU C 52 -28.46 -3.74 12.65
C LEU C 52 -26.94 -3.65 12.75
N TYR C 53 -26.38 -4.35 13.72
CA TYR C 53 -25.00 -4.16 14.12
C TYR C 53 -24.16 -5.30 13.57
N LEU C 54 -23.29 -4.98 12.61
CA LEU C 54 -22.33 -5.95 12.14
C LEU C 54 -21.14 -6.07 13.08
N THR C 55 -20.69 -7.30 13.26
CA THR C 55 -19.37 -7.55 13.82
C THR C 55 -18.92 -8.94 13.39
N GLN C 56 -17.63 -9.14 13.42
CA GLN C 56 -17.02 -10.42 13.11
C GLN C 56 -16.04 -10.75 14.20
N ASP C 57 -16.18 -11.94 14.76
CA ASP C 57 -15.29 -12.48 15.76
C ASP C 57 -15.36 -13.99 15.59
N LEU C 58 -14.66 -14.72 16.46
CA LEU C 58 -14.60 -16.16 16.33
C LEU C 58 -15.94 -16.80 16.71
N PHE C 59 -16.65 -17.33 15.73
CA PHE C 59 -18.05 -17.68 15.85
C PHE C 59 -18.32 -19.13 15.48
N LEU C 60 -19.49 -19.59 15.83
CA LEU C 60 -20.03 -20.75 15.15
C LEU C 60 -20.66 -20.33 13.84
N PRO C 61 -20.14 -20.79 12.72
CA PRO C 61 -20.81 -20.53 11.45
C PRO C 61 -22.09 -21.34 11.40
N PHE C 62 -23.14 -20.71 10.88
CA PHE C 62 -24.43 -21.36 10.84
C PHE C 62 -24.44 -22.60 9.98
N TYR C 63 -25.39 -23.47 10.28
CA TYR C 63 -25.89 -24.54 9.45
C TYR C 63 -24.83 -25.61 9.15
N SER C 64 -23.76 -25.67 9.93
CA SER C 64 -22.61 -26.50 9.58
C SER C 64 -22.72 -27.91 10.20
N ASN C 65 -21.61 -28.66 10.16
CA ASN C 65 -21.57 -30.04 10.63
C ASN C 65 -21.34 -30.11 12.13
N VAL C 66 -22.20 -30.88 12.80
CA VAL C 66 -22.19 -30.97 14.25
C VAL C 66 -21.93 -32.41 14.66
N THR C 67 -20.78 -32.66 15.27
CA THR C 67 -20.41 -33.98 15.76
C THR C 67 -21.18 -34.26 17.05
N GLY C 68 -21.92 -35.35 17.08
CA GLY C 68 -22.72 -35.66 18.24
C GLY C 68 -22.20 -36.87 18.98
N PHE C 69 -22.19 -36.78 20.30
CA PHE C 69 -21.83 -37.87 21.19
C PHE C 69 -23.14 -38.29 21.87
N HIS C 70 -23.80 -39.26 21.25
CA HIS C 70 -24.99 -39.91 21.81
C HIS C 70 -24.51 -41.02 22.72
N THR C 71 -24.19 -40.66 23.96
CA THR C 71 -23.95 -41.67 24.97
C THR C 71 -25.28 -42.21 25.51
N ILE C 72 -25.44 -43.52 25.42
CA ILE C 72 -26.62 -44.20 25.92
C ILE C 72 -26.10 -45.22 26.92
N ASN C 73 -26.96 -46.08 27.45
CA ASN C 73 -26.50 -47.07 28.42
C ASN C 73 -25.59 -48.14 27.82
N HIS C 74 -25.55 -48.27 26.50
CA HIS C 74 -24.62 -49.16 25.83
C HIS C 74 -23.64 -48.40 24.93
N THR C 75 -23.29 -47.17 25.29
CA THR C 75 -22.35 -46.35 24.53
C THR C 75 -21.76 -45.29 25.45
N PHE C 76 -20.44 -45.34 25.65
CA PHE C 76 -19.75 -44.37 26.51
C PHE C 76 -18.85 -43.53 25.62
N GLY C 77 -19.24 -42.27 25.44
CA GLY C 77 -18.55 -41.34 24.54
C GLY C 77 -17.65 -40.44 25.36
N ASN C 78 -16.37 -40.77 25.39
CA ASN C 78 -15.35 -39.88 25.90
C ASN C 78 -14.02 -40.12 25.18
N PRO C 79 -13.90 -39.65 23.92
CA PRO C 79 -12.57 -39.61 23.31
C PRO C 79 -11.93 -38.27 23.61
N VAL C 80 -10.73 -38.06 23.13
CA VAL C 80 -10.12 -36.74 23.21
C VAL C 80 -10.44 -36.01 21.91
N ILE C 81 -10.70 -34.72 22.03
CA ILE C 81 -10.92 -33.85 20.88
C ILE C 81 -9.94 -32.70 21.03
N PRO C 82 -9.23 -32.30 19.98
CA PRO C 82 -8.40 -31.10 20.06
C PRO C 82 -9.25 -29.84 20.15
N PHE C 83 -8.56 -28.72 20.28
CA PHE C 83 -9.24 -27.50 20.69
C PHE C 83 -9.96 -26.82 19.53
N LYS C 84 -9.24 -26.59 18.43
CA LYS C 84 -9.79 -26.08 17.16
C LYS C 84 -10.40 -24.69 17.30
N ASP C 85 -9.69 -23.82 18.02
CA ASP C 85 -9.95 -22.39 18.15
C ASP C 85 -11.36 -22.13 18.69
N GLY C 86 -11.58 -22.65 19.89
CA GLY C 86 -12.87 -22.51 20.51
C GLY C 86 -13.87 -23.50 19.96
N ILE C 87 -14.91 -23.76 20.73
CA ILE C 87 -15.91 -24.74 20.37
C ILE C 87 -17.30 -24.22 20.72
N TYR C 88 -18.25 -24.47 19.83
CA TYR C 88 -19.63 -24.48 20.27
C TYR C 88 -19.91 -25.80 20.96
N PHE C 89 -20.60 -25.72 22.09
CA PHE C 89 -20.94 -26.89 22.86
C PHE C 89 -22.43 -26.87 23.14
N ALA C 90 -23.01 -28.07 23.28
CA ALA C 90 -24.41 -28.22 23.65
C ALA C 90 -24.58 -29.55 24.37
N ALA C 91 -25.63 -29.65 25.17
CA ALA C 91 -25.82 -30.82 26.03
C ALA C 91 -27.29 -30.99 26.36
N THR C 92 -27.86 -32.13 26.01
CA THR C 92 -29.28 -32.41 26.22
C THR C 92 -29.45 -33.10 27.57
N GLU C 93 -29.96 -32.37 28.55
CA GLU C 93 -29.83 -32.79 29.94
C GLU C 93 -31.19 -33.00 30.57
N LYS C 94 -31.36 -34.20 31.12
CA LYS C 94 -32.41 -34.51 32.08
C LYS C 94 -31.67 -34.62 33.39
N SER C 95 -31.75 -33.57 34.20
CA SER C 95 -31.04 -33.43 35.47
C SER C 95 -29.53 -33.53 35.31
N ASN C 96 -29.03 -33.01 34.18
CA ASN C 96 -27.73 -32.34 34.08
C ASN C 96 -26.55 -33.29 34.37
N VAL C 97 -26.34 -34.20 33.43
CA VAL C 97 -25.34 -35.26 33.57
C VAL C 97 -23.90 -34.76 33.45
N VAL C 98 -23.64 -33.86 32.52
CA VAL C 98 -22.39 -33.84 31.77
C VAL C 98 -21.35 -32.86 32.32
N ARG C 99 -21.41 -32.59 33.61
CA ARG C 99 -20.52 -31.62 34.24
C ARG C 99 -19.04 -31.97 34.10
N GLY C 100 -18.27 -31.03 33.57
CA GLY C 100 -16.84 -31.20 33.42
C GLY C 100 -16.22 -30.95 32.05
N TRP C 101 -15.32 -29.97 31.99
CA TRP C 101 -14.51 -29.69 30.81
C TRP C 101 -13.07 -29.61 31.26
N VAL C 102 -12.21 -30.43 30.67
CA VAL C 102 -10.78 -30.38 30.96
C VAL C 102 -10.10 -29.87 29.71
N PHE C 103 -9.45 -28.72 29.83
CA PHE C 103 -8.78 -28.07 28.71
C PHE C 103 -7.28 -28.15 28.99
N GLY C 104 -6.55 -28.85 28.14
CA GLY C 104 -5.13 -29.00 28.36
C GLY C 104 -4.29 -28.94 27.12
N SER C 105 -2.98 -29.12 27.30
CA SER C 105 -2.02 -29.00 26.21
C SER C 105 -1.65 -30.35 25.60
N THR C 106 -1.10 -31.26 26.40
CA THR C 106 -0.65 -32.56 25.91
C THR C 106 -1.31 -33.74 26.61
N MET C 107 -2.36 -33.49 27.39
CA MET C 107 -3.25 -34.51 27.96
C MET C 107 -2.51 -35.46 28.88
N ASN C 108 -1.48 -34.96 29.55
CA ASN C 108 -0.66 -35.79 30.43
C ASN C 108 -0.37 -35.00 31.70
N ASN C 109 0.41 -35.64 32.59
CA ASN C 109 0.86 -34.99 33.82
C ASN C 109 1.95 -33.95 33.55
N LYS C 110 2.46 -33.89 32.32
CA LYS C 110 3.29 -32.77 31.85
C LYS C 110 2.49 -31.77 31.01
N SER C 111 1.25 -31.47 31.37
CA SER C 111 0.45 -30.47 30.67
C SER C 111 -0.23 -29.56 31.68
N GLN C 112 -0.02 -28.25 31.54
CA GLN C 112 -0.79 -27.28 32.29
C GLN C 112 -2.19 -27.25 31.71
N SER C 113 -3.20 -27.26 32.58
CA SER C 113 -4.53 -27.65 32.17
C SER C 113 -5.53 -27.25 33.24
N VAL C 114 -6.80 -27.28 32.86
CA VAL C 114 -7.88 -26.85 33.73
C VAL C 114 -8.99 -27.92 33.74
N ILE C 115 -9.55 -28.12 34.92
CA ILE C 115 -10.70 -28.98 35.16
C ILE C 115 -11.85 -28.06 35.57
N ILE C 116 -13.01 -28.27 34.96
CA ILE C 116 -14.24 -27.57 35.27
C ILE C 116 -15.25 -28.65 35.63
N ILE C 117 -15.40 -28.97 36.91
CA ILE C 117 -16.39 -29.95 37.36
C ILE C 117 -17.21 -29.32 38.48
N ASN C 118 -18.04 -30.14 39.11
CA ASN C 118 -18.89 -29.68 40.19
C ASN C 118 -18.76 -30.55 41.42
N ASN C 119 -18.86 -29.92 42.60
CA ASN C 119 -19.09 -30.63 43.84
C ASN C 119 -20.58 -30.81 44.13
N SER C 120 -21.39 -30.81 43.05
CA SER C 120 -22.86 -30.92 42.97
C SER C 120 -23.56 -29.66 43.49
N THR C 121 -22.80 -28.74 44.00
CA THR C 121 -23.27 -27.44 44.46
C THR C 121 -22.62 -26.32 43.68
N ASN C 122 -21.33 -26.41 43.42
CA ASN C 122 -20.58 -25.25 42.99
C ASN C 122 -19.66 -25.67 41.83
N VAL C 123 -19.29 -24.68 41.03
CA VAL C 123 -18.38 -24.90 39.92
C VAL C 123 -16.94 -24.88 40.43
N VAL C 124 -16.33 -26.05 40.52
CA VAL C 124 -14.95 -26.20 40.96
C VAL C 124 -14.07 -26.17 39.72
N ILE C 125 -13.18 -25.19 39.65
CA ILE C 125 -12.31 -24.99 38.50
C ILE C 125 -10.87 -24.97 39.02
N ARG C 126 -9.96 -25.63 38.32
CA ARG C 126 -8.59 -25.65 38.79
C ARG C 126 -7.65 -25.82 37.61
N ALA C 127 -6.54 -25.10 37.61
CA ALA C 127 -5.54 -25.23 36.56
C ALA C 127 -4.19 -25.54 37.20
N CYS C 128 -3.60 -26.65 36.78
CA CYS C 128 -2.23 -27.04 37.13
C CYS C 128 -1.82 -28.14 36.16
N ASN C 129 -0.74 -28.86 36.49
CA ASN C 129 -0.42 -30.09 35.79
C ASN C 129 -1.24 -31.23 36.40
N PHE C 130 -1.96 -31.95 35.55
CA PHE C 130 -2.98 -32.89 35.97
C PHE C 130 -2.72 -34.24 35.32
N GLU C 131 -2.93 -35.33 36.05
CA GLU C 131 -2.93 -36.65 35.44
C GLU C 131 -4.20 -36.78 34.61
N LEU C 132 -4.05 -36.69 33.30
CA LEU C 132 -5.22 -36.71 32.41
C LEU C 132 -5.38 -38.13 31.88
N CYS C 133 -6.21 -38.90 32.57
CA CYS C 133 -6.20 -40.36 32.53
C CYS C 133 -6.91 -40.89 31.29
N ASP C 134 -7.21 -42.19 31.33
CA ASP C 134 -8.06 -42.80 30.32
C ASP C 134 -9.53 -42.62 30.64
N ASN C 135 -9.93 -42.72 31.92
CA ASN C 135 -11.33 -42.53 32.30
C ASN C 135 -11.50 -42.20 33.79
N PRO C 136 -11.21 -40.98 34.24
CA PRO C 136 -11.65 -40.60 35.59
C PRO C 136 -13.12 -40.23 35.56
N PHE C 137 -13.84 -40.53 36.64
CA PHE C 137 -15.29 -40.45 36.61
C PHE C 137 -15.84 -39.98 37.95
N PHE C 138 -17.17 -39.95 38.01
CA PHE C 138 -17.94 -39.63 39.21
C PHE C 138 -18.63 -40.88 39.72
N ALA C 139 -18.57 -41.09 41.04
CA ALA C 139 -19.45 -42.09 41.65
C ALA C 139 -20.79 -41.43 41.92
N VAL C 140 -21.56 -41.25 40.85
CA VAL C 140 -22.90 -40.69 40.95
C VAL C 140 -23.90 -41.84 40.85
N SER C 141 -24.73 -41.99 41.87
CA SER C 141 -25.68 -43.08 41.90
C SER C 141 -26.98 -42.66 41.24
N LYS C 142 -27.63 -43.62 40.58
CA LYS C 142 -28.89 -43.38 39.89
C LYS C 142 -30.03 -43.10 40.87
N PRO C 143 -30.16 -43.80 42.06
CA PRO C 143 -31.13 -43.29 43.05
C PRO C 143 -30.65 -42.11 43.90
N MET C 144 -29.38 -42.08 44.30
CA MET C 144 -28.92 -41.11 45.31
C MET C 144 -28.05 -40.01 44.72
N GLY C 145 -26.93 -40.35 44.11
CA GLY C 145 -26.08 -39.35 43.49
C GLY C 145 -25.22 -38.52 44.43
N THR C 146 -24.32 -39.16 45.15
CA THR C 146 -23.33 -38.47 45.97
C THR C 146 -21.96 -39.00 45.60
N GLN C 147 -21.05 -38.10 45.21
CA GLN C 147 -19.76 -38.47 44.62
C GLN C 147 -18.84 -39.10 45.67
N THR C 148 -18.90 -40.43 45.78
CA THR C 148 -18.08 -41.17 46.72
C THR C 148 -16.65 -41.30 46.23
N HIS C 149 -16.48 -41.40 44.91
CA HIS C 149 -15.21 -41.72 44.29
C HIS C 149 -14.84 -40.60 43.33
N THR C 150 -14.87 -39.36 43.80
CA THR C 150 -14.28 -38.25 43.07
C THR C 150 -12.76 -38.35 43.21
N MET C 151 -12.18 -39.28 42.44
CA MET C 151 -10.77 -39.59 42.44
C MET C 151 -9.99 -38.68 41.50
N ILE C 152 -10.60 -37.59 41.03
CA ILE C 152 -10.01 -36.75 40.00
C ILE C 152 -8.79 -36.01 40.55
N PHE C 153 -8.74 -35.81 41.86
CA PHE C 153 -7.72 -34.97 42.49
C PHE C 153 -6.42 -35.76 42.57
N ASP C 154 -5.80 -35.98 41.41
CA ASP C 154 -4.66 -36.88 41.36
C ASP C 154 -3.37 -36.19 41.75
N ASN C 155 -2.92 -35.24 40.94
CA ASN C 155 -1.59 -34.69 41.08
C ASN C 155 -1.65 -33.20 40.78
N ALA C 156 -0.67 -32.49 41.31
CA ALA C 156 -0.62 -31.04 41.22
C ALA C 156 0.80 -30.59 41.47
N PHE C 157 1.49 -30.16 40.41
CA PHE C 157 2.85 -29.64 40.56
C PHE C 157 3.13 -28.74 39.36
N ASN C 158 3.99 -27.73 39.59
CA ASN C 158 4.09 -26.53 38.76
C ASN C 158 2.70 -25.96 38.50
N CYS C 159 2.03 -25.62 39.59
CA CYS C 159 0.62 -25.25 39.56
C CYS C 159 0.41 -23.76 39.31
N THR C 160 -0.80 -23.44 38.85
CA THR C 160 -1.10 -22.12 38.34
C THR C 160 -2.31 -21.46 38.98
N PHE C 161 -3.38 -22.20 39.29
CA PHE C 161 -4.67 -21.55 39.48
C PHE C 161 -5.64 -22.48 40.17
N GLU C 162 -6.52 -21.89 40.97
CA GLU C 162 -7.67 -22.60 41.52
C GLU C 162 -8.82 -21.62 41.61
N TYR C 163 -10.04 -22.14 41.63
CA TYR C 163 -11.23 -21.31 41.52
C TYR C 163 -12.42 -22.00 42.15
N ILE C 164 -13.10 -21.24 43.01
CA ILE C 164 -14.33 -21.66 43.66
C ILE C 164 -15.40 -20.62 43.36
N SER C 165 -16.42 -21.01 42.60
CA SER C 165 -17.45 -20.11 42.12
C SER C 165 -18.55 -19.95 43.17
N ASP C 166 -19.68 -19.40 42.75
CA ASP C 166 -20.88 -19.42 43.56
C ASP C 166 -21.53 -20.79 43.48
N ALA C 167 -21.91 -21.32 44.63
CA ALA C 167 -22.69 -22.54 44.63
C ALA C 167 -24.12 -22.22 44.25
N PHE C 168 -24.52 -22.68 43.06
CA PHE C 168 -25.87 -22.42 42.59
C PHE C 168 -26.56 -23.74 42.30
N SER C 169 -27.81 -23.65 41.83
CA SER C 169 -28.66 -24.83 41.74
C SER C 169 -28.19 -25.77 40.64
N LEU C 170 -28.26 -27.07 40.92
CA LEU C 170 -27.69 -28.07 40.05
C LEU C 170 -28.33 -29.43 40.38
N ASP C 171 -28.36 -30.32 39.40
CA ASP C 171 -29.07 -31.59 39.50
C ASP C 171 -28.14 -32.75 39.17
N VAL C 172 -28.32 -33.88 39.87
CA VAL C 172 -27.34 -34.96 39.91
C VAL C 172 -27.91 -36.27 39.37
N SER C 173 -29.04 -36.73 39.92
CA SER C 173 -29.52 -38.08 39.68
C SER C 173 -30.18 -38.21 38.30
N GLU C 174 -30.59 -39.44 37.98
CA GLU C 174 -31.25 -39.72 36.71
C GLU C 174 -32.77 -39.73 36.86
N LYS C 175 -33.44 -39.07 35.92
CA LYS C 175 -34.87 -39.24 35.67
C LYS C 175 -35.07 -39.48 34.17
N SER C 176 -36.30 -39.34 33.70
CA SER C 176 -36.55 -39.34 32.27
C SER C 176 -37.40 -38.13 31.93
N GLY C 177 -37.92 -38.10 30.70
CA GLY C 177 -38.81 -37.02 30.29
C GLY C 177 -38.34 -36.33 29.02
N ASN C 178 -38.77 -35.10 28.80
CA ASN C 178 -38.29 -34.35 27.66
C ASN C 178 -36.91 -33.77 27.94
N PHE C 179 -36.38 -33.02 26.98
CA PHE C 179 -35.16 -32.25 27.22
C PHE C 179 -35.52 -30.96 27.96
N LYS C 180 -35.95 -31.12 29.21
CA LYS C 180 -36.28 -29.98 30.05
C LYS C 180 -35.03 -29.18 30.39
N HIS C 181 -33.86 -29.83 30.31
CA HIS C 181 -32.61 -29.13 30.52
C HIS C 181 -31.81 -29.17 29.23
N LEU C 182 -31.19 -28.04 28.89
CA LEU C 182 -30.35 -27.91 27.72
C LEU C 182 -29.27 -26.90 28.01
N ARG C 183 -28.03 -27.34 27.99
CA ARG C 183 -26.92 -26.41 28.10
C ARG C 183 -26.44 -26.01 26.71
N GLU C 184 -26.41 -24.70 26.45
CA GLU C 184 -25.79 -24.15 25.25
C GLU C 184 -24.57 -23.34 25.69
N PHE C 185 -23.41 -23.72 25.18
CA PHE C 185 -22.13 -23.14 25.58
C PHE C 185 -21.33 -22.76 24.34
N VAL C 186 -20.48 -21.75 24.49
CA VAL C 186 -19.37 -21.54 23.58
C VAL C 186 -18.14 -21.33 24.44
N PHE C 187 -17.20 -22.24 24.35
CA PHE C 187 -16.00 -22.15 25.16
C PHE C 187 -14.88 -21.69 24.25
N LYS C 188 -14.39 -20.47 24.50
CA LYS C 188 -13.66 -19.71 23.49
C LYS C 188 -12.32 -19.20 23.99
N ASN C 189 -11.26 -19.51 23.25
CA ASN C 189 -9.96 -18.91 23.47
C ASN C 189 -10.02 -17.46 23.04
N LYS C 190 -9.41 -16.59 23.83
CA LYS C 190 -9.17 -15.23 23.36
C LYS C 190 -7.86 -14.77 23.99
N ASP C 191 -6.76 -14.97 23.26
CA ASP C 191 -5.42 -14.51 23.61
C ASP C 191 -4.99 -15.01 24.99
N GLY C 192 -5.01 -16.33 25.18
CA GLY C 192 -4.70 -16.96 26.45
C GLY C 192 -5.82 -16.88 27.47
N PHE C 193 -6.86 -16.11 27.21
CA PHE C 193 -7.92 -15.98 28.20
C PHE C 193 -9.08 -16.87 27.75
N LEU C 194 -9.98 -17.20 28.68
CA LEU C 194 -11.08 -18.09 28.35
C LEU C 194 -12.42 -17.40 28.50
N TYR C 195 -13.23 -17.45 27.44
CA TYR C 195 -14.55 -16.85 27.41
C TYR C 195 -15.56 -17.96 27.57
N VAL C 196 -16.47 -17.79 28.52
CA VAL C 196 -17.35 -18.85 29.00
C VAL C 196 -18.74 -18.28 29.11
N TYR C 197 -19.71 -19.01 28.56
CA TYR C 197 -21.11 -18.63 28.46
C TYR C 197 -21.98 -19.66 29.18
N LYS C 198 -23.27 -19.36 29.32
CA LYS C 198 -24.26 -20.35 29.73
C LYS C 198 -25.62 -19.97 29.22
N GLY C 199 -26.10 -20.71 28.22
CA GLY C 199 -27.43 -20.47 27.68
C GLY C 199 -28.27 -21.70 27.85
N TYR C 200 -29.55 -21.48 28.16
CA TYR C 200 -30.40 -22.55 28.65
C TYR C 200 -31.76 -22.48 27.96
N GLN C 201 -32.35 -23.64 27.70
CA GLN C 201 -33.71 -23.65 27.21
C GLN C 201 -34.45 -24.94 27.56
N PRO C 202 -35.61 -24.85 28.21
CA PRO C 202 -36.47 -26.02 28.35
C PRO C 202 -37.23 -26.30 27.05
N ILE C 203 -36.86 -27.39 26.39
CA ILE C 203 -37.49 -27.82 25.15
C ILE C 203 -38.20 -29.15 25.38
N ASP C 204 -38.85 -29.64 24.31
CA ASP C 204 -39.44 -30.98 24.29
C ASP C 204 -39.00 -31.62 22.97
N VAL C 205 -37.83 -32.24 23.00
CA VAL C 205 -37.24 -32.93 21.86
C VAL C 205 -36.82 -34.30 22.35
N VAL C 206 -37.04 -35.32 21.53
CA VAL C 206 -36.86 -36.70 21.99
C VAL C 206 -35.39 -37.05 22.14
N ARG C 207 -34.62 -37.08 21.04
CA ARG C 207 -33.19 -37.32 21.19
C ARG C 207 -32.30 -36.55 20.22
N ASP C 208 -32.85 -35.73 19.34
CA ASP C 208 -32.04 -35.13 18.29
C ASP C 208 -31.88 -33.63 18.53
N LEU C 209 -31.31 -32.93 17.55
CA LEU C 209 -31.00 -31.52 17.73
C LEU C 209 -32.15 -30.65 17.24
N PRO C 210 -32.75 -29.82 18.08
CA PRO C 210 -33.69 -28.81 17.59
C PRO C 210 -32.96 -27.62 17.03
N SER C 211 -33.68 -26.85 16.24
CA SER C 211 -33.16 -25.57 15.81
C SER C 211 -33.58 -24.48 16.78
N GLY C 212 -33.38 -23.23 16.37
CA GLY C 212 -33.75 -22.10 17.17
C GLY C 212 -32.55 -21.53 17.88
N PHE C 213 -32.50 -20.22 18.04
CA PHE C 213 -31.36 -19.58 18.66
C PHE C 213 -31.64 -19.36 20.13
N ASN C 214 -30.59 -19.40 20.92
CA ASN C 214 -30.69 -18.96 22.31
C ASN C 214 -29.40 -18.24 22.64
N THR C 215 -29.50 -16.95 22.86
CA THR C 215 -28.35 -16.09 22.93
C THR C 215 -27.66 -16.23 24.27
N LEU C 216 -26.35 -16.37 24.24
CA LEU C 216 -25.60 -16.72 25.43
C LEU C 216 -25.19 -15.47 26.18
N LYS C 217 -24.39 -15.66 27.23
CA LYS C 217 -24.13 -14.62 28.21
C LYS C 217 -22.75 -14.80 28.82
N PRO C 218 -22.02 -13.74 29.00
CA PRO C 218 -20.62 -13.87 29.44
C PRO C 218 -20.41 -14.29 30.87
N ILE C 219 -20.37 -15.60 31.12
CA ILE C 219 -20.17 -16.08 32.48
C ILE C 219 -18.76 -15.78 32.96
N PHE C 220 -17.76 -16.40 32.36
CA PHE C 220 -16.43 -16.40 32.94
C PHE C 220 -15.40 -16.04 31.89
N LYS C 221 -14.57 -15.06 32.19
CA LYS C 221 -13.47 -14.73 31.31
C LYS C 221 -12.19 -14.77 32.13
N LEU C 222 -11.29 -15.66 31.75
CA LEU C 222 -10.33 -16.14 32.73
C LEU C 222 -8.89 -15.93 32.25
N PRO C 223 -8.01 -15.46 33.16
CA PRO C 223 -6.78 -14.78 32.75
C PRO C 223 -5.52 -15.61 32.56
N LEU C 224 -5.60 -16.92 32.41
CA LEU C 224 -4.44 -17.76 32.76
C LEU C 224 -3.29 -17.77 31.76
N GLY C 225 -3.56 -18.00 30.48
CA GLY C 225 -2.48 -17.97 29.50
C GLY C 225 -1.60 -19.21 29.37
N ILE C 226 -2.18 -20.32 28.90
CA ILE C 226 -1.43 -21.52 28.53
C ILE C 226 -1.71 -21.86 27.08
N ASN C 227 -0.93 -22.81 26.56
CA ASN C 227 -1.14 -23.31 25.20
C ASN C 227 -2.36 -24.21 25.21
N ILE C 228 -3.36 -23.88 24.40
CA ILE C 228 -4.66 -24.52 24.48
C ILE C 228 -4.85 -25.36 23.22
N THR C 229 -4.60 -26.67 23.34
CA THR C 229 -4.55 -27.57 22.20
C THR C 229 -5.63 -28.64 22.21
N ASN C 230 -5.98 -29.18 23.38
CA ASN C 230 -6.79 -30.38 23.46
C ASN C 230 -7.79 -30.26 24.61
N PHE C 231 -8.87 -31.03 24.54
CA PHE C 231 -9.85 -30.98 25.62
C PHE C 231 -10.62 -32.29 25.69
N ARG C 232 -11.31 -32.48 26.82
CA ARG C 232 -12.23 -33.59 27.00
C ARG C 232 -13.42 -33.15 27.86
N ALA C 233 -14.47 -33.96 27.81
CA ALA C 233 -15.70 -33.77 28.57
C ALA C 233 -15.86 -34.89 29.59
N ILE C 234 -16.41 -34.54 30.75
CA ILE C 234 -16.61 -35.48 31.85
C ILE C 234 -18.11 -35.62 32.09
N LEU C 235 -18.56 -36.85 32.32
CA LEU C 235 -19.93 -37.14 32.70
C LEU C 235 -19.94 -37.80 34.07
N THR C 236 -21.10 -38.35 34.42
CA THR C 236 -21.27 -39.15 35.62
C THR C 236 -21.36 -40.63 35.24
N ALA C 237 -21.22 -41.49 36.25
CA ALA C 237 -21.21 -42.93 36.05
C ALA C 237 -22.33 -43.56 36.89
N PHE C 238 -23.49 -43.76 36.27
CA PHE C 238 -24.68 -44.23 36.99
C PHE C 238 -24.54 -45.70 37.39
N SER C 239 -25.53 -46.17 38.14
CA SER C 239 -25.62 -47.57 38.53
C SER C 239 -27.07 -47.99 38.65
N ILE C 244 -19.23 -49.01 37.84
CA ILE C 244 -20.34 -49.12 36.90
C ILE C 244 -20.70 -47.71 36.40
N TRP C 245 -20.92 -47.60 35.09
CA TRP C 245 -21.26 -46.33 34.48
C TRP C 245 -22.72 -46.35 34.01
N GLY C 246 -23.16 -45.22 33.45
CA GLY C 246 -24.50 -45.15 32.92
C GLY C 246 -24.94 -43.74 32.62
N THR C 247 -25.85 -43.59 31.66
CA THR C 247 -26.44 -42.31 31.29
C THR C 247 -27.95 -42.47 31.21
N SER C 248 -28.62 -41.35 30.92
CA SER C 248 -30.02 -41.37 30.54
C SER C 248 -30.11 -41.45 29.02
N ALA C 249 -31.30 -41.20 28.47
CA ALA C 249 -31.48 -41.08 27.03
C ALA C 249 -31.05 -39.68 26.60
N ALA C 250 -29.73 -39.47 26.57
CA ALA C 250 -29.16 -38.13 26.44
C ALA C 250 -28.00 -38.12 25.47
N ALA C 251 -27.46 -36.93 25.25
CA ALA C 251 -26.33 -36.72 24.34
C ALA C 251 -25.69 -35.36 24.61
N TYR C 252 -24.54 -35.16 24.00
CA TYR C 252 -23.90 -33.84 24.01
C TYR C 252 -23.13 -33.65 22.71
N PHE C 253 -23.17 -32.43 22.19
CA PHE C 253 -22.80 -32.16 20.81
C PHE C 253 -21.55 -31.30 20.73
N VAL C 254 -21.05 -31.11 19.50
CA VAL C 254 -19.75 -30.47 19.22
C VAL C 254 -19.82 -29.69 17.90
N GLY C 255 -19.44 -28.40 17.94
CA GLY C 255 -19.21 -27.64 16.73
C GLY C 255 -18.01 -26.73 16.90
N TYR C 256 -17.57 -26.16 15.78
CA TYR C 256 -16.29 -25.46 15.69
C TYR C 256 -16.46 -24.02 15.25
N LEU C 257 -15.42 -23.22 15.48
CA LEU C 257 -15.53 -21.78 15.33
C LEU C 257 -14.62 -21.27 14.21
N LYS C 258 -15.22 -20.46 13.34
CA LYS C 258 -14.56 -19.81 12.22
C LYS C 258 -15.07 -18.38 12.10
N PRO C 259 -14.18 -17.39 12.02
CA PRO C 259 -14.62 -15.99 12.05
C PRO C 259 -15.28 -15.52 10.77
N THR C 260 -16.57 -15.71 10.69
CA THR C 260 -17.40 -15.09 9.66
C THR C 260 -18.12 -13.91 10.31
N THR C 261 -18.75 -13.06 9.50
CA THR C 261 -19.31 -11.82 10.00
C THR C 261 -20.82 -11.94 10.12
N PHE C 262 -21.37 -11.49 11.25
CA PHE C 262 -22.81 -11.47 11.45
C PHE C 262 -23.30 -10.06 11.67
N MET C 263 -24.47 -9.80 11.14
CA MET C 263 -25.28 -8.64 11.51
C MET C 263 -26.30 -9.12 12.53
N LEU C 264 -26.09 -8.70 13.77
CA LEU C 264 -27.05 -8.92 14.83
C LEU C 264 -28.17 -7.90 14.65
N LYS C 265 -29.37 -8.23 15.10
CA LYS C 265 -30.55 -7.40 14.93
C LYS C 265 -31.16 -7.13 16.29
N TYR C 266 -30.74 -6.06 16.94
CA TYR C 266 -31.26 -5.79 18.27
C TYR C 266 -32.67 -5.23 18.17
N ASP C 267 -33.47 -5.49 19.19
CA ASP C 267 -34.82 -4.97 19.26
C ASP C 267 -34.86 -3.68 20.10
N GLU C 268 -36.06 -3.27 20.49
CA GLU C 268 -36.18 -2.20 21.46
C GLU C 268 -35.89 -2.70 22.87
N ASN C 269 -35.93 -4.01 23.08
CA ASN C 269 -35.62 -4.56 24.38
C ASN C 269 -34.12 -4.73 24.57
N GLY C 270 -33.34 -4.57 23.51
CA GLY C 270 -31.93 -4.90 23.56
C GLY C 270 -31.79 -6.40 23.67
N THR C 271 -32.33 -7.10 22.69
CA THR C 271 -32.39 -8.55 22.72
C THR C 271 -32.26 -9.05 21.29
N ILE C 272 -31.33 -9.98 21.08
CA ILE C 272 -31.11 -10.52 19.75
C ILE C 272 -32.30 -11.37 19.34
N THR C 273 -32.97 -10.95 18.27
CA THR C 273 -34.03 -11.73 17.68
C THR C 273 -33.66 -12.30 16.34
N ASP C 274 -32.55 -11.86 15.75
CA ASP C 274 -32.13 -12.31 14.43
C ASP C 274 -30.66 -11.95 14.24
N ALA C 275 -29.96 -12.76 13.44
CA ALA C 275 -28.54 -12.58 13.20
C ALA C 275 -28.17 -13.26 11.89
N VAL C 276 -27.60 -12.51 10.95
CA VAL C 276 -27.39 -13.01 9.61
C VAL C 276 -25.90 -13.01 9.30
N ASP C 277 -25.42 -14.13 8.75
CA ASP C 277 -24.03 -14.31 8.37
C ASP C 277 -23.71 -13.47 7.14
N CYS C 278 -22.45 -13.57 6.67
CA CYS C 278 -22.05 -13.03 5.39
C CYS C 278 -21.58 -14.13 4.44
N SER C 279 -20.66 -14.98 4.89
CA SER C 279 -20.03 -16.01 4.07
C SER C 279 -20.89 -17.23 3.90
N GLN C 280 -22.07 -17.25 4.50
CA GLN C 280 -23.00 -18.35 4.35
C GLN C 280 -23.59 -18.39 2.95
N ASN C 281 -24.35 -17.38 2.59
CA ASN C 281 -25.11 -17.47 1.39
C ASN C 281 -24.86 -16.12 0.74
N PRO C 282 -24.92 -16.03 -0.58
CA PRO C 282 -25.02 -14.71 -1.22
C PRO C 282 -26.20 -13.91 -0.72
N LEU C 283 -27.28 -14.61 -0.37
CA LEU C 283 -28.31 -14.06 0.50
C LEU C 283 -27.71 -13.45 1.75
N ALA C 284 -26.83 -14.19 2.43
CA ALA C 284 -26.31 -13.73 3.70
C ALA C 284 -25.33 -12.60 3.50
N GLU C 285 -24.51 -12.70 2.46
CA GLU C 285 -23.63 -11.61 2.07
C GLU C 285 -24.39 -10.33 1.78
N LEU C 286 -25.50 -10.43 1.07
CA LEU C 286 -26.27 -9.26 0.73
C LEU C 286 -26.97 -8.66 1.94
N LYS C 287 -27.52 -9.49 2.81
CA LYS C 287 -28.22 -8.95 3.97
C LYS C 287 -27.25 -8.34 4.96
N CYS C 288 -26.02 -8.83 5.01
CA CYS C 288 -25.06 -8.06 5.78
C CYS C 288 -24.38 -6.97 4.95
N SER C 289 -24.71 -6.84 3.68
CA SER C 289 -24.09 -5.81 2.84
C SER C 289 -24.81 -4.48 2.98
N VAL C 290 -26.08 -4.42 2.60
CA VAL C 290 -26.83 -3.17 2.70
C VAL C 290 -27.38 -2.95 4.10
N LYS C 291 -27.13 -3.89 5.02
CA LYS C 291 -27.64 -3.90 6.39
C LYS C 291 -29.18 -3.84 6.43
N SER C 292 -29.79 -4.92 5.95
CA SER C 292 -31.24 -5.06 6.07
C SER C 292 -31.62 -6.53 5.95
N PHE C 293 -32.91 -6.78 6.19
CA PHE C 293 -33.52 -8.07 5.88
C PHE C 293 -34.42 -7.97 4.66
N GLU C 294 -35.42 -7.09 4.72
CA GLU C 294 -36.36 -6.94 3.63
C GLU C 294 -35.74 -6.09 2.54
N ILE C 295 -35.07 -6.75 1.61
CA ILE C 295 -34.26 -6.06 0.61
C ILE C 295 -34.89 -6.33 -0.74
N ASP C 296 -35.23 -5.28 -1.46
CA ASP C 296 -36.10 -5.38 -2.62
C ASP C 296 -35.38 -6.00 -3.81
N LYS C 297 -36.06 -5.98 -4.95
CA LYS C 297 -35.60 -6.73 -6.11
C LYS C 297 -34.55 -5.94 -6.89
N GLY C 298 -33.32 -6.47 -6.96
CA GLY C 298 -32.26 -5.79 -7.70
C GLY C 298 -30.84 -6.34 -7.63
N ILE C 299 -30.00 -5.95 -8.60
CA ILE C 299 -28.58 -6.28 -8.57
C ILE C 299 -27.88 -5.34 -7.62
N TYR C 300 -27.23 -5.89 -6.62
CA TYR C 300 -26.62 -5.08 -5.57
C TYR C 300 -25.15 -5.42 -5.52
N GLN C 301 -24.33 -4.40 -5.58
CA GLN C 301 -22.91 -4.59 -5.49
C GLN C 301 -22.51 -4.93 -4.06
N THR C 302 -21.55 -5.83 -3.96
CA THR C 302 -20.98 -6.28 -2.71
C THR C 302 -19.49 -6.41 -2.96
N SER C 303 -18.82 -7.24 -2.15
CA SER C 303 -17.37 -7.17 -2.10
C SER C 303 -16.71 -7.74 -3.35
N ASN C 304 -15.39 -7.78 -3.31
CA ASN C 304 -14.59 -8.22 -4.43
C ASN C 304 -14.36 -9.71 -4.39
N PHE C 305 -13.77 -10.21 -5.47
CA PHE C 305 -13.17 -11.53 -5.49
C PHE C 305 -11.81 -11.43 -6.13
N ARG C 306 -10.92 -12.31 -5.72
CA ARG C 306 -9.60 -12.38 -6.30
C ARG C 306 -9.07 -13.79 -6.08
N VAL C 307 -8.00 -14.11 -6.78
CA VAL C 307 -7.52 -15.49 -6.84
C VAL C 307 -6.26 -15.62 -6.00
N VAL C 308 -6.24 -16.61 -5.12
CA VAL C 308 -5.05 -16.93 -4.35
C VAL C 308 -3.98 -17.48 -5.30
N PRO C 309 -2.70 -17.18 -5.10
CA PRO C 309 -1.67 -17.90 -5.84
C PRO C 309 -1.63 -19.36 -5.46
N SER C 310 -1.41 -20.18 -6.48
CA SER C 310 -1.36 -21.62 -6.32
C SER C 310 0.00 -22.19 -6.71
N GLY C 311 0.48 -21.89 -7.90
CA GLY C 311 1.82 -22.30 -8.31
C GLY C 311 2.87 -21.35 -7.79
N ASP C 312 4.14 -21.65 -8.12
CA ASP C 312 5.25 -20.85 -7.62
C ASP C 312 6.40 -20.95 -8.62
N VAL C 313 6.57 -19.91 -9.42
CA VAL C 313 7.50 -19.91 -10.54
C VAL C 313 8.75 -19.13 -10.14
N VAL C 314 9.91 -19.78 -10.14
CA VAL C 314 11.16 -19.17 -9.65
C VAL C 314 12.28 -19.55 -10.60
N ARG C 315 12.92 -18.58 -11.25
CA ARG C 315 13.92 -18.87 -12.28
C ARG C 315 15.11 -17.91 -12.28
N PHE C 316 16.34 -18.48 -12.33
CA PHE C 316 17.65 -17.88 -12.64
C PHE C 316 17.97 -17.78 -14.13
N PRO C 317 19.09 -17.12 -14.55
CA PRO C 317 19.54 -17.31 -15.94
C PRO C 317 19.98 -18.71 -16.30
N ASN C 318 21.01 -19.20 -15.64
CA ASN C 318 21.65 -20.39 -16.09
C ASN C 318 22.47 -20.95 -14.93
N CYS C 323 32.22 -21.19 -9.89
CA CYS C 323 32.67 -21.71 -8.60
C CYS C 323 32.91 -23.19 -8.79
N PRO C 324 33.61 -23.53 -9.87
CA PRO C 324 33.18 -24.61 -10.77
C PRO C 324 33.11 -25.99 -10.13
N PHE C 325 32.18 -26.79 -10.64
CA PHE C 325 31.96 -28.16 -10.20
C PHE C 325 32.78 -29.20 -10.93
N GLY C 326 32.61 -29.33 -12.25
CA GLY C 326 33.34 -30.35 -12.99
C GLY C 326 34.83 -30.08 -13.06
N GLU C 327 35.22 -28.81 -12.91
CA GLU C 327 36.64 -28.49 -12.96
C GLU C 327 37.34 -28.91 -11.69
N VAL C 328 36.70 -28.73 -10.55
CA VAL C 328 37.32 -29.02 -9.27
C VAL C 328 37.06 -30.46 -8.84
N PHE C 329 35.81 -30.90 -8.89
CA PHE C 329 35.49 -32.27 -8.47
C PHE C 329 35.96 -33.31 -9.45
N ASN C 330 35.70 -33.13 -10.74
CA ASN C 330 36.27 -33.99 -11.79
C ASN C 330 37.55 -33.31 -12.24
N ALA C 331 38.45 -33.04 -11.30
CA ALA C 331 39.76 -32.55 -11.66
C ALA C 331 40.63 -33.76 -11.97
N THR C 332 41.66 -33.51 -12.79
CA THR C 332 42.51 -34.61 -13.20
C THR C 332 43.61 -34.88 -12.17
N LYS C 333 43.84 -33.94 -11.24
CA LYS C 333 44.73 -34.17 -10.13
C LYS C 333 44.41 -33.20 -9.01
N PHE C 334 44.76 -33.59 -7.79
CA PHE C 334 44.80 -32.81 -6.56
C PHE C 334 46.22 -32.85 -6.01
N PRO C 335 46.59 -31.93 -5.11
CA PRO C 335 47.90 -32.06 -4.45
C PRO C 335 47.88 -33.02 -3.27
N SER C 336 48.96 -33.03 -2.50
CA SER C 336 49.04 -33.82 -1.27
C SER C 336 48.26 -33.10 -0.16
N VAL C 337 48.13 -33.75 0.99
CA VAL C 337 47.24 -33.26 2.04
C VAL C 337 47.90 -32.18 2.87
N TYR C 338 49.22 -32.19 3.00
CA TYR C 338 49.87 -31.06 3.63
C TYR C 338 49.87 -29.83 2.72
N ALA C 339 49.81 -30.03 1.41
CA ALA C 339 49.83 -28.94 0.45
C ALA C 339 48.53 -28.83 -0.33
N TRP C 340 47.41 -29.03 0.36
CA TRP C 340 46.07 -29.02 -0.21
C TRP C 340 45.72 -27.68 -0.85
N GLU C 341 44.82 -27.69 -1.82
CA GLU C 341 44.45 -26.47 -2.51
C GLU C 341 43.25 -25.79 -1.87
N ARG C 342 43.43 -24.50 -1.58
CA ARG C 342 42.36 -23.59 -1.22
C ARG C 342 41.82 -22.97 -2.50
N LYS C 343 40.51 -22.99 -2.67
CA LYS C 343 39.87 -22.32 -3.79
C LYS C 343 38.59 -21.67 -3.31
N LYS C 344 38.52 -20.35 -3.46
CA LYS C 344 37.35 -19.60 -3.02
C LYS C 344 36.19 -19.87 -3.95
N ILE C 345 35.42 -20.91 -3.64
CA ILE C 345 34.14 -21.15 -4.31
C ILE C 345 33.20 -20.05 -3.84
N SER C 346 32.83 -19.20 -4.77
CA SER C 346 32.05 -18.02 -4.44
C SER C 346 31.43 -17.46 -5.70
N ASN C 347 30.36 -16.70 -5.49
CA ASN C 347 29.87 -15.68 -6.41
C ASN C 347 29.33 -16.31 -7.69
N CYS C 348 28.62 -17.43 -7.52
CA CYS C 348 28.28 -18.25 -8.66
C CYS C 348 26.85 -18.72 -8.52
N VAL C 349 26.51 -19.73 -9.33
CA VAL C 349 25.19 -20.37 -9.37
C VAL C 349 25.43 -21.88 -9.26
N ALA C 350 25.32 -22.43 -8.05
CA ALA C 350 25.64 -23.83 -7.85
C ALA C 350 24.69 -24.51 -6.87
N ASP C 351 24.61 -25.83 -6.98
CA ASP C 351 23.59 -26.60 -6.29
C ASP C 351 24.10 -27.79 -5.50
N TYR C 352 25.34 -28.22 -5.73
CA TYR C 352 25.96 -29.43 -5.16
C TYR C 352 25.19 -30.71 -5.49
N SER C 353 24.36 -30.67 -6.52
CA SER C 353 23.43 -31.75 -6.79
C SER C 353 24.07 -32.91 -7.53
N VAL C 354 25.14 -32.62 -8.29
CA VAL C 354 25.94 -33.67 -8.91
C VAL C 354 26.50 -34.59 -7.85
N LEU C 355 26.82 -34.03 -6.69
CA LEU C 355 27.38 -34.75 -5.59
C LEU C 355 26.34 -35.61 -4.87
N TYR C 356 25.06 -35.46 -5.21
CA TYR C 356 24.00 -36.22 -4.56
C TYR C 356 23.78 -37.53 -5.29
N ASN C 357 23.66 -37.46 -6.61
CA ASN C 357 23.35 -38.62 -7.44
C ASN C 357 24.65 -39.25 -7.94
N SER C 358 25.57 -39.48 -7.00
CA SER C 358 26.93 -39.82 -7.39
C SER C 358 27.37 -41.06 -6.62
N THR C 359 27.33 -42.21 -7.29
CA THR C 359 28.12 -43.35 -6.86
C THR C 359 29.55 -43.22 -7.37
N PHE C 360 29.78 -42.28 -8.30
CA PHE C 360 31.11 -41.89 -8.75
C PHE C 360 32.03 -41.54 -7.59
N PHE C 361 31.53 -40.77 -6.63
CA PHE C 361 32.29 -40.54 -5.43
C PHE C 361 32.23 -41.75 -4.53
N SER C 362 33.36 -42.06 -3.91
CA SER C 362 33.44 -43.12 -2.92
C SER C 362 32.98 -42.65 -1.55
N THR C 363 33.09 -41.36 -1.28
CA THR C 363 32.59 -40.73 -0.07
C THR C 363 31.81 -39.49 -0.48
N PHE C 364 30.57 -39.41 -0.05
CA PHE C 364 29.80 -38.16 -0.12
C PHE C 364 29.12 -37.95 1.24
N LYS C 365 29.68 -37.06 2.04
CA LYS C 365 29.23 -36.79 3.40
C LYS C 365 29.19 -35.28 3.59
N CYS C 366 28.22 -34.78 4.37
CA CYS C 366 28.18 -33.38 4.75
C CYS C 366 27.94 -33.21 6.25
N TYR C 367 28.42 -32.08 6.80
CA TYR C 367 28.54 -31.90 8.23
C TYR C 367 27.82 -30.66 8.76
N GLY C 368 28.11 -29.48 8.21
CA GLY C 368 27.43 -28.28 8.69
C GLY C 368 25.97 -28.24 8.29
N VAL C 369 25.62 -28.89 7.17
CA VAL C 369 24.25 -29.25 6.84
C VAL C 369 24.25 -30.72 6.47
N SER C 370 23.06 -31.23 6.17
CA SER C 370 22.88 -32.63 5.87
C SER C 370 23.45 -33.04 4.52
N ALA C 371 23.77 -32.06 3.67
CA ALA C 371 23.74 -32.00 2.20
C ALA C 371 22.31 -31.89 1.68
N THR C 372 21.31 -32.12 2.52
CA THR C 372 19.94 -32.09 2.07
C THR C 372 19.44 -30.65 2.00
N LYS C 373 19.81 -29.83 2.97
CA LYS C 373 19.59 -28.39 2.88
C LYS C 373 20.88 -27.62 2.67
N LEU C 374 21.79 -28.18 1.87
CA LEU C 374 22.97 -27.48 1.37
C LEU C 374 22.64 -26.56 0.21
N ASN C 375 21.72 -26.98 -0.66
CA ASN C 375 21.43 -26.25 -1.89
C ASN C 375 20.84 -24.88 -1.58
N ASP C 376 19.65 -24.86 -0.99
CA ASP C 376 18.97 -23.62 -0.63
C ASP C 376 19.41 -23.12 0.74
N LEU C 377 20.71 -23.05 0.94
CA LEU C 377 21.29 -22.35 2.08
C LEU C 377 22.41 -21.49 1.52
N CYS C 378 22.25 -20.18 1.63
CA CYS C 378 23.16 -19.25 1.00
C CYS C 378 24.44 -19.15 1.81
N PHE C 379 25.56 -19.08 1.10
CA PHE C 379 26.88 -19.08 1.72
C PHE C 379 27.65 -17.83 1.31
N SER C 380 28.74 -17.56 2.03
CA SER C 380 29.72 -16.57 1.61
C SER C 380 31.11 -17.18 1.59
N ASN C 381 31.65 -17.32 0.37
CA ASN C 381 33.06 -17.53 0.09
C ASN C 381 33.53 -18.87 0.66
N VAL C 382 32.74 -19.89 0.34
CA VAL C 382 33.06 -21.23 0.78
C VAL C 382 34.24 -21.77 -0.01
N TYR C 383 34.76 -22.91 0.40
CA TYR C 383 36.03 -23.31 -0.17
C TYR C 383 35.96 -24.72 -0.74
N ALA C 384 36.64 -24.86 -1.87
CA ALA C 384 37.11 -26.15 -2.34
C ALA C 384 38.51 -26.36 -1.78
N ASP C 385 38.66 -27.43 -1.00
CA ASP C 385 39.96 -27.74 -0.41
C ASP C 385 40.36 -29.12 -0.88
N SER C 386 41.27 -29.16 -1.83
CA SER C 386 41.51 -30.33 -2.67
C SER C 386 42.79 -31.04 -2.27
N PHE C 387 42.70 -32.37 -2.07
CA PHE C 387 43.87 -33.18 -1.76
C PHE C 387 43.57 -34.65 -2.06
N VAL C 388 44.63 -35.46 -2.04
CA VAL C 388 44.52 -36.90 -2.31
C VAL C 388 44.90 -37.65 -1.05
N VAL C 389 44.01 -38.50 -0.57
CA VAL C 389 44.26 -39.32 0.61
C VAL C 389 44.30 -40.78 0.22
N LYS C 390 44.79 -41.58 1.14
CA LYS C 390 44.57 -43.01 1.14
C LYS C 390 43.20 -43.27 1.78
N GLY C 391 42.62 -44.44 1.52
CA GLY C 391 41.25 -44.70 1.94
C GLY C 391 41.08 -44.78 3.45
N ASP C 392 41.99 -45.47 4.14
CA ASP C 392 41.89 -45.63 5.59
C ASP C 392 42.06 -44.32 6.37
N ASP C 393 42.49 -43.25 5.72
CA ASP C 393 42.62 -41.97 6.38
C ASP C 393 41.42 -41.06 6.16
N VAL C 394 40.44 -41.50 5.35
CA VAL C 394 39.22 -40.73 5.09
C VAL C 394 38.45 -40.46 6.39
N ARG C 395 38.51 -41.40 7.35
CA ARG C 395 37.99 -41.26 8.71
C ARG C 395 38.52 -40.03 9.44
N GLN C 396 39.74 -39.57 9.15
CA GLN C 396 40.28 -38.43 9.87
C GLN C 396 39.95 -37.10 9.21
N ILE C 397 39.23 -37.13 8.10
CA ILE C 397 38.76 -35.91 7.45
C ILE C 397 37.35 -35.69 8.00
N ALA C 398 37.28 -35.02 9.14
CA ALA C 398 36.05 -34.82 9.92
C ALA C 398 36.32 -33.78 10.99
N PRO C 399 35.31 -33.06 11.47
CA PRO C 399 35.53 -32.20 12.64
C PRO C 399 35.75 -33.04 13.89
N GLY C 400 36.79 -32.68 14.64
CA GLY C 400 37.33 -33.59 15.64
C GLY C 400 38.56 -34.30 15.10
N GLN C 401 38.62 -35.61 15.33
CA GLN C 401 39.59 -36.53 14.70
C GLN C 401 41.04 -36.13 15.01
N THR C 402 41.41 -36.38 16.27
CA THR C 402 42.81 -36.26 16.67
C THR C 402 43.70 -37.16 15.83
N GLY C 403 43.60 -38.48 16.02
CA GLY C 403 44.33 -39.48 15.23
C GLY C 403 45.84 -39.27 15.22
N VAL C 404 46.42 -39.40 14.03
CA VAL C 404 47.80 -38.98 13.82
C VAL C 404 47.82 -38.00 12.65
N ILE C 405 47.29 -38.43 11.51
CA ILE C 405 47.46 -37.71 10.23
C ILE C 405 46.73 -36.37 10.25
N ALA C 406 45.54 -36.34 10.87
CA ALA C 406 44.72 -35.14 10.90
C ALA C 406 45.20 -34.10 11.90
N ASP C 407 46.33 -34.35 12.56
CA ASP C 407 46.95 -33.33 13.36
C ASP C 407 48.10 -32.67 12.62
N TYR C 408 48.46 -33.20 11.45
CA TYR C 408 49.74 -32.92 10.81
C TYR C 408 49.64 -32.51 9.35
N ASN C 409 48.55 -32.88 8.65
CA ASN C 409 48.38 -32.64 7.22
C ASN C 409 47.30 -31.62 6.89
N TYR C 410 46.08 -31.82 7.38
CA TYR C 410 44.98 -30.87 7.20
C TYR C 410 43.96 -31.11 8.32
N LYS C 411 43.83 -30.12 9.21
CA LYS C 411 42.86 -30.18 10.29
C LYS C 411 41.57 -29.49 9.88
N LEU C 412 40.46 -30.12 10.19
CA LEU C 412 39.19 -29.43 10.00
C LEU C 412 38.78 -28.75 11.29
N PRO C 413 38.20 -27.55 11.21
CA PRO C 413 37.69 -26.90 12.40
C PRO C 413 36.45 -27.60 12.94
N ASP C 414 36.05 -27.18 14.14
CA ASP C 414 34.98 -27.85 14.86
C ASP C 414 33.62 -27.52 14.26
N ASP C 415 33.35 -26.24 14.06
CA ASP C 415 32.04 -25.75 13.61
C ASP C 415 32.02 -25.39 12.13
N PHE C 416 33.02 -24.64 11.66
CA PHE C 416 33.05 -24.14 10.29
C PHE C 416 33.41 -25.28 9.34
N MET C 417 32.55 -26.28 9.25
CA MET C 417 32.90 -27.53 8.59
C MET C 417 31.87 -27.86 7.53
N GLY C 418 32.36 -28.04 6.31
CA GLY C 418 31.52 -28.33 5.18
C GLY C 418 31.36 -29.81 4.91
N CYS C 419 31.92 -30.29 3.81
CA CYS C 419 31.59 -31.63 3.32
C CYS C 419 32.87 -32.38 2.99
N VAL C 420 32.75 -33.71 2.92
CA VAL C 420 33.86 -34.61 2.61
C VAL C 420 33.47 -35.47 1.43
N LEU C 421 34.23 -35.36 0.35
CA LEU C 421 33.97 -36.13 -0.87
C LEU C 421 35.23 -36.81 -1.35
N ALA C 422 35.24 -38.13 -1.29
CA ALA C 422 36.32 -38.91 -1.87
C ALA C 422 35.80 -39.63 -3.10
N TRP C 423 36.69 -39.86 -4.05
CA TRP C 423 36.36 -40.70 -5.19
C TRP C 423 37.60 -41.46 -5.61
N ASN C 424 37.38 -42.66 -6.12
CA ASN C 424 38.46 -43.60 -6.31
C ASN C 424 39.25 -43.26 -7.56
N THR C 425 40.58 -43.30 -7.42
CA THR C 425 41.53 -43.10 -8.51
C THR C 425 42.53 -44.24 -8.53
N ARG C 426 42.09 -45.45 -8.17
CA ARG C 426 42.96 -46.61 -8.10
C ARG C 426 43.55 -46.99 -9.44
N ASN C 427 42.83 -46.70 -10.52
CA ASN C 427 43.34 -46.84 -11.87
C ASN C 427 44.04 -45.59 -12.36
N ILE C 428 43.81 -44.46 -11.70
CA ILE C 428 44.47 -43.20 -12.03
C ILE C 428 45.71 -42.97 -11.18
N ASP C 429 45.52 -42.85 -9.87
CA ASP C 429 46.64 -42.51 -8.98
C ASP C 429 47.31 -43.72 -8.36
N ALA C 430 47.37 -44.86 -9.05
CA ALA C 430 48.05 -46.05 -8.56
C ALA C 430 48.46 -46.94 -9.72
N THR C 431 49.68 -47.46 -9.66
CA THR C 431 50.24 -48.40 -10.63
C THR C 431 50.71 -49.66 -9.93
N SER C 432 51.06 -50.66 -10.74
CA SER C 432 51.61 -51.91 -10.23
C SER C 432 53.06 -51.78 -9.76
N THR C 433 53.71 -50.63 -9.99
CA THR C 433 54.91 -50.25 -9.27
C THR C 433 54.65 -49.18 -8.21
N GLY C 434 53.47 -48.59 -8.21
CA GLY C 434 53.15 -47.64 -7.18
C GLY C 434 52.92 -46.23 -7.65
N ASN C 435 52.22 -45.44 -6.83
CA ASN C 435 52.18 -44.00 -7.05
C ASN C 435 52.37 -43.37 -5.69
N TYR C 436 53.62 -43.07 -5.36
CA TYR C 436 54.04 -42.64 -4.05
C TYR C 436 54.05 -41.13 -3.95
N ASN C 437 53.65 -40.46 -5.04
CA ASN C 437 53.84 -39.03 -5.22
C ASN C 437 52.82 -38.18 -4.47
N TYR C 438 51.92 -38.78 -3.69
CA TYR C 438 51.14 -38.02 -2.72
C TYR C 438 51.72 -38.37 -1.36
N LYS C 439 52.36 -37.39 -0.74
CA LYS C 439 53.03 -37.60 0.53
C LYS C 439 52.18 -37.04 1.65
N TYR C 440 52.33 -37.68 2.80
CA TYR C 440 51.62 -37.25 3.99
C TYR C 440 52.65 -36.72 4.98
N ARG C 441 52.33 -35.57 5.55
CA ARG C 441 53.05 -35.04 6.68
C ARG C 441 52.58 -35.75 7.95
N TYR C 442 53.53 -36.31 8.70
CA TYR C 442 53.19 -37.12 9.85
C TYR C 442 54.07 -36.83 11.07
N LEU C 443 54.96 -35.85 11.00
CA LEU C 443 55.71 -35.43 12.18
C LEU C 443 55.69 -33.92 12.32
N ARG C 444 55.14 -33.46 13.44
CA ARG C 444 55.02 -32.05 13.76
C ARG C 444 54.75 -31.98 15.26
N HIS C 445 55.19 -30.90 15.90
CA HIS C 445 54.92 -30.73 17.32
C HIS C 445 53.50 -30.19 17.49
N GLY C 446 52.55 -31.09 17.72
CA GLY C 446 51.21 -30.68 18.05
C GLY C 446 50.25 -30.77 16.87
N LYS C 447 48.99 -30.49 17.15
CA LYS C 447 47.93 -30.56 16.15
C LYS C 447 48.07 -29.40 15.16
N LEU C 448 47.31 -29.51 14.07
CA LEU C 448 47.16 -28.35 13.21
C LEU C 448 45.99 -27.49 13.66
N ARG C 449 46.11 -26.20 13.36
CA ARG C 449 45.12 -25.20 13.66
C ARG C 449 43.94 -25.34 12.70
N PRO C 450 42.83 -24.61 12.93
CA PRO C 450 41.77 -24.55 11.91
C PRO C 450 42.26 -24.10 10.54
N PHE C 451 42.13 -24.99 9.56
CA PHE C 451 42.59 -24.87 8.18
C PHE C 451 44.10 -24.64 8.08
N GLU C 452 44.92 -25.26 8.92
CA GLU C 452 46.35 -25.01 8.83
C GLU C 452 46.98 -25.80 7.71
N ARG C 453 47.69 -25.10 6.84
CA ARG C 453 48.28 -25.67 5.64
C ARG C 453 49.79 -25.72 5.84
N ASP C 454 50.29 -26.84 6.33
CA ASP C 454 51.71 -26.96 6.68
C ASP C 454 52.46 -27.36 5.42
N ILE C 455 53.35 -26.47 4.99
CA ILE C 455 54.15 -26.68 3.79
C ILE C 455 55.62 -26.92 4.13
N SER C 456 56.10 -26.27 5.18
CA SER C 456 57.52 -26.23 5.51
C SER C 456 58.04 -27.59 5.92
N ASN C 457 59.11 -28.01 5.25
CA ASN C 457 59.74 -29.32 5.45
C ASN C 457 61.03 -29.06 6.24
N VAL C 458 61.00 -29.43 7.51
CA VAL C 458 62.11 -29.21 8.43
C VAL C 458 62.60 -30.59 8.88
N PRO C 459 63.91 -30.82 9.05
CA PRO C 459 64.36 -32.02 9.75
C PRO C 459 63.83 -32.05 11.17
N PHE C 460 63.22 -33.17 11.53
CA PHE C 460 62.46 -33.27 12.76
C PHE C 460 63.15 -34.16 13.79
N SER C 461 63.19 -33.67 15.02
CA SER C 461 63.66 -34.39 16.19
C SER C 461 62.56 -34.11 17.20
N PRO C 462 62.22 -35.06 18.07
CA PRO C 462 60.99 -34.91 18.87
C PRO C 462 61.03 -33.85 19.97
N ASP C 463 62.05 -33.00 20.06
CA ASP C 463 61.99 -31.80 20.89
C ASP C 463 62.70 -30.62 20.22
N GLY C 464 62.51 -30.47 18.91
CA GLY C 464 63.20 -29.38 18.21
C GLY C 464 64.55 -29.85 17.67
N LYS C 465 65.65 -29.30 18.22
CA LYS C 465 67.03 -29.78 18.11
C LYS C 465 67.52 -30.01 16.69
N PRO C 466 68.04 -28.97 16.01
CA PRO C 466 68.23 -29.01 14.55
C PRO C 466 69.10 -30.15 14.04
N CYS C 467 68.48 -31.02 13.24
CA CYS C 467 69.12 -32.21 12.74
C CYS C 467 69.37 -32.09 11.23
N THR C 468 69.91 -33.18 10.69
CA THR C 468 70.12 -33.45 9.27
C THR C 468 70.22 -34.96 9.19
N PRO C 469 69.43 -35.62 8.34
CA PRO C 469 69.44 -37.09 8.30
C PRO C 469 70.75 -37.61 7.76
N PRO C 470 71.15 -38.85 8.12
CA PRO C 470 70.53 -39.89 8.96
C PRO C 470 70.83 -39.82 10.46
N ALA C 471 70.75 -38.66 11.09
CA ALA C 471 71.07 -38.55 12.51
C ALA C 471 70.01 -39.24 13.38
N LEU C 472 70.40 -39.56 14.62
CA LEU C 472 69.57 -40.39 15.49
C LEU C 472 68.39 -39.61 16.02
N ASN C 473 67.19 -40.20 15.86
CA ASN C 473 65.89 -39.58 16.13
C ASN C 473 65.70 -38.30 15.31
N CYS C 474 66.30 -38.26 14.12
CA CYS C 474 66.29 -37.09 13.25
C CYS C 474 65.94 -37.54 11.84
N TYR C 475 64.65 -37.68 11.55
CA TYR C 475 64.24 -38.15 10.23
C TYR C 475 63.14 -37.23 9.69
N TRP C 476 62.55 -37.61 8.61
CA TRP C 476 61.71 -36.68 7.87
C TRP C 476 60.28 -36.65 8.39
N PRO C 477 59.58 -35.52 8.22
CA PRO C 477 58.16 -35.46 8.61
C PRO C 477 57.23 -35.94 7.52
N LEU C 478 57.77 -36.34 6.38
CA LEU C 478 56.97 -36.71 5.22
C LEU C 478 57.24 -38.15 4.84
N ASN C 479 56.18 -38.86 4.42
CA ASN C 479 56.39 -40.15 3.78
C ASN C 479 55.37 -40.39 2.67
N ASP C 480 55.58 -41.51 1.99
CA ASP C 480 54.81 -41.95 0.85
C ASP C 480 53.64 -42.81 1.31
N TYR C 481 52.52 -42.63 0.63
CA TYR C 481 51.31 -43.42 0.85
C TYR C 481 51.52 -44.89 0.52
N GLY C 482 51.87 -45.20 -0.73
CA GLY C 482 52.04 -46.58 -1.12
C GLY C 482 50.82 -47.16 -1.80
N PHE C 483 50.33 -46.47 -2.83
CA PHE C 483 49.19 -46.94 -3.60
C PHE C 483 49.67 -47.90 -4.68
N TYR C 484 49.25 -49.16 -4.60
CA TYR C 484 49.14 -49.95 -5.82
C TYR C 484 47.69 -50.36 -5.91
N THR C 485 47.21 -50.52 -7.14
CA THR C 485 45.82 -50.93 -7.35
C THR C 485 45.60 -52.38 -6.90
N THR C 486 46.67 -53.17 -6.82
CA THR C 486 46.63 -54.54 -6.35
C THR C 486 46.23 -54.67 -4.89
N THR C 487 46.40 -53.62 -4.08
CA THR C 487 46.25 -53.68 -2.63
C THR C 487 44.79 -53.73 -2.22
N GLY C 488 44.57 -53.56 -0.91
CA GLY C 488 43.22 -53.52 -0.38
C GLY C 488 42.45 -52.26 -0.74
N ILE C 489 41.20 -52.16 -0.28
CA ILE C 489 40.30 -51.10 -0.69
C ILE C 489 40.66 -49.77 -0.04
N GLY C 490 40.95 -49.79 1.26
CA GLY C 490 41.39 -48.60 1.96
C GLY C 490 42.82 -48.17 1.66
N TYR C 491 43.56 -48.93 0.86
CA TYR C 491 44.88 -48.53 0.41
C TYR C 491 44.86 -48.15 -1.07
N GLN C 492 43.67 -47.83 -1.59
CA GLN C 492 43.48 -47.28 -2.90
C GLN C 492 43.42 -45.76 -2.81
N PRO C 493 43.89 -45.04 -3.82
CA PRO C 493 43.90 -43.57 -3.75
C PRO C 493 42.52 -42.96 -3.94
N TYR C 494 42.08 -42.22 -2.93
CA TYR C 494 40.82 -41.49 -2.96
C TYR C 494 41.13 -40.00 -2.97
N ARG C 495 40.54 -39.29 -3.91
CA ARG C 495 40.63 -37.84 -3.84
C ARG C 495 39.53 -37.29 -2.94
N VAL C 496 39.91 -36.41 -2.03
CA VAL C 496 38.97 -35.73 -1.15
C VAL C 496 38.97 -34.25 -1.44
N VAL C 497 37.79 -33.74 -1.75
CA VAL C 497 37.46 -32.34 -1.60
C VAL C 497 36.86 -32.17 -0.21
N VAL C 498 37.34 -31.16 0.50
CA VAL C 498 36.64 -30.60 1.66
C VAL C 498 35.90 -29.36 1.20
N LEU C 499 34.58 -29.41 1.30
CA LEU C 499 33.75 -28.26 1.00
C LEU C 499 33.59 -27.42 2.26
N SER C 500 34.52 -26.50 2.44
CA SER C 500 34.69 -25.78 3.70
C SER C 500 33.65 -24.68 3.80
N PHE C 501 32.95 -24.65 4.93
CA PHE C 501 31.98 -23.60 5.22
C PHE C 501 32.67 -22.48 5.96
N GLU C 502 32.69 -21.30 5.36
CA GLU C 502 32.76 -20.09 6.15
C GLU C 502 31.48 -19.31 5.89
N LEU C 503 30.99 -18.64 6.91
CA LEU C 503 29.58 -18.29 6.95
C LEU C 503 29.39 -16.78 6.95
N LEU C 504 28.86 -16.28 5.82
CA LEU C 504 28.22 -14.96 5.70
C LEU C 504 29.17 -13.80 5.99
N ASN C 505 30.45 -13.98 5.65
CA ASN C 505 31.42 -12.91 5.81
C ASN C 505 31.39 -11.89 4.67
N ALA C 506 30.55 -12.12 3.65
CA ALA C 506 30.32 -11.24 2.52
C ALA C 506 28.89 -11.56 2.06
N PRO C 507 28.32 -10.90 1.05
CA PRO C 507 27.00 -11.35 0.53
C PRO C 507 26.99 -12.75 -0.08
N ALA C 508 25.81 -13.14 -0.56
CA ALA C 508 25.51 -14.50 -0.96
C ALA C 508 26.36 -14.94 -2.15
N THR C 509 26.98 -16.10 -2.02
CA THR C 509 27.92 -16.57 -3.03
C THR C 509 27.43 -17.83 -3.72
N VAL C 510 26.89 -18.76 -2.97
CA VAL C 510 26.26 -19.94 -3.55
C VAL C 510 25.02 -20.26 -2.72
N CYS C 511 23.92 -20.49 -3.44
CA CYS C 511 22.64 -20.77 -2.80
C CYS C 511 21.84 -21.55 -3.84
N GLY C 512 20.61 -21.96 -3.53
CA GLY C 512 19.84 -22.69 -4.50
C GLY C 512 18.33 -22.63 -4.70
N THR C 517 12.99 -24.95 -9.54
CA THR C 517 11.60 -24.54 -9.37
C THR C 517 10.91 -24.22 -10.70
N ASP C 518 10.59 -25.29 -11.43
CA ASP C 518 10.13 -25.22 -12.82
C ASP C 518 8.95 -24.26 -13.03
N LEU C 519 8.87 -23.72 -14.24
CA LEU C 519 7.80 -22.85 -14.70
C LEU C 519 6.45 -23.54 -14.62
N ILE C 520 5.44 -22.81 -14.18
CA ILE C 520 4.07 -23.29 -14.20
C ILE C 520 3.30 -22.38 -15.12
N LYS C 521 2.41 -22.91 -15.95
CA LYS C 521 1.67 -22.02 -16.82
C LYS C 521 0.20 -22.18 -16.55
N ASN C 522 -0.54 -21.12 -16.87
CA ASN C 522 -1.99 -21.06 -16.87
C ASN C 522 -2.54 -21.41 -15.50
N GLN C 523 -1.91 -20.87 -14.48
CA GLN C 523 -2.27 -21.06 -13.09
C GLN C 523 -1.79 -19.84 -12.33
N CYS C 524 -2.48 -19.49 -11.25
CA CYS C 524 -2.09 -18.33 -10.46
C CYS C 524 -0.82 -18.65 -9.70
N VAL C 525 0.30 -18.11 -10.15
CA VAL C 525 1.60 -18.49 -9.63
C VAL C 525 2.20 -17.31 -8.90
N ASN C 526 3.14 -17.62 -8.02
CA ASN C 526 3.97 -16.63 -7.37
C ASN C 526 5.29 -16.49 -8.11
N PHE C 527 5.93 -15.33 -7.94
CA PHE C 527 7.22 -15.07 -8.55
C PHE C 527 8.30 -14.84 -7.53
N ASN C 528 9.53 -15.09 -7.95
CA ASN C 528 10.65 -14.23 -7.62
C ASN C 528 11.64 -14.41 -8.76
N PHE C 529 11.56 -13.57 -9.77
CA PHE C 529 12.49 -13.71 -10.89
C PHE C 529 13.81 -13.06 -10.53
N ASN C 530 14.68 -12.95 -11.52
CA ASN C 530 16.02 -12.41 -11.35
C ASN C 530 16.01 -11.02 -10.75
N GLY C 531 15.06 -10.19 -11.17
CA GLY C 531 14.96 -8.84 -10.66
C GLY C 531 13.54 -8.41 -10.49
N LEU C 532 12.65 -9.33 -10.13
CA LEU C 532 11.24 -9.01 -10.16
C LEU C 532 10.52 -9.85 -9.12
N THR C 533 9.32 -9.45 -8.75
CA THR C 533 8.35 -10.28 -8.07
C THR C 533 7.03 -10.19 -8.81
N GLY C 534 6.03 -10.85 -8.27
CA GLY C 534 4.70 -10.67 -8.78
C GLY C 534 3.80 -11.89 -8.80
N THR C 535 2.53 -11.65 -9.08
CA THR C 535 1.52 -12.68 -9.02
C THR C 535 1.10 -12.92 -10.45
N GLY C 536 1.57 -14.00 -11.05
CA GLY C 536 1.46 -14.10 -12.49
C GLY C 536 0.45 -15.14 -12.94
N VAL C 537 -0.03 -14.96 -14.16
CA VAL C 537 -0.59 -16.03 -14.96
C VAL C 537 0.14 -15.96 -16.30
N LEU C 538 0.97 -16.95 -16.57
CA LEU C 538 1.98 -16.88 -17.61
C LEU C 538 1.49 -17.51 -18.90
N THR C 539 2.02 -17.03 -20.01
CA THR C 539 1.65 -17.53 -21.34
C THR C 539 2.79 -17.14 -22.28
N PRO C 540 2.98 -17.83 -23.42
CA PRO C 540 4.11 -17.49 -24.28
C PRO C 540 3.94 -16.18 -25.03
N SER C 541 5.09 -15.65 -25.49
CA SER C 541 5.21 -14.30 -26.03
C SER C 541 4.88 -14.27 -27.52
N SER C 542 4.92 -13.05 -28.10
CA SER C 542 4.64 -12.82 -29.51
C SER C 542 5.51 -11.70 -30.10
N LYS C 543 6.76 -11.58 -29.65
CA LYS C 543 7.50 -10.35 -29.87
C LYS C 543 8.56 -10.46 -30.97
N ARG C 544 9.30 -9.37 -31.13
CA ARG C 544 10.63 -9.35 -31.72
C ARG C 544 11.53 -8.77 -30.66
N PHE C 545 11.42 -9.33 -29.47
CA PHE C 545 12.06 -8.81 -28.27
C PHE C 545 13.58 -8.76 -28.44
N GLN C 546 14.22 -7.71 -27.85
CA GLN C 546 15.65 -7.62 -28.13
C GLN C 546 16.43 -8.60 -27.27
N PRO C 547 17.50 -9.15 -27.84
CA PRO C 547 18.28 -10.18 -27.12
C PRO C 547 19.04 -9.64 -25.92
N PHE C 548 19.44 -8.38 -25.97
CA PHE C 548 20.18 -7.72 -24.90
C PHE C 548 19.27 -7.13 -23.86
N GLN C 549 18.04 -7.61 -23.78
CA GLN C 549 16.98 -6.92 -23.07
C GLN C 549 16.29 -7.96 -22.20
N GLN C 550 15.67 -7.50 -21.12
CA GLN C 550 15.03 -8.50 -20.26
C GLN C 550 13.65 -8.16 -19.72
N PHE C 551 13.23 -6.91 -19.62
CA PHE C 551 12.02 -6.63 -18.87
C PHE C 551 10.84 -6.29 -19.76
N GLY C 552 9.77 -5.83 -19.15
CA GLY C 552 8.47 -5.90 -19.76
C GLY C 552 7.49 -4.76 -19.60
N ARG C 553 7.95 -3.50 -19.63
CA ARG C 553 7.01 -2.39 -19.60
C ARG C 553 6.15 -2.39 -20.85
N ASP C 554 4.92 -1.91 -20.75
CA ASP C 554 4.02 -2.11 -21.87
C ASP C 554 3.54 -0.84 -22.56
N VAL C 555 2.66 -0.05 -21.94
CA VAL C 555 2.31 1.27 -22.44
C VAL C 555 2.10 2.16 -21.23
N SER C 556 1.87 1.52 -20.10
CA SER C 556 1.47 2.14 -18.86
C SER C 556 2.35 1.41 -17.84
N ASP C 557 3.40 2.10 -17.39
CA ASP C 557 4.67 1.47 -16.99
C ASP C 557 4.48 0.46 -15.88
N PHE C 558 4.68 -0.80 -16.24
CA PHE C 558 4.28 -2.00 -15.52
C PHE C 558 4.80 -3.21 -16.23
N THR C 559 5.06 -4.30 -15.53
CA THR C 559 5.69 -5.43 -16.19
C THR C 559 4.61 -6.25 -16.87
N ASP C 560 4.84 -6.67 -18.11
CA ASP C 560 3.87 -7.48 -18.84
C ASP C 560 4.52 -8.65 -19.56
N SER C 561 5.79 -8.54 -19.91
CA SER C 561 6.38 -9.59 -20.73
C SER C 561 7.86 -9.74 -20.46
N VAL C 562 8.25 -10.80 -19.76
CA VAL C 562 9.64 -11.01 -19.44
C VAL C 562 10.18 -12.13 -20.31
N ARG C 563 11.50 -12.17 -20.40
CA ARG C 563 12.20 -13.35 -20.84
C ARG C 563 12.47 -14.16 -19.59
N ASP C 564 11.79 -15.30 -19.48
CA ASP C 564 12.29 -16.41 -18.71
C ASP C 564 13.79 -16.53 -18.89
N PRO C 565 14.56 -16.36 -17.82
CA PRO C 565 16.01 -16.23 -17.97
C PRO C 565 16.69 -17.54 -18.35
N LYS C 566 15.97 -18.64 -18.39
CA LYS C 566 16.44 -19.92 -18.91
C LYS C 566 15.94 -20.10 -20.33
N THR C 567 16.03 -19.01 -21.10
CA THR C 567 15.93 -18.96 -22.56
C THR C 567 14.52 -19.31 -23.04
N SER C 568 13.58 -18.44 -22.65
CA SER C 568 12.21 -18.48 -23.14
C SER C 568 11.58 -17.12 -22.83
N GLU C 569 10.54 -16.74 -23.56
CA GLU C 569 9.88 -15.45 -23.32
C GLU C 569 8.42 -15.70 -23.01
N ILE C 570 7.94 -15.13 -21.91
CA ILE C 570 6.55 -15.29 -21.53
C ILE C 570 5.92 -13.93 -21.27
N LEU C 571 4.75 -13.74 -21.86
CA LEU C 571 3.80 -12.71 -21.46
C LEU C 571 3.23 -13.02 -20.09
N ASP C 572 3.36 -12.05 -19.20
CA ASP C 572 2.90 -12.10 -17.82
C ASP C 572 1.60 -11.31 -17.79
N ILE C 573 0.49 -11.98 -18.04
CA ILE C 573 -0.82 -11.42 -17.71
C ILE C 573 -0.97 -11.70 -16.23
N SER C 574 -0.52 -10.75 -15.41
CA SER C 574 -0.35 -11.03 -13.98
C SER C 574 -1.64 -11.27 -13.21
N PRO C 575 -2.59 -10.34 -13.12
CA PRO C 575 -3.43 -10.29 -11.92
C PRO C 575 -4.54 -11.32 -11.87
N CYS C 576 -4.20 -12.55 -11.45
CA CYS C 576 -4.72 -13.81 -11.97
C CYS C 576 -6.17 -13.78 -12.45
N SER C 577 -7.10 -13.49 -11.55
CA SER C 577 -8.35 -12.85 -11.95
C SER C 577 -8.89 -12.14 -10.74
N PHE C 578 -9.85 -11.25 -10.99
CA PHE C 578 -10.26 -10.27 -10.00
C PHE C 578 -11.57 -9.65 -10.46
N GLY C 579 -12.11 -8.81 -9.61
CA GLY C 579 -13.28 -8.04 -9.88
C GLY C 579 -14.15 -8.01 -8.65
N GLY C 580 -15.39 -7.57 -8.82
CA GLY C 580 -16.27 -7.44 -7.68
C GLY C 580 -17.46 -8.34 -7.82
N VAL C 581 -17.81 -9.01 -6.77
CA VAL C 581 -18.95 -9.90 -6.85
C VAL C 581 -20.19 -9.06 -6.67
N SER C 582 -21.30 -9.53 -7.23
CA SER C 582 -22.55 -8.78 -7.21
C SER C 582 -23.70 -9.76 -7.08
N VAL C 583 -24.35 -9.75 -5.92
CA VAL C 583 -25.52 -10.58 -5.69
C VAL C 583 -26.65 -10.12 -6.60
N ILE C 584 -27.40 -11.08 -7.15
CA ILE C 584 -28.69 -10.81 -7.75
C ILE C 584 -29.70 -11.65 -6.98
N THR C 585 -30.60 -10.99 -6.27
CA THR C 585 -31.65 -11.66 -5.54
C THR C 585 -32.99 -11.30 -6.16
N PRO C 586 -33.99 -12.17 -6.05
CA PRO C 586 -35.34 -11.79 -6.51
C PRO C 586 -36.03 -10.78 -5.64
N GLY C 587 -35.53 -10.50 -4.44
CA GLY C 587 -36.13 -9.46 -3.63
C GLY C 587 -36.51 -9.81 -2.22
N THR C 588 -35.93 -10.88 -1.65
CA THR C 588 -36.01 -11.28 -0.24
C THR C 588 -37.41 -11.50 0.30
N ASN C 589 -38.43 -11.45 -0.55
CA ASN C 589 -39.79 -11.81 -0.18
C ASN C 589 -40.44 -12.66 -1.23
N ALA C 590 -39.86 -12.77 -2.41
CA ALA C 590 -40.38 -13.64 -3.43
C ALA C 590 -39.64 -14.96 -3.51
N SER C 591 -38.39 -14.99 -3.10
CA SER C 591 -37.59 -16.20 -3.05
C SER C 591 -36.39 -15.94 -2.15
N SER C 592 -35.43 -16.83 -2.21
CA SER C 592 -34.06 -16.49 -1.84
C SER C 592 -33.11 -17.18 -2.80
N GLU C 593 -33.54 -17.36 -4.04
CA GLU C 593 -32.75 -18.01 -5.08
C GLU C 593 -31.71 -17.02 -5.60
N VAL C 594 -30.54 -17.05 -4.98
CA VAL C 594 -29.49 -16.08 -5.24
C VAL C 594 -28.87 -16.36 -6.60
N ALA C 595 -28.13 -15.39 -7.12
CA ALA C 595 -27.41 -15.55 -8.37
C ALA C 595 -26.16 -14.68 -8.35
N VAL C 596 -25.01 -15.27 -8.63
CA VAL C 596 -23.74 -14.57 -8.46
C VAL C 596 -23.14 -14.28 -9.84
N LEU C 597 -22.85 -13.02 -10.10
CA LEU C 597 -22.18 -12.62 -11.33
C LEU C 597 -20.73 -12.28 -11.01
N TYR C 598 -19.80 -12.98 -11.64
CA TYR C 598 -18.41 -12.57 -11.66
C TYR C 598 -18.15 -11.80 -12.95
N GLN C 599 -17.50 -10.65 -12.84
CA GLN C 599 -17.48 -9.72 -13.97
C GLN C 599 -16.32 -9.92 -14.91
N ASP C 600 -15.10 -9.74 -14.44
CA ASP C 600 -13.95 -9.61 -15.31
C ASP C 600 -13.36 -11.00 -15.55
N VAL C 601 -14.13 -11.87 -16.21
CA VAL C 601 -13.79 -13.30 -16.34
C VAL C 601 -14.37 -13.86 -17.64
N ASN C 602 -13.97 -15.10 -18.00
CA ASN C 602 -14.63 -15.87 -19.04
C ASN C 602 -14.82 -17.34 -18.67
N CYS C 603 -15.08 -17.63 -17.39
CA CYS C 603 -15.58 -18.92 -16.90
C CYS C 603 -14.60 -20.06 -17.07
N THR C 604 -13.33 -19.76 -17.28
CA THR C 604 -12.36 -20.81 -17.45
C THR C 604 -11.47 -20.97 -16.24
N ASP C 605 -10.91 -19.87 -15.74
CA ASP C 605 -10.31 -19.90 -14.41
C ASP C 605 -11.37 -19.87 -13.31
N VAL C 606 -12.62 -19.62 -13.68
CA VAL C 606 -13.67 -19.49 -12.69
C VAL C 606 -14.04 -20.85 -12.11
N SER C 607 -14.26 -21.83 -12.99
CA SER C 607 -14.58 -23.17 -12.52
C SER C 607 -13.42 -23.78 -11.76
N THR C 608 -12.19 -23.43 -12.16
CA THR C 608 -11.03 -23.80 -11.38
C THR C 608 -11.04 -23.12 -10.02
N ALA C 609 -11.46 -21.86 -9.98
CA ALA C 609 -11.51 -21.15 -8.72
C ALA C 609 -12.57 -21.72 -7.80
N ILE C 610 -13.65 -22.24 -8.39
CA ILE C 610 -14.71 -22.87 -7.62
C ILE C 610 -14.23 -24.18 -7.04
N HIS C 611 -13.89 -25.15 -7.91
CA HIS C 611 -13.80 -26.52 -7.43
C HIS C 611 -12.44 -26.83 -6.83
N ALA C 612 -11.39 -26.14 -7.26
CA ALA C 612 -10.11 -26.18 -6.56
C ALA C 612 -10.04 -25.10 -5.50
N ASP C 613 -11.17 -24.44 -5.24
CA ASP C 613 -11.46 -23.67 -4.03
C ASP C 613 -10.56 -22.44 -3.92
N GLN C 614 -10.67 -21.56 -4.92
CA GLN C 614 -9.73 -20.45 -5.02
C GLN C 614 -10.39 -19.07 -5.06
N LEU C 615 -11.23 -18.73 -4.07
CA LEU C 615 -11.71 -17.37 -3.85
C LEU C 615 -11.71 -17.04 -2.36
N THR C 616 -11.46 -15.79 -2.03
CA THR C 616 -11.74 -15.36 -0.66
C THR C 616 -13.23 -15.26 -0.31
N PRO C 617 -14.19 -14.96 -1.26
CA PRO C 617 -15.59 -15.24 -0.82
C PRO C 617 -15.94 -16.72 -0.89
N ALA C 618 -15.38 -17.49 0.04
CA ALA C 618 -15.65 -18.92 0.15
C ALA C 618 -17.02 -19.10 0.77
N TRP C 619 -17.73 -20.14 0.34
CA TRP C 619 -19.09 -20.36 0.82
C TRP C 619 -19.17 -21.65 1.62
N ARG C 620 -20.38 -21.93 2.09
CA ARG C 620 -20.79 -23.29 2.37
C ARG C 620 -21.94 -23.69 1.47
N ILE C 621 -23.07 -23.00 1.59
CA ILE C 621 -24.32 -23.44 0.96
C ILE C 621 -24.25 -22.96 -0.48
N TYR C 622 -23.67 -23.80 -1.33
CA TYR C 622 -23.31 -23.32 -2.66
C TYR C 622 -23.16 -24.49 -3.61
N SER C 623 -23.33 -24.24 -4.90
CA SER C 623 -23.25 -25.27 -5.91
C SER C 623 -22.67 -24.67 -7.19
N THR C 624 -22.65 -25.49 -8.23
CA THR C 624 -22.47 -25.04 -9.60
C THR C 624 -23.51 -25.79 -10.41
N GLY C 625 -24.74 -25.27 -10.41
CA GLY C 625 -25.82 -25.98 -11.07
C GLY C 625 -25.78 -25.75 -12.56
N ASN C 626 -25.10 -24.68 -12.94
CA ASN C 626 -25.08 -24.14 -14.28
C ASN C 626 -23.98 -23.09 -14.33
N ASN C 627 -23.73 -22.56 -15.52
CA ASN C 627 -22.70 -21.52 -15.65
C ASN C 627 -23.07 -20.66 -16.85
N VAL C 628 -23.80 -19.59 -16.59
CA VAL C 628 -24.15 -18.70 -17.69
C VAL C 628 -23.00 -17.75 -17.96
N PHE C 629 -22.56 -17.73 -19.22
CA PHE C 629 -21.61 -16.75 -19.70
C PHE C 629 -22.00 -16.30 -21.09
N GLN C 630 -21.95 -14.99 -21.30
CA GLN C 630 -21.40 -14.37 -22.51
C GLN C 630 -21.14 -12.94 -22.07
N THR C 631 -20.87 -12.06 -23.05
CA THR C 631 -20.99 -10.61 -22.95
C THR C 631 -20.12 -10.09 -21.83
N GLN C 632 -18.81 -10.04 -22.07
CA GLN C 632 -17.72 -10.46 -21.19
C GLN C 632 -17.79 -10.08 -19.70
N ALA C 633 -18.79 -9.32 -19.29
CA ALA C 633 -19.07 -9.00 -17.89
C ALA C 633 -19.49 -10.20 -17.04
N GLY C 634 -19.37 -11.42 -17.53
CA GLY C 634 -18.91 -12.47 -16.65
C GLY C 634 -19.71 -13.74 -16.53
N CYS C 635 -19.27 -14.56 -15.57
CA CYS C 635 -19.87 -15.84 -15.26
C CYS C 635 -21.08 -15.65 -14.36
N LEU C 636 -22.23 -16.13 -14.80
CA LEU C 636 -23.48 -15.90 -14.11
C LEU C 636 -23.90 -17.24 -13.53
N ILE C 637 -23.58 -17.42 -12.26
CA ILE C 637 -23.85 -18.66 -11.55
C ILE C 637 -25.25 -18.61 -10.98
N GLY C 638 -26.04 -19.61 -11.33
CA GLY C 638 -27.41 -19.64 -10.88
C GLY C 638 -28.31 -19.12 -11.96
N ALA C 639 -27.99 -19.43 -13.21
CA ALA C 639 -28.82 -18.97 -14.30
C ALA C 639 -28.72 -19.91 -15.48
N GLU C 640 -29.70 -19.83 -16.35
CA GLU C 640 -29.74 -20.68 -17.53
C GLU C 640 -29.75 -19.77 -18.72
N HIS C 641 -29.05 -20.12 -19.80
CA HIS C 641 -29.24 -19.36 -21.04
C HIS C 641 -30.60 -19.69 -21.65
N VAL C 642 -31.64 -19.21 -20.98
CA VAL C 642 -32.99 -19.56 -21.34
C VAL C 642 -33.61 -18.35 -22.01
N ASP C 643 -33.80 -18.49 -23.30
CA ASP C 643 -33.83 -17.40 -24.23
C ASP C 643 -35.26 -16.85 -24.33
N THR C 644 -35.59 -16.25 -25.48
CA THR C 644 -36.89 -15.71 -25.85
C THR C 644 -37.29 -14.53 -24.97
N SER C 645 -36.39 -13.63 -25.22
CA SER C 645 -36.34 -12.32 -24.79
C SER C 645 -37.38 -12.09 -23.85
N TYR C 646 -37.04 -11.24 -22.92
CA TYR C 646 -37.98 -10.95 -21.91
C TYR C 646 -38.37 -9.52 -21.63
N GLU C 647 -38.58 -9.16 -20.39
CA GLU C 647 -39.06 -7.78 -20.37
C GLU C 647 -38.14 -6.86 -19.54
N CYS C 648 -36.86 -7.23 -19.46
CA CYS C 648 -35.69 -6.64 -18.82
C CYS C 648 -35.87 -6.11 -17.40
N ASP C 649 -36.02 -7.02 -16.43
CA ASP C 649 -36.12 -6.63 -15.04
C ASP C 649 -34.84 -5.96 -14.54
N ILE C 650 -33.75 -6.70 -14.35
CA ILE C 650 -32.63 -6.09 -13.64
C ILE C 650 -31.34 -6.33 -14.41
N PRO C 651 -30.78 -5.32 -15.07
CA PRO C 651 -29.82 -5.54 -16.16
C PRO C 651 -28.46 -6.08 -15.70
N ILE C 652 -28.20 -7.36 -15.97
CA ILE C 652 -26.99 -8.04 -15.51
C ILE C 652 -25.91 -7.91 -16.59
N GLY C 653 -24.88 -7.13 -16.30
CA GLY C 653 -23.65 -7.20 -17.07
C GLY C 653 -23.60 -6.50 -18.42
N ALA C 654 -24.16 -7.11 -19.46
CA ALA C 654 -24.09 -6.56 -20.80
C ALA C 654 -25.19 -7.24 -21.62
N GLY C 655 -26.16 -6.46 -22.10
CA GLY C 655 -27.28 -6.95 -22.88
C GLY C 655 -28.14 -7.99 -22.21
N ILE C 656 -28.02 -8.17 -20.90
CA ILE C 656 -28.59 -9.28 -20.16
C ILE C 656 -29.20 -8.70 -18.90
N CYS C 657 -30.35 -9.23 -18.49
CA CYS C 657 -31.21 -8.68 -17.46
C CYS C 657 -31.23 -9.66 -16.28
N ALA C 658 -32.19 -9.51 -15.37
CA ALA C 658 -32.50 -10.55 -14.38
C ALA C 658 -34.00 -10.86 -14.41
N SER C 659 -34.45 -11.75 -13.51
CA SER C 659 -35.87 -12.08 -13.27
C SER C 659 -35.97 -13.05 -12.09
N TYR C 660 -37.23 -13.31 -11.68
CA TYR C 660 -37.63 -14.47 -10.86
C TYR C 660 -36.89 -14.67 -9.55
N ILE C 674 -33.91 -17.98 -11.14
CA ILE C 674 -33.88 -16.78 -11.95
C ILE C 674 -33.16 -17.02 -13.18
N VAL C 675 -33.69 -16.65 -14.29
CA VAL C 675 -33.06 -16.90 -15.54
C VAL C 675 -31.94 -15.93 -15.97
N ALA C 676 -31.72 -15.67 -17.23
CA ALA C 676 -30.82 -14.62 -17.69
C ALA C 676 -30.92 -14.33 -19.12
N TYR C 677 -32.06 -14.04 -19.58
CA TYR C 677 -32.15 -13.89 -20.97
C TYR C 677 -31.41 -12.86 -21.59
N THR C 678 -31.65 -12.54 -22.85
CA THR C 678 -30.82 -11.47 -23.40
C THR C 678 -31.40 -10.15 -23.06
N MET C 679 -32.46 -9.91 -23.76
CA MET C 679 -33.40 -8.84 -23.50
C MET C 679 -34.39 -8.84 -24.65
N SER C 680 -35.68 -8.82 -24.35
CA SER C 680 -36.57 -8.22 -25.30
C SER C 680 -36.28 -6.76 -25.15
N LEU C 681 -35.61 -6.20 -26.15
CA LEU C 681 -35.18 -4.81 -26.10
C LEU C 681 -36.36 -3.85 -26.12
N GLY C 682 -37.56 -4.35 -26.44
CA GLY C 682 -38.78 -3.61 -26.39
C GLY C 682 -39.85 -4.38 -27.14
N ALA C 683 -40.90 -3.66 -27.49
CA ALA C 683 -41.94 -4.17 -28.37
C ALA C 683 -41.38 -4.18 -29.78
N ASP C 684 -41.04 -5.38 -30.26
CA ASP C 684 -40.23 -5.55 -31.45
C ASP C 684 -41.05 -5.55 -32.73
N SER C 685 -42.21 -4.90 -32.71
CA SER C 685 -43.18 -5.01 -33.79
C SER C 685 -42.68 -4.39 -35.08
N SER C 686 -42.93 -5.09 -36.17
CA SER C 686 -42.55 -4.55 -37.45
C SER C 686 -43.52 -3.49 -37.91
N ILE C 687 -43.42 -3.18 -39.19
CA ILE C 687 -44.11 -2.06 -39.80
C ILE C 687 -44.43 -2.43 -41.24
N ALA C 688 -45.36 -1.69 -41.83
CA ALA C 688 -45.88 -2.01 -43.14
C ALA C 688 -46.00 -0.74 -43.98
N TYR C 689 -44.93 0.04 -44.05
CA TYR C 689 -44.98 1.42 -44.56
C TYR C 689 -45.42 1.44 -46.02
N SER C 690 -46.42 2.26 -46.30
CA SER C 690 -46.94 2.33 -47.63
C SER C 690 -47.58 3.68 -47.84
N ASN C 691 -48.19 3.83 -48.99
CA ASN C 691 -48.82 5.05 -49.47
C ASN C 691 -50.18 5.25 -48.85
N ASN C 692 -51.06 5.94 -49.58
CA ASN C 692 -52.28 6.64 -49.19
C ASN C 692 -53.11 6.03 -48.06
N THR C 693 -53.13 4.70 -47.95
CA THR C 693 -53.82 4.06 -46.85
C THR C 693 -53.23 4.46 -45.51
N ILE C 694 -54.10 4.90 -44.60
CA ILE C 694 -53.72 5.58 -43.37
C ILE C 694 -54.67 5.14 -42.26
N ALA C 695 -54.10 4.72 -41.13
CA ALA C 695 -54.86 4.55 -39.90
C ALA C 695 -55.02 5.89 -39.21
N ILE C 696 -56.21 6.14 -38.66
CA ILE C 696 -56.56 7.38 -37.99
C ILE C 696 -57.26 7.02 -36.69
N PRO C 697 -56.98 7.68 -35.57
CA PRO C 697 -57.67 7.36 -34.32
C PRO C 697 -59.13 7.77 -34.35
N THR C 698 -60.00 6.82 -33.99
CA THR C 698 -61.39 7.11 -33.74
C THR C 698 -61.76 7.03 -32.26
N ASN C 699 -60.78 6.95 -31.37
CA ASN C 699 -60.95 7.30 -29.97
C ASN C 699 -59.57 7.61 -29.40
N PHE C 700 -59.52 7.69 -28.08
CA PHE C 700 -58.31 7.89 -27.31
C PHE C 700 -58.59 7.42 -25.90
N SER C 701 -57.69 7.77 -24.99
CA SER C 701 -57.96 7.74 -23.57
C SER C 701 -57.28 8.93 -22.95
N ILE C 702 -57.50 9.11 -21.65
CA ILE C 702 -56.76 10.08 -20.86
C ILE C 702 -56.02 9.32 -19.79
N SER C 703 -54.73 9.15 -19.99
CA SER C 703 -53.88 8.61 -18.95
C SER C 703 -53.30 9.82 -18.25
N ILE C 704 -53.99 10.25 -17.21
CA ILE C 704 -53.32 11.09 -16.23
C ILE C 704 -52.18 10.27 -15.66
N THR C 705 -50.97 10.80 -15.73
CA THR C 705 -49.85 10.06 -15.17
C THR C 705 -49.15 10.89 -14.13
N THR C 706 -48.29 10.22 -13.39
CA THR C 706 -47.45 10.98 -12.51
C THR C 706 -46.29 11.57 -13.26
N GLU C 707 -45.52 12.35 -12.51
CA GLU C 707 -44.17 12.76 -12.85
C GLU C 707 -43.58 13.27 -11.55
N VAL C 708 -42.32 12.97 -11.34
CA VAL C 708 -41.67 13.17 -10.07
C VAL C 708 -40.56 14.16 -10.29
N MET C 709 -40.49 15.19 -9.45
CA MET C 709 -39.42 16.18 -9.56
C MET C 709 -38.88 16.44 -8.17
N PRO C 710 -37.66 16.06 -7.87
CA PRO C 710 -37.09 16.43 -6.58
C PRO C 710 -36.56 17.84 -6.65
N VAL C 711 -37.00 18.69 -5.72
CA VAL C 711 -36.64 20.10 -5.73
C VAL C 711 -35.66 20.48 -4.65
N SER C 712 -35.82 19.99 -3.45
CA SER C 712 -35.10 20.63 -2.37
C SER C 712 -34.84 19.61 -1.31
N MET C 713 -33.59 19.26 -1.14
CA MET C 713 -33.23 18.16 -0.29
C MET C 713 -33.27 18.58 1.17
N ALA C 714 -32.68 17.76 2.01
CA ALA C 714 -32.54 18.10 3.41
C ALA C 714 -31.67 19.33 3.53
N LYS C 715 -32.31 20.43 3.88
CA LYS C 715 -31.62 21.61 4.37
C LYS C 715 -30.92 21.19 5.64
N THR C 716 -29.61 21.04 5.59
CA THR C 716 -28.95 20.67 6.82
C THR C 716 -28.07 21.79 7.30
N SER C 717 -27.29 21.46 8.31
CA SER C 717 -26.15 22.25 8.68
C SER C 717 -25.21 21.38 9.47
N VAL C 718 -23.95 21.80 9.44
CA VAL C 718 -22.89 21.18 10.19
C VAL C 718 -22.42 22.21 11.19
N ASP C 719 -22.14 21.78 12.40
CA ASP C 719 -21.20 22.55 13.20
C ASP C 719 -19.83 21.99 12.93
N CYS C 720 -19.00 22.81 12.34
CA CYS C 720 -17.57 22.58 12.32
C CYS C 720 -16.93 22.52 13.70
N ASN C 721 -17.59 22.98 14.75
CA ASN C 721 -16.99 22.89 16.07
C ASN C 721 -17.71 21.91 16.97
N MET C 722 -18.69 21.17 16.46
CA MET C 722 -19.16 20.00 17.17
C MET C 722 -19.24 18.76 16.33
N TYR C 723 -19.07 18.85 15.02
CA TYR C 723 -18.76 17.63 14.30
C TYR C 723 -17.33 17.26 14.67
N ILE C 724 -16.42 18.11 14.24
CA ILE C 724 -15.05 18.15 14.70
C ILE C 724 -15.18 18.67 16.12
N CYS C 725 -14.20 18.37 16.96
CA CYS C 725 -14.33 18.17 18.40
C CYS C 725 -15.30 19.08 19.13
N GLY C 726 -16.29 18.49 19.79
CA GLY C 726 -17.36 19.26 20.36
C GLY C 726 -16.83 20.08 21.51
N ASP C 727 -16.48 19.41 22.60
CA ASP C 727 -15.81 20.08 23.70
C ASP C 727 -14.33 19.78 23.59
N SER C 728 -13.52 20.82 23.69
CA SER C 728 -12.07 20.68 23.74
C SER C 728 -11.48 21.99 24.21
N THR C 729 -10.24 21.93 24.66
CA THR C 729 -9.34 23.05 24.56
C THR C 729 -8.56 22.99 23.26
N GLU C 730 -7.86 21.87 23.03
CA GLU C 730 -6.84 21.87 22.02
C GLU C 730 -7.42 21.75 20.63
N CYS C 731 -8.55 21.07 20.49
CA CYS C 731 -9.06 20.83 19.14
C CYS C 731 -9.62 22.10 18.54
N ALA C 732 -10.16 22.98 19.37
CA ALA C 732 -10.52 24.31 18.90
C ALA C 732 -9.30 25.10 18.48
N ASN C 733 -8.19 24.94 19.20
CA ASN C 733 -6.97 25.69 18.91
C ASN C 733 -6.35 25.25 17.59
N LEU C 734 -6.23 23.94 17.41
CA LEU C 734 -5.70 23.44 16.16
C LEU C 734 -6.67 23.66 15.01
N LEU C 735 -7.97 23.79 15.31
CA LEU C 735 -8.90 24.12 14.25
C LEU C 735 -8.77 25.57 13.83
N LEU C 736 -8.49 26.46 14.78
CA LEU C 736 -8.07 27.81 14.43
C LEU C 736 -6.80 27.79 13.60
N GLN C 737 -5.89 26.88 13.92
CA GLN C 737 -4.64 26.74 13.16
C GLN C 737 -4.84 26.24 11.74
N TYR C 738 -6.04 25.82 11.35
CA TYR C 738 -6.28 25.42 9.97
C TYR C 738 -7.17 26.40 9.24
N GLY C 739 -7.08 27.67 9.58
CA GLY C 739 -7.64 28.64 8.70
C GLY C 739 -9.15 28.75 8.76
N SER C 740 -9.71 29.22 7.66
CA SER C 740 -11.11 29.60 7.60
C SER C 740 -11.98 28.50 7.03
N PHE C 741 -11.53 27.24 7.15
CA PHE C 741 -12.27 26.07 6.64
C PHE C 741 -13.72 26.11 7.05
N CYS C 742 -13.94 25.99 8.36
CA CYS C 742 -15.26 26.04 8.98
C CYS C 742 -16.11 27.20 8.49
N THR C 743 -15.48 28.36 8.27
CA THR C 743 -16.22 29.51 7.77
C THR C 743 -16.75 29.24 6.38
N GLN C 744 -15.91 28.71 5.51
CA GLN C 744 -16.33 28.38 4.15
C GLN C 744 -17.41 27.33 4.15
N LEU C 745 -17.31 26.38 5.07
CA LEU C 745 -18.24 25.27 5.09
C LEU C 745 -19.61 25.73 5.52
N ASN C 746 -19.63 26.53 6.59
CA ASN C 746 -20.85 27.16 7.05
C ASN C 746 -21.46 28.00 5.95
N ARG C 747 -20.62 28.80 5.28
CA ARG C 747 -21.08 29.66 4.21
C ARG C 747 -21.66 28.86 3.06
N ALA C 748 -20.99 27.78 2.70
CA ALA C 748 -21.39 27.02 1.53
C ALA C 748 -22.70 26.30 1.79
N LEU C 749 -22.81 25.63 2.93
CA LEU C 749 -24.04 24.91 3.21
C LEU C 749 -25.17 25.87 3.52
N SER C 750 -24.84 27.03 4.06
CA SER C 750 -25.85 28.04 4.31
C SER C 750 -26.42 28.56 3.02
N GLY C 751 -25.55 28.87 2.06
CA GLY C 751 -26.01 29.30 0.76
C GLY C 751 -26.71 28.19 0.03
N ILE C 752 -26.34 26.94 0.31
CA ILE C 752 -27.09 25.80 -0.20
C ILE C 752 -28.50 25.81 0.34
N ALA C 753 -28.63 26.00 1.65
CA ALA C 753 -29.92 26.11 2.29
C ALA C 753 -30.71 27.24 1.66
N ALA C 754 -30.05 28.39 1.53
CA ALA C 754 -30.65 29.58 0.98
C ALA C 754 -31.08 29.38 -0.45
N GLU C 755 -30.30 28.62 -1.21
CA GLU C 755 -30.68 28.34 -2.58
C GLU C 755 -31.83 27.37 -2.64
N GLN C 756 -31.95 26.47 -1.70
CA GLN C 756 -33.12 25.62 -1.75
C GLN C 756 -34.37 26.39 -1.38
N ASP C 757 -34.23 27.36 -0.50
CA ASP C 757 -35.37 28.20 -0.17
C ASP C 757 -35.70 29.08 -1.35
N ARG C 758 -34.66 29.53 -2.03
CA ARG C 758 -34.83 30.20 -3.31
C ARG C 758 -35.57 29.32 -4.27
N ASN C 759 -35.18 28.06 -4.35
CA ASN C 759 -35.86 27.09 -5.20
C ASN C 759 -37.30 26.93 -4.77
N THR C 760 -37.53 27.05 -3.49
CA THR C 760 -38.87 26.87 -2.99
C THR C 760 -39.73 28.04 -3.40
N ARG C 761 -39.17 29.23 -3.41
CA ARG C 761 -39.84 30.37 -4.03
C ARG C 761 -39.95 30.18 -5.54
N GLU C 762 -38.90 29.68 -6.16
CA GLU C 762 -38.72 29.71 -7.60
C GLU C 762 -39.65 28.74 -8.28
N VAL C 763 -39.75 27.54 -7.73
CA VAL C 763 -40.69 26.57 -8.26
C VAL C 763 -42.09 26.99 -7.91
N PHE C 764 -42.40 27.03 -6.63
CA PHE C 764 -43.76 27.21 -6.13
C PHE C 764 -44.27 28.62 -6.30
N ALA C 765 -43.64 29.58 -5.63
CA ALA C 765 -44.22 30.90 -5.40
C ALA C 765 -44.16 31.71 -6.69
N GLN C 766 -45.05 31.37 -7.60
CA GLN C 766 -45.25 32.16 -8.78
C GLN C 766 -46.53 32.97 -8.69
N VAL C 767 -47.34 32.70 -7.68
CA VAL C 767 -48.73 33.14 -7.67
C VAL C 767 -48.79 34.59 -7.27
N LYS C 768 -49.43 35.40 -8.11
CA LYS C 768 -49.73 36.77 -7.71
C LYS C 768 -50.73 36.78 -6.55
N GLN C 769 -51.92 36.32 -6.80
CA GLN C 769 -53.03 36.43 -5.86
C GLN C 769 -53.46 35.03 -5.47
N MET C 770 -53.25 34.67 -4.21
CA MET C 770 -53.77 33.41 -3.69
C MET C 770 -55.29 33.43 -3.75
N TYR C 771 -55.86 32.41 -4.32
CA TYR C 771 -57.30 32.40 -4.50
C TYR C 771 -57.98 31.77 -3.30
N LYS C 772 -59.27 31.52 -3.48
CA LYS C 772 -60.06 30.80 -2.50
C LYS C 772 -60.37 29.42 -3.04
N THR C 773 -60.34 28.41 -2.16
CA THR C 773 -60.91 27.12 -2.47
C THR C 773 -62.41 27.27 -2.66
N PRO C 774 -62.93 27.17 -3.89
CA PRO C 774 -64.35 27.48 -4.11
C PRO C 774 -65.28 26.42 -3.59
N THR C 775 -64.77 25.22 -3.34
CA THR C 775 -65.46 24.10 -2.70
C THR C 775 -66.71 23.64 -3.43
N LEU C 776 -66.94 24.11 -4.66
CA LEU C 776 -67.93 23.45 -5.48
C LEU C 776 -67.43 22.07 -5.85
N LYS C 777 -66.21 22.02 -6.42
CA LYS C 777 -65.42 20.80 -6.59
C LYS C 777 -66.13 19.77 -7.45
N TYR C 778 -67.02 20.24 -8.33
CA TYR C 778 -67.86 19.35 -9.13
C TYR C 778 -68.44 20.19 -10.25
N PHE C 779 -68.02 19.94 -11.49
CA PHE C 779 -68.41 20.81 -12.60
C PHE C 779 -68.82 19.93 -13.76
N GLY C 780 -70.07 19.48 -13.76
CA GLY C 780 -70.43 18.44 -14.69
C GLY C 780 -69.74 17.12 -14.42
N GLY C 781 -69.34 16.86 -13.17
CA GLY C 781 -68.66 15.64 -12.81
C GLY C 781 -67.18 15.78 -12.55
N PHE C 782 -66.56 16.91 -12.88
CA PHE C 782 -65.10 16.98 -13.04
C PHE C 782 -64.48 17.18 -11.67
N ASN C 783 -64.65 16.21 -10.79
CA ASN C 783 -64.51 16.51 -9.38
C ASN C 783 -63.06 16.44 -8.90
N PHE C 784 -62.64 17.53 -8.23
CA PHE C 784 -61.40 17.61 -7.50
C PHE C 784 -61.55 17.12 -6.08
N SER C 785 -62.49 16.21 -5.87
CA SER C 785 -62.51 15.47 -4.63
C SER C 785 -61.17 14.80 -4.44
N GLN C 786 -60.67 14.88 -3.20
CA GLN C 786 -59.38 14.41 -2.70
C GLN C 786 -58.22 15.25 -3.20
N ILE C 787 -58.48 16.20 -4.11
CA ILE C 787 -57.44 16.94 -4.80
C ILE C 787 -57.23 18.30 -4.17
N LEU C 788 -58.26 19.02 -4.00
CA LEU C 788 -58.27 20.24 -3.21
C LEU C 788 -58.39 19.87 -1.74
N PRO C 789 -57.79 20.62 -0.83
CA PRO C 789 -58.03 20.39 0.59
C PRO C 789 -59.48 20.67 0.97
N ASP C 790 -60.07 19.76 1.72
CA ASP C 790 -61.51 19.77 1.89
C ASP C 790 -61.92 20.40 3.22
N PRO C 791 -63.09 21.06 3.24
CA PRO C 791 -63.50 21.78 4.45
C PRO C 791 -63.81 20.86 5.60
N LEU C 792 -64.33 19.67 5.30
CA LEU C 792 -64.81 18.78 6.35
C LEU C 792 -63.67 18.22 7.17
N LYS C 793 -62.60 17.81 6.50
CA LYS C 793 -61.40 17.46 7.22
C LYS C 793 -60.79 18.74 7.80
N PRO C 794 -60.18 18.65 8.98
CA PRO C 794 -59.56 19.84 9.55
C PRO C 794 -58.30 20.26 8.79
N THR C 795 -57.62 19.32 8.17
CA THR C 795 -56.34 19.58 7.54
C THR C 795 -56.53 20.35 6.24
N LYS C 796 -55.62 21.29 6.00
CA LYS C 796 -55.55 21.96 4.71
C LYS C 796 -54.59 21.26 3.76
N ARG C 797 -54.33 19.99 3.98
CA ARG C 797 -53.57 19.19 3.04
C ARG C 797 -54.51 18.19 2.40
N SER C 798 -54.54 18.18 1.08
CA SER C 798 -55.54 17.32 0.46
C SER C 798 -55.06 15.88 0.45
N PHE C 799 -55.98 15.02 0.06
CA PHE C 799 -55.95 13.61 0.39
C PHE C 799 -54.81 12.88 -0.30
N ILE C 800 -54.53 13.26 -1.54
CA ILE C 800 -53.53 12.55 -2.31
C ILE C 800 -52.15 12.85 -1.77
N GLU C 801 -51.96 14.09 -1.34
CA GLU C 801 -50.75 14.49 -0.65
C GLU C 801 -50.55 13.67 0.60
N ASP C 802 -51.65 13.30 1.25
CA ASP C 802 -51.55 12.58 2.50
C ASP C 802 -51.22 11.12 2.26
N LEU C 803 -51.72 10.57 1.14
CA LEU C 803 -51.15 9.33 0.62
C LEU C 803 -49.65 9.44 0.43
N LEU C 804 -49.21 10.58 -0.12
CA LEU C 804 -47.78 10.74 -0.39
C LEU C 804 -46.99 10.84 0.92
N PHE C 805 -47.58 11.47 1.92
CA PHE C 805 -46.93 11.66 3.21
C PHE C 805 -46.77 10.33 3.91
N ASN C 806 -47.80 9.51 3.89
CA ASN C 806 -47.68 8.20 4.50
C ASN C 806 -46.88 7.25 3.64
N LYS C 807 -46.79 7.51 2.34
CA LYS C 807 -46.09 6.63 1.42
C LYS C 807 -44.59 6.62 1.70
N VAL C 808 -44.04 7.77 2.02
CA VAL C 808 -42.59 7.88 2.14
C VAL C 808 -42.20 7.72 3.60
N THR C 809 -41.16 6.95 3.85
CA THR C 809 -40.60 6.81 5.17
C THR C 809 -39.58 7.90 5.45
N LEU C 810 -39.16 7.97 6.70
CA LEU C 810 -38.08 8.85 7.13
C LEU C 810 -37.19 8.09 8.10
N ALA C 811 -35.96 8.58 8.26
CA ALA C 811 -35.05 8.02 9.23
C ALA C 811 -34.01 9.05 9.69
N ILE C 832 -39.53 21.13 22.38
CA ILE C 832 -38.93 19.87 21.99
C ILE C 832 -38.38 19.97 20.57
N CYS C 833 -37.35 19.16 20.26
CA CYS C 833 -36.59 19.31 19.03
C CYS C 833 -35.94 17.99 18.63
N ALA C 834 -35.11 18.07 17.60
CA ALA C 834 -34.02 17.13 17.41
C ALA C 834 -32.77 17.65 18.10
N GLN C 835 -31.99 16.74 18.69
CA GLN C 835 -30.83 17.13 19.48
C GLN C 835 -29.83 15.98 19.51
N LYS C 836 -28.74 16.12 18.75
CA LYS C 836 -27.72 15.11 18.61
C LYS C 836 -26.35 15.76 18.62
N PHE C 837 -25.43 15.23 19.45
CA PHE C 837 -24.08 15.75 19.57
C PHE C 837 -23.18 15.30 18.44
N ASN C 838 -23.77 14.78 17.37
CA ASN C 838 -23.28 15.04 16.03
C ASN C 838 -22.86 16.50 15.89
N GLY C 839 -23.74 17.42 16.25
CA GLY C 839 -23.61 18.81 15.87
C GLY C 839 -24.26 19.11 14.56
N LEU C 840 -24.65 18.07 13.83
CA LEU C 840 -25.48 18.22 12.67
C LEU C 840 -26.84 18.72 13.09
N THR C 841 -27.54 19.27 12.14
CA THR C 841 -28.95 19.54 12.35
C THR C 841 -29.63 19.56 11.01
N VAL C 842 -30.93 19.29 11.06
CA VAL C 842 -31.84 19.62 9.98
C VAL C 842 -32.47 20.95 10.36
N LEU C 843 -32.00 22.00 9.74
CA LEU C 843 -32.64 23.28 9.92
C LEU C 843 -34.02 23.24 9.28
N PRO C 844 -35.00 23.98 9.81
CA PRO C 844 -36.36 23.77 9.38
C PRO C 844 -36.56 24.34 7.99
N PRO C 845 -37.51 23.80 7.23
CA PRO C 845 -37.83 24.38 5.93
C PRO C 845 -38.42 25.75 6.11
N LEU C 846 -37.95 26.69 5.30
CA LEU C 846 -38.44 28.05 5.41
C LEU C 846 -39.89 28.13 5.01
N LEU C 847 -40.19 27.80 3.76
CA LEU C 847 -41.52 28.00 3.24
C LEU C 847 -42.44 27.04 3.96
N THR C 848 -43.49 27.59 4.55
CA THR C 848 -44.24 26.89 5.56
C THR C 848 -44.95 25.71 4.95
N ASP C 849 -44.81 24.58 5.62
CA ASP C 849 -45.14 23.29 5.05
C ASP C 849 -46.61 23.18 4.71
N ASP C 850 -47.44 23.63 5.63
CA ASP C 850 -48.86 23.73 5.34
C ASP C 850 -49.13 24.82 4.32
N MET C 851 -48.32 25.88 4.31
CA MET C 851 -48.53 26.90 3.30
C MET C 851 -47.91 26.51 1.98
N ILE C 852 -46.92 25.62 2.00
CA ILE C 852 -46.53 24.94 0.77
C ILE C 852 -47.74 24.23 0.21
N ALA C 853 -48.46 23.52 1.08
CA ALA C 853 -49.70 22.88 0.66
C ALA C 853 -50.73 23.93 0.23
N ALA C 854 -50.71 25.09 0.86
CA ALA C 854 -51.68 26.11 0.48
C ALA C 854 -51.31 26.72 -0.85
N TYR C 855 -50.03 26.78 -1.14
CA TYR C 855 -49.56 27.19 -2.44
C TYR C 855 -50.00 26.22 -3.49
N THR C 856 -49.91 24.92 -3.18
CA THR C 856 -50.43 23.91 -4.09
C THR C 856 -51.91 24.09 -4.31
N ALA C 857 -52.63 24.39 -3.24
CA ALA C 857 -54.06 24.64 -3.34
C ALA C 857 -54.34 25.86 -4.20
N ALA C 858 -53.53 26.89 -4.05
CA ALA C 858 -53.69 28.11 -4.81
C ALA C 858 -53.47 27.84 -6.28
N LEU C 859 -52.44 27.06 -6.57
CA LEU C 859 -52.12 26.71 -7.93
C LEU C 859 -53.21 25.87 -8.55
N VAL C 860 -53.67 24.84 -7.84
CA VAL C 860 -54.67 23.94 -8.39
C VAL C 860 -55.99 24.67 -8.56
N SER C 861 -56.31 25.55 -7.64
CA SER C 861 -57.53 26.34 -7.72
C SER C 861 -57.50 27.25 -8.93
N GLY C 862 -56.49 28.12 -8.99
CA GLY C 862 -56.35 29.06 -10.09
C GLY C 862 -55.96 28.41 -11.39
N THR C 863 -55.63 27.13 -11.37
CA THR C 863 -55.51 26.31 -12.56
C THR C 863 -56.89 25.85 -13.01
N ALA C 864 -57.72 25.51 -12.04
CA ALA C 864 -59.10 25.16 -12.34
C ALA C 864 -59.96 26.40 -12.50
N THR C 865 -59.67 27.44 -11.75
CA THR C 865 -60.40 28.68 -11.87
C THR C 865 -59.56 29.70 -12.62
N ALA C 866 -60.01 30.96 -12.60
CA ALA C 866 -59.28 32.14 -13.07
C ALA C 866 -59.04 32.14 -14.58
N GLY C 867 -59.65 31.24 -15.30
CA GLY C 867 -59.35 31.12 -16.69
C GLY C 867 -57.94 30.61 -16.95
N TRP C 868 -57.56 30.73 -18.21
CA TRP C 868 -56.25 30.30 -18.66
C TRP C 868 -55.16 31.27 -18.25
N THR C 869 -55.31 32.55 -18.58
CA THR C 869 -54.25 33.52 -18.32
C THR C 869 -54.16 33.77 -16.83
N PHE C 870 -53.44 32.90 -16.14
CA PHE C 870 -52.78 33.29 -14.92
C PHE C 870 -51.39 33.67 -15.39
N GLY C 871 -50.70 34.56 -14.68
CA GLY C 871 -49.45 35.02 -15.24
C GLY C 871 -49.46 36.53 -15.42
N ALA C 872 -49.51 36.98 -16.67
CA ALA C 872 -49.59 38.42 -16.96
C ALA C 872 -51.00 38.91 -16.64
N GLY C 873 -51.31 39.00 -15.35
CA GLY C 873 -52.64 39.19 -14.82
C GLY C 873 -53.00 38.01 -13.94
N ALA C 874 -54.24 37.99 -13.44
CA ALA C 874 -54.63 36.99 -12.46
C ALA C 874 -55.75 36.09 -12.95
N ALA C 875 -56.85 36.65 -13.45
CA ALA C 875 -58.06 35.84 -13.57
C ALA C 875 -58.80 36.20 -14.84
N LEU C 876 -59.63 35.26 -15.28
CA LEU C 876 -60.46 35.44 -16.47
C LEU C 876 -61.94 35.13 -16.27
N GLN C 877 -62.32 34.48 -15.18
CA GLN C 877 -63.70 34.09 -14.84
C GLN C 877 -64.27 33.14 -15.90
N ILE C 878 -63.66 31.97 -15.97
CA ILE C 878 -63.96 30.95 -16.96
C ILE C 878 -64.35 29.67 -16.24
N PRO C 879 -65.47 29.00 -16.63
CA PRO C 879 -66.05 27.93 -15.80
C PRO C 879 -65.44 26.54 -15.84
N PHE C 880 -64.21 26.41 -16.32
CA PHE C 880 -63.32 25.24 -16.27
C PHE C 880 -63.74 24.13 -17.23
N ALA C 881 -64.92 24.20 -17.82
CA ALA C 881 -65.20 23.39 -19.00
C ALA C 881 -64.76 24.15 -20.24
N MET C 882 -65.07 25.45 -20.26
CA MET C 882 -64.52 26.32 -21.28
C MET C 882 -63.00 26.40 -21.18
N GLN C 883 -62.41 26.15 -20.00
CA GLN C 883 -60.95 26.12 -19.88
C GLN C 883 -60.35 24.95 -20.64
N MET C 884 -60.95 23.77 -20.55
CA MET C 884 -60.43 22.69 -21.38
C MET C 884 -60.79 22.84 -22.85
N ALA C 885 -61.88 23.53 -23.18
CA ALA C 885 -62.13 23.81 -24.60
C ALA C 885 -61.06 24.73 -25.16
N TYR C 886 -60.60 25.65 -24.35
CA TYR C 886 -59.43 26.45 -24.71
C TYR C 886 -58.16 25.61 -24.69
N ARG C 887 -58.09 24.58 -23.84
CA ARG C 887 -57.01 23.59 -23.94
C ARG C 887 -57.20 22.65 -25.11
N PHE C 888 -58.43 22.52 -25.62
CA PHE C 888 -58.70 21.83 -26.87
C PHE C 888 -58.37 22.67 -28.10
N ASN C 889 -57.62 23.74 -27.92
CA ASN C 889 -56.90 24.38 -28.99
C ASN C 889 -55.45 23.99 -29.02
N GLY C 890 -54.76 24.00 -27.87
CA GLY C 890 -53.32 23.85 -27.81
C GLY C 890 -52.87 22.41 -27.78
N ILE C 891 -53.73 21.56 -28.31
CA ILE C 891 -53.38 20.20 -28.67
C ILE C 891 -53.66 19.90 -30.14
N GLY C 892 -54.61 20.59 -30.76
CA GLY C 892 -54.93 20.40 -32.15
C GLY C 892 -56.29 19.81 -32.44
N VAL C 893 -57.32 20.16 -31.67
CA VAL C 893 -58.64 19.57 -31.85
C VAL C 893 -59.73 20.65 -31.83
N THR C 894 -60.99 20.22 -31.81
CA THR C 894 -62.14 21.12 -31.82
C THR C 894 -62.77 21.30 -30.45
N GLN C 895 -63.68 22.28 -30.38
CA GLN C 895 -64.55 22.41 -29.22
C GLN C 895 -65.54 21.27 -29.14
N ASN C 896 -65.89 20.68 -30.28
CA ASN C 896 -66.79 19.52 -30.33
C ASN C 896 -66.23 18.30 -29.63
N VAL C 897 -64.96 18.27 -29.25
CA VAL C 897 -64.45 17.11 -28.52
C VAL C 897 -65.10 17.02 -27.16
N LEU C 898 -65.08 18.13 -26.43
CA LEU C 898 -65.45 18.08 -25.02
C LEU C 898 -66.94 17.89 -24.85
N TYR C 899 -67.71 18.68 -25.56
CA TYR C 899 -69.10 18.83 -25.21
C TYR C 899 -69.97 17.78 -25.87
N GLU C 900 -69.49 17.18 -26.95
CA GLU C 900 -70.12 15.97 -27.45
C GLU C 900 -69.83 14.77 -26.56
N ASN C 901 -68.81 14.85 -25.72
CA ASN C 901 -68.43 13.75 -24.85
C ASN C 901 -68.36 14.24 -23.41
N GLN C 902 -69.44 14.92 -22.98
CA GLN C 902 -69.51 15.61 -21.70
C GLN C 902 -69.24 14.66 -20.54
N LYS C 903 -70.18 13.73 -20.32
CA LYS C 903 -70.07 12.79 -19.22
C LYS C 903 -69.01 11.74 -19.48
N GLN C 904 -68.65 11.53 -20.74
CA GLN C 904 -67.70 10.49 -21.06
C GLN C 904 -66.28 10.93 -20.69
N ILE C 905 -65.89 12.14 -21.12
CA ILE C 905 -64.61 12.68 -20.72
C ILE C 905 -64.59 12.95 -19.23
N ALA C 906 -65.76 13.33 -18.69
CA ALA C 906 -65.93 13.40 -17.24
C ALA C 906 -65.52 12.10 -16.57
N ASN C 907 -66.13 10.99 -16.97
CA ASN C 907 -65.90 9.74 -16.26
C ASN C 907 -64.54 9.18 -16.55
N GLN C 908 -64.00 9.41 -17.75
CA GLN C 908 -62.61 9.07 -18.01
C GLN C 908 -61.70 9.82 -17.07
N PHE C 909 -61.97 11.10 -16.89
CA PHE C 909 -61.19 11.95 -16.04
C PHE C 909 -61.29 11.52 -14.60
N ASN C 910 -62.49 11.12 -14.20
CA ASN C 910 -62.72 10.87 -12.78
C ASN C 910 -62.27 9.48 -12.39
N LYS C 911 -62.60 8.49 -13.22
CA LYS C 911 -62.01 7.16 -13.07
C LYS C 911 -60.50 7.22 -13.18
N ALA C 912 -59.97 8.13 -14.00
CA ALA C 912 -58.54 8.26 -14.13
C ALA C 912 -57.92 8.71 -12.83
N ILE C 913 -58.51 9.74 -12.21
CA ILE C 913 -58.03 10.21 -10.92
C ILE C 913 -58.22 9.13 -9.86
N SER C 914 -59.30 8.37 -9.98
CA SER C 914 -59.53 7.24 -9.10
C SER C 914 -58.41 6.22 -9.26
N GLN C 915 -57.98 5.99 -10.48
CA GLN C 915 -56.92 5.05 -10.72
C GLN C 915 -55.59 5.59 -10.27
N ILE C 916 -55.47 6.91 -10.24
CA ILE C 916 -54.29 7.51 -9.63
C ILE C 916 -54.27 7.21 -8.15
N GLN C 917 -55.44 7.27 -7.52
CA GLN C 917 -55.55 6.85 -6.13
C GLN C 917 -55.19 5.40 -5.97
N GLU C 918 -55.65 4.56 -6.90
CA GLU C 918 -55.38 3.12 -6.85
C GLU C 918 -53.89 2.86 -6.93
N SER C 919 -53.30 3.28 -8.04
CA SER C 919 -51.89 3.17 -8.34
C SER C 919 -51.01 4.02 -7.45
N LEU C 920 -51.57 4.80 -6.53
CA LEU C 920 -50.74 5.39 -5.49
C LEU C 920 -50.94 4.75 -4.13
N THR C 921 -52.09 4.12 -3.87
CA THR C 921 -52.40 3.65 -2.51
C THR C 921 -51.51 2.50 -2.07
N THR C 922 -51.65 1.37 -2.72
CA THR C 922 -50.94 0.18 -2.29
C THR C 922 -49.49 0.20 -2.73
N THR C 923 -49.15 1.11 -3.61
CA THR C 923 -48.08 0.91 -4.57
C THR C 923 -46.76 1.44 -4.03
N SER C 924 -45.82 1.65 -4.96
CA SER C 924 -44.42 1.41 -4.75
C SER C 924 -43.58 2.37 -5.57
N THR C 925 -42.39 1.91 -5.93
CA THR C 925 -41.26 2.65 -6.49
C THR C 925 -41.54 3.59 -7.66
N ALA C 926 -42.73 3.60 -8.28
CA ALA C 926 -43.02 4.64 -9.26
C ALA C 926 -43.41 5.96 -8.61
N LEU C 927 -42.66 6.32 -7.58
CA LEU C 927 -42.57 7.58 -6.90
C LEU C 927 -41.13 7.75 -6.45
N GLY C 928 -40.19 7.24 -7.24
CA GLY C 928 -38.88 6.91 -6.73
C GLY C 928 -38.02 8.06 -6.30
N LYS C 929 -37.74 9.00 -7.21
CA LYS C 929 -36.57 9.89 -7.15
C LYS C 929 -36.53 10.68 -5.86
N LEU C 930 -37.69 11.06 -5.35
CA LEU C 930 -37.81 11.77 -4.08
C LEU C 930 -37.25 10.95 -2.95
N GLN C 931 -37.81 9.74 -2.79
CA GLN C 931 -37.34 8.76 -1.82
C GLN C 931 -35.88 8.47 -2.02
N ASP C 932 -35.44 8.44 -3.26
CA ASP C 932 -34.07 8.09 -3.55
C ASP C 932 -33.13 9.15 -3.05
N VAL C 933 -33.48 10.42 -3.29
CA VAL C 933 -32.68 11.53 -2.80
C VAL C 933 -32.69 11.55 -1.29
N VAL C 934 -33.84 11.21 -0.69
CA VAL C 934 -33.93 11.00 0.74
C VAL C 934 -32.92 9.96 1.18
N ASN C 935 -32.82 8.88 0.42
CA ASN C 935 -31.92 7.81 0.78
C ASN C 935 -30.47 8.22 0.57
N GLN C 936 -30.24 9.08 -0.41
CA GLN C 936 -28.91 9.60 -0.64
C GLN C 936 -28.47 10.44 0.54
N ASN C 937 -29.40 11.27 1.02
CA ASN C 937 -29.15 12.07 2.22
C ASN C 937 -28.89 11.17 3.40
N ALA C 938 -29.69 10.12 3.51
CA ALA C 938 -29.59 9.17 4.59
C ALA C 938 -28.24 8.48 4.57
N GLN C 939 -27.82 8.01 3.41
CA GLN C 939 -26.62 7.19 3.34
C GLN C 939 -25.38 8.03 3.48
N ALA C 940 -25.33 9.19 2.82
CA ALA C 940 -24.19 10.06 2.98
C ALA C 940 -24.13 10.62 4.38
N LEU C 941 -25.29 10.88 4.94
CA LEU C 941 -25.33 11.53 6.21
C LEU C 941 -24.99 10.55 7.31
N ASN C 942 -25.56 9.36 7.24
CA ASN C 942 -25.19 8.27 8.12
C ASN C 942 -23.76 7.84 7.89
N THR C 943 -23.26 8.00 6.67
CA THR C 943 -21.89 7.67 6.39
C THR C 943 -20.96 8.63 7.09
N LEU C 944 -21.32 9.91 7.06
CA LEU C 944 -20.61 10.94 7.81
C LEU C 944 -20.62 10.62 9.30
N VAL C 945 -21.75 10.12 9.78
CA VAL C 945 -21.86 9.67 11.15
C VAL C 945 -20.90 8.52 11.41
N LYS C 946 -20.83 7.59 10.47
CA LYS C 946 -19.94 6.47 10.66
C LYS C 946 -18.49 6.90 10.52
N GLN C 947 -18.26 8.02 9.85
CA GLN C 947 -16.93 8.57 9.81
C GLN C 947 -16.53 9.10 11.15
N LEU C 948 -17.50 9.64 11.89
CA LEU C 948 -17.23 9.89 13.30
C LEU C 948 -16.93 8.60 14.02
N SER C 949 -17.59 7.52 13.63
CA SER C 949 -17.26 6.26 14.26
C SER C 949 -15.93 5.71 13.77
N SER C 950 -15.44 6.21 12.64
CA SER C 950 -14.24 5.65 12.07
C SER C 950 -13.01 6.08 12.85
N ASN C 951 -11.95 5.28 12.75
CA ASN C 951 -10.64 5.76 13.14
C ASN C 951 -9.86 6.14 11.90
N PHE C 952 -8.93 7.04 12.11
CA PHE C 952 -8.13 7.61 11.05
C PHE C 952 -6.69 7.47 11.38
N GLY C 953 -6.30 6.25 11.72
CA GLY C 953 -4.94 6.00 12.12
C GLY C 953 -4.60 6.51 13.49
N ALA C 954 -5.58 6.96 14.25
CA ALA C 954 -5.32 7.38 15.61
C ALA C 954 -5.49 6.19 16.51
N ILE C 955 -5.15 6.36 17.79
CA ILE C 955 -5.43 5.32 18.77
C ILE C 955 -6.93 5.11 18.86
N SER C 956 -7.66 6.18 18.91
CA SER C 956 -9.09 6.11 19.11
C SER C 956 -9.81 6.47 17.82
N SER C 957 -11.00 5.89 17.67
CA SER C 957 -11.91 6.27 16.61
C SER C 957 -12.87 7.37 17.04
N VAL C 958 -12.74 7.85 18.28
CA VAL C 958 -13.63 8.87 18.81
C VAL C 958 -12.87 9.62 19.88
N LEU C 959 -13.30 10.84 20.16
CA LEU C 959 -12.56 11.72 21.03
C LEU C 959 -12.61 11.25 22.48
N ASN C 960 -11.76 11.89 23.29
CA ASN C 960 -11.74 11.92 24.74
C ASN C 960 -11.29 10.61 25.37
N ASP C 961 -11.24 9.54 24.59
CA ASP C 961 -10.37 8.41 24.88
C ASP C 961 -8.94 8.88 24.80
N ILE C 962 -8.68 9.69 23.78
CA ILE C 962 -7.41 10.37 23.66
C ILE C 962 -7.22 11.37 24.78
N LEU C 963 -8.28 12.05 25.19
CA LEU C 963 -8.15 12.99 26.28
C LEU C 963 -8.35 12.33 27.62
N SER C 964 -8.23 11.01 27.66
CA SER C 964 -8.20 10.28 28.90
C SER C 964 -6.82 9.86 29.31
N ARG C 965 -5.84 9.86 28.40
CA ARG C 965 -4.54 9.30 28.74
C ARG C 965 -3.41 10.27 28.47
N LEU C 966 -3.63 11.29 27.64
CA LEU C 966 -2.58 11.94 26.87
C LEU C 966 -1.65 12.75 27.76
N ASP C 967 -0.53 13.15 27.16
CA ASP C 967 0.42 14.03 27.83
C ASP C 967 0.70 15.31 27.05
N LYS C 968 0.95 15.21 25.76
CA LYS C 968 1.84 16.15 25.07
C LYS C 968 1.44 16.15 23.59
N VAL C 969 2.22 16.84 22.77
CA VAL C 969 2.27 16.87 21.30
C VAL C 969 2.12 15.48 20.70
N GLU C 970 2.74 14.51 21.37
CA GLU C 970 2.58 13.07 21.19
C GLU C 970 1.17 12.64 20.75
N ALA C 971 0.14 13.08 21.48
CA ALA C 971 -1.22 12.71 21.11
C ALA C 971 -1.81 13.72 20.14
N GLU C 972 -1.26 14.92 20.14
CA GLU C 972 -1.81 15.99 19.35
C GLU C 972 -1.59 15.76 17.87
N VAL C 973 -0.60 14.93 17.54
CA VAL C 973 -0.44 14.40 16.18
C VAL C 973 -1.67 13.60 15.77
N GLN C 974 -2.11 12.68 16.64
CA GLN C 974 -3.25 11.85 16.30
C GLN C 974 -4.51 12.69 16.27
N ILE C 975 -4.54 13.72 17.10
CA ILE C 975 -5.59 14.73 17.03
C ILE C 975 -5.60 15.37 15.66
N ASP C 976 -4.41 15.65 15.11
CA ASP C 976 -4.33 16.22 13.77
C ASP C 976 -4.80 15.25 12.72
N ARG C 977 -4.53 13.96 12.92
CA ARG C 977 -5.04 12.96 11.99
C ARG C 977 -6.55 12.92 12.01
N LEU C 978 -7.13 13.03 13.21
CA LEU C 978 -8.57 13.12 13.37
C LEU C 978 -9.13 14.30 12.61
N ILE C 979 -8.52 15.46 12.84
CA ILE C 979 -8.96 16.69 12.20
C ILE C 979 -8.83 16.57 10.70
N THR C 980 -7.73 15.98 10.25
CA THR C 980 -7.45 15.80 8.84
C THR C 980 -8.51 14.95 8.19
N GLY C 981 -8.75 13.78 8.77
CA GLY C 981 -9.65 12.85 8.15
C GLY C 981 -11.08 13.31 8.19
N ARG C 982 -11.54 13.77 9.35
CA ARG C 982 -12.88 14.31 9.46
C ARG C 982 -13.05 15.52 8.58
N LEU C 983 -11.97 16.28 8.43
CA LEU C 983 -11.99 17.48 7.62
C LEU C 983 -12.21 17.14 6.17
N GLN C 984 -11.45 16.15 5.68
CA GLN C 984 -11.61 15.75 4.29
C GLN C 984 -12.93 15.07 4.07
N SER C 985 -13.44 14.41 5.10
CA SER C 985 -14.71 13.72 4.99
C SER C 985 -15.83 14.71 4.82
N LEU C 986 -15.88 15.69 5.70
CA LEU C 986 -16.88 16.73 5.59
C LEU C 986 -16.67 17.56 4.35
N GLN C 987 -15.43 17.69 3.93
CA GLN C 987 -15.13 18.46 2.74
C GLN C 987 -15.68 17.75 1.51
N THR C 988 -15.49 16.44 1.47
CA THR C 988 -16.13 15.60 0.47
C THR C 988 -17.63 15.69 0.57
N TYR C 989 -18.13 15.73 1.79
CA TYR C 989 -19.56 15.79 2.01
C TYR C 989 -20.14 17.07 1.48
N VAL C 990 -19.51 18.18 1.82
CA VAL C 990 -19.88 19.50 1.34
C VAL C 990 -19.81 19.54 -0.16
N THR C 991 -18.77 18.93 -0.70
CA THR C 991 -18.56 18.95 -2.13
C THR C 991 -19.67 18.20 -2.84
N GLN C 992 -19.98 17.00 -2.36
CA GLN C 992 -21.01 16.20 -3.01
C GLN C 992 -22.38 16.79 -2.78
N GLN C 993 -22.64 17.34 -1.60
CA GLN C 993 -23.88 18.03 -1.35
C GLN C 993 -24.05 19.18 -2.29
N LEU C 994 -22.98 19.91 -2.52
CA LEU C 994 -23.03 21.02 -3.45
C LEU C 994 -23.26 20.52 -4.85
N ILE C 995 -22.75 19.34 -5.16
CA ILE C 995 -23.01 18.74 -6.46
C ILE C 995 -24.46 18.39 -6.58
N ARG C 996 -25.00 17.70 -5.57
CA ARG C 996 -26.42 17.39 -5.47
C ARG C 996 -27.24 18.66 -5.50
N ALA C 997 -26.69 19.73 -4.97
CA ALA C 997 -27.38 21.00 -4.96
C ALA C 997 -27.50 21.54 -6.36
N ALA C 998 -26.43 21.42 -7.14
CA ALA C 998 -26.50 21.86 -8.53
C ALA C 998 -27.46 20.99 -9.31
N GLU C 999 -27.46 19.70 -9.02
CA GLU C 999 -28.40 18.78 -9.66
C GLU C 999 -29.81 19.10 -9.27
N ILE C 1000 -30.00 19.37 -8.00
CA ILE C 1000 -31.33 19.48 -7.46
C ILE C 1000 -31.88 20.81 -7.86
N ARG C 1001 -31.02 21.79 -8.07
CA ARG C 1001 -31.53 23.05 -8.51
C ARG C 1001 -31.73 23.02 -10.00
N ALA C 1002 -30.99 22.19 -10.72
CA ALA C 1002 -31.26 22.04 -12.14
C ALA C 1002 -32.61 21.41 -12.35
N SER C 1003 -32.89 20.39 -11.56
CA SER C 1003 -34.21 19.79 -11.55
C SER C 1003 -35.24 20.77 -11.03
N ALA C 1004 -34.85 21.67 -10.15
CA ALA C 1004 -35.79 22.65 -9.68
C ALA C 1004 -36.06 23.69 -10.72
N ASN C 1005 -35.06 24.00 -11.52
CA ASN C 1005 -35.24 24.93 -12.61
C ASN C 1005 -36.17 24.30 -13.61
N LEU C 1006 -35.97 23.02 -13.86
CA LEU C 1006 -36.95 22.21 -14.57
C LEU C 1006 -38.31 22.26 -13.88
N ALA C 1007 -38.32 22.30 -12.57
CA ALA C 1007 -39.58 22.17 -11.87
C ALA C 1007 -40.38 23.45 -11.99
N ALA C 1008 -39.71 24.57 -11.80
CA ALA C 1008 -40.32 25.85 -12.06
C ALA C 1008 -40.70 25.95 -13.51
N THR C 1009 -39.91 25.34 -14.38
CA THR C 1009 -40.25 25.33 -15.79
C THR C 1009 -41.50 24.52 -16.03
N LYS C 1010 -41.72 23.50 -15.24
CA LYS C 1010 -42.92 22.70 -15.47
C LYS C 1010 -44.12 23.31 -14.76
N MET C 1011 -43.89 24.06 -13.69
CA MET C 1011 -45.04 24.70 -13.07
C MET C 1011 -45.47 25.90 -13.87
N SER C 1012 -44.51 26.60 -14.42
CA SER C 1012 -44.83 27.66 -15.35
C SER C 1012 -45.36 27.09 -16.64
N GLU C 1013 -44.53 26.38 -17.37
CA GLU C 1013 -44.81 25.98 -18.73
C GLU C 1013 -45.87 24.89 -18.79
N CYS C 1014 -45.65 23.78 -18.07
CA CYS C 1014 -46.55 22.63 -18.20
C CYS C 1014 -47.87 22.87 -17.49
N VAL C 1015 -47.85 23.54 -16.33
CA VAL C 1015 -49.08 23.63 -15.56
C VAL C 1015 -49.92 24.80 -16.02
N LEU C 1016 -49.35 26.00 -15.98
CA LEU C 1016 -50.09 27.17 -16.38
C LEU C 1016 -50.33 27.23 -17.87
N GLY C 1017 -49.42 26.68 -18.64
CA GLY C 1017 -49.59 26.71 -20.08
C GLY C 1017 -49.76 25.30 -20.60
N GLN C 1018 -49.93 25.17 -21.91
CA GLN C 1018 -50.19 23.87 -22.52
C GLN C 1018 -48.99 23.68 -23.44
N SER C 1019 -47.89 23.24 -22.85
CA SER C 1019 -46.56 23.46 -23.39
C SER C 1019 -46.32 22.58 -24.61
N LYS C 1020 -46.53 23.16 -25.79
CA LYS C 1020 -46.62 22.47 -27.07
C LYS C 1020 -45.35 21.74 -27.48
N ARG C 1021 -44.24 21.96 -26.77
CA ARG C 1021 -43.03 21.18 -27.00
C ARG C 1021 -43.28 19.72 -26.69
N VAL C 1022 -42.94 18.89 -27.66
CA VAL C 1022 -43.53 17.57 -27.80
C VAL C 1022 -42.92 16.62 -26.79
N ASP C 1023 -43.77 16.08 -25.91
CA ASP C 1023 -43.35 15.23 -24.79
C ASP C 1023 -42.27 15.90 -23.93
N PHE C 1024 -42.61 17.03 -23.35
CA PHE C 1024 -41.76 17.59 -22.32
C PHE C 1024 -42.21 17.17 -20.94
N CYS C 1025 -43.51 17.29 -20.67
CA CYS C 1025 -43.99 17.04 -19.32
C CYS C 1025 -44.30 15.57 -19.11
N GLY C 1026 -45.33 15.09 -19.80
CA GLY C 1026 -45.83 13.75 -19.58
C GLY C 1026 -45.47 12.80 -20.68
N LYS C 1027 -46.46 12.10 -21.22
CA LYS C 1027 -46.21 11.22 -22.34
C LYS C 1027 -47.19 11.42 -23.49
N GLY C 1028 -47.99 12.47 -23.45
CA GLY C 1028 -48.90 12.72 -24.55
C GLY C 1028 -48.68 14.09 -25.15
N TYR C 1029 -49.76 14.82 -25.31
CA TYR C 1029 -49.71 16.17 -25.84
C TYR C 1029 -50.04 17.19 -24.76
N HIS C 1030 -50.11 16.74 -23.52
CA HIS C 1030 -50.12 17.54 -22.30
C HIS C 1030 -51.27 18.54 -22.26
N LEU C 1031 -52.49 18.03 -22.14
CA LEU C 1031 -53.67 18.88 -22.10
C LEU C 1031 -53.63 19.78 -20.88
N MET C 1032 -53.52 19.17 -19.70
CA MET C 1032 -53.62 19.90 -18.44
C MET C 1032 -52.52 19.44 -17.50
N SER C 1033 -52.26 20.22 -16.46
CA SER C 1033 -51.44 19.67 -15.40
C SER C 1033 -51.80 20.25 -14.05
N PHE C 1034 -51.64 19.43 -13.02
CA PHE C 1034 -51.94 19.76 -11.63
C PHE C 1034 -50.71 19.41 -10.81
N PRO C 1035 -50.29 20.20 -9.85
CA PRO C 1035 -49.22 19.77 -8.96
C PRO C 1035 -49.79 19.20 -7.69
N GLN C 1036 -48.89 18.63 -6.92
CA GLN C 1036 -49.11 18.28 -5.53
C GLN C 1036 -47.78 18.45 -4.82
N ALA C 1037 -47.87 18.68 -3.53
CA ALA C 1037 -46.68 18.77 -2.71
C ALA C 1037 -46.03 17.41 -2.60
N ALA C 1038 -44.82 17.42 -2.08
CA ALA C 1038 -44.09 16.20 -1.77
C ALA C 1038 -43.05 16.58 -0.75
N PRO C 1039 -42.82 15.73 0.24
CA PRO C 1039 -41.77 16.00 1.24
C PRO C 1039 -40.44 16.09 0.53
N HIS C 1040 -39.85 17.28 0.58
CA HIS C 1040 -38.62 17.68 -0.10
C HIS C 1040 -38.79 17.79 -1.61
N GLY C 1041 -39.91 17.38 -2.17
CA GLY C 1041 -39.99 17.25 -3.59
C GLY C 1041 -41.17 17.96 -4.10
N VAL C 1042 -41.60 17.57 -5.29
CA VAL C 1042 -42.87 18.01 -5.84
C VAL C 1042 -43.35 16.96 -6.84
N VAL C 1043 -44.65 16.74 -6.87
CA VAL C 1043 -45.24 15.73 -7.72
C VAL C 1043 -46.10 16.39 -8.75
N PHE C 1044 -45.67 16.36 -9.97
CA PHE C 1044 -46.47 16.90 -11.06
C PHE C 1044 -47.35 15.80 -11.60
N LEU C 1045 -48.53 16.17 -12.07
CA LEU C 1045 -49.51 15.16 -12.47
C LEU C 1045 -50.15 15.67 -13.75
N HIS C 1046 -50.37 14.79 -14.71
CA HIS C 1046 -50.52 15.29 -16.06
C HIS C 1046 -51.70 14.66 -16.75
N VAL C 1047 -52.55 15.53 -17.28
CA VAL C 1047 -53.53 15.14 -18.28
C VAL C 1047 -52.83 15.21 -19.62
N THR C 1048 -52.27 14.10 -20.03
CA THR C 1048 -51.72 13.90 -21.35
C THR C 1048 -52.82 13.35 -22.22
N TYR C 1049 -52.46 12.84 -23.38
CA TYR C 1049 -53.44 12.47 -24.38
C TYR C 1049 -52.85 11.35 -25.22
N VAL C 1050 -53.53 10.22 -25.25
CA VAL C 1050 -53.02 9.07 -25.98
C VAL C 1050 -54.07 8.65 -27.01
N PRO C 1051 -53.91 9.06 -28.27
CA PRO C 1051 -54.93 8.80 -29.30
C PRO C 1051 -54.85 7.35 -29.75
N SER C 1052 -55.75 6.52 -29.24
CA SER C 1052 -55.58 5.10 -29.50
C SER C 1052 -56.90 4.46 -29.96
N GLN C 1053 -57.18 4.64 -31.24
CA GLN C 1053 -57.83 3.65 -32.09
C GLN C 1053 -57.11 3.72 -33.43
N GLU C 1054 -57.38 2.77 -34.31
CA GLU C 1054 -56.71 2.75 -35.61
C GLU C 1054 -57.67 2.18 -36.65
N ARG C 1055 -57.85 2.93 -37.72
CA ARG C 1055 -58.66 2.58 -38.87
C ARG C 1055 -57.78 2.18 -40.05
N ASN C 1056 -58.38 2.16 -41.24
CA ASN C 1056 -57.64 2.30 -42.48
C ASN C 1056 -58.44 3.22 -43.39
N PHE C 1057 -57.87 4.36 -43.74
CA PHE C 1057 -58.47 5.27 -44.70
C PHE C 1057 -57.43 5.65 -45.75
N THR C 1058 -57.90 5.91 -46.96
CA THR C 1058 -57.00 6.30 -48.04
C THR C 1058 -57.21 7.76 -48.41
N THR C 1059 -56.36 8.28 -49.29
CA THR C 1059 -56.26 9.73 -49.46
C THR C 1059 -55.60 10.13 -50.78
N ALA C 1060 -55.61 11.47 -51.03
CA ALA C 1060 -54.95 12.18 -52.12
C ALA C 1060 -54.94 13.71 -51.89
N PRO C 1061 -53.82 14.40 -52.12
CA PRO C 1061 -53.65 15.76 -51.58
C PRO C 1061 -54.43 16.86 -52.27
N ALA C 1062 -54.30 17.00 -53.58
CA ALA C 1062 -54.89 18.14 -54.26
C ALA C 1062 -56.26 17.72 -54.76
N ILE C 1063 -57.04 18.68 -55.19
CA ILE C 1063 -58.39 18.38 -55.64
C ILE C 1063 -58.58 19.04 -56.98
N CYS C 1064 -58.84 18.24 -58.00
CA CYS C 1064 -58.94 18.70 -59.38
C CYS C 1064 -60.43 18.81 -59.70
N HIS C 1065 -61.02 19.93 -59.28
CA HIS C 1065 -62.43 20.19 -59.55
C HIS C 1065 -62.67 20.57 -61.00
N GLU C 1066 -62.08 21.66 -61.45
CA GLU C 1066 -62.38 22.21 -62.76
C GLU C 1066 -61.16 22.24 -63.67
N GLY C 1067 -60.26 21.29 -63.52
CA GLY C 1067 -58.99 21.35 -64.18
C GLY C 1067 -57.94 22.09 -63.40
N LYS C 1068 -58.07 22.16 -62.08
CA LYS C 1068 -57.09 22.90 -61.30
C LYS C 1068 -57.07 22.35 -59.88
N ALA C 1069 -55.89 22.39 -59.27
CA ALA C 1069 -55.62 21.73 -58.01
C ALA C 1069 -56.09 22.56 -56.82
N TYR C 1070 -56.42 21.86 -55.74
CA TYR C 1070 -56.79 22.48 -54.47
C TYR C 1070 -55.88 21.96 -53.38
N PHE C 1071 -54.93 22.77 -52.97
CA PHE C 1071 -54.33 22.35 -51.72
C PHE C 1071 -55.11 22.93 -50.57
N PRO C 1072 -55.60 22.06 -49.70
CA PRO C 1072 -56.66 22.49 -48.77
C PRO C 1072 -56.28 23.49 -47.66
N ARG C 1073 -55.70 23.01 -46.58
CA ARG C 1073 -55.42 23.88 -45.44
C ARG C 1073 -54.18 23.51 -44.65
N GLU C 1074 -53.39 22.51 -45.09
CA GLU C 1074 -52.00 22.34 -44.66
C GLU C 1074 -51.90 22.03 -43.17
N GLY C 1075 -52.11 20.75 -42.76
CA GLY C 1075 -53.19 20.37 -41.88
C GLY C 1075 -53.87 19.06 -42.31
N VAL C 1076 -53.04 18.02 -42.48
CA VAL C 1076 -53.15 16.87 -43.37
C VAL C 1076 -54.40 15.98 -43.28
N PHE C 1077 -54.46 15.05 -44.24
CA PHE C 1077 -55.50 14.07 -44.59
C PHE C 1077 -56.79 14.65 -45.15
N VAL C 1078 -56.75 15.06 -46.42
CA VAL C 1078 -57.92 14.92 -47.28
C VAL C 1078 -58.40 13.47 -47.23
N PHE C 1079 -59.70 13.27 -47.07
CA PHE C 1079 -60.29 11.95 -47.27
C PHE C 1079 -60.71 11.84 -48.72
N ASN C 1080 -59.81 11.31 -49.56
CA ASN C 1080 -60.21 10.84 -50.88
C ASN C 1080 -60.50 9.33 -50.83
N GLY C 1081 -61.30 8.94 -49.86
CA GLY C 1081 -61.94 7.64 -49.88
C GLY C 1081 -63.21 7.76 -50.68
N THR C 1082 -63.03 7.74 -52.00
CA THR C 1082 -64.05 8.05 -53.01
C THR C 1082 -64.54 9.49 -52.87
N SER C 1083 -63.58 10.41 -52.93
CA SER C 1083 -63.79 11.80 -53.38
C SER C 1083 -64.70 12.58 -52.44
N TRP C 1084 -64.50 12.39 -51.14
CA TRP C 1084 -65.52 12.84 -50.22
C TRP C 1084 -65.10 13.98 -49.28
N PHE C 1085 -64.12 13.82 -48.40
CA PHE C 1085 -64.01 14.78 -47.29
C PHE C 1085 -62.54 14.98 -46.92
N ILE C 1086 -62.32 15.52 -45.71
CA ILE C 1086 -61.01 15.83 -45.14
C ILE C 1086 -61.11 15.60 -43.64
N THR C 1087 -60.11 14.98 -43.02
CA THR C 1087 -60.08 15.03 -41.56
C THR C 1087 -58.84 15.73 -41.05
N GLN C 1088 -58.69 15.65 -39.74
CA GLN C 1088 -57.63 16.34 -39.03
C GLN C 1088 -56.34 15.55 -39.11
N ARG C 1089 -55.39 15.95 -38.27
CA ARG C 1089 -54.31 15.05 -37.91
C ARG C 1089 -54.74 14.12 -36.80
N ASN C 1090 -55.02 14.67 -35.62
CA ASN C 1090 -54.99 13.84 -34.42
C ASN C 1090 -56.32 13.15 -34.16
N PHE C 1091 -57.33 13.40 -34.97
CA PHE C 1091 -58.55 12.64 -34.81
C PHE C 1091 -59.26 12.54 -36.13
N PHE C 1092 -59.98 11.44 -36.30
CA PHE C 1092 -60.87 11.32 -37.43
C PHE C 1092 -62.02 12.29 -37.23
N SER C 1093 -61.89 13.49 -37.79
CA SER C 1093 -62.89 14.54 -37.60
C SER C 1093 -63.16 15.13 -38.96
N PRO C 1094 -64.27 14.76 -39.60
CA PRO C 1094 -64.44 15.02 -41.03
C PRO C 1094 -64.71 16.48 -41.35
N GLN C 1095 -64.12 16.95 -42.45
CA GLN C 1095 -64.34 18.29 -42.98
C GLN C 1095 -64.66 18.17 -44.45
N ILE C 1096 -65.65 18.94 -44.90
CA ILE C 1096 -66.09 18.85 -46.28
C ILE C 1096 -65.10 19.61 -47.15
N ILE C 1097 -64.79 19.07 -48.33
CA ILE C 1097 -63.98 19.79 -49.29
C ILE C 1097 -64.77 20.98 -49.82
N THR C 1098 -64.40 22.18 -49.38
CA THR C 1098 -64.98 23.39 -49.94
C THR C 1098 -63.87 24.31 -50.39
N THR C 1099 -64.27 25.34 -51.12
CA THR C 1099 -63.38 26.45 -51.43
C THR C 1099 -62.99 27.20 -50.19
N ASP C 1100 -63.85 27.19 -49.17
CA ASP C 1100 -63.49 27.71 -47.86
C ASP C 1100 -62.43 26.84 -47.22
N ASN C 1101 -62.49 25.54 -47.50
CA ASN C 1101 -61.56 24.56 -46.96
C ASN C 1101 -60.32 24.41 -47.81
N THR C 1102 -60.27 25.03 -48.99
CA THR C 1102 -59.04 25.01 -49.75
C THR C 1102 -58.64 26.44 -50.09
N PHE C 1103 -57.65 26.54 -50.96
CA PHE C 1103 -57.41 27.75 -51.71
C PHE C 1103 -57.23 27.39 -53.18
N VAL C 1104 -57.21 28.43 -54.01
CA VAL C 1104 -56.85 28.30 -55.41
C VAL C 1104 -55.39 27.91 -55.49
N SER C 1105 -55.12 26.66 -55.85
CA SER C 1105 -53.76 26.15 -55.89
C SER C 1105 -53.44 25.78 -57.32
N GLY C 1106 -53.07 26.78 -58.11
CA GLY C 1106 -52.57 26.60 -59.46
C GLY C 1106 -53.55 25.87 -60.35
N ASN C 1107 -53.00 25.11 -61.28
CA ASN C 1107 -53.73 24.24 -62.19
C ASN C 1107 -53.50 22.79 -61.80
N CYS C 1108 -54.13 21.89 -62.53
CA CYS C 1108 -54.22 20.50 -62.12
C CYS C 1108 -52.96 19.76 -62.55
N ASP C 1109 -51.89 19.96 -61.80
CA ASP C 1109 -50.61 19.47 -62.30
C ASP C 1109 -49.98 18.38 -61.47
N VAL C 1110 -49.85 18.54 -60.15
CA VAL C 1110 -49.13 17.50 -59.41
C VAL C 1110 -50.15 16.84 -58.49
N VAL C 1111 -51.35 16.77 -58.97
CA VAL C 1111 -52.53 16.34 -58.21
C VAL C 1111 -52.50 14.83 -58.07
N ILE C 1112 -53.14 14.32 -57.01
CA ILE C 1112 -53.58 12.93 -56.99
C ILE C 1112 -55.11 12.81 -56.86
N GLY C 1113 -55.79 13.81 -56.30
CA GLY C 1113 -57.24 13.73 -56.12
C GLY C 1113 -58.01 13.88 -57.42
N ILE C 1114 -59.11 13.15 -57.54
CA ILE C 1114 -59.88 13.09 -58.76
C ILE C 1114 -61.18 13.90 -58.63
N ILE C 1115 -61.31 14.65 -57.54
CA ILE C 1115 -62.60 15.12 -57.05
C ILE C 1115 -63.11 16.30 -57.87
N ASN C 1116 -64.21 16.10 -58.58
CA ASN C 1116 -64.90 17.20 -59.24
C ASN C 1116 -65.85 17.87 -58.25
N ASN C 1117 -66.74 18.73 -58.79
CA ASN C 1117 -67.84 19.50 -58.18
C ASN C 1117 -67.57 19.90 -56.73
N THR C 1118 -66.38 20.46 -56.50
CA THR C 1118 -65.84 20.63 -55.16
C THR C 1118 -66.31 21.96 -54.60
N VAL C 1119 -67.43 21.94 -53.87
CA VAL C 1119 -68.14 23.15 -53.47
C VAL C 1119 -67.38 23.97 -52.43
N SER D 1 61.81 -36.85 23.94
CA SER D 1 61.45 -36.85 25.35
C SER D 1 62.13 -38.00 26.07
N THR D 2 61.34 -38.85 26.71
CA THR D 2 61.88 -40.05 27.32
C THR D 2 62.27 -41.06 26.24
N ILE D 3 63.09 -42.04 26.64
CA ILE D 3 63.61 -43.02 25.69
C ILE D 3 62.52 -43.95 25.18
N GLU D 4 61.45 -44.11 25.95
CA GLU D 4 60.32 -44.92 25.53
C GLU D 4 59.63 -44.30 24.32
N GLU D 5 59.48 -42.97 24.33
CA GLU D 5 58.78 -42.30 23.24
C GLU D 5 59.64 -42.18 21.99
N GLN D 6 60.96 -42.03 22.13
CA GLN D 6 61.76 -42.03 20.92
C GLN D 6 62.06 -43.44 20.44
N ALA D 7 61.93 -44.44 21.34
CA ALA D 7 61.86 -45.83 20.91
C ALA D 7 60.61 -46.08 20.07
N LYS D 8 59.47 -45.56 20.52
CA LYS D 8 58.24 -45.62 19.71
C LYS D 8 58.39 -44.87 18.39
N THR D 9 58.95 -43.66 18.42
CA THR D 9 59.12 -42.83 17.23
C THR D 9 60.03 -43.49 16.20
N PHE D 10 61.18 -44.00 16.66
CA PHE D 10 62.11 -44.69 15.78
C PHE D 10 61.54 -46.02 15.27
N LEU D 11 60.83 -46.75 16.13
CA LEU D 11 60.23 -48.02 15.71
C LEU D 11 59.11 -47.80 14.72
N ASP D 12 58.39 -46.69 14.84
CA ASP D 12 57.37 -46.36 13.86
C ASP D 12 58.00 -45.92 12.54
N LYS D 13 59.13 -45.22 12.61
CA LYS D 13 59.93 -44.95 11.40
C LYS D 13 60.34 -46.25 10.74
N PHE D 14 60.75 -47.23 11.55
CA PHE D 14 61.17 -48.53 11.06
C PHE D 14 60.03 -49.26 10.36
N ASN D 15 58.85 -49.26 10.97
CA ASN D 15 57.74 -50.00 10.37
C ASN D 15 57.21 -49.29 9.13
N HIS D 16 57.19 -47.94 9.15
CA HIS D 16 56.60 -47.21 8.03
C HIS D 16 57.55 -47.16 6.83
N GLU D 17 58.86 -47.26 7.09
CA GLU D 17 59.75 -47.48 5.95
C GLU D 17 59.76 -48.94 5.54
N ALA D 18 59.60 -49.86 6.51
CA ALA D 18 59.69 -51.28 6.29
C ALA D 18 58.52 -51.82 5.49
N GLU D 19 57.36 -51.15 5.56
CA GLU D 19 56.17 -51.75 4.98
C GLU D 19 56.20 -51.77 3.46
N ASP D 20 56.64 -50.68 2.84
CA ASP D 20 56.74 -50.67 1.38
C ASP D 20 57.85 -51.60 0.89
N LEU D 21 58.93 -51.71 1.66
CA LEU D 21 60.04 -52.57 1.27
C LEU D 21 59.65 -54.05 1.37
N PHE D 22 58.93 -54.42 2.43
CA PHE D 22 58.44 -55.78 2.56
C PHE D 22 57.35 -56.09 1.55
N TYR D 23 56.57 -55.06 1.17
CA TYR D 23 55.56 -55.21 0.13
C TYR D 23 56.21 -55.49 -1.22
N GLN D 24 57.28 -54.78 -1.55
CA GLN D 24 58.00 -55.02 -2.79
C GLN D 24 58.72 -56.37 -2.77
N SER D 25 59.22 -56.76 -1.59
CA SER D 25 59.84 -58.08 -1.42
C SER D 25 58.85 -59.22 -1.62
N SER D 26 57.66 -59.08 -1.07
CA SER D 26 56.67 -60.14 -1.20
C SER D 26 56.03 -60.14 -2.59
N LEU D 27 55.98 -58.98 -3.25
CA LEU D 27 55.57 -58.96 -4.66
C LEU D 27 56.59 -59.65 -5.54
N ALA D 28 57.87 -59.44 -5.25
CA ALA D 28 58.94 -60.14 -5.95
C ALA D 28 58.81 -61.65 -5.78
N SER D 29 58.50 -62.08 -4.57
CA SER D 29 58.29 -63.51 -4.31
C SER D 29 57.04 -64.05 -5.00
N TRP D 30 55.96 -63.26 -5.04
CA TRP D 30 54.72 -63.67 -5.72
C TRP D 30 54.92 -63.81 -7.21
N ASN D 31 55.54 -62.81 -7.84
CA ASN D 31 55.72 -62.86 -9.28
C ASN D 31 56.80 -63.86 -9.67
N TYR D 32 57.62 -64.29 -8.71
CA TYR D 32 58.48 -65.44 -8.95
C TYR D 32 57.70 -66.75 -8.89
N ASN D 33 57.00 -66.99 -7.79
CA ASN D 33 56.35 -68.27 -7.59
C ASN D 33 54.98 -68.38 -8.24
N THR D 34 54.63 -67.44 -9.11
CA THR D 34 53.48 -67.61 -9.98
C THR D 34 53.84 -67.74 -11.45
N ASN D 35 55.03 -67.27 -11.85
CA ASN D 35 55.60 -67.53 -13.17
C ASN D 35 57.11 -67.58 -12.98
N ILE D 36 57.68 -68.77 -13.16
CA ILE D 36 59.11 -68.95 -12.97
C ILE D 36 59.82 -68.51 -14.25
N THR D 37 60.48 -67.35 -14.19
CA THR D 37 61.29 -66.87 -15.30
C THR D 37 62.58 -66.37 -14.67
N GLU D 38 63.63 -66.21 -15.49
CA GLU D 38 64.92 -65.77 -14.98
C GLU D 38 64.86 -64.36 -14.43
N GLU D 39 64.04 -63.49 -15.02
CA GLU D 39 63.80 -62.17 -14.42
C GLU D 39 63.13 -62.30 -13.07
N ASN D 40 62.31 -63.34 -12.89
CA ASN D 40 61.62 -63.53 -11.61
C ASN D 40 62.55 -64.08 -10.54
N VAL D 41 63.51 -64.94 -10.91
CA VAL D 41 64.41 -65.46 -9.89
C VAL D 41 65.52 -64.44 -9.58
N GLN D 42 65.84 -63.56 -10.53
CA GLN D 42 66.78 -62.49 -10.22
C GLN D 42 66.13 -61.39 -9.41
N ASN D 43 64.88 -61.05 -9.74
CA ASN D 43 64.24 -59.92 -9.09
C ASN D 43 63.54 -60.35 -7.81
N MET D 44 63.39 -61.66 -7.59
CA MET D 44 62.74 -62.17 -6.38
C MET D 44 63.56 -61.87 -5.14
N ASN D 45 64.82 -62.27 -5.15
CA ASN D 45 65.71 -62.07 -4.02
C ASN D 45 66.40 -60.71 -4.03
N ASN D 46 66.29 -59.95 -5.12
CA ASN D 46 66.86 -58.59 -5.15
C ASN D 46 66.06 -57.66 -4.25
N ALA D 47 64.73 -57.73 -4.35
CA ALA D 47 63.87 -57.08 -3.37
C ALA D 47 63.92 -57.78 -2.02
N GLY D 48 64.43 -59.02 -1.98
CA GLY D 48 64.75 -59.66 -0.71
C GLY D 48 66.08 -59.26 -0.12
N ASP D 49 67.10 -59.03 -0.96
CA ASP D 49 68.39 -58.58 -0.45
C ASP D 49 68.33 -57.13 0.02
N LYS D 50 67.63 -56.28 -0.74
CA LYS D 50 67.30 -54.91 -0.35
C LYS D 50 66.60 -54.84 1.00
N TRP D 51 65.78 -55.82 1.33
CA TRP D 51 65.04 -55.95 2.57
C TRP D 51 65.87 -56.55 3.70
N SER D 52 66.71 -57.53 3.38
CA SER D 52 67.53 -58.17 4.39
C SER D 52 68.69 -57.29 4.84
N ALA D 53 69.21 -56.44 3.95
CA ALA D 53 70.20 -55.46 4.39
C ALA D 53 69.55 -54.35 5.21
N PHE D 54 68.34 -53.93 4.83
CA PHE D 54 67.55 -52.97 5.58
C PHE D 54 67.28 -53.43 7.01
N LEU D 55 66.95 -54.71 7.20
CA LEU D 55 66.63 -55.19 8.55
C LEU D 55 67.85 -55.28 9.45
N LYS D 56 68.99 -55.74 8.94
CA LYS D 56 70.17 -55.78 9.81
C LYS D 56 70.70 -54.37 10.03
N GLU D 57 70.52 -53.48 9.04
CA GLU D 57 70.79 -52.06 9.21
C GLU D 57 70.01 -51.45 10.37
N GLN D 58 68.70 -51.65 10.40
CA GLN D 58 67.89 -51.10 11.47
C GLN D 58 67.99 -51.90 12.76
N SER D 59 68.46 -53.14 12.70
CA SER D 59 68.78 -53.90 13.89
C SER D 59 69.98 -53.28 14.58
N THR D 60 70.99 -52.90 13.78
CA THR D 60 72.13 -52.17 14.33
C THR D 60 71.74 -50.79 14.83
N LEU D 61 70.68 -50.21 14.28
CA LEU D 61 70.33 -48.83 14.64
C LEU D 61 69.36 -48.81 15.82
N ALA D 62 68.69 -49.93 16.11
CA ALA D 62 67.73 -50.00 17.20
C ALA D 62 68.31 -50.52 18.51
N GLN D 63 69.38 -51.31 18.46
CA GLN D 63 69.99 -51.89 19.66
C GLN D 63 70.62 -50.86 20.59
N MET D 64 70.94 -49.66 20.07
CA MET D 64 71.53 -48.60 20.87
C MET D 64 70.55 -48.08 21.92
N TYR D 65 69.25 -48.22 21.65
CA TYR D 65 68.25 -47.86 22.64
C TYR D 65 68.31 -48.82 23.83
N PRO D 66 67.90 -48.36 25.01
CA PRO D 66 67.88 -49.28 26.15
C PRO D 66 66.75 -50.29 26.08
N LEU D 67 67.12 -51.56 26.22
CA LEU D 67 66.11 -52.62 26.27
C LEU D 67 65.46 -52.67 27.64
N GLN D 68 66.27 -52.64 28.70
CA GLN D 68 65.75 -52.80 30.05
C GLN D 68 65.51 -51.42 30.68
N GLU D 69 64.86 -50.52 29.93
CA GLU D 69 64.43 -49.24 30.49
C GLU D 69 63.04 -48.92 29.95
N ILE D 70 62.56 -49.75 29.04
CA ILE D 70 61.25 -49.56 28.45
C ILE D 70 60.20 -50.21 29.35
N GLN D 71 59.21 -49.42 29.75
CA GLN D 71 58.10 -49.90 30.58
C GLN D 71 57.03 -50.63 29.78
N ASN D 72 56.66 -50.10 28.60
CA ASN D 72 55.64 -50.73 27.79
C ASN D 72 56.11 -52.08 27.28
N LEU D 73 55.34 -53.13 27.59
CA LEU D 73 55.58 -54.45 27.06
C LEU D 73 55.44 -54.47 25.54
N THR D 74 54.52 -53.65 25.02
CA THR D 74 54.17 -53.69 23.60
C THR D 74 55.32 -53.19 22.72
N VAL D 75 56.05 -52.17 23.17
CA VAL D 75 57.18 -51.70 22.37
C VAL D 75 58.50 -52.31 22.84
N LYS D 76 58.55 -52.89 24.04
CA LYS D 76 59.73 -53.66 24.39
C LYS D 76 59.76 -54.98 23.62
N LEU D 77 58.59 -55.53 23.31
CA LEU D 77 58.52 -56.70 22.44
C LEU D 77 58.84 -56.32 20.99
N GLN D 78 58.64 -55.05 20.63
CA GLN D 78 59.19 -54.55 19.37
C GLN D 78 60.70 -54.52 19.42
N LEU D 79 61.25 -54.09 20.56
CA LEU D 79 62.70 -54.04 20.72
C LEU D 79 63.32 -55.43 20.76
N GLN D 80 62.57 -56.43 21.26
CA GLN D 80 63.07 -57.79 21.27
C GLN D 80 63.23 -58.35 19.86
N ALA D 81 62.39 -57.87 18.93
CA ALA D 81 62.47 -58.32 17.56
C ALA D 81 63.60 -57.65 16.78
N LEU D 82 63.86 -56.38 17.09
CA LEU D 82 64.90 -55.67 16.35
C LEU D 82 66.27 -55.88 16.97
N GLN D 83 66.31 -56.17 18.27
CA GLN D 83 67.56 -56.52 18.95
C GLN D 83 67.87 -58.00 18.86
N GLN D 84 66.99 -58.79 18.26
CA GLN D 84 67.35 -60.12 17.76
C GLN D 84 68.45 -59.93 16.73
N ASN D 85 69.65 -60.42 17.05
CA ASN D 85 70.81 -60.14 16.21
C ASN D 85 70.71 -60.90 14.88
N GLY D 86 69.97 -62.02 14.87
CA GLY D 86 69.76 -62.74 13.62
C GLY D 86 70.87 -63.74 13.37
N SER D 87 71.05 -64.10 12.09
CA SER D 87 72.11 -65.02 11.69
C SER D 87 73.29 -64.33 11.03
N SER D 88 73.32 -63.00 11.01
CA SER D 88 74.48 -62.30 10.48
C SER D 88 75.54 -62.07 11.55
N VAL D 89 75.30 -62.52 12.78
CA VAL D 89 76.25 -62.30 13.88
C VAL D 89 77.21 -63.49 13.98
N LEU D 90 78.23 -63.48 13.12
CA LEU D 90 79.33 -64.41 13.15
C LEU D 90 80.53 -63.73 12.51
N SER D 91 81.59 -64.49 12.28
CA SER D 91 82.58 -64.10 11.30
C SER D 91 81.92 -64.06 9.94
N GLU D 92 82.28 -63.06 9.13
CA GLU D 92 81.60 -62.84 7.86
C GLU D 92 81.89 -63.94 6.84
N ASP D 93 82.95 -64.72 7.09
CA ASP D 93 83.18 -65.93 6.30
C ASP D 93 82.15 -67.00 6.64
N LYS D 94 81.95 -67.27 7.94
CA LYS D 94 81.09 -68.37 8.34
C LYS D 94 79.61 -68.04 8.18
N SER D 95 79.22 -66.76 8.19
CA SER D 95 77.83 -66.40 7.99
C SER D 95 77.41 -66.70 6.56
N LYS D 96 78.21 -66.26 5.58
CA LYS D 96 77.96 -66.60 4.19
C LYS D 96 78.18 -68.09 3.93
N ARG D 97 79.07 -68.75 4.68
CA ARG D 97 79.20 -70.20 4.52
C ARG D 97 77.97 -70.94 5.01
N LEU D 98 77.38 -70.48 6.12
CA LEU D 98 76.14 -71.09 6.61
C LEU D 98 74.99 -70.83 5.64
N ASN D 99 74.94 -69.62 5.07
CA ASN D 99 73.92 -69.30 4.07
C ASN D 99 74.10 -70.11 2.79
N THR D 100 75.35 -70.38 2.39
CA THR D 100 75.63 -71.15 1.19
C THR D 100 75.37 -72.64 1.41
N ILE D 101 75.63 -73.14 2.63
CA ILE D 101 75.31 -74.52 3.00
C ILE D 101 73.80 -74.75 2.96
N LEU D 102 73.03 -73.81 3.52
CA LEU D 102 71.57 -73.89 3.46
C LEU D 102 71.05 -73.85 2.03
N ASN D 103 71.63 -73.00 1.19
CA ASN D 103 71.19 -72.92 -0.19
C ASN D 103 71.58 -74.17 -0.97
N THR D 104 72.74 -74.77 -0.64
CA THR D 104 73.17 -75.96 -1.35
C THR D 104 72.30 -77.16 -0.97
N MET D 105 71.92 -77.26 0.31
CA MET D 105 70.97 -78.28 0.74
C MET D 105 69.61 -78.07 0.09
N SER D 106 69.17 -76.80 0.01
CA SER D 106 67.89 -76.50 -0.62
C SER D 106 67.88 -76.83 -2.09
N THR D 107 69.03 -76.66 -2.77
CA THR D 107 69.11 -77.04 -4.17
C THR D 107 69.11 -78.55 -4.34
N ILE D 108 69.99 -79.26 -3.64
CA ILE D 108 70.17 -80.68 -3.97
C ILE D 108 69.08 -81.55 -3.32
N TYR D 109 68.26 -80.97 -2.43
CA TYR D 109 67.10 -81.72 -1.95
C TYR D 109 65.98 -81.72 -2.99
N SER D 110 65.86 -80.64 -3.75
CA SER D 110 64.73 -80.50 -4.65
C SER D 110 65.06 -80.89 -6.08
N THR D 111 66.31 -80.67 -6.53
CA THR D 111 66.69 -81.04 -7.88
C THR D 111 66.96 -82.53 -8.02
N GLY D 112 67.00 -83.26 -6.92
CA GLY D 112 67.48 -84.62 -6.96
C GLY D 112 66.44 -85.58 -7.55
N LYS D 113 66.94 -86.58 -8.23
CA LYS D 113 66.11 -87.57 -8.90
C LYS D 113 66.68 -88.96 -8.66
N VAL D 114 65.82 -89.95 -8.81
CA VAL D 114 66.20 -91.35 -8.75
C VAL D 114 66.29 -91.84 -10.20
N CYS D 115 67.09 -92.87 -10.43
CA CYS D 115 67.24 -93.41 -11.77
C CYS D 115 67.26 -94.93 -11.70
N ASN D 116 66.69 -95.55 -12.73
CA ASN D 116 66.62 -96.99 -12.89
C ASN D 116 68.06 -97.48 -13.07
N PRO D 117 68.52 -98.48 -12.28
CA PRO D 117 69.92 -98.93 -12.37
C PRO D 117 70.34 -99.52 -13.71
N ASP D 118 69.39 -100.05 -14.50
CA ASP D 118 69.74 -100.57 -15.81
C ASP D 118 69.40 -99.60 -16.95
N ASN D 119 68.57 -98.59 -16.69
CA ASN D 119 68.17 -97.62 -17.72
C ASN D 119 68.46 -96.20 -17.23
N PRO D 120 69.47 -95.51 -17.78
CA PRO D 120 69.67 -94.10 -17.44
C PRO D 120 68.81 -93.14 -18.27
N GLN D 121 67.53 -93.47 -18.44
CA GLN D 121 66.59 -92.58 -19.09
C GLN D 121 65.36 -92.41 -18.20
N GLU D 122 64.96 -93.48 -17.53
CA GLU D 122 63.89 -93.43 -16.54
C GLU D 122 64.42 -92.83 -15.24
N CYS D 123 64.32 -91.52 -15.09
CA CYS D 123 64.72 -90.83 -13.87
C CYS D 123 63.55 -89.98 -13.39
N LEU D 124 63.30 -90.01 -12.09
CA LEU D 124 62.10 -89.43 -11.52
C LEU D 124 62.43 -88.60 -10.29
N LEU D 125 61.84 -87.41 -10.22
CA LEU D 125 62.02 -86.51 -9.09
C LEU D 125 60.93 -86.76 -8.06
N LEU D 126 60.86 -85.88 -7.06
CA LEU D 126 59.99 -86.12 -5.90
C LEU D 126 58.52 -85.88 -6.22
N GLU D 127 58.19 -84.64 -6.58
CA GLU D 127 56.81 -84.25 -6.84
C GLU D 127 56.65 -83.78 -8.28
N PRO D 128 55.91 -84.52 -9.13
CA PRO D 128 55.29 -85.82 -8.84
C PRO D 128 56.24 -86.99 -9.04
N GLY D 129 55.66 -88.17 -9.26
CA GLY D 129 56.42 -89.39 -9.40
C GLY D 129 56.63 -90.12 -8.09
N LEU D 130 57.51 -89.61 -7.23
CA LEU D 130 57.86 -90.37 -6.03
C LEU D 130 56.84 -90.19 -4.92
N ASN D 131 56.15 -89.05 -4.87
CA ASN D 131 55.03 -88.94 -3.95
C ASN D 131 53.79 -89.68 -4.45
N GLU D 132 53.82 -90.18 -5.68
CA GLU D 132 52.75 -91.00 -6.24
C GLU D 132 53.07 -92.49 -6.20
N ILE D 133 54.35 -92.85 -6.25
CA ILE D 133 54.75 -94.24 -6.06
C ILE D 133 54.71 -94.62 -4.59
N MET D 134 55.15 -93.73 -3.70
CA MET D 134 55.22 -94.03 -2.28
C MET D 134 53.86 -94.07 -1.59
N ALA D 135 52.81 -93.59 -2.26
CA ALA D 135 51.50 -93.48 -1.61
C ALA D 135 50.55 -94.63 -1.95
N ASN D 136 50.28 -94.86 -3.23
CA ASN D 136 49.21 -95.77 -3.63
C ASN D 136 49.67 -96.95 -4.48
N SER D 137 50.95 -97.06 -4.82
CA SER D 137 51.44 -98.25 -5.52
C SER D 137 51.50 -99.43 -4.56
N LEU D 138 51.29 -100.62 -5.10
CA LEU D 138 51.24 -101.85 -4.29
C LEU D 138 52.46 -102.73 -4.47
N ASP D 139 53.37 -102.39 -5.38
CA ASP D 139 54.56 -103.19 -5.63
C ASP D 139 55.54 -102.97 -4.49
N TYR D 140 56.00 -104.08 -3.90
CA TYR D 140 56.96 -104.01 -2.79
C TYR D 140 58.30 -103.47 -3.27
N ASN D 141 58.76 -103.97 -4.43
CA ASN D 141 60.06 -103.60 -4.94
C ASN D 141 60.07 -102.15 -5.43
N GLU D 142 58.94 -101.67 -5.96
CA GLU D 142 58.91 -100.32 -6.52
C GLU D 142 58.83 -99.27 -5.41
N ARG D 143 58.03 -99.53 -4.37
CA ARG D 143 57.99 -98.66 -3.21
C ARG D 143 59.34 -98.63 -2.50
N LEU D 144 59.96 -99.81 -2.33
CA LEU D 144 61.28 -99.88 -1.71
C LEU D 144 62.34 -99.20 -2.56
N TRP D 145 62.23 -99.32 -3.89
CA TRP D 145 63.21 -98.72 -4.78
C TRP D 145 63.13 -97.20 -4.77
N ALA D 146 61.93 -96.64 -4.89
CA ALA D 146 61.75 -95.20 -4.84
C ALA D 146 62.16 -94.66 -3.48
N TRP D 147 61.77 -95.37 -2.42
CA TRP D 147 62.09 -95.02 -1.05
C TRP D 147 63.59 -94.95 -0.82
N GLU D 148 64.32 -95.99 -1.24
CA GLU D 148 65.73 -96.08 -0.94
C GLU D 148 66.56 -95.24 -1.90
N SER D 149 66.09 -95.08 -3.14
CA SER D 149 66.87 -94.31 -4.11
C SER D 149 66.74 -92.81 -3.86
N TRP D 150 65.60 -92.36 -3.31
CA TRP D 150 65.47 -90.96 -2.90
C TRP D 150 66.40 -90.64 -1.74
N ARG D 151 66.79 -91.65 -0.97
CA ARG D 151 67.79 -91.49 0.08
C ARG D 151 69.20 -91.71 -0.42
N SER D 152 69.37 -92.52 -1.48
CA SER D 152 70.68 -92.92 -1.96
C SER D 152 71.26 -91.96 -2.98
N GLU D 153 70.45 -91.09 -3.58
CA GLU D 153 71.02 -90.15 -4.53
C GLU D 153 71.40 -88.84 -3.85
N VAL D 154 70.53 -88.30 -2.99
CA VAL D 154 70.76 -86.96 -2.47
C VAL D 154 71.20 -86.94 -1.01
N GLY D 155 70.78 -87.92 -0.20
CA GLY D 155 71.09 -87.89 1.22
C GLY D 155 72.56 -88.13 1.49
N LYS D 156 73.22 -88.83 0.58
CA LYS D 156 74.66 -89.00 0.65
C LYS D 156 75.38 -87.67 0.39
N GLN D 157 74.80 -86.82 -0.45
CA GLN D 157 75.40 -85.51 -0.69
C GLN D 157 74.92 -84.51 0.38
N LEU D 158 73.72 -84.74 0.92
CA LEU D 158 73.15 -83.92 1.99
C LEU D 158 73.77 -84.21 3.36
N ARG D 159 74.52 -85.30 3.50
CA ARG D 159 75.17 -85.56 4.79
C ARG D 159 76.36 -84.64 5.10
N PRO D 160 77.34 -84.39 4.21
CA PRO D 160 78.42 -83.46 4.60
C PRO D 160 77.96 -82.02 4.76
N LEU D 161 76.93 -81.61 4.01
CA LEU D 161 76.39 -80.26 4.14
C LEU D 161 75.68 -80.08 5.48
N TYR D 162 74.87 -81.06 5.89
CA TYR D 162 74.24 -81.00 7.20
C TYR D 162 75.27 -81.19 8.31
N GLU D 163 76.33 -81.95 8.02
CA GLU D 163 77.44 -82.16 8.93
C GLU D 163 78.15 -80.86 9.27
N GLU D 164 78.39 -80.01 8.28
CA GLU D 164 78.91 -78.67 8.55
C GLU D 164 77.84 -77.73 9.08
N TYR D 165 76.59 -77.93 8.64
CA TYR D 165 75.48 -77.04 8.99
C TYR D 165 75.19 -77.03 10.47
N VAL D 166 75.23 -78.20 11.11
CA VAL D 166 74.88 -78.28 12.52
C VAL D 166 75.86 -77.48 13.37
N VAL D 167 77.15 -77.54 13.02
CA VAL D 167 78.17 -76.85 13.80
C VAL D 167 78.10 -75.34 13.55
N LEU D 168 77.93 -74.95 12.27
CA LEU D 168 77.82 -73.53 11.95
C LEU D 168 76.56 -72.89 12.53
N LYS D 169 75.42 -73.57 12.43
CA LYS D 169 74.15 -73.03 12.90
C LYS D 169 74.08 -73.02 14.43
N ASN D 170 74.63 -74.03 15.09
CA ASN D 170 74.64 -74.01 16.54
C ASN D 170 75.67 -73.01 17.05
N GLU D 171 76.71 -72.74 16.27
CA GLU D 171 77.62 -71.65 16.59
C GLU D 171 76.92 -70.30 16.50
N MET D 172 76.06 -70.12 15.48
CA MET D 172 75.24 -68.91 15.38
C MET D 172 74.29 -68.79 16.56
N ALA D 173 73.63 -69.89 16.92
CA ALA D 173 72.61 -69.84 17.97
C ALA D 173 73.24 -69.63 19.34
N ARG D 174 74.42 -70.20 19.56
CA ARG D 174 75.20 -69.87 20.74
C ARG D 174 75.67 -68.43 20.75
N ALA D 175 75.99 -67.87 19.58
CA ALA D 175 76.28 -66.45 19.49
C ALA D 175 75.08 -65.58 19.80
N ASN D 176 73.86 -66.09 19.57
CA ASN D 176 72.63 -65.38 19.90
C ASN D 176 72.12 -65.71 21.30
N HIS D 177 73.00 -66.24 22.17
CA HIS D 177 72.71 -66.57 23.58
C HIS D 177 71.66 -67.67 23.70
N TYR D 178 71.74 -68.68 22.83
CA TYR D 178 70.89 -69.85 22.95
C TYR D 178 71.76 -71.09 23.09
N GLU D 179 71.13 -72.20 23.54
CA GLU D 179 71.84 -73.46 23.72
C GLU D 179 72.23 -74.01 22.35
N ASP D 180 71.24 -74.26 21.52
CA ASP D 180 71.43 -74.70 20.15
C ASP D 180 70.39 -74.04 19.27
N TYR D 181 70.27 -74.53 18.03
CA TYR D 181 69.27 -73.98 17.11
C TYR D 181 67.88 -74.48 17.46
N GLY D 182 67.79 -75.63 18.15
CA GLY D 182 66.55 -76.00 18.80
C GLY D 182 66.16 -75.02 19.88
N ASP D 183 67.17 -74.50 20.59
CA ASP D 183 66.90 -73.47 21.59
C ASP D 183 66.53 -72.16 20.92
N TYR D 184 67.00 -71.96 19.68
CA TYR D 184 66.56 -70.80 18.91
C TYR D 184 65.11 -70.93 18.48
N TRP D 185 64.66 -72.16 18.20
CA TRP D 185 63.25 -72.43 17.99
C TRP D 185 62.44 -72.11 19.24
N ARG D 186 62.90 -72.62 20.38
CA ARG D 186 62.19 -72.48 21.64
C ARG D 186 62.20 -71.03 22.16
N GLY D 187 63.21 -70.24 21.80
CA GLY D 187 63.22 -68.83 22.11
C GLY D 187 62.16 -68.03 21.39
N ASP D 188 61.64 -68.52 20.28
CA ASP D 188 60.44 -67.91 19.70
C ASP D 188 59.24 -68.17 20.59
N TYR D 189 59.15 -69.36 21.19
CA TYR D 189 58.11 -69.65 22.17
C TYR D 189 58.34 -68.93 23.48
N GLU D 190 59.57 -68.53 23.76
CA GLU D 190 59.89 -67.75 24.95
C GLU D 190 59.25 -66.37 24.88
N VAL D 191 58.59 -65.97 25.97
CA VAL D 191 58.02 -64.64 26.11
C VAL D 191 58.46 -64.07 27.45
N ASN D 192 58.76 -62.78 27.48
CA ASN D 192 59.43 -62.16 28.61
C ASN D 192 58.75 -60.86 29.04
N GLY D 193 58.61 -60.70 30.35
CA GLY D 193 58.18 -59.44 30.92
C GLY D 193 56.70 -59.32 31.20
N VAL D 194 55.98 -60.44 31.27
CA VAL D 194 54.53 -60.42 31.35
C VAL D 194 54.01 -60.82 32.72
N ASP D 195 54.86 -61.43 33.57
CA ASP D 195 54.59 -61.82 34.96
C ASP D 195 53.44 -62.81 35.11
N GLY D 196 53.64 -64.03 34.60
CA GLY D 196 52.67 -65.08 34.79
C GLY D 196 52.34 -65.80 33.50
N TYR D 197 52.42 -65.10 32.38
CA TYR D 197 52.18 -65.68 31.07
C TYR D 197 53.46 -66.02 30.34
N ASP D 198 54.60 -65.99 31.03
CA ASP D 198 55.90 -66.10 30.40
C ASP D 198 56.18 -67.53 29.95
N TYR D 199 57.38 -67.75 29.43
CA TYR D 199 57.70 -69.09 28.95
C TYR D 199 59.21 -69.34 29.05
N SER D 200 59.56 -70.45 29.67
CA SER D 200 60.93 -70.96 29.71
C SER D 200 61.13 -71.91 28.54
N ARG D 201 62.39 -72.04 28.09
CA ARG D 201 62.64 -72.78 26.87
C ARG D 201 62.61 -74.29 27.09
N GLY D 202 63.06 -74.79 28.25
CA GLY D 202 63.06 -76.23 28.47
C GLY D 202 61.67 -76.81 28.63
N GLN D 203 60.68 -75.94 28.84
CA GLN D 203 59.28 -76.34 28.93
C GLN D 203 58.78 -76.95 27.63
N LEU D 204 59.35 -76.59 26.47
CA LEU D 204 58.88 -77.19 25.22
C LEU D 204 59.21 -78.67 25.14
N ILE D 205 60.48 -79.03 25.41
CA ILE D 205 60.88 -80.43 25.46
C ILE D 205 60.11 -81.17 26.55
N GLU D 206 59.97 -80.52 27.71
CA GLU D 206 59.21 -81.06 28.84
C GLU D 206 57.77 -81.39 28.47
N ASP D 207 57.08 -80.46 27.83
CA ASP D 207 55.65 -80.59 27.62
C ASP D 207 55.32 -81.42 26.38
N VAL D 208 56.23 -81.43 25.41
CA VAL D 208 56.12 -82.34 24.28
C VAL D 208 56.30 -83.78 24.73
N GLU D 209 57.23 -84.03 25.65
CA GLU D 209 57.35 -85.37 26.23
C GLU D 209 56.15 -85.73 27.12
N HIS D 210 55.64 -84.72 27.86
CA HIS D 210 54.41 -84.84 28.65
C HIS D 210 53.26 -85.38 27.82
N THR D 211 52.94 -84.72 26.73
CA THR D 211 51.82 -85.20 25.93
C THR D 211 52.19 -86.45 25.14
N PHE D 212 53.48 -86.67 24.88
CA PHE D 212 53.86 -87.82 24.05
C PHE D 212 53.70 -89.13 24.80
N GLU D 213 53.90 -89.10 26.13
CA GLU D 213 53.78 -90.30 26.95
C GLU D 213 52.37 -90.90 26.93
N GLU D 214 51.35 -90.11 26.61
CA GLU D 214 50.02 -90.69 26.47
C GLU D 214 49.55 -90.75 25.02
N ILE D 215 50.31 -90.18 24.09
CA ILE D 215 50.12 -90.54 22.69
C ILE D 215 50.59 -91.98 22.47
N LYS D 216 51.64 -92.40 23.20
CA LYS D 216 52.21 -93.75 23.06
C LYS D 216 51.23 -94.92 23.11
N PRO D 217 50.22 -95.00 24.01
CA PRO D 217 49.30 -96.14 23.90
C PRO D 217 48.27 -96.00 22.78
N LEU D 218 47.77 -94.78 22.55
CA LEU D 218 46.84 -94.52 21.45
C LEU D 218 47.49 -94.80 20.10
N TYR D 219 48.69 -94.24 19.90
CA TYR D 219 49.50 -94.55 18.73
C TYR D 219 49.90 -96.01 18.68
N GLU D 220 50.06 -96.65 19.84
CA GLU D 220 50.40 -98.06 19.88
C GLU D 220 49.28 -98.94 19.34
N HIS D 221 48.05 -98.68 19.80
CA HIS D 221 46.88 -99.41 19.29
C HIS D 221 46.63 -99.12 17.81
N LEU D 222 46.78 -97.86 17.38
CA LEU D 222 46.50 -97.56 15.98
C LEU D 222 47.61 -98.11 15.08
N HIS D 223 48.84 -98.14 15.58
CA HIS D 223 49.95 -98.73 14.83
C HIS D 223 49.79 -100.23 14.71
N ALA D 224 49.28 -100.88 15.76
CA ALA D 224 48.98 -102.30 15.69
C ALA D 224 47.87 -102.59 14.69
N TYR D 225 46.86 -101.71 14.65
CA TYR D 225 45.75 -101.89 13.70
C TYR D 225 46.21 -101.69 12.25
N VAL D 226 47.01 -100.66 12.00
CA VAL D 226 47.43 -100.42 10.62
C VAL D 226 48.53 -101.40 10.22
N ARG D 227 49.21 -102.00 11.21
CA ARG D 227 50.11 -103.10 10.93
C ARG D 227 49.34 -104.34 10.50
N ALA D 228 48.22 -104.64 11.19
CA ALA D 228 47.38 -105.77 10.79
C ALA D 228 46.75 -105.54 9.42
N LYS D 229 46.36 -104.31 9.11
CA LYS D 229 45.76 -104.05 7.81
C LYS D 229 46.80 -103.94 6.69
N LEU D 230 48.04 -103.59 7.04
CA LEU D 230 49.13 -103.70 6.06
C LEU D 230 49.53 -105.16 5.86
N MET D 231 49.34 -106.01 6.87
CA MET D 231 49.44 -107.45 6.68
C MET D 231 48.36 -107.95 5.73
N ASN D 232 47.17 -107.36 5.82
CA ASN D 232 46.14 -107.61 4.82
C ASN D 232 46.53 -107.04 3.46
N ALA D 233 47.36 -105.99 3.44
CA ALA D 233 47.75 -105.36 2.19
C ALA D 233 49.03 -105.96 1.60
N TYR D 234 50.04 -106.20 2.43
CA TYR D 234 51.36 -106.66 1.99
C TYR D 234 51.68 -107.98 2.67
N PRO D 235 51.39 -109.11 2.02
CA PRO D 235 51.65 -110.41 2.64
C PRO D 235 53.13 -110.72 2.68
N SER D 236 53.54 -111.40 3.76
CA SER D 236 54.90 -111.88 4.06
C SER D 236 55.94 -110.76 4.08
N TYR D 237 55.54 -109.51 4.30
CA TYR D 237 56.44 -108.38 4.24
C TYR D 237 56.50 -107.61 5.56
N ILE D 238 55.52 -107.80 6.43
CA ILE D 238 55.45 -107.11 7.71
C ILE D 238 55.20 -108.13 8.81
N SER D 239 56.10 -108.18 9.79
CA SER D 239 55.90 -109.01 10.96
C SER D 239 54.78 -108.45 11.82
N PRO D 240 53.94 -109.31 12.41
CA PRO D 240 52.79 -108.82 13.19
C PRO D 240 53.15 -108.19 14.52
N ILE D 241 54.30 -108.52 15.11
CA ILE D 241 54.68 -107.99 16.41
C ILE D 241 55.58 -106.79 16.20
N GLY D 242 56.17 -106.70 15.02
CA GLY D 242 57.24 -105.75 14.77
C GLY D 242 56.73 -104.36 14.44
N CYS D 243 57.62 -103.60 13.82
CA CYS D 243 57.32 -102.25 13.38
C CYS D 243 56.80 -102.29 11.95
N LEU D 244 56.75 -101.11 11.32
CA LEU D 244 56.36 -100.99 9.93
C LEU D 244 57.52 -100.48 9.10
N PRO D 245 57.78 -101.03 7.90
CA PRO D 245 58.80 -100.45 7.02
C PRO D 245 58.38 -99.08 6.52
N ALA D 246 59.35 -98.18 6.29
CA ALA D 246 59.01 -96.81 5.96
C ALA D 246 58.64 -96.62 4.50
N HIS D 247 58.78 -97.66 3.68
CA HIS D 247 58.33 -97.57 2.30
C HIS D 247 56.86 -97.92 2.13
N LEU D 248 56.19 -98.31 3.21
CA LEU D 248 54.80 -98.72 3.19
C LEU D 248 53.88 -97.75 3.91
N LEU D 249 54.39 -96.58 4.29
CA LEU D 249 53.70 -95.67 5.18
C LEU D 249 53.00 -94.53 4.47
N GLY D 250 52.86 -94.59 3.15
CA GLY D 250 52.16 -93.55 2.45
C GLY D 250 53.04 -92.38 2.04
N ASP D 251 53.99 -92.00 2.88
CA ASP D 251 54.93 -90.94 2.56
C ASP D 251 56.36 -91.48 2.61
N MET D 252 57.32 -90.59 2.33
CA MET D 252 58.71 -91.01 2.16
C MET D 252 59.34 -91.44 3.48
N TRP D 253 58.86 -90.89 4.61
CA TRP D 253 59.53 -91.11 5.88
C TRP D 253 58.69 -91.87 6.90
N GLY D 254 57.42 -91.49 7.06
CA GLY D 254 56.62 -91.90 8.20
C GLY D 254 55.88 -90.79 8.89
N ARG D 255 55.86 -89.58 8.30
CA ARG D 255 55.20 -88.43 8.91
C ARG D 255 53.68 -88.55 8.81
N PHE D 256 53.15 -88.52 7.59
CA PHE D 256 51.72 -88.67 7.34
C PHE D 256 51.40 -90.11 7.01
N TRP D 257 50.36 -90.65 7.65
CA TRP D 257 49.92 -92.01 7.40
C TRP D 257 48.47 -92.11 6.93
N THR D 258 47.88 -91.01 6.46
CA THR D 258 46.48 -91.04 6.01
C THR D 258 46.32 -91.88 4.75
N ASN D 259 47.39 -92.03 3.97
CA ASN D 259 47.38 -92.84 2.75
C ASN D 259 47.20 -94.32 3.03
N LEU D 260 47.42 -94.77 4.26
CA LEU D 260 47.13 -96.14 4.65
C LEU D 260 45.63 -96.40 4.75
N TYR D 261 44.79 -95.35 4.79
CA TYR D 261 43.38 -95.53 5.15
C TYR D 261 42.63 -96.37 4.12
N SER D 262 42.97 -96.20 2.83
CA SER D 262 42.37 -96.99 1.76
C SER D 262 42.61 -98.48 1.93
N LEU D 263 43.71 -98.84 2.60
CA LEU D 263 43.97 -100.21 3.00
C LEU D 263 43.84 -100.45 4.50
N THR D 264 43.66 -99.39 5.32
CA THR D 264 43.34 -99.60 6.72
C THR D 264 41.94 -99.15 7.08
N VAL D 265 41.01 -99.17 6.14
CA VAL D 265 39.62 -98.78 6.38
C VAL D 265 38.98 -99.76 7.36
N PRO D 266 38.25 -99.26 8.36
CA PRO D 266 37.46 -100.15 9.21
C PRO D 266 36.40 -100.93 8.47
N PHE D 267 35.50 -100.22 7.80
CA PHE D 267 34.24 -100.76 7.31
C PHE D 267 34.19 -100.51 5.81
N GLY D 268 34.56 -101.54 5.04
CA GLY D 268 34.72 -101.37 3.61
C GLY D 268 33.43 -101.26 2.82
N GLN D 269 32.29 -101.52 3.45
CA GLN D 269 31.00 -101.47 2.78
C GLN D 269 30.10 -100.35 3.27
N LYS D 270 30.63 -99.16 3.51
CA LYS D 270 29.85 -97.98 3.88
C LYS D 270 30.22 -96.77 3.02
N PRO D 271 29.25 -95.87 2.73
CA PRO D 271 29.56 -94.69 1.91
C PRO D 271 30.51 -93.74 2.61
N ASN D 272 31.59 -93.39 1.91
CA ASN D 272 32.71 -92.69 2.52
C ASN D 272 32.39 -91.21 2.71
N ILE D 273 32.88 -90.62 3.80
CA ILE D 273 32.70 -89.20 4.08
C ILE D 273 33.51 -88.34 3.11
N ASP D 274 34.53 -88.91 2.49
CA ASP D 274 35.37 -88.22 1.51
C ASP D 274 34.55 -87.93 0.25
N VAL D 275 34.22 -86.65 0.03
CA VAL D 275 33.28 -86.25 -1.00
C VAL D 275 33.95 -85.67 -2.23
N THR D 276 35.21 -86.05 -2.47
CA THR D 276 35.97 -85.62 -3.65
C THR D 276 35.27 -86.01 -4.94
N ASP D 277 34.87 -87.29 -5.02
CA ASP D 277 34.11 -87.75 -6.17
C ASP D 277 32.74 -87.10 -6.22
N ALA D 278 32.17 -86.77 -5.06
CA ALA D 278 30.92 -86.01 -5.04
C ALA D 278 31.16 -84.57 -5.47
N MET D 279 32.34 -84.03 -5.20
CA MET D 279 32.64 -82.68 -5.66
C MET D 279 32.88 -82.63 -7.16
N VAL D 280 33.45 -83.69 -7.71
CA VAL D 280 33.64 -83.75 -9.16
C VAL D 280 32.31 -84.01 -9.86
N ASP D 281 31.53 -84.95 -9.33
CA ASP D 281 30.27 -85.35 -9.97
C ASP D 281 29.19 -84.28 -9.84
N GLN D 282 29.31 -83.35 -8.88
CA GLN D 282 28.41 -82.21 -8.82
C GLN D 282 28.95 -81.03 -9.62
N ALA D 283 30.03 -81.24 -10.39
CA ALA D 283 30.57 -80.29 -11.37
C ALA D 283 31.01 -78.97 -10.72
N TRP D 284 32.03 -79.03 -9.87
CA TRP D 284 32.63 -77.81 -9.33
C TRP D 284 33.90 -77.47 -10.10
N ASP D 285 34.21 -76.18 -10.18
CA ASP D 285 35.53 -75.71 -10.58
C ASP D 285 36.29 -75.26 -9.34
N ALA D 286 37.45 -74.62 -9.58
CA ALA D 286 38.21 -74.01 -8.50
C ALA D 286 37.42 -72.89 -7.84
N GLN D 287 36.72 -72.11 -8.66
CA GLN D 287 35.97 -70.96 -8.16
C GLN D 287 34.82 -71.36 -7.25
N ARG D 288 34.09 -72.43 -7.59
CA ARG D 288 32.98 -72.86 -6.73
C ARG D 288 33.49 -73.42 -5.41
N ILE D 289 34.65 -74.08 -5.44
CA ILE D 289 35.26 -74.61 -4.22
C ILE D 289 35.66 -73.47 -3.28
N PHE D 290 36.30 -72.44 -3.82
CA PHE D 290 36.69 -71.31 -2.99
C PHE D 290 35.48 -70.47 -2.57
N LYS D 291 34.44 -70.42 -3.39
CA LYS D 291 33.21 -69.73 -2.99
C LYS D 291 32.48 -70.49 -1.89
N GLU D 292 32.52 -71.82 -1.93
CA GLU D 292 31.85 -72.62 -0.90
C GLU D 292 32.61 -72.52 0.42
N ALA D 293 33.95 -72.52 0.35
CA ALA D 293 34.76 -72.28 1.54
C ALA D 293 34.53 -70.89 2.10
N GLU D 294 34.39 -69.90 1.22
CA GLU D 294 34.06 -68.55 1.65
C GLU D 294 32.66 -68.49 2.28
N LYS D 295 31.74 -69.29 1.76
CA LYS D 295 30.39 -69.39 2.34
C LYS D 295 30.46 -69.94 3.76
N PHE D 296 31.30 -70.94 3.99
CA PHE D 296 31.45 -71.46 5.35
C PHE D 296 32.14 -70.45 6.27
N PHE D 297 33.11 -69.71 5.74
CA PHE D 297 33.73 -68.66 6.53
C PHE D 297 32.75 -67.55 6.87
N VAL D 298 31.81 -67.26 5.99
CA VAL D 298 30.72 -66.35 6.34
C VAL D 298 29.81 -67.00 7.38
N SER D 299 29.61 -68.32 7.30
CA SER D 299 28.72 -69.01 8.23
C SER D 299 29.28 -69.01 9.64
N VAL D 300 30.60 -69.10 9.80
CA VAL D 300 31.21 -69.03 11.13
C VAL D 300 31.47 -67.61 11.59
N GLY D 301 30.96 -66.60 10.88
CA GLY D 301 31.03 -65.23 11.32
C GLY D 301 32.16 -64.41 10.76
N LEU D 302 32.92 -64.95 9.81
CA LEU D 302 34.12 -64.29 9.34
C LEU D 302 33.85 -63.64 7.98
N PRO D 303 34.45 -62.47 7.72
CA PRO D 303 34.13 -61.73 6.51
C PRO D 303 34.82 -62.31 5.29
N ASN D 304 34.65 -61.62 4.18
CA ASN D 304 35.33 -61.99 2.96
C ASN D 304 36.73 -61.37 2.96
N MET D 305 37.48 -61.67 1.91
CA MET D 305 38.84 -61.14 1.78
C MET D 305 38.78 -59.73 1.17
N THR D 306 39.94 -59.19 0.83
CA THR D 306 39.98 -57.96 0.04
C THR D 306 39.59 -58.23 -1.41
N GLN D 307 39.46 -57.16 -2.19
CA GLN D 307 39.17 -57.33 -3.60
C GLN D 307 40.41 -57.79 -4.36
N GLY D 308 41.58 -57.55 -3.78
CA GLY D 308 42.82 -57.98 -4.41
C GLY D 308 42.96 -59.49 -4.47
N PHE D 309 42.33 -60.20 -3.53
CA PHE D 309 42.28 -61.65 -3.57
C PHE D 309 41.53 -62.14 -4.80
N TRP D 310 40.24 -61.80 -4.91
CA TRP D 310 39.45 -62.26 -6.04
C TRP D 310 39.79 -61.54 -7.34
N GLU D 311 40.63 -60.51 -7.28
CA GLU D 311 41.12 -59.81 -8.45
C GLU D 311 42.38 -60.45 -9.01
N ASN D 312 43.36 -60.72 -8.16
CA ASN D 312 44.74 -60.92 -8.59
C ASN D 312 45.29 -62.31 -8.29
N SER D 313 44.63 -63.08 -7.43
CA SER D 313 45.20 -64.35 -7.01
C SER D 313 45.09 -65.39 -8.13
N MET D 314 46.05 -66.31 -8.14
CA MET D 314 46.06 -67.42 -9.06
C MET D 314 45.26 -68.56 -8.43
N LEU D 315 43.97 -68.61 -8.74
CA LEU D 315 43.08 -69.64 -8.22
C LEU D 315 43.08 -70.90 -9.07
N THR D 316 43.65 -70.84 -10.26
CA THR D 316 43.67 -71.97 -11.19
C THR D 316 45.09 -72.14 -11.74
N ASP D 317 45.49 -73.39 -11.94
CA ASP D 317 46.79 -73.70 -12.50
C ASP D 317 46.83 -73.30 -13.97
N PRO D 318 47.73 -72.40 -14.38
CA PRO D 318 47.77 -71.99 -15.79
C PRO D 318 48.39 -73.04 -16.70
N GLY D 319 49.19 -73.96 -16.15
CA GLY D 319 49.74 -75.02 -16.96
C GLY D 319 51.13 -74.75 -17.50
N ASN D 320 51.32 -75.04 -18.78
CA ASN D 320 52.64 -75.08 -19.39
C ASN D 320 53.11 -73.68 -19.81
N VAL D 321 52.18 -72.84 -20.26
CA VAL D 321 52.49 -71.50 -20.76
C VAL D 321 52.99 -70.65 -19.60
N GLN D 322 52.23 -70.62 -18.52
CA GLN D 322 52.64 -69.99 -17.27
C GLN D 322 52.81 -71.11 -16.25
N LYS D 323 54.04 -71.58 -16.08
CA LYS D 323 54.36 -72.55 -15.04
C LYS D 323 54.29 -71.84 -13.70
N ALA D 324 53.94 -72.58 -12.66
CA ALA D 324 53.82 -72.05 -11.31
C ALA D 324 53.97 -73.20 -10.34
N VAL D 325 54.49 -72.89 -9.15
CA VAL D 325 54.56 -73.88 -8.08
C VAL D 325 53.14 -74.19 -7.62
N CYS D 326 52.90 -75.43 -7.19
CA CYS D 326 51.55 -75.86 -6.85
C CYS D 326 51.36 -76.21 -5.38
N HIS D 327 52.32 -75.81 -4.52
CA HIS D 327 52.09 -75.81 -3.08
C HIS D 327 50.99 -74.82 -2.73
N PRO D 328 49.98 -75.24 -1.99
CA PRO D 328 48.98 -74.28 -1.52
C PRO D 328 49.56 -73.37 -0.45
N THR D 329 49.81 -72.12 -0.80
CA THR D 329 50.46 -71.16 0.10
C THR D 329 49.60 -69.92 0.27
N ALA D 330 49.47 -69.51 1.53
CA ALA D 330 48.76 -68.28 1.90
C ALA D 330 49.76 -67.14 1.82
N TRP D 331 49.61 -66.30 0.80
CA TRP D 331 50.52 -65.20 0.54
C TRP D 331 49.97 -63.94 1.22
N ASP D 332 50.81 -63.30 1.99
CA ASP D 332 50.46 -62.12 2.77
C ASP D 332 51.39 -61.01 2.31
N LEU D 333 51.04 -60.31 1.23
CA LEU D 333 52.06 -59.51 0.56
C LEU D 333 52.28 -58.15 1.19
N GLY D 334 51.58 -57.83 2.27
CA GLY D 334 51.64 -56.49 2.80
C GLY D 334 50.72 -55.55 2.02
N LYS D 335 50.50 -54.39 2.64
CA LYS D 335 49.52 -53.39 2.19
C LYS D 335 48.13 -54.00 2.01
N GLY D 336 47.76 -54.91 2.92
CA GLY D 336 46.46 -55.55 2.87
C GLY D 336 46.19 -56.37 1.64
N ASP D 337 47.23 -56.86 0.98
CA ASP D 337 47.09 -57.54 -0.30
C ASP D 337 47.26 -59.03 -0.04
N PHE D 338 46.14 -59.73 0.04
CA PHE D 338 46.08 -61.07 0.63
C PHE D 338 45.68 -62.05 -0.45
N ARG D 339 46.54 -63.04 -0.72
CA ARG D 339 46.32 -63.93 -1.85
C ARG D 339 46.51 -65.37 -1.39
N ILE D 340 46.02 -66.30 -2.20
CA ILE D 340 46.27 -67.73 -2.00
C ILE D 340 46.71 -68.31 -3.33
N LEU D 341 47.92 -68.87 -3.37
CA LEU D 341 48.44 -69.52 -4.57
C LEU D 341 48.26 -71.02 -4.39
N MET D 342 47.48 -71.62 -5.28
CA MET D 342 47.15 -73.04 -5.18
C MET D 342 46.68 -73.53 -6.54
N CYS D 343 47.36 -74.55 -7.07
CA CYS D 343 46.93 -75.18 -8.32
C CYS D 343 45.72 -76.05 -8.00
N THR D 344 44.55 -75.43 -8.02
CA THR D 344 43.37 -76.00 -7.38
C THR D 344 42.71 -77.02 -8.29
N LYS D 345 42.56 -78.25 -7.78
CA LYS D 345 41.79 -79.30 -8.43
C LYS D 345 40.52 -79.54 -7.61
N VAL D 346 39.67 -80.43 -8.09
CA VAL D 346 38.38 -80.64 -7.45
C VAL D 346 38.49 -81.80 -6.46
N THR D 347 38.79 -81.47 -5.19
CA THR D 347 39.10 -82.49 -4.20
C THR D 347 38.63 -81.99 -2.84
N MET D 348 38.10 -82.91 -2.02
CA MET D 348 37.81 -82.57 -0.63
C MET D 348 39.10 -82.24 0.13
N ASP D 349 40.22 -82.85 -0.24
CA ASP D 349 41.51 -82.38 0.26
C ASP D 349 41.77 -80.95 -0.20
N ASP D 350 41.44 -80.63 -1.45
CA ASP D 350 41.57 -79.26 -1.93
C ASP D 350 40.51 -78.33 -1.34
N PHE D 351 39.33 -78.86 -1.01
CA PHE D 351 38.29 -78.07 -0.36
C PHE D 351 38.67 -77.70 1.07
N LEU D 352 39.14 -78.70 1.82
CA LEU D 352 39.65 -78.46 3.17
C LEU D 352 40.91 -77.62 3.13
N THR D 353 41.68 -77.70 2.04
CA THR D 353 42.87 -76.86 1.90
C THR D 353 42.48 -75.42 1.57
N ALA D 354 41.38 -75.24 0.85
CA ALA D 354 40.83 -73.90 0.64
C ALA D 354 40.39 -73.29 1.96
N HIS D 355 39.70 -74.10 2.79
CA HIS D 355 39.40 -73.71 4.16
C HIS D 355 40.68 -73.40 4.95
N HIS D 356 41.72 -74.21 4.76
CA HIS D 356 42.95 -74.11 5.53
C HIS D 356 43.67 -72.80 5.25
N GLU D 357 43.93 -72.52 3.98
CA GLU D 357 44.65 -71.31 3.62
C GLU D 357 43.77 -70.08 3.77
N MET D 358 42.44 -70.24 3.64
CA MET D 358 41.56 -69.11 3.88
C MET D 358 41.45 -68.80 5.36
N GLY D 359 41.66 -69.80 6.22
CA GLY D 359 41.81 -69.59 7.64
C GLY D 359 43.13 -68.96 8.01
N HIS D 360 44.17 -69.29 7.25
CA HIS D 360 45.45 -68.60 7.40
C HIS D 360 45.30 -67.11 7.08
N ILE D 361 44.67 -66.81 5.94
CA ILE D 361 44.40 -65.43 5.57
C ILE D 361 43.44 -64.76 6.56
N GLN D 362 42.58 -65.56 7.21
CA GLN D 362 41.68 -65.03 8.22
C GLN D 362 42.45 -64.64 9.48
N TYR D 363 43.42 -65.47 9.87
CA TYR D 363 44.37 -65.16 10.94
C TYR D 363 45.12 -63.87 10.62
N ASP D 364 45.55 -63.73 9.36
CA ASP D 364 46.26 -62.54 8.91
C ASP D 364 45.37 -61.30 8.99
N MET D 365 44.12 -61.43 8.56
CA MET D 365 43.18 -60.30 8.57
C MET D 365 42.80 -59.91 9.99
N ALA D 366 42.88 -60.86 10.92
CA ALA D 366 42.67 -60.50 12.31
C ALA D 366 43.85 -59.72 12.87
N TYR D 367 45.09 -60.13 12.55
CA TYR D 367 46.20 -59.31 13.02
C TYR D 367 46.55 -58.16 12.07
N ALA D 368 45.67 -57.82 11.12
CA ALA D 368 45.87 -56.67 10.25
C ALA D 368 45.94 -55.33 10.98
N ALA D 369 45.51 -55.24 12.25
CA ALA D 369 45.66 -54.01 13.01
C ALA D 369 47.01 -53.91 13.74
N GLN D 370 47.78 -54.99 13.78
CA GLN D 370 49.01 -55.04 14.55
C GLN D 370 50.14 -54.29 13.81
N PRO D 371 51.16 -53.84 14.54
CA PRO D 371 52.38 -53.38 13.87
C PRO D 371 53.18 -54.53 13.27
N PHE D 372 54.29 -54.19 12.60
CA PHE D 372 54.82 -55.01 11.50
C PHE D 372 55.30 -56.40 11.89
N LEU D 373 56.28 -56.51 12.80
CA LEU D 373 56.73 -57.85 13.16
C LEU D 373 55.76 -58.53 14.10
N LEU D 374 54.88 -57.77 14.75
CA LEU D 374 53.76 -58.32 15.50
C LEU D 374 52.72 -58.94 14.59
N ARG D 375 52.73 -58.60 13.30
CA ARG D 375 51.82 -59.20 12.32
C ARG D 375 52.34 -60.58 11.94
N ASN D 376 52.11 -61.54 12.82
CA ASN D 376 52.49 -62.92 12.70
C ASN D 376 51.68 -63.62 13.79
N GLY D 377 51.95 -64.90 14.00
CA GLY D 377 51.33 -65.60 15.11
C GLY D 377 51.88 -65.14 16.45
N ALA D 378 51.10 -65.40 17.49
CA ALA D 378 51.57 -65.22 18.86
C ALA D 378 52.78 -66.11 19.10
N ASN D 379 52.68 -67.35 18.65
CA ASN D 379 53.81 -68.25 18.49
C ASN D 379 53.90 -68.65 17.02
N GLU D 380 54.75 -69.61 16.71
CA GLU D 380 54.72 -70.15 15.36
C GLU D 380 53.70 -71.27 15.28
N GLY D 381 53.13 -71.65 16.42
CA GLY D 381 52.30 -72.83 16.53
C GLY D 381 50.80 -72.60 16.49
N PHE D 382 50.36 -71.34 16.38
CA PHE D 382 48.93 -71.08 16.29
C PHE D 382 48.52 -70.70 14.88
N HIS D 383 49.49 -70.43 14.00
CA HIS D 383 49.18 -70.11 12.61
C HIS D 383 48.60 -71.34 11.91
N GLU D 384 49.34 -72.44 11.94
CA GLU D 384 48.87 -73.70 11.36
C GLU D 384 47.69 -74.28 12.13
N ALA D 385 47.61 -74.00 13.44
CA ALA D 385 46.47 -74.48 14.23
C ALA D 385 45.17 -73.80 13.82
N VAL D 386 45.18 -72.47 13.66
CA VAL D 386 44.02 -71.73 13.19
C VAL D 386 43.65 -72.12 11.77
N GLY D 387 44.66 -72.34 10.92
CA GLY D 387 44.40 -72.93 9.61
C GLY D 387 43.73 -74.29 9.65
N GLU D 388 44.11 -75.14 10.61
CA GLU D 388 43.58 -76.50 10.66
C GLU D 388 42.20 -76.57 11.32
N ILE D 389 41.82 -75.53 12.07
CA ILE D 389 40.51 -75.50 12.74
C ILE D 389 39.34 -75.59 11.76
N MET D 390 39.38 -74.78 10.70
CA MET D 390 38.27 -74.77 9.76
C MET D 390 38.28 -76.02 8.88
N SER D 391 39.45 -76.65 8.73
CA SER D 391 39.51 -77.93 8.02
C SER D 391 38.99 -79.06 8.87
N LEU D 392 39.22 -79.02 10.19
CA LEU D 392 38.71 -80.05 11.06
C LEU D 392 37.19 -79.93 11.24
N SER D 393 36.69 -78.69 11.32
CA SER D 393 35.25 -78.50 11.43
C SER D 393 34.57 -78.68 10.08
N ALA D 394 35.29 -78.45 8.99
CA ALA D 394 34.69 -78.51 7.66
C ALA D 394 34.87 -79.88 7.03
N ALA D 395 35.26 -80.89 7.81
CA ALA D 395 35.34 -82.26 7.33
C ALA D 395 34.25 -83.15 7.91
N THR D 396 33.45 -82.61 8.81
CA THR D 396 32.47 -83.41 9.55
C THR D 396 31.34 -83.83 8.61
N PRO D 397 30.60 -84.92 8.91
CA PRO D 397 29.49 -85.31 8.03
C PRO D 397 28.35 -84.31 8.00
N LYS D 398 28.10 -83.58 9.10
CA LYS D 398 27.08 -82.53 9.10
C LYS D 398 27.44 -81.39 8.15
N HIS D 399 28.74 -81.07 8.07
CA HIS D 399 29.19 -79.99 7.21
C HIS D 399 28.96 -80.31 5.75
N LEU D 400 29.59 -81.37 5.26
CA LEU D 400 29.49 -81.74 3.84
C LEU D 400 28.10 -82.26 3.52
N LYS D 401 27.34 -82.63 4.56
CA LYS D 401 25.98 -83.11 4.38
C LYS D 401 25.05 -82.00 3.89
N SER D 402 25.28 -80.76 4.33
CA SER D 402 24.46 -79.63 3.90
C SER D 402 25.24 -78.60 3.08
N ILE D 403 26.51 -78.85 2.76
CA ILE D 403 27.20 -78.10 1.70
C ILE D 403 26.46 -78.17 0.36
N GLY D 404 25.87 -79.31 0.04
CA GLY D 404 25.40 -79.67 -1.28
C GLY D 404 25.87 -81.04 -1.69
N LEU D 405 26.90 -81.54 -1.02
CA LEU D 405 27.39 -82.90 -1.15
C LEU D 405 26.62 -83.79 -0.17
N LEU D 406 26.93 -85.09 -0.20
CA LEU D 406 26.73 -86.02 0.91
C LEU D 406 25.28 -86.07 1.41
N SER D 407 24.38 -86.66 0.60
CA SER D 407 22.93 -86.44 0.59
C SER D 407 22.31 -86.34 1.98
N PRO D 408 21.45 -85.33 2.23
CA PRO D 408 21.12 -84.96 3.62
C PRO D 408 20.23 -85.92 4.39
N ASP D 409 19.85 -87.05 3.80
CA ASP D 409 19.29 -88.15 4.58
C ASP D 409 20.37 -89.21 4.82
N PHE D 410 21.43 -88.79 5.51
CA PHE D 410 22.56 -89.65 5.78
C PHE D 410 22.61 -89.98 7.26
N GLN D 411 22.87 -91.25 7.56
CA GLN D 411 22.88 -91.73 8.93
C GLN D 411 24.22 -91.45 9.61
N GLU D 412 24.12 -90.94 10.84
CA GLU D 412 25.29 -90.58 11.65
C GLU D 412 25.63 -91.73 12.62
N ASP D 413 25.43 -92.97 12.19
CA ASP D 413 25.65 -94.16 13.01
C ASP D 413 27.14 -94.40 13.23
N ASN D 414 27.48 -95.31 14.15
CA ASN D 414 28.86 -95.48 14.61
C ASN D 414 29.77 -96.10 13.57
N GLU D 415 29.22 -96.70 12.50
CA GLU D 415 30.05 -97.31 11.47
C GLU D 415 30.83 -96.25 10.69
N THR D 416 30.12 -95.36 9.98
CA THR D 416 30.79 -94.30 9.23
C THR D 416 31.40 -93.25 10.16
N GLU D 417 30.87 -93.16 11.39
CA GLU D 417 31.49 -92.35 12.44
C GLU D 417 32.92 -92.80 12.73
N ILE D 418 33.10 -94.07 13.10
CA ILE D 418 34.44 -94.61 13.34
C ILE D 418 35.26 -94.67 12.05
N ASN D 419 34.62 -94.80 10.89
CA ASN D 419 35.32 -94.66 9.60
C ASN D 419 35.97 -93.29 9.45
N PHE D 420 35.21 -92.22 9.63
CA PHE D 420 35.75 -90.87 9.52
C PHE D 420 36.75 -90.56 10.64
N LEU D 421 36.48 -91.10 11.84
CA LEU D 421 37.42 -91.04 12.96
C LEU D 421 38.77 -91.65 12.61
N LEU D 422 38.76 -92.83 12.00
CA LEU D 422 39.99 -93.53 11.70
C LEU D 422 40.69 -92.92 10.49
N LYS D 423 39.92 -92.32 9.59
CA LYS D 423 40.50 -91.59 8.45
C LYS D 423 41.27 -90.36 8.90
N GLN D 424 40.68 -89.55 9.80
CA GLN D 424 41.41 -88.42 10.37
C GLN D 424 42.50 -88.90 11.34
N ALA D 425 42.29 -90.10 11.90
CA ALA D 425 43.16 -90.60 12.96
C ALA D 425 44.48 -91.11 12.42
N LEU D 426 44.49 -91.62 11.19
CA LEU D 426 45.76 -91.99 10.56
C LEU D 426 46.69 -90.78 10.44
N THR D 427 46.14 -89.64 10.02
CA THR D 427 46.83 -88.35 10.01
C THR D 427 47.33 -87.97 11.41
N ILE D 428 46.39 -87.79 12.34
CA ILE D 428 46.70 -87.19 13.64
C ILE D 428 47.61 -88.12 14.45
N VAL D 429 47.40 -89.42 14.33
CA VAL D 429 48.17 -90.39 15.10
C VAL D 429 49.53 -90.65 14.45
N GLY D 430 49.61 -90.71 13.13
CA GLY D 430 50.89 -90.89 12.51
C GLY D 430 51.79 -89.68 12.57
N THR D 431 51.22 -88.48 12.74
CA THR D 431 52.06 -87.29 12.70
C THR D 431 52.71 -87.00 14.05
N LEU D 432 52.22 -87.59 15.14
CA LEU D 432 52.76 -87.20 16.44
C LEU D 432 54.11 -87.86 16.77
N PRO D 433 54.32 -89.19 16.67
CA PRO D 433 55.65 -89.70 17.03
C PRO D 433 56.71 -89.37 16.02
N PHE D 434 56.33 -89.12 14.77
CA PHE D 434 57.32 -88.63 13.81
C PHE D 434 57.76 -87.22 14.16
N THR D 435 56.83 -86.37 14.62
CA THR D 435 57.20 -85.00 14.96
C THR D 435 57.97 -84.93 16.27
N TYR D 436 57.51 -85.70 17.28
CA TYR D 436 58.24 -85.90 18.52
C TYR D 436 59.65 -86.40 18.26
N MET D 437 59.78 -87.44 17.44
CA MET D 437 61.07 -88.05 17.16
C MET D 437 61.95 -87.14 16.32
N LEU D 438 61.37 -86.42 15.36
CA LEU D 438 62.17 -85.56 14.50
C LEU D 438 62.68 -84.35 15.26
N GLU D 439 61.80 -83.68 16.02
CA GLU D 439 62.25 -82.57 16.84
C GLU D 439 63.17 -83.00 17.98
N LYS D 440 62.91 -84.16 18.60
CA LYS D 440 63.84 -84.67 19.60
C LYS D 440 65.18 -85.02 18.97
N TRP D 441 65.16 -85.53 17.74
CA TRP D 441 66.37 -85.84 16.99
C TRP D 441 67.17 -84.58 16.70
N ARG D 442 66.49 -83.52 16.27
CA ARG D 442 67.19 -82.30 15.91
C ARG D 442 67.66 -81.56 17.14
N TRP D 443 66.93 -81.68 18.26
CA TRP D 443 67.42 -81.16 19.54
C TRP D 443 68.65 -81.92 19.98
N MET D 444 68.66 -83.23 19.75
CA MET D 444 69.82 -84.06 20.04
C MET D 444 71.02 -83.69 19.18
N VAL D 445 70.80 -83.52 17.88
CA VAL D 445 71.90 -83.29 16.95
C VAL D 445 72.40 -81.86 17.05
N PHE D 446 71.48 -80.91 17.22
CA PHE D 446 71.85 -79.51 17.36
C PHE D 446 72.48 -79.24 18.72
N LYS D 447 71.92 -79.81 19.78
CA LYS D 447 72.60 -79.70 21.07
C LYS D 447 73.88 -80.53 21.11
N GLY D 448 73.93 -81.66 20.40
CA GLY D 448 75.07 -82.53 20.45
C GLY D 448 74.84 -83.82 21.21
N GLU D 449 73.58 -84.19 21.44
CA GLU D 449 73.27 -85.41 22.18
C GLU D 449 73.42 -86.68 21.34
N ILE D 450 73.27 -86.57 20.02
CA ILE D 450 73.69 -87.62 19.09
C ILE D 450 75.05 -87.22 18.56
N PRO D 451 76.06 -88.08 18.63
CA PRO D 451 77.32 -87.79 17.96
C PRO D 451 77.14 -87.82 16.45
N LYS D 452 78.00 -87.07 15.77
CA LYS D 452 77.79 -86.84 14.34
C LYS D 452 78.09 -88.07 13.50
N ASP D 453 78.83 -89.04 14.03
CA ASP D 453 79.07 -90.31 13.36
C ASP D 453 78.00 -91.35 13.67
N GLN D 454 76.90 -90.97 14.33
CA GLN D 454 75.81 -91.90 14.60
C GLN D 454 74.44 -91.27 14.33
N TRP D 455 74.34 -90.31 13.41
CA TRP D 455 73.07 -89.69 13.07
C TRP D 455 72.09 -90.67 12.47
N MET D 456 72.52 -91.43 11.47
CA MET D 456 71.61 -92.35 10.82
C MET D 456 71.37 -93.61 11.63
N LYS D 457 72.31 -94.00 12.47
CA LYS D 457 72.08 -95.17 13.31
C LYS D 457 71.08 -94.86 14.42
N LYS D 458 71.27 -93.75 15.14
CA LYS D 458 70.33 -93.34 16.18
C LYS D 458 69.03 -92.84 15.59
N TRP D 459 69.08 -92.31 14.36
CA TRP D 459 67.89 -91.91 13.61
C TRP D 459 66.92 -93.07 13.44
N TRP D 460 67.38 -94.18 12.90
CA TRP D 460 66.46 -95.28 12.66
C TRP D 460 66.15 -96.05 13.94
N GLU D 461 66.99 -95.95 14.97
CA GLU D 461 66.62 -96.54 16.26
C GLU D 461 65.54 -95.72 16.94
N MET D 462 65.55 -94.39 16.75
CA MET D 462 64.45 -93.56 17.22
C MET D 462 63.20 -93.78 16.39
N LYS D 463 63.36 -94.06 15.09
CA LYS D 463 62.22 -94.47 14.27
C LYS D 463 61.65 -95.81 14.73
N ARG D 464 62.52 -96.73 15.15
CA ARG D 464 62.06 -98.06 15.56
C ARG D 464 61.46 -98.04 16.96
N GLU D 465 62.02 -97.24 17.86
CA GLU D 465 61.52 -97.21 19.23
C GLU D 465 60.38 -96.21 19.38
N ILE D 466 60.64 -94.95 19.07
CA ILE D 466 59.65 -93.89 19.22
C ILE D 466 58.55 -94.03 18.18
N VAL D 467 58.89 -93.96 16.89
CA VAL D 467 57.88 -94.02 15.86
C VAL D 467 57.43 -95.46 15.63
N GLY D 468 58.24 -96.45 15.99
CA GLY D 468 57.87 -97.80 15.65
C GLY D 468 57.97 -98.04 14.16
N VAL D 469 59.09 -97.65 13.55
CA VAL D 469 59.29 -97.77 12.12
C VAL D 469 60.69 -98.29 11.86
N VAL D 470 60.79 -99.39 11.14
CA VAL D 470 62.06 -99.94 10.73
C VAL D 470 62.44 -99.38 9.38
N GLU D 471 63.72 -99.45 9.08
CA GLU D 471 64.17 -99.21 7.73
C GLU D 471 64.26 -100.53 6.98
N PRO D 472 63.79 -100.59 5.74
CA PRO D 472 63.71 -101.88 5.04
C PRO D 472 65.06 -102.35 4.52
N VAL D 473 65.96 -101.39 4.30
CA VAL D 473 67.33 -101.64 3.86
C VAL D 473 68.23 -100.84 4.79
N PRO D 474 69.46 -101.27 5.08
CA PRO D 474 70.25 -100.61 6.14
C PRO D 474 70.74 -99.24 5.71
N HIS D 475 71.17 -98.46 6.70
CA HIS D 475 71.66 -97.10 6.47
C HIS D 475 72.92 -96.87 7.28
N ASP D 476 74.02 -96.65 6.57
CA ASP D 476 75.22 -96.16 7.20
C ASP D 476 75.13 -94.65 7.40
N GLU D 477 76.23 -94.06 7.86
CA GLU D 477 76.26 -92.62 8.03
C GLU D 477 76.61 -91.87 6.75
N THR D 478 76.76 -92.59 5.64
CA THR D 478 76.91 -91.94 4.34
C THR D 478 75.64 -91.17 3.99
N TYR D 479 74.47 -91.75 4.26
CA TYR D 479 73.20 -91.06 4.10
C TYR D 479 73.06 -89.93 5.12
N CYS D 480 72.09 -89.05 4.86
CA CYS D 480 71.44 -88.32 5.93
C CYS D 480 70.01 -88.06 5.44
N ASP D 481 69.13 -89.00 5.75
CA ASP D 481 67.71 -88.92 5.45
C ASP D 481 66.99 -87.83 6.25
N PRO D 482 67.39 -87.49 7.49
CA PRO D 482 66.97 -86.18 8.02
C PRO D 482 67.41 -84.99 7.18
N ALA D 483 68.62 -84.98 6.63
CA ALA D 483 68.95 -83.92 5.70
C ALA D 483 68.25 -84.12 4.36
N SER D 484 67.87 -85.36 4.04
CA SER D 484 66.96 -85.60 2.93
C SER D 484 65.50 -85.49 3.33
N LEU D 485 65.20 -84.76 4.40
CA LEU D 485 63.83 -84.40 4.75
C LEU D 485 63.67 -82.92 4.42
N PHE D 486 62.42 -82.50 4.23
CA PHE D 486 62.15 -81.14 3.74
C PHE D 486 62.40 -80.09 4.83
N HIS D 487 61.78 -80.27 6.01
CA HIS D 487 61.75 -79.20 7.00
C HIS D 487 63.07 -79.07 7.76
N VAL D 488 64.02 -79.97 7.52
CA VAL D 488 65.27 -79.91 8.24
C VAL D 488 66.33 -79.16 7.44
N SER D 489 66.38 -79.40 6.14
CA SER D 489 67.47 -78.87 5.32
C SER D 489 67.32 -77.39 5.02
N ASN D 490 66.12 -76.83 5.16
CA ASN D 490 65.83 -75.47 4.72
C ASN D 490 65.73 -74.47 5.88
N ASP D 491 66.34 -74.80 7.02
CA ASP D 491 66.43 -73.97 8.23
C ASP D 491 65.04 -73.63 8.78
N TYR D 492 64.28 -74.65 9.15
CA TYR D 492 62.97 -74.48 9.76
C TYR D 492 62.83 -75.39 10.96
N SER D 493 61.91 -75.03 11.86
CA SER D 493 61.50 -75.93 12.93
C SER D 493 60.43 -76.90 12.45
N PHE D 494 60.00 -77.81 13.32
CA PHE D 494 58.91 -78.71 13.01
C PHE D 494 57.99 -78.95 14.20
N ILE D 495 58.28 -78.37 15.37
CA ILE D 495 57.49 -78.58 16.58
C ILE D 495 56.19 -77.79 16.54
N ARG D 496 56.06 -76.86 15.58
CA ARG D 496 54.82 -76.10 15.42
C ARG D 496 53.67 -77.00 15.00
N TYR D 497 53.97 -78.10 14.30
CA TYR D 497 52.94 -79.05 13.91
C TYR D 497 52.54 -79.96 15.05
N TYR D 498 53.45 -80.18 16.01
CA TYR D 498 53.15 -80.94 17.21
C TYR D 498 52.18 -80.14 18.08
N THR D 499 52.58 -78.88 18.31
CA THR D 499 51.75 -77.96 19.08
C THR D 499 50.42 -77.71 18.38
N ARG D 500 50.44 -77.56 17.05
CA ARG D 500 49.27 -77.52 16.19
C ARG D 500 48.34 -78.68 16.48
N THR D 501 48.88 -79.90 16.47
CA THR D 501 48.09 -81.11 16.61
C THR D 501 47.40 -81.17 17.97
N LEU D 502 48.07 -80.69 19.01
CA LEU D 502 47.38 -80.63 20.30
C LEU D 502 46.38 -79.48 20.41
N TYR D 503 46.84 -78.26 20.14
CA TYR D 503 46.01 -77.09 20.39
C TYR D 503 44.87 -77.00 19.39
N GLN D 504 44.95 -77.77 18.29
CA GLN D 504 43.87 -77.94 17.31
C GLN D 504 42.63 -78.53 17.97
N PHE D 505 42.77 -79.69 18.59
CA PHE D 505 41.62 -80.29 19.25
C PHE D 505 41.25 -79.54 20.53
N GLN D 506 42.22 -78.85 21.15
CA GLN D 506 41.87 -77.95 22.26
C GLN D 506 40.91 -76.87 21.79
N PHE D 507 41.30 -76.14 20.74
CA PHE D 507 40.47 -75.08 20.14
C PHE D 507 39.17 -75.64 19.57
N GLN D 508 39.21 -76.87 19.08
CA GLN D 508 38.01 -77.46 18.50
C GLN D 508 36.98 -77.78 19.57
N GLU D 509 37.43 -78.29 20.73
CA GLU D 509 36.52 -78.51 21.84
C GLU D 509 36.04 -77.19 22.44
N ALA D 510 36.88 -76.16 22.39
CA ALA D 510 36.45 -74.86 22.92
C ALA D 510 35.44 -74.19 21.99
N LEU D 511 35.64 -74.31 20.67
CA LEU D 511 34.68 -73.78 19.71
C LEU D 511 33.38 -74.57 19.69
N CYS D 512 33.44 -75.89 19.93
CA CYS D 512 32.22 -76.67 20.01
C CYS D 512 31.55 -76.53 21.37
N GLN D 513 32.29 -76.07 22.38
CA GLN D 513 31.64 -75.55 23.57
C GLN D 513 30.86 -74.29 23.23
N ALA D 514 31.45 -73.40 22.43
CA ALA D 514 30.75 -72.21 21.96
C ALA D 514 29.63 -72.56 21.01
N ALA D 515 29.82 -73.57 20.16
CA ALA D 515 28.78 -74.05 19.27
C ALA D 515 27.68 -74.81 19.98
N LYS D 516 27.86 -75.11 21.27
CA LYS D 516 26.93 -75.86 22.11
C LYS D 516 26.64 -77.24 21.52
N HIS D 517 27.69 -77.87 21.02
CA HIS D 517 27.62 -79.26 20.60
C HIS D 517 27.57 -80.16 21.82
N GLU D 518 26.93 -81.33 21.68
CA GLU D 518 26.51 -82.12 22.83
C GLU D 518 27.23 -83.46 22.90
N GLY D 519 27.42 -84.14 21.78
CA GLY D 519 28.08 -85.43 21.77
C GLY D 519 29.58 -85.31 21.68
N PRO D 520 30.24 -86.33 21.10
CA PRO D 520 31.68 -86.21 20.84
C PRO D 520 31.97 -85.22 19.70
N LEU D 521 33.25 -84.89 19.57
CA LEU D 521 33.71 -83.71 18.85
C LEU D 521 33.51 -83.78 17.34
N HIS D 522 33.42 -84.99 16.79
CA HIS D 522 33.46 -85.18 15.35
C HIS D 522 32.18 -84.79 14.63
N LYS D 523 31.03 -84.80 15.30
CA LYS D 523 29.77 -84.42 14.67
C LYS D 523 29.59 -82.91 14.61
N CYS D 524 30.49 -82.18 15.25
CA CYS D 524 30.33 -80.75 15.48
C CYS D 524 30.65 -79.97 14.22
N ASP D 525 29.62 -79.35 13.64
CA ASP D 525 29.79 -78.36 12.58
C ASP D 525 29.57 -77.00 13.20
N ILE D 526 30.58 -76.13 13.10
CA ILE D 526 30.47 -74.78 13.67
C ILE D 526 29.88 -73.78 12.69
N SER D 527 29.41 -74.24 11.52
CA SER D 527 28.67 -73.37 10.62
C SER D 527 27.33 -73.00 11.24
N ASN D 528 26.87 -71.78 10.93
CA ASN D 528 25.71 -71.07 11.43
C ASN D 528 25.83 -70.69 12.91
N SER D 529 26.90 -71.07 13.60
CA SER D 529 27.10 -70.76 15.01
C SER D 529 28.25 -69.76 15.12
N THR D 530 27.91 -68.50 15.30
CA THR D 530 28.92 -67.44 15.32
C THR D 530 29.67 -67.38 16.63
N GLU D 531 29.22 -68.12 17.66
CA GLU D 531 29.92 -68.14 18.94
C GLU D 531 31.28 -68.78 18.80
N ALA D 532 31.39 -69.81 17.95
CA ALA D 532 32.66 -70.47 17.73
C ALA D 532 33.65 -69.55 17.01
N GLY D 533 33.19 -68.88 15.95
CA GLY D 533 34.06 -67.95 15.24
C GLY D 533 34.42 -66.73 16.07
N GLN D 534 33.50 -66.31 16.95
CA GLN D 534 33.79 -65.20 17.84
C GLN D 534 34.77 -65.61 18.94
N LYS D 535 34.68 -66.86 19.39
CA LYS D 535 35.61 -67.36 20.41
C LYS D 535 36.99 -67.58 19.82
N LEU D 536 37.05 -67.89 18.52
CA LEU D 536 38.31 -67.89 17.80
C LEU D 536 38.85 -66.46 17.64
N PHE D 537 37.94 -65.51 17.44
CA PHE D 537 38.36 -64.12 17.24
C PHE D 537 38.81 -63.48 18.55
N ASN D 538 38.43 -64.09 19.69
CA ASN D 538 38.94 -63.63 20.98
C ASN D 538 40.44 -63.79 21.11
N MET D 539 41.03 -64.77 20.40
CA MET D 539 42.48 -64.91 20.41
C MET D 539 43.11 -64.51 19.09
N LEU D 540 42.30 -64.32 18.05
CA LEU D 540 42.83 -64.32 16.69
C LEU D 540 43.60 -63.04 16.39
N ARG D 541 43.36 -61.97 17.16
CA ARG D 541 43.85 -60.65 16.77
C ARG D 541 44.90 -60.07 17.71
N LEU D 542 45.24 -60.77 18.80
CA LEU D 542 46.22 -60.21 19.73
C LEU D 542 47.65 -60.33 19.23
N GLY D 543 48.06 -61.52 18.78
CA GLY D 543 49.41 -61.67 18.26
C GLY D 543 50.45 -61.78 19.35
N LYS D 544 51.63 -61.23 19.08
CA LYS D 544 52.82 -61.41 19.92
C LYS D 544 52.91 -60.35 21.01
N SER D 545 52.00 -59.37 21.01
CA SER D 545 51.99 -58.33 22.06
C SER D 545 51.64 -58.92 23.41
N GLU D 546 50.84 -59.97 23.43
CA GLU D 546 50.56 -60.81 24.57
C GLU D 546 51.07 -62.22 24.26
N PRO D 547 51.44 -63.01 25.27
CA PRO D 547 52.00 -64.34 24.99
C PRO D 547 50.98 -65.30 24.42
N TRP D 548 51.51 -66.39 23.82
CA TRP D 548 50.64 -67.43 23.29
C TRP D 548 49.99 -68.24 24.42
N THR D 549 50.56 -68.18 25.63
CA THR D 549 49.87 -68.72 26.79
C THR D 549 48.60 -67.94 27.08
N LEU D 550 48.62 -66.63 26.86
CA LEU D 550 47.43 -65.81 27.11
C LEU D 550 46.37 -66.06 26.04
N ALA D 551 46.79 -66.18 24.78
CA ALA D 551 45.84 -66.46 23.69
C ALA D 551 45.32 -67.89 23.78
N LEU D 552 46.09 -68.78 24.41
CA LEU D 552 45.64 -70.16 24.60
C LEU D 552 44.67 -70.23 25.78
N GLU D 553 44.89 -69.40 26.81
CA GLU D 553 44.02 -69.39 27.97
C GLU D 553 42.73 -68.63 27.71
N ASN D 554 42.73 -67.71 26.75
CA ASN D 554 41.49 -67.01 26.39
C ASN D 554 40.47 -67.95 25.76
N VAL D 555 40.92 -69.04 25.13
CA VAL D 555 40.02 -69.91 24.40
C VAL D 555 39.79 -71.21 25.16
N VAL D 556 40.88 -71.90 25.55
CA VAL D 556 40.70 -73.18 26.23
C VAL D 556 41.05 -73.13 27.71
N GLY D 557 41.69 -72.05 28.18
CA GLY D 557 41.92 -71.91 29.60
C GLY D 557 43.15 -72.62 30.13
N ALA D 558 44.30 -72.45 29.48
CA ALA D 558 45.53 -73.09 29.93
C ALA D 558 46.74 -72.27 29.49
N LYS D 559 47.90 -72.56 30.08
CA LYS D 559 49.15 -71.99 29.64
C LYS D 559 50.10 -73.03 29.06
N ASN D 560 49.60 -74.21 28.72
CA ASN D 560 50.45 -75.34 28.41
C ASN D 560 49.69 -76.31 27.53
N MET D 561 50.47 -77.11 26.79
CA MET D 561 49.89 -78.14 25.94
C MET D 561 49.42 -79.32 26.76
N ASN D 562 48.39 -80.01 26.27
CA ASN D 562 47.69 -81.02 27.02
C ASN D 562 47.22 -82.13 26.10
N VAL D 563 47.31 -83.35 26.59
CA VAL D 563 47.00 -84.55 25.82
C VAL D 563 45.51 -84.90 25.87
N ARG D 564 44.71 -84.17 26.66
CA ARG D 564 43.32 -84.54 26.86
C ARG D 564 42.40 -84.38 25.63
N PRO D 565 42.34 -83.24 24.90
CA PRO D 565 41.30 -83.12 23.86
C PRO D 565 41.50 -84.01 22.64
N LEU D 566 42.73 -84.30 22.27
CA LEU D 566 43.00 -85.24 21.19
C LEU D 566 42.52 -86.64 21.57
N LEU D 567 42.77 -87.02 22.83
CA LEU D 567 42.33 -88.32 23.33
C LEU D 567 40.81 -88.37 23.48
N ASN D 568 40.19 -87.23 23.78
CA ASN D 568 38.72 -87.20 23.82
C ASN D 568 38.14 -87.25 22.42
N TYR D 569 38.86 -86.74 21.42
CA TYR D 569 38.41 -86.92 20.04
C TYR D 569 38.55 -88.37 19.62
N PHE D 570 39.57 -89.05 20.10
CA PHE D 570 39.82 -90.44 19.68
C PHE D 570 39.24 -91.50 20.61
N GLU D 571 38.59 -91.10 21.71
CA GLU D 571 38.21 -92.05 22.78
C GLU D 571 37.13 -93.07 22.42
N PRO D 572 36.01 -92.74 21.73
CA PRO D 572 35.17 -93.82 21.21
C PRO D 572 35.86 -94.63 20.13
N LEU D 573 36.69 -93.97 19.32
CA LEU D 573 37.54 -94.71 18.41
C LEU D 573 38.61 -95.50 19.18
N PHE D 574 39.01 -95.03 20.36
CA PHE D 574 39.96 -95.81 21.16
C PHE D 574 39.31 -97.07 21.73
N THR D 575 38.02 -96.97 22.10
CA THR D 575 37.27 -98.18 22.45
C THR D 575 37.13 -99.11 21.26
N TRP D 576 36.99 -98.53 20.06
CA TRP D 576 36.94 -99.35 18.85
C TRP D 576 38.30 -100.00 18.56
N LEU D 577 39.40 -99.29 18.83
CA LEU D 577 40.74 -99.83 18.65
C LEU D 577 41.01 -100.99 19.63
N LYS D 578 40.57 -100.82 20.87
CA LYS D 578 40.60 -101.90 21.86
C LYS D 578 39.73 -103.07 21.42
N ASP D 579 38.63 -102.77 20.71
CA ASP D 579 37.81 -103.82 20.13
C ASP D 579 38.52 -104.52 18.98
N GLN D 580 39.45 -103.83 18.31
CA GLN D 580 40.06 -104.41 17.11
C GLN D 580 41.44 -105.02 17.35
N ASN D 581 42.21 -104.51 18.31
CA ASN D 581 43.57 -104.98 18.52
C ASN D 581 43.64 -106.20 19.43
N LYS D 582 42.55 -106.94 19.57
CA LYS D 582 42.59 -108.14 20.39
C LYS D 582 43.22 -109.30 19.63
N ASN D 583 43.23 -109.23 18.30
CA ASN D 583 43.73 -110.31 17.46
C ASN D 583 45.09 -109.98 16.84
N SER D 584 45.69 -108.87 17.24
CA SER D 584 47.04 -108.52 16.84
C SER D 584 47.82 -108.14 18.07
N PHE D 585 49.14 -108.15 17.95
CA PHE D 585 50.02 -107.76 19.05
C PHE D 585 49.97 -106.26 19.23
N VAL D 586 49.87 -105.81 20.48
CA VAL D 586 49.75 -104.40 20.82
C VAL D 586 51.16 -103.87 21.06
N GLY D 587 51.73 -103.21 20.06
CA GLY D 587 53.06 -102.63 20.17
C GLY D 587 53.84 -102.69 18.88
N TRP D 588 55.16 -102.67 19.05
CA TRP D 588 56.12 -102.70 17.95
C TRP D 588 57.46 -103.13 18.53
N SER D 589 58.31 -103.71 17.69
CA SER D 589 59.60 -104.22 18.15
C SER D 589 60.74 -103.71 17.29
N THR D 590 61.77 -103.17 17.95
CA THR D 590 62.89 -102.56 17.26
C THR D 590 63.85 -103.57 16.65
N ASP D 591 63.73 -104.84 16.98
CA ASP D 591 64.68 -105.83 16.51
C ASP D 591 64.32 -106.36 15.13
N TRP D 592 63.10 -106.10 14.68
CA TRP D 592 62.71 -106.48 13.33
C TRP D 592 63.40 -105.56 12.32
N SER D 593 63.62 -106.08 11.10
CA SER D 593 64.19 -105.33 9.99
C SER D 593 63.92 -106.11 8.72
N PRO D 594 63.40 -105.48 7.66
CA PRO D 594 63.24 -106.18 6.39
C PRO D 594 64.53 -106.43 5.64
N TYR D 595 65.67 -105.96 6.15
CA TYR D 595 66.97 -106.34 5.61
C TYR D 595 67.69 -107.39 6.46
N ALA D 596 67.33 -107.51 7.74
CA ALA D 596 68.00 -108.45 8.63
C ALA D 596 67.21 -109.73 8.86
N ASP D 597 66.00 -109.84 8.33
CA ASP D 597 65.22 -111.07 8.47
C ASP D 597 65.82 -112.20 7.62
#